data_9KQ9
#
_entry.id   9KQ9
#
_cell.length_a   68.174
_cell.length_b   134.366
_cell.length_c   233.837
_cell.angle_alpha   90.00
_cell.angle_beta   98.35
_cell.angle_gamma   90.00
#
_symmetry.space_group_name_H-M   'P 1 2 1'
#
loop_
_entity.id
_entity.type
_entity.pdbx_description
1 polymer 'Asparagine synthetase domain-containing protein'
2 non-polymer "GUANOSINE-5'-TRIPHOSPHATE"
3 water water
#
_entity_poly.entity_id   1
_entity_poly.type   'polypeptide(L)'
_entity_poly.pdbx_seq_one_letter_code
;MTNQYSVKPQLVMFTGGRDSTLAACYLMLQGIPVHLWSGNSGCSLHRGILSHRVEEMKNRFGDLVVGHTVADISGAFRSI
AIEALEQDILKYRKNLVLLGEKLAIHAHLVDFCRRNDINTINDGITHYQMEFPEQRLVAKTFLMEMMAQYDINYQSPVYE
FAQSADDVKYRLLQLGISTKSLEGISIFADSFSTPSDDVVLAYLREKAPLAHNIVNFLAGETLNPPVLNNSAAA
;
_entity_poly.pdbx_strand_id   A,C,E,F,H,L,N,B,D,G,I,J,K,M
#
loop_
_chem_comp.id
_chem_comp.type
_chem_comp.name
_chem_comp.formula
GTP non-polymer GUANOSINE-5'-TRIPHOSPHATE 'C10 H16 N5 O14 P3'
#
# COMPACT_ATOMS: atom_id res chain seq x y z
N VAL A 7 59.33 -1.09 -69.63
CA VAL A 7 60.83 -1.01 -69.80
C VAL A 7 61.56 -0.72 -68.45
N LYS A 8 62.45 -1.62 -68.08
CA LYS A 8 62.79 -1.79 -66.68
C LYS A 8 63.82 -0.75 -66.25
N PRO A 9 63.57 0.04 -65.17
CA PRO A 9 64.55 0.99 -64.67
C PRO A 9 65.90 0.39 -64.36
N GLN A 10 66.92 1.19 -64.61
CA GLN A 10 68.27 0.88 -64.14
C GLN A 10 68.70 1.98 -63.18
N LEU A 11 69.78 1.70 -62.44
CA LEU A 11 70.27 2.63 -61.43
C LEU A 11 71.51 3.33 -61.98
N VAL A 12 71.61 4.63 -61.69
CA VAL A 12 72.81 5.39 -61.96
C VAL A 12 73.38 5.94 -60.65
N MET A 13 74.66 5.69 -60.44
CA MET A 13 75.45 6.29 -59.40
C MET A 13 75.70 7.73 -59.75
N PHE A 14 74.96 8.62 -59.12
CA PHE A 14 74.86 10.00 -59.55
C PHE A 14 75.36 10.96 -58.47
N THR A 15 76.31 11.81 -58.83
CA THR A 15 76.89 12.78 -57.92
C THR A 15 76.48 14.20 -58.25
N GLY A 16 75.96 14.43 -59.44
CA GLY A 16 75.75 15.81 -59.93
C GLY A 16 76.87 16.24 -60.89
N GLY A 17 77.97 15.46 -60.96
CA GLY A 17 79.03 15.80 -61.86
C GLY A 17 78.59 15.67 -63.34
N ARG A 18 79.32 16.27 -64.25
CA ARG A 18 78.95 16.24 -65.68
C ARG A 18 78.99 14.81 -66.25
N ASP A 19 79.81 13.91 -65.69
CA ASP A 19 80.02 12.62 -66.29
C ASP A 19 78.86 11.73 -65.92
N SER A 20 78.45 11.72 -64.66
CA SER A 20 77.32 10.90 -64.20
C SER A 20 76.02 11.45 -64.71
N THR A 21 75.96 12.79 -64.88
CA THR A 21 74.81 13.47 -65.47
C THR A 21 74.62 12.92 -66.88
N LEU A 22 75.68 12.96 -67.67
CA LEU A 22 75.61 12.51 -69.07
C LEU A 22 75.25 11.01 -69.10
N ALA A 23 75.81 10.22 -68.19
CA ALA A 23 75.51 8.81 -68.20
C ALA A 23 74.01 8.57 -68.03
N ALA A 24 73.44 9.24 -67.04
CA ALA A 24 72.04 9.08 -66.77
C ALA A 24 71.21 9.57 -67.94
N CYS A 25 71.57 10.74 -68.48
CA CYS A 25 70.85 11.35 -69.59
C CYS A 25 70.87 10.45 -70.82
N TYR A 26 72.02 9.87 -71.11
CA TYR A 26 72.15 9.06 -72.32
C TYR A 26 71.29 7.80 -72.20
N LEU A 27 71.24 7.22 -71.00
CA LEU A 27 70.33 6.11 -70.77
C LEU A 27 68.89 6.54 -71.03
N MET A 28 68.51 7.71 -70.54
CA MET A 28 67.12 8.11 -70.64
C MET A 28 66.73 8.44 -72.08
N LEU A 29 67.72 8.87 -72.86
CA LEU A 29 67.50 9.19 -74.25
C LEU A 29 67.14 7.92 -75.01
N GLN A 30 67.59 6.77 -74.51
CA GLN A 30 67.36 5.50 -75.19
C GLN A 30 66.02 4.90 -74.73
N GLY A 31 65.28 5.61 -73.86
CA GLY A 31 64.05 5.09 -73.33
C GLY A 31 64.21 4.35 -71.99
N ILE A 32 65.43 4.36 -71.40
CA ILE A 32 65.67 3.59 -70.19
C ILE A 32 65.41 4.50 -68.99
N PRO A 33 64.40 4.19 -68.14
CA PRO A 33 64.17 4.95 -66.93
C PRO A 33 65.35 4.76 -65.98
N VAL A 34 65.78 5.85 -65.31
CA VAL A 34 66.87 5.71 -64.36
C VAL A 34 66.44 6.11 -62.96
N HIS A 35 66.87 5.29 -61.99
CA HIS A 35 66.83 5.63 -60.59
C HIS A 35 68.20 6.23 -60.25
N LEU A 36 68.20 7.55 -59.95
CA LEU A 36 69.39 8.25 -59.52
C LEU A 36 69.70 7.88 -58.08
N TRP A 37 70.92 7.46 -57.82
CA TRP A 37 71.36 7.02 -56.50
C TRP A 37 72.64 7.79 -56.14
N SER A 38 72.61 8.48 -55.00
CA SER A 38 73.70 9.29 -54.50
C SER A 38 74.11 8.78 -53.14
N GLY A 39 75.39 8.40 -53.03
CA GLY A 39 75.95 8.00 -51.77
C GLY A 39 76.50 9.20 -50.96
N ASN A 40 76.02 9.37 -49.76
CA ASN A 40 76.57 10.34 -48.81
C ASN A 40 77.49 9.62 -47.82
N SER A 41 78.78 9.84 -47.93
CA SER A 41 79.78 9.18 -47.12
C SER A 41 80.02 9.92 -45.80
N GLY A 42 79.43 11.11 -45.67
CA GLY A 42 79.55 11.85 -44.44
C GLY A 42 80.75 12.76 -44.40
N CYS A 43 81.49 12.86 -45.51
CA CYS A 43 82.63 13.78 -45.56
C CYS A 43 82.52 14.76 -46.73
N SER A 44 81.29 15.05 -47.14
CA SER A 44 81.02 15.73 -48.40
C SER A 44 80.56 17.15 -48.09
N LEU A 45 81.14 18.14 -48.73
CA LEU A 45 80.83 19.54 -48.41
C LEU A 45 80.03 20.18 -49.54
N HIS A 46 79.22 21.17 -49.19
CA HIS A 46 78.52 21.98 -50.24
C HIS A 46 77.84 21.09 -51.27
N ARG A 47 76.87 20.31 -50.82
CA ARG A 47 76.14 19.39 -51.70
C ARG A 47 74.81 20.01 -52.14
N GLY A 48 74.48 21.20 -51.64
CA GLY A 48 73.20 21.77 -51.96
C GLY A 48 72.97 21.97 -53.46
N ILE A 49 74.02 22.23 -54.25
CA ILE A 49 73.81 22.58 -55.65
C ILE A 49 73.33 21.37 -56.43
N LEU A 50 73.50 20.17 -55.85
CA LEU A 50 73.04 18.99 -56.54
C LEU A 50 71.59 19.11 -56.97
N SER A 51 70.75 19.69 -56.12
CA SER A 51 69.33 19.77 -56.42
C SER A 51 69.06 20.59 -57.67
N HIS A 52 69.88 21.59 -57.97
CA HIS A 52 69.73 22.32 -59.24
C HIS A 52 69.91 21.36 -60.42
N ARG A 53 70.84 20.41 -60.32
CA ARG A 53 71.13 19.52 -61.44
C ARG A 53 69.99 18.53 -61.64
N VAL A 54 69.45 18.03 -60.51
CA VAL A 54 68.34 17.11 -60.56
C VAL A 54 67.19 17.80 -61.26
N GLU A 55 66.98 19.07 -60.93
CA GLU A 55 65.89 19.85 -61.53
C GLU A 55 66.08 19.90 -63.04
N GLU A 56 67.30 20.21 -63.49
CA GLU A 56 67.56 20.30 -64.92
C GLU A 56 67.15 19.00 -65.61
N MET A 57 67.45 17.87 -64.97
CA MET A 57 67.27 16.56 -65.57
C MET A 57 65.79 16.18 -65.59
N LYS A 58 65.05 16.46 -64.51
CA LYS A 58 63.60 16.25 -64.47
C LYS A 58 62.92 17.09 -65.54
N ASN A 59 63.41 18.33 -65.72
CA ASN A 59 62.83 19.24 -66.71
C ASN A 59 63.00 18.64 -68.11
N ARG A 60 64.14 18.03 -68.39
CA ARG A 60 64.49 17.59 -69.73
C ARG A 60 63.92 16.19 -70.04
N PHE A 61 63.63 15.35 -69.01
CA PHE A 61 63.31 13.97 -69.27
C PHE A 61 62.04 13.46 -68.61
N GLY A 62 61.44 14.26 -67.70
CA GLY A 62 60.19 13.88 -67.08
C GLY A 62 60.23 12.54 -66.33
N ASP A 63 59.19 11.73 -66.55
CA ASP A 63 58.96 10.42 -65.95
C ASP A 63 60.17 9.48 -66.01
N LEU A 64 61.03 9.67 -67.01
CA LEU A 64 62.17 8.78 -67.16
C LEU A 64 63.12 8.87 -65.93
N VAL A 65 63.03 9.97 -65.15
CA VAL A 65 63.69 10.02 -63.87
C VAL A 65 62.73 9.42 -62.83
N VAL A 66 62.94 8.18 -62.44
CA VAL A 66 61.92 7.53 -61.66
C VAL A 66 62.14 7.84 -60.18
N GLY A 67 63.28 8.40 -59.82
CA GLY A 67 63.55 8.66 -58.42
C GLY A 67 64.97 9.11 -58.15
N HIS A 68 65.18 9.67 -56.94
CA HIS A 68 66.48 10.10 -56.47
C HIS A 68 66.67 9.64 -55.03
N THR A 69 67.52 8.65 -54.78
CA THR A 69 67.80 8.15 -53.45
C THR A 69 69.16 8.72 -52.98
N VAL A 70 69.16 9.32 -51.78
CA VAL A 70 70.36 9.76 -51.12
C VAL A 70 70.61 8.80 -49.97
N ALA A 71 71.68 8.03 -50.03
CA ALA A 71 71.91 6.97 -49.04
C ALA A 71 73.02 7.35 -48.09
N ASP A 72 72.82 7.06 -46.81
CA ASP A 72 73.89 7.27 -45.82
C ASP A 72 74.80 6.06 -45.87
N ILE A 73 76.02 6.22 -46.38
CA ILE A 73 76.97 5.12 -46.50
C ILE A 73 78.16 5.36 -45.56
N SER A 74 78.00 6.26 -44.61
CA SER A 74 79.12 6.68 -43.76
C SER A 74 79.64 5.50 -42.95
N GLY A 75 78.76 4.57 -42.55
CA GLY A 75 79.17 3.44 -41.75
C GLY A 75 80.13 2.53 -42.51
N ALA A 76 79.69 2.09 -43.71
CA ALA A 76 80.50 1.24 -44.56
C ALA A 76 81.80 1.94 -44.97
N PHE A 77 81.71 3.24 -45.27
CA PHE A 77 82.86 4.02 -45.67
C PHE A 77 83.87 4.03 -44.55
N ARG A 78 83.41 4.39 -43.36
CA ARG A 78 84.28 4.38 -42.20
C ARG A 78 84.94 3.03 -42.05
N SER A 79 84.18 1.94 -42.05
CA SER A 79 84.74 0.59 -41.81
C SER A 79 85.79 0.21 -42.84
N ILE A 80 85.57 0.54 -44.12
CA ILE A 80 86.46 0.11 -45.19
C ILE A 80 87.69 0.98 -45.26
N ALA A 81 87.52 2.31 -45.10
CA ALA A 81 88.50 3.25 -45.56
C ALA A 81 89.13 4.07 -44.45
N ILE A 82 88.43 4.27 -43.30
CA ILE A 82 88.86 5.21 -42.29
C ILE A 82 89.38 4.52 -41.03
N GLU A 83 88.72 3.46 -40.59
CA GLU A 83 89.05 2.73 -39.37
C GLU A 83 90.52 2.38 -39.27
N ALA A 84 91.11 1.94 -40.38
CA ALA A 84 92.50 1.49 -40.43
C ALA A 84 93.36 2.44 -41.27
N LEU A 85 93.03 3.72 -41.24
CA LEU A 85 93.72 4.71 -42.05
C LEU A 85 95.23 4.74 -41.75
N GLU A 86 95.66 4.67 -40.50
CA GLU A 86 97.09 4.64 -40.23
C GLU A 86 97.76 3.46 -40.95
N GLN A 87 97.24 2.25 -40.77
CA GLN A 87 97.85 1.06 -41.36
C GLN A 87 97.78 1.15 -42.87
N ASP A 88 96.63 1.58 -43.41
CA ASP A 88 96.42 1.69 -44.84
C ASP A 88 97.47 2.60 -45.48
N ILE A 89 97.67 3.80 -44.94
CA ILE A 89 98.62 4.75 -45.53
C ILE A 89 100.07 4.29 -45.29
N LEU A 90 100.38 3.65 -44.16
CA LEU A 90 101.74 3.18 -43.90
C LEU A 90 102.07 2.03 -44.83
N LYS A 91 101.09 1.21 -45.20
CA LYS A 91 101.33 0.09 -46.12
C LYS A 91 101.45 0.61 -47.54
N TYR A 92 100.43 1.32 -48.04
CA TYR A 92 100.36 1.63 -49.46
C TYR A 92 101.10 2.93 -49.80
N ARG A 93 101.42 3.75 -48.80
CA ARG A 93 102.10 5.03 -48.96
C ARG A 93 101.22 5.99 -49.75
N LYS A 94 99.92 5.74 -49.81
CA LYS A 94 98.97 6.57 -50.55
C LYS A 94 97.61 6.56 -49.84
N ASN A 95 96.97 7.73 -49.89
CA ASN A 95 95.64 7.91 -49.29
C ASN A 95 94.64 7.44 -50.34
N LEU A 96 94.05 6.27 -50.07
CA LEU A 96 93.14 5.63 -51.02
C LEU A 96 91.70 5.69 -50.53
N VAL A 97 91.40 6.66 -49.70
CA VAL A 97 90.10 6.77 -49.08
C VAL A 97 89.00 6.82 -50.14
N LEU A 98 89.22 7.52 -51.26
CA LEU A 98 88.18 7.66 -52.25
C LEU A 98 87.99 6.36 -53.05
N LEU A 99 88.98 5.49 -53.04
CA LEU A 99 88.82 4.16 -53.62
C LEU A 99 87.95 3.31 -52.69
N GLY A 100 88.31 3.35 -51.42
CA GLY A 100 87.45 2.80 -50.37
C GLY A 100 86.02 3.28 -50.47
N GLU A 101 85.79 4.56 -50.76
CA GLU A 101 84.42 5.05 -50.84
C GLU A 101 83.68 4.32 -51.97
N LYS A 102 84.36 4.10 -53.09
CA LYS A 102 83.72 3.45 -54.21
C LYS A 102 83.40 2.00 -53.86
N LEU A 103 84.27 1.33 -53.09
CA LEU A 103 83.97 -0.01 -52.67
C LEU A 103 82.75 -0.03 -51.76
N ALA A 104 82.65 1.00 -50.88
CA ALA A 104 81.54 1.09 -49.96
C ALA A 104 80.25 1.34 -50.74
N ILE A 105 80.31 2.23 -51.73
CA ILE A 105 79.19 2.43 -52.62
C ILE A 105 78.72 1.09 -53.20
N HIS A 106 79.64 0.26 -53.69
CA HIS A 106 79.27 -0.98 -54.38
C HIS A 106 78.64 -2.01 -53.42
N ALA A 107 79.15 -2.08 -52.17
CA ALA A 107 78.58 -2.97 -51.17
C ALA A 107 77.12 -2.58 -50.90
N HIS A 108 76.89 -1.28 -50.67
CA HIS A 108 75.56 -0.76 -50.47
C HIS A 108 74.64 -1.04 -51.66
N LEU A 109 75.19 -1.03 -52.85
CA LEU A 109 74.38 -1.18 -54.07
C LEU A 109 73.94 -2.63 -54.25
N VAL A 110 74.75 -3.59 -53.78
CA VAL A 110 74.29 -4.96 -53.79
C VAL A 110 73.02 -5.03 -52.95
N ASP A 111 73.05 -4.44 -51.76
CA ASP A 111 71.89 -4.50 -50.90
C ASP A 111 70.72 -3.78 -51.55
N PHE A 112 71.00 -2.57 -52.04
CA PHE A 112 69.95 -1.75 -52.65
C PHE A 112 69.34 -2.50 -53.82
N CYS A 113 70.16 -3.07 -54.68
CA CYS A 113 69.64 -3.76 -55.87
C CYS A 113 68.81 -4.97 -55.47
N ARG A 114 69.29 -5.76 -54.53
CA ARG A 114 68.55 -6.95 -54.07
C ARG A 114 67.19 -6.58 -53.46
N ARG A 115 67.11 -5.44 -52.77
CA ARG A 115 65.88 -5.12 -52.07
C ARG A 115 64.95 -4.29 -52.95
N ASN A 116 65.41 -3.77 -54.10
CA ASN A 116 64.57 -2.92 -54.90
C ASN A 116 64.44 -3.46 -56.33
N ASP A 117 64.81 -4.73 -56.55
CA ASP A 117 64.64 -5.40 -57.83
C ASP A 117 65.28 -4.65 -59.00
N ILE A 118 66.57 -4.27 -58.85
CA ILE A 118 67.34 -3.64 -59.90
C ILE A 118 68.50 -4.55 -60.23
N ASN A 119 68.80 -4.76 -61.51
CA ASN A 119 69.91 -5.63 -61.84
C ASN A 119 70.95 -4.97 -62.74
N THR A 120 70.79 -3.68 -63.05
CA THR A 120 71.78 -2.98 -63.82
C THR A 120 72.11 -1.69 -63.09
N ILE A 121 73.41 -1.51 -62.77
CA ILE A 121 73.88 -0.26 -62.24
C ILE A 121 74.84 0.36 -63.25
N ASN A 122 74.90 1.69 -63.21
CA ASN A 122 75.69 2.46 -64.15
C ASN A 122 76.37 3.59 -63.40
N ASP A 123 77.56 3.98 -63.80
CA ASP A 123 78.18 5.18 -63.24
C ASP A 123 78.75 6.05 -64.36
N GLY A 124 79.36 7.17 -63.92
CA GLY A 124 79.92 8.16 -64.82
C GLY A 124 81.43 8.05 -65.02
N ILE A 125 82.04 6.93 -64.66
CA ILE A 125 83.49 6.88 -64.84
C ILE A 125 83.81 7.14 -66.32
N THR A 126 84.90 7.90 -66.55
CA THR A 126 85.31 8.37 -67.87
C THR A 126 86.79 8.07 -68.10
N HIS A 127 87.15 7.79 -69.36
CA HIS A 127 88.55 7.62 -69.77
C HIS A 127 89.44 8.80 -69.34
N TYR A 128 88.94 10.03 -69.42
CA TYR A 128 89.77 11.20 -69.18
C TYR A 128 90.07 11.33 -67.70
N GLN A 129 89.39 10.55 -66.83
CA GLN A 129 89.61 10.66 -65.39
C GLN A 129 90.20 9.38 -64.83
N MET A 130 90.98 8.64 -65.62
CA MET A 130 91.57 7.38 -65.25
C MET A 130 92.65 7.56 -64.20
N GLU A 131 93.18 8.77 -64.00
CA GLU A 131 94.13 9.05 -62.91
C GLU A 131 93.52 8.80 -61.53
N PHE A 132 92.18 8.83 -61.37
CA PHE A 132 91.53 8.60 -60.10
C PHE A 132 91.30 7.09 -59.97
N PRO A 133 91.65 6.48 -58.81
CA PRO A 133 91.75 5.05 -58.66
C PRO A 133 90.45 4.32 -58.98
N GLU A 134 89.33 4.94 -58.63
CA GLU A 134 88.05 4.28 -58.80
C GLU A 134 87.64 4.24 -60.27
N GLN A 135 88.36 4.94 -61.14
CA GLN A 135 88.00 5.10 -62.54
C GLN A 135 88.97 4.37 -63.42
N ARG A 136 89.89 3.64 -62.81
CA ARG A 136 90.90 2.87 -63.57
C ARG A 136 90.32 1.55 -64.06
N LEU A 137 90.60 1.19 -65.30
CA LEU A 137 90.21 -0.10 -65.84
C LEU A 137 90.36 -1.21 -64.80
N VAL A 138 91.45 -1.22 -64.06
CA VAL A 138 91.74 -2.31 -63.14
C VAL A 138 90.70 -2.35 -62.01
N ALA A 139 90.27 -1.18 -61.54
CA ALA A 139 89.22 -1.10 -60.54
C ALA A 139 87.89 -1.48 -61.11
N LYS A 140 87.57 -0.96 -62.29
CA LYS A 140 86.28 -1.20 -62.91
C LYS A 140 86.11 -2.72 -63.13
N THR A 141 87.19 -3.38 -63.57
CA THR A 141 87.14 -4.79 -63.89
C THR A 141 86.84 -5.53 -62.62
N PHE A 142 87.58 -5.19 -61.54
CA PHE A 142 87.35 -5.83 -60.25
C PHE A 142 85.89 -5.65 -59.82
N LEU A 143 85.35 -4.43 -59.91
CA LEU A 143 84.02 -4.18 -59.41
C LEU A 143 82.96 -4.84 -60.29
N MET A 144 83.17 -4.91 -61.61
CA MET A 144 82.29 -5.67 -62.50
C MET A 144 82.19 -7.15 -62.03
N GLU A 145 83.32 -7.77 -61.71
CA GLU A 145 83.34 -9.17 -61.24
C GLU A 145 82.64 -9.25 -59.89
N MET A 146 82.89 -8.30 -59.00
CA MET A 146 82.20 -8.27 -57.73
C MET A 146 80.68 -8.20 -57.95
N MET A 147 80.23 -7.29 -58.81
CA MET A 147 78.80 -7.13 -58.97
C MET A 147 78.22 -8.37 -59.66
N ALA A 148 78.98 -9.05 -60.51
CA ALA A 148 78.45 -10.22 -61.21
C ALA A 148 78.27 -11.41 -60.26
N GLN A 149 79.05 -11.47 -59.19
CA GLN A 149 78.85 -12.48 -58.17
C GLN A 149 77.47 -12.33 -57.53
N TYR A 150 76.87 -11.13 -57.57
CA TYR A 150 75.51 -10.97 -57.08
C TYR A 150 74.50 -10.81 -58.23
N ASP A 151 74.88 -11.25 -59.46
CA ASP A 151 74.00 -11.19 -60.63
C ASP A 151 73.56 -9.75 -60.89
N ILE A 152 74.49 -8.83 -60.71
CA ILE A 152 74.25 -7.44 -61.00
C ILE A 152 75.17 -7.04 -62.15
N ASN A 153 74.61 -6.38 -63.12
CA ASN A 153 75.30 -5.91 -64.29
C ASN A 153 75.80 -4.49 -64.00
N TYR A 154 77.15 -4.29 -64.02
CA TYR A 154 77.70 -2.96 -63.80
C TYR A 154 78.25 -2.39 -65.10
N GLN A 155 77.64 -1.33 -65.61
CA GLN A 155 78.07 -0.70 -66.83
C GLN A 155 78.60 0.70 -66.58
N SER A 156 79.38 1.19 -67.54
CA SER A 156 79.93 2.54 -67.49
C SER A 156 79.68 3.17 -68.84
N PRO A 157 78.47 3.73 -69.07
CA PRO A 157 78.05 4.09 -70.43
C PRO A 157 78.72 5.33 -71.00
N VAL A 158 79.55 6.06 -70.26
CA VAL A 158 80.23 7.19 -70.88
C VAL A 158 81.75 7.00 -70.88
N TYR A 159 82.21 5.85 -70.41
CA TYR A 159 83.64 5.55 -70.30
C TYR A 159 84.40 5.69 -71.62
N GLU A 160 84.01 4.98 -72.66
CA GLU A 160 84.79 4.92 -73.88
C GLU A 160 84.67 6.21 -74.66
N PHE A 161 83.59 6.97 -74.49
CA PHE A 161 83.34 8.12 -75.38
C PHE A 161 84.09 9.35 -74.88
N ALA A 162 84.17 9.49 -73.56
CA ALA A 162 84.64 10.74 -72.96
C ALA A 162 86.16 10.77 -72.94
N GLN A 163 86.76 11.25 -74.03
CA GLN A 163 88.20 11.37 -74.11
C GLN A 163 88.69 12.67 -73.49
N SER A 164 87.78 13.60 -73.16
CA SER A 164 88.07 14.85 -72.49
C SER A 164 86.81 15.37 -71.82
N ALA A 165 86.95 16.28 -70.86
CA ALA A 165 85.79 16.91 -70.28
C ALA A 165 84.99 17.65 -71.37
N ASP A 166 85.65 18.16 -72.40
CA ASP A 166 84.94 18.87 -73.45
C ASP A 166 83.91 17.99 -74.17
N ASP A 167 84.24 16.72 -74.42
CA ASP A 167 83.31 15.78 -75.00
C ASP A 167 82.00 15.71 -74.21
N VAL A 168 82.12 15.62 -72.89
CA VAL A 168 80.96 15.54 -72.02
C VAL A 168 80.19 16.87 -72.05
N LYS A 169 80.90 17.97 -71.90
CA LYS A 169 80.31 19.28 -71.83
C LYS A 169 79.34 19.53 -72.97
N TYR A 170 79.79 19.28 -74.20
CA TYR A 170 79.06 19.76 -75.36
C TYR A 170 77.86 18.84 -75.67
N ARG A 171 77.94 17.58 -75.22
CA ARG A 171 76.80 16.72 -75.31
C ARG A 171 75.76 17.21 -74.32
N LEU A 172 76.18 17.58 -73.12
CA LEU A 172 75.22 18.11 -72.16
C LEU A 172 74.55 19.35 -72.69
N LEU A 173 75.34 20.22 -73.32
CA LEU A 173 74.79 21.50 -73.75
C LEU A 173 73.70 21.24 -74.80
N GLN A 174 73.95 20.22 -75.66
CA GLN A 174 72.99 19.84 -76.66
C GLN A 174 71.68 19.36 -76.03
N LEU A 175 71.74 18.88 -74.79
CA LEU A 175 70.53 18.43 -74.12
C LEU A 175 69.83 19.56 -73.41
N GLY A 176 70.32 20.79 -73.54
CA GLY A 176 69.72 21.88 -72.80
C GLY A 176 70.13 21.87 -71.34
N ILE A 177 71.24 21.21 -71.01
CA ILE A 177 71.72 21.10 -69.64
C ILE A 177 73.05 21.80 -69.49
N SER A 178 73.26 22.42 -68.31
CA SER A 178 74.49 23.11 -67.97
C SER A 178 75.66 22.13 -67.99
N THR A 179 76.84 22.67 -68.36
CA THR A 179 78.01 21.84 -68.61
C THR A 179 78.78 21.62 -67.31
N LYS A 180 78.43 22.35 -66.24
CA LYS A 180 79.20 22.31 -65.00
C LYS A 180 78.96 20.99 -64.22
N SER A 181 79.90 20.69 -63.32
CA SER A 181 79.73 19.62 -62.36
C SER A 181 79.09 20.20 -61.10
N LEU A 182 77.76 20.00 -60.97
CA LEU A 182 77.05 20.52 -59.84
C LEU A 182 76.99 19.45 -58.74
N GLU A 183 78.13 19.21 -58.11
CA GLU A 183 78.28 18.18 -57.12
C GLU A 183 78.94 18.76 -55.89
N GLY A 184 78.80 18.02 -54.78
CA GLY A 184 79.55 18.25 -53.57
C GLY A 184 81.02 17.99 -53.74
N ILE A 185 81.84 18.47 -52.79
CA ILE A 185 83.26 18.17 -52.82
C ILE A 185 83.58 17.37 -51.58
N SER A 186 84.28 16.28 -51.79
CA SER A 186 84.87 15.50 -50.70
C SER A 186 85.88 16.39 -49.97
N ILE A 187 85.92 16.27 -48.64
CA ILE A 187 86.95 16.94 -47.89
C ILE A 187 88.31 16.40 -48.30
N PHE A 188 88.35 15.20 -48.92
CA PHE A 188 89.58 14.58 -49.33
C PHE A 188 89.99 14.95 -50.76
N ALA A 189 89.25 15.83 -51.44
CA ALA A 189 89.73 16.46 -52.66
C ALA A 189 91.14 16.96 -52.50
N ASP A 190 91.99 16.67 -53.50
CA ASP A 190 93.34 17.24 -53.55
C ASP A 190 94.11 16.88 -52.28
N SER A 191 93.86 15.70 -51.72
CA SER A 191 94.46 15.28 -50.47
C SER A 191 95.27 14.00 -50.70
N PHE A 192 95.54 13.69 -51.98
CA PHE A 192 96.19 12.44 -52.30
C PHE A 192 97.09 12.62 -53.51
N SER A 193 98.13 11.81 -53.56
CA SER A 193 98.94 11.65 -54.79
C SER A 193 98.44 10.42 -55.58
N THR A 194 98.84 10.32 -56.83
CA THR A 194 98.31 9.29 -57.75
C THR A 194 98.96 7.93 -57.44
N PRO A 195 98.17 6.85 -57.19
CA PRO A 195 98.71 5.52 -56.99
C PRO A 195 98.90 4.74 -58.32
N SER A 196 99.79 3.75 -58.28
CA SER A 196 99.89 2.74 -59.31
C SER A 196 98.65 1.83 -59.36
N ASP A 197 98.47 1.23 -60.53
CA ASP A 197 97.50 0.15 -60.71
C ASP A 197 97.77 -0.96 -59.69
N ASP A 198 99.00 -1.38 -59.43
CA ASP A 198 99.23 -2.47 -58.51
C ASP A 198 98.63 -2.13 -57.15
N VAL A 199 98.76 -0.87 -56.74
CA VAL A 199 98.32 -0.47 -55.43
C VAL A 199 96.80 -0.46 -55.34
N VAL A 200 96.13 0.06 -56.38
CA VAL A 200 94.70 0.08 -56.48
C VAL A 200 94.11 -1.33 -56.40
N LEU A 201 94.69 -2.30 -57.14
CA LEU A 201 94.20 -3.66 -57.16
C LEU A 201 94.43 -4.30 -55.79
N ALA A 202 95.59 -4.06 -55.17
CA ALA A 202 95.94 -4.69 -53.91
C ALA A 202 95.04 -4.20 -52.80
N TYR A 203 94.68 -2.91 -52.87
CA TYR A 203 93.81 -2.31 -51.85
C TYR A 203 92.40 -2.89 -51.98
N LEU A 204 91.89 -2.93 -53.20
CA LEU A 204 90.59 -3.51 -53.47
C LEU A 204 90.54 -4.96 -52.97
N ARG A 205 91.58 -5.76 -53.25
CA ARG A 205 91.58 -7.13 -52.81
C ARG A 205 91.65 -7.23 -51.28
N GLU A 206 92.39 -6.32 -50.62
CA GLU A 206 92.50 -6.40 -49.18
C GLU A 206 91.18 -6.01 -48.50
N LYS A 207 90.42 -5.05 -49.04
CA LYS A 207 89.21 -4.56 -48.40
C LYS A 207 87.98 -5.34 -48.86
N ALA A 208 88.09 -6.14 -49.90
CA ALA A 208 86.96 -6.89 -50.43
C ALA A 208 86.27 -7.75 -49.38
N PRO A 209 87.01 -8.57 -48.58
CA PRO A 209 86.37 -9.34 -47.53
C PRO A 209 85.49 -8.47 -46.63
N LEU A 210 85.95 -7.28 -46.28
CA LEU A 210 85.14 -6.38 -45.47
C LEU A 210 83.89 -5.94 -46.22
N ALA A 211 84.02 -5.60 -47.48
CA ALA A 211 82.86 -5.18 -48.27
C ALA A 211 81.82 -6.28 -48.35
N HIS A 212 82.23 -7.52 -48.57
CA HIS A 212 81.31 -8.64 -48.72
C HIS A 212 80.63 -8.92 -47.37
N ASN A 213 81.37 -8.73 -46.29
CA ASN A 213 80.84 -8.88 -44.96
C ASN A 213 79.76 -7.84 -44.70
N ILE A 214 79.98 -6.60 -45.17
CA ILE A 214 78.99 -5.53 -45.05
C ILE A 214 77.75 -5.91 -45.86
N VAL A 215 77.95 -6.50 -47.04
CA VAL A 215 76.84 -6.99 -47.84
C VAL A 215 76.02 -8.00 -47.05
N ASN A 216 76.69 -8.93 -46.39
CA ASN A 216 75.99 -9.97 -45.66
C ASN A 216 75.23 -9.39 -44.45
N PHE A 217 75.83 -8.39 -43.76
CA PHE A 217 75.21 -7.78 -42.62
C PHE A 217 73.95 -7.06 -43.09
N LEU A 218 74.05 -6.29 -44.19
CA LEU A 218 72.91 -5.54 -44.67
C LEU A 218 71.77 -6.47 -45.09
N ALA A 219 72.06 -7.72 -45.42
CA ALA A 219 71.07 -8.71 -45.82
C ALA A 219 70.51 -9.49 -44.62
N GLY A 220 71.04 -9.24 -43.42
CA GLY A 220 70.59 -9.95 -42.26
C GLY A 220 71.07 -11.40 -42.22
N GLU A 221 72.31 -11.65 -42.64
CA GLU A 221 72.80 -13.06 -42.71
C GLU A 221 73.98 -13.25 -41.77
N THR A 222 74.53 -12.16 -41.23
CA THR A 222 75.64 -12.27 -40.27
C THR A 222 75.72 -10.98 -39.49
N LEU A 223 76.28 -11.08 -38.30
CA LEU A 223 76.53 -9.89 -37.49
C LEU A 223 78.01 -10.05 -37.17
N ASN A 224 78.60 -11.18 -37.54
CA ASN A 224 79.99 -11.51 -37.16
C ASN A 224 81.01 -10.87 -38.10
N PRO A 225 82.27 -10.63 -37.66
CA PRO A 225 83.31 -9.96 -38.47
C PRO A 225 83.91 -10.80 -39.58
N PRO A 226 84.53 -10.13 -40.57
CA PRO A 226 85.15 -10.82 -41.71
C PRO A 226 86.06 -11.93 -41.21
N SER B 6 52.49 -11.32 -43.33
CA SER B 6 53.05 -12.68 -43.53
C SER B 6 54.03 -13.08 -42.41
N VAL B 7 55.31 -12.59 -42.32
CA VAL B 7 56.18 -12.91 -41.18
C VAL B 7 55.64 -12.37 -39.85
N LYS B 8 55.63 -13.27 -38.85
CA LYS B 8 55.02 -12.98 -37.55
C LYS B 8 55.92 -12.07 -36.71
N PRO B 9 55.42 -10.93 -36.20
CA PRO B 9 56.23 -10.05 -35.36
C PRO B 9 56.79 -10.74 -34.14
N GLN B 10 58.01 -10.32 -33.76
CA GLN B 10 58.55 -10.66 -32.47
C GLN B 10 58.73 -9.38 -31.66
N LEU B 11 58.94 -9.56 -30.35
CA LEU B 11 59.02 -8.41 -29.43
C LEU B 11 60.49 -8.24 -29.07
N VAL B 12 60.92 -6.99 -28.98
CA VAL B 12 62.24 -6.66 -28.49
C VAL B 12 62.10 -5.78 -27.23
N MET B 13 62.78 -6.23 -26.17
CA MET B 13 62.96 -5.45 -24.97
C MET B 13 63.91 -4.33 -25.26
N PHE B 14 63.37 -3.13 -25.46
CA PHE B 14 64.12 -2.05 -26.03
C PHE B 14 64.22 -0.87 -25.06
N THR B 15 65.45 -0.46 -24.77
CA THR B 15 65.73 0.65 -23.86
C THR B 15 66.21 1.89 -24.59
N GLY B 16 66.65 1.72 -25.85
CA GLY B 16 67.35 2.82 -26.52
C GLY B 16 68.87 2.64 -26.48
N GLY B 17 69.34 1.66 -25.70
CA GLY B 17 70.76 1.39 -25.68
C GLY B 17 71.22 0.78 -26.99
N ARG B 18 72.52 0.78 -27.23
CA ARG B 18 73.04 0.33 -28.52
C ARG B 18 72.84 -1.17 -28.69
N ASP B 19 72.76 -1.92 -27.59
CA ASP B 19 72.75 -3.37 -27.72
C ASP B 19 71.34 -3.80 -28.12
N SER B 20 70.31 -3.26 -27.46
CA SER B 20 68.93 -3.62 -27.79
C SER B 20 68.53 -3.00 -29.12
N THR B 21 69.12 -1.86 -29.48
CA THR B 21 68.89 -1.22 -30.76
C THR B 21 69.38 -2.18 -31.84
N LEU B 22 70.60 -2.67 -31.71
CA LEU B 22 71.16 -3.57 -32.69
C LEU B 22 70.35 -4.86 -32.74
N ALA B 23 69.88 -5.35 -31.59
CA ALA B 23 69.12 -6.59 -31.61
C ALA B 23 67.87 -6.41 -32.46
N ALA B 24 67.16 -5.31 -32.23
CA ALA B 24 65.97 -5.04 -33.00
C ALA B 24 66.30 -4.89 -34.49
N CYS B 25 67.33 -4.13 -34.79
CA CYS B 25 67.75 -3.86 -36.17
C CYS B 25 68.12 -5.15 -36.90
N TYR B 26 68.84 -6.04 -36.22
CA TYR B 26 69.30 -7.26 -36.86
C TYR B 26 68.12 -8.17 -37.18
N LEU B 27 67.13 -8.21 -36.29
CA LEU B 27 65.89 -8.91 -36.58
C LEU B 27 65.24 -8.33 -37.83
N MET B 28 65.18 -7.01 -37.91
CA MET B 28 64.41 -6.40 -38.99
C MET B 28 65.13 -6.57 -40.33
N LEU B 29 66.46 -6.69 -40.28
CA LEU B 29 67.23 -6.88 -41.49
C LEU B 29 66.89 -8.25 -42.09
N GLN B 30 66.43 -9.19 -41.26
CA GLN B 30 66.12 -10.52 -41.72
C GLN B 30 64.68 -10.59 -42.19
N GLY B 31 63.96 -9.47 -42.18
CA GLY B 31 62.55 -9.45 -42.52
C GLY B 31 61.61 -9.67 -41.33
N ILE B 32 62.13 -9.72 -40.10
CA ILE B 32 61.29 -9.99 -38.93
C ILE B 32 60.77 -8.66 -38.38
N PRO B 33 59.43 -8.41 -38.43
CA PRO B 33 58.87 -7.21 -37.83
C PRO B 33 59.05 -7.25 -36.32
N VAL B 34 59.37 -6.11 -35.71
CA VAL B 34 59.58 -6.08 -34.27
C VAL B 34 58.60 -5.10 -33.64
N HIS B 35 58.03 -5.56 -32.52
CA HIS B 35 57.33 -4.69 -31.58
C HIS B 35 58.35 -4.28 -30.52
N LEU B 36 58.72 -2.98 -30.51
CA LEU B 36 59.60 -2.44 -29.51
C LEU B 36 58.82 -2.25 -28.21
N TRP B 37 59.35 -2.81 -27.10
CA TRP B 37 58.70 -2.78 -25.81
C TRP B 37 59.66 -2.21 -24.78
N SER B 38 59.25 -1.13 -24.10
CA SER B 38 60.07 -0.41 -23.14
C SER B 38 59.31 -0.38 -21.81
N GLY B 39 59.94 -0.92 -20.76
CA GLY B 39 59.35 -0.86 -19.45
C GLY B 39 59.78 0.38 -18.68
N ASN B 40 58.83 1.20 -18.26
CA ASN B 40 59.03 2.32 -17.35
C ASN B 40 58.72 1.91 -15.91
N SER B 41 59.75 1.80 -15.09
CA SER B 41 59.66 1.34 -13.71
C SER B 41 59.37 2.51 -12.76
N GLY B 42 59.33 3.74 -13.27
CA GLY B 42 59.03 4.90 -12.47
C GLY B 42 60.24 5.49 -11.73
N CYS B 43 61.43 4.94 -11.99
CA CYS B 43 62.65 5.44 -11.38
C CYS B 43 63.69 5.83 -12.44
N SER B 44 63.22 6.09 -13.67
CA SER B 44 64.09 6.30 -14.80
C SER B 44 64.10 7.79 -15.13
N LEU B 45 65.29 8.36 -15.28
CA LEU B 45 65.43 9.78 -15.50
C LEU B 45 65.80 10.04 -16.96
N HIS B 46 65.39 11.21 -17.46
CA HIS B 46 65.87 11.74 -18.71
C HIS B 46 65.63 10.74 -19.84
N ARG B 47 64.39 10.27 -19.97
CA ARG B 47 63.95 9.30 -20.95
C ARG B 47 63.60 9.92 -22.30
N GLY B 48 63.60 11.23 -22.45
CA GLY B 48 63.14 11.93 -23.66
C GLY B 48 63.94 11.54 -24.91
N ILE B 49 65.24 11.24 -24.76
CA ILE B 49 66.10 10.98 -25.91
C ILE B 49 65.73 9.67 -26.56
N LEU B 50 65.02 8.80 -25.85
CA LEU B 50 64.65 7.52 -26.42
C LEU B 50 63.94 7.72 -27.76
N SER B 51 63.06 8.72 -27.83
CA SER B 51 62.26 8.91 -29.03
C SER B 51 63.15 9.28 -30.22
N HIS B 52 64.28 9.93 -30.03
CA HIS B 52 65.21 10.16 -31.14
C HIS B 52 65.67 8.82 -31.73
N ARG B 53 65.90 7.80 -30.89
CA ARG B 53 66.42 6.54 -31.37
C ARG B 53 65.33 5.79 -32.13
N VAL B 54 64.10 5.85 -31.62
CA VAL B 54 62.97 5.21 -32.27
C VAL B 54 62.84 5.82 -33.68
N GLU B 55 63.01 7.16 -33.78
CA GLU B 55 62.87 7.82 -35.05
C GLU B 55 63.93 7.27 -36.01
N GLU B 56 65.18 7.14 -35.56
CA GLU B 56 66.22 6.65 -36.43
C GLU B 56 65.83 5.27 -37.00
N MET B 57 65.21 4.42 -36.16
CA MET B 57 64.93 3.04 -36.53
C MET B 57 63.75 2.99 -37.50
N LYS B 58 62.69 3.80 -37.26
CA LYS B 58 61.58 3.93 -38.20
C LYS B 58 62.08 4.45 -39.56
N ASN B 59 63.02 5.37 -39.54
CA ASN B 59 63.58 5.95 -40.75
C ASN B 59 64.28 4.87 -41.57
N ARG B 60 65.00 3.97 -40.90
CA ARG B 60 65.86 3.01 -41.58
C ARG B 60 65.07 1.73 -41.98
N PHE B 61 63.94 1.42 -41.34
CA PHE B 61 63.31 0.12 -41.53
C PHE B 61 61.81 0.17 -41.80
N GLY B 62 61.19 1.37 -41.70
CA GLY B 62 59.81 1.53 -42.05
C GLY B 62 58.83 0.65 -41.27
N ASP B 63 57.88 0.05 -42.01
CA ASP B 63 56.85 -0.87 -41.55
C ASP B 63 57.35 -1.97 -40.61
N LEU B 64 58.64 -2.36 -40.76
CA LEU B 64 59.15 -3.44 -39.94
C LEU B 64 59.14 -3.09 -38.44
N VAL B 65 59.08 -1.78 -38.12
CA VAL B 65 58.78 -1.36 -36.75
C VAL B 65 57.28 -1.31 -36.59
N VAL B 66 56.69 -2.33 -35.97
CA VAL B 66 55.26 -2.47 -35.92
C VAL B 66 54.69 -1.56 -34.84
N GLY B 67 55.52 -1.16 -33.89
CA GLY B 67 55.04 -0.36 -32.78
C GLY B 67 56.11 -0.17 -31.72
N HIS B 68 55.79 0.78 -30.84
CA HIS B 68 56.57 1.06 -29.65
C HIS B 68 55.61 1.13 -28.45
N THR B 69 55.67 0.17 -27.54
CA THR B 69 54.90 0.17 -26.31
C THR B 69 55.81 0.62 -25.16
N VAL B 70 55.35 1.63 -24.43
CA VAL B 70 56.01 2.10 -23.22
C VAL B 70 55.07 1.70 -22.10
N ALA B 71 55.48 0.74 -21.26
CA ALA B 71 54.59 0.14 -20.28
C ALA B 71 54.95 0.67 -18.89
N ASP B 72 53.90 0.93 -18.10
CA ASP B 72 54.10 1.32 -16.71
C ASP B 72 54.24 0.04 -15.93
N ILE B 73 55.43 -0.27 -15.43
CA ILE B 73 55.69 -1.45 -14.64
C ILE B 73 56.04 -1.07 -13.21
N SER B 74 55.73 0.17 -12.82
CA SER B 74 56.15 0.70 -11.53
C SER B 74 55.53 -0.11 -10.39
N GLY B 75 54.31 -0.57 -10.57
CA GLY B 75 53.65 -1.32 -9.51
C GLY B 75 54.28 -2.67 -9.27
N ALA B 76 54.50 -3.45 -10.33
CA ALA B 76 55.19 -4.74 -10.23
C ALA B 76 56.62 -4.56 -9.69
N PHE B 77 57.29 -3.50 -10.14
CA PHE B 77 58.64 -3.22 -9.68
C PHE B 77 58.66 -2.95 -8.21
N ARG B 78 57.81 -2.05 -7.73
CA ARG B 78 57.72 -1.79 -6.28
C ARG B 78 57.45 -3.08 -5.51
N SER B 79 56.42 -3.80 -5.88
CA SER B 79 56.03 -5.02 -5.12
C SER B 79 57.17 -6.03 -5.06
N ILE B 80 57.97 -6.14 -6.11
CA ILE B 80 59.01 -7.21 -6.16
C ILE B 80 60.36 -6.73 -5.64
N ALA B 81 60.67 -5.45 -5.73
CA ALA B 81 62.03 -5.01 -5.50
C ALA B 81 62.17 -3.94 -4.43
N ILE B 82 61.10 -3.16 -4.17
CA ILE B 82 61.21 -1.96 -3.38
C ILE B 82 60.55 -2.12 -2.00
N GLU B 83 59.37 -2.73 -1.96
CA GLU B 83 58.56 -2.74 -0.73
C GLU B 83 59.31 -3.37 0.43
N ALA B 84 60.11 -4.40 0.17
CA ALA B 84 60.89 -5.09 1.18
C ALA B 84 62.41 -4.84 1.03
N LEU B 85 62.75 -3.61 0.64
CA LEU B 85 64.12 -3.25 0.40
C LEU B 85 65.00 -3.45 1.65
N GLU B 86 64.53 -3.07 2.82
CA GLU B 86 65.31 -3.31 4.04
C GLU B 86 65.65 -4.79 4.18
N GLN B 87 64.63 -5.67 4.13
CA GLN B 87 64.83 -7.10 4.34
C GLN B 87 65.74 -7.64 3.26
N ASP B 88 65.49 -7.24 2.01
CA ASP B 88 66.25 -7.71 0.86
C ASP B 88 67.74 -7.43 1.04
N ILE B 89 68.10 -6.18 1.38
CA ILE B 89 69.51 -5.81 1.51
C ILE B 89 70.14 -6.44 2.76
N LEU B 90 69.39 -6.56 3.85
CA LEU B 90 69.94 -7.15 5.06
C LEU B 90 70.20 -8.65 4.84
N LYS B 91 69.36 -9.32 4.04
CA LYS B 91 69.55 -10.73 3.80
C LYS B 91 70.68 -10.97 2.78
N TYR B 92 70.63 -10.34 1.61
CA TYR B 92 71.57 -10.69 0.58
C TYR B 92 72.87 -9.88 0.67
N ARG B 93 72.89 -8.79 1.46
CA ARG B 93 74.04 -7.91 1.58
C ARG B 93 74.32 -7.23 0.24
N LYS B 94 73.34 -7.20 -0.66
CA LYS B 94 73.52 -6.58 -1.97
C LYS B 94 72.22 -5.91 -2.45
N ASN B 95 72.37 -4.80 -3.14
CA ASN B 95 71.25 -4.05 -3.66
C ASN B 95 70.95 -4.66 -5.04
N LEU B 96 69.89 -5.46 -5.09
CA LEU B 96 69.54 -6.21 -6.27
C LEU B 96 68.27 -5.65 -6.93
N VAL B 97 67.98 -4.39 -6.67
CA VAL B 97 66.80 -3.76 -7.22
C VAL B 97 66.72 -3.93 -8.73
N LEU B 98 67.87 -3.80 -9.45
CA LEU B 98 67.82 -3.86 -10.91
C LEU B 98 67.56 -5.30 -11.40
N LEU B 99 67.84 -6.29 -10.56
CA LEU B 99 67.47 -7.65 -10.86
C LEU B 99 65.96 -7.85 -10.69
N GLY B 100 65.46 -7.37 -9.58
CA GLY B 100 64.03 -7.23 -9.37
C GLY B 100 63.33 -6.54 -10.56
N GLU B 101 63.93 -5.47 -11.11
CA GLU B 101 63.28 -4.78 -12.21
C GLU B 101 63.15 -5.74 -13.41
N LYS B 102 64.17 -6.55 -13.63
CA LYS B 102 64.16 -7.46 -14.75
C LYS B 102 63.07 -8.54 -14.56
N LEU B 103 62.89 -8.98 -13.33
CA LEU B 103 61.81 -9.91 -13.05
C LEU B 103 60.45 -9.28 -13.31
N ALA B 104 60.32 -8.00 -12.95
CA ALA B 104 59.09 -7.28 -13.15
C ALA B 104 58.82 -7.10 -14.65
N ILE B 105 59.85 -6.74 -15.38
CA ILE B 105 59.75 -6.72 -16.85
C ILE B 105 59.21 -8.05 -17.39
N HIS B 106 59.75 -9.18 -16.91
CA HIS B 106 59.38 -10.49 -17.46
C HIS B 106 57.93 -10.87 -17.14
N ALA B 107 57.47 -10.51 -15.94
CA ALA B 107 56.09 -10.76 -15.54
C ALA B 107 55.14 -10.01 -16.47
N HIS B 108 55.42 -8.71 -16.69
CA HIS B 108 54.64 -7.90 -17.59
C HIS B 108 54.64 -8.45 -19.01
N LEU B 109 55.77 -9.04 -19.43
CA LEU B 109 55.90 -9.52 -20.80
C LEU B 109 55.07 -10.77 -21.01
N VAL B 110 54.91 -11.61 -19.96
CA VAL B 110 54.03 -12.75 -20.08
C VAL B 110 52.66 -12.23 -20.43
N ASP B 111 52.20 -11.23 -19.68
CA ASP B 111 50.87 -10.72 -19.92
C ASP B 111 50.78 -10.11 -21.30
N PHE B 112 51.76 -9.28 -21.63
CA PHE B 112 51.74 -8.61 -22.92
C PHE B 112 51.75 -9.62 -24.06
N CYS B 113 52.62 -10.64 -23.96
CA CYS B 113 52.72 -11.63 -25.03
C CYS B 113 51.40 -12.39 -25.16
N ARG B 114 50.78 -12.81 -24.05
CA ARG B 114 49.53 -13.54 -24.15
C ARG B 114 48.43 -12.70 -24.77
N ARG B 115 48.42 -11.40 -24.50
CA ARG B 115 47.33 -10.54 -24.95
C ARG B 115 47.57 -10.05 -26.36
N ASN B 116 48.79 -10.16 -26.87
CA ASN B 116 49.08 -9.58 -28.18
C ASN B 116 49.57 -10.62 -29.17
N ASP B 117 49.43 -11.92 -28.82
CA ASP B 117 49.79 -13.03 -29.71
C ASP B 117 51.25 -12.97 -30.16
N ILE B 118 52.17 -12.82 -29.19
CA ILE B 118 53.59 -12.86 -29.45
C ILE B 118 54.15 -14.05 -28.68
N ASN B 119 55.03 -14.82 -29.38
CA ASN B 119 55.62 -15.93 -28.65
C ASN B 119 57.13 -15.91 -28.66
N THR B 120 57.74 -14.87 -29.25
CA THR B 120 59.20 -14.76 -29.20
C THR B 120 59.52 -13.35 -28.69
N ILE B 121 60.29 -13.32 -27.60
CA ILE B 121 60.83 -12.07 -27.11
C ILE B 121 62.33 -12.10 -27.27
N ASN B 122 62.90 -10.91 -27.41
CA ASN B 122 64.33 -10.75 -27.65
C ASN B 122 64.84 -9.59 -26.80
N ASP B 123 66.06 -9.70 -26.28
CA ASP B 123 66.70 -8.55 -25.68
C ASP B 123 68.09 -8.32 -26.22
N GLY B 124 68.75 -7.28 -25.68
CA GLY B 124 70.07 -6.87 -26.09
C GLY B 124 71.17 -7.37 -25.15
N ILE B 125 70.97 -8.43 -24.37
CA ILE B 125 72.06 -8.89 -23.56
C ILE B 125 73.25 -9.16 -24.48
N THR B 126 74.45 -8.79 -23.99
CA THR B 126 75.72 -8.91 -24.68
C THR B 126 76.71 -9.53 -23.71
N HIS B 127 77.66 -10.29 -24.28
CA HIS B 127 78.77 -10.85 -23.51
C HIS B 127 79.53 -9.77 -22.71
N TYR B 128 79.73 -8.61 -23.33
CA TYR B 128 80.59 -7.59 -22.75
C TYR B 128 79.90 -6.95 -21.56
N GLN B 129 78.63 -7.23 -21.30
CA GLN B 129 77.92 -6.62 -20.16
C GLN B 129 77.52 -7.60 -19.03
N MET B 130 78.29 -8.69 -18.91
CA MET B 130 77.95 -9.75 -17.92
C MET B 130 78.15 -9.28 -16.47
N GLU B 131 78.83 -8.17 -16.23
CA GLU B 131 78.95 -7.70 -14.82
C GLU B 131 77.54 -7.51 -14.22
N PHE B 132 76.63 -6.89 -14.98
CA PHE B 132 75.28 -6.58 -14.46
C PHE B 132 74.49 -7.86 -14.24
N PRO B 133 73.74 -7.98 -13.12
CA PRO B 133 73.02 -9.24 -12.76
C PRO B 133 72.05 -9.70 -13.84
N GLU B 134 71.26 -8.79 -14.40
CA GLU B 134 70.21 -9.17 -15.39
C GLU B 134 70.82 -9.74 -16.69
N GLN B 135 72.11 -9.52 -16.90
CA GLN B 135 72.77 -9.99 -18.13
C GLN B 135 73.74 -11.13 -17.77
N ARG B 136 73.57 -11.73 -16.59
CA ARG B 136 74.43 -12.86 -16.18
C ARG B 136 73.83 -14.16 -16.70
N LEU B 137 74.67 -15.04 -17.26
CA LEU B 137 74.15 -16.32 -17.69
C LEU B 137 73.17 -16.87 -16.66
N VAL B 138 73.45 -16.78 -15.37
CA VAL B 138 72.62 -17.46 -14.40
C VAL B 138 71.23 -16.84 -14.35
N ALA B 139 71.14 -15.51 -14.50
CA ALA B 139 69.87 -14.83 -14.56
C ALA B 139 69.14 -15.14 -15.87
N LYS B 140 69.87 -15.09 -16.97
CA LYS B 140 69.26 -15.32 -18.27
C LYS B 140 68.67 -16.73 -18.31
N THR B 141 69.39 -17.69 -17.77
CA THR B 141 68.97 -19.08 -17.78
C THR B 141 67.68 -19.18 -17.00
N PHE B 142 67.67 -18.59 -15.80
CA PHE B 142 66.45 -18.57 -14.99
C PHE B 142 65.27 -17.97 -15.76
N LEU B 143 65.48 -16.82 -16.39
CA LEU B 143 64.37 -16.13 -17.04
C LEU B 143 63.93 -16.89 -18.30
N MET B 144 64.85 -17.51 -19.05
CA MET B 144 64.49 -18.38 -20.15
C MET B 144 63.53 -19.48 -19.68
N GLU B 145 63.85 -20.13 -18.54
CA GLU B 145 63.02 -21.18 -17.99
C GLU B 145 61.65 -20.61 -17.63
N MET B 146 61.65 -19.46 -16.95
CA MET B 146 60.42 -18.78 -16.60
C MET B 146 59.57 -18.53 -17.84
N MET B 147 60.18 -17.99 -18.91
CA MET B 147 59.38 -17.66 -20.08
C MET B 147 58.88 -18.93 -20.75
N ALA B 148 59.64 -20.00 -20.67
CA ALA B 148 59.23 -21.25 -21.34
C ALA B 148 58.03 -21.88 -20.64
N GLN B 149 57.90 -21.65 -19.33
CA GLN B 149 56.72 -22.14 -18.61
C GLN B 149 55.46 -21.48 -19.15
N TYR B 150 55.55 -20.32 -19.81
CA TYR B 150 54.41 -19.72 -20.46
C TYR B 150 54.49 -19.87 -21.99
N ASP B 151 55.28 -20.83 -22.49
CA ASP B 151 55.38 -21.08 -23.92
C ASP B 151 55.86 -19.87 -24.65
N ILE B 152 56.78 -19.13 -24.02
CA ILE B 152 57.35 -17.96 -24.65
C ILE B 152 58.83 -18.26 -24.87
N ASN B 153 59.26 -17.98 -26.10
CA ASN B 153 60.63 -18.19 -26.50
C ASN B 153 61.40 -16.90 -26.24
N TYR B 154 62.41 -16.97 -25.36
CA TYR B 154 63.26 -15.80 -25.02
C TYR B 154 64.60 -15.93 -25.72
N GLN B 155 64.91 -14.98 -26.59
CA GLN B 155 66.17 -15.04 -27.37
C GLN B 155 67.04 -13.81 -27.10
N SER B 156 68.35 -13.94 -27.27
CA SER B 156 69.27 -12.84 -27.09
C SER B 156 70.15 -12.76 -28.33
N PRO B 157 69.65 -12.11 -29.42
CA PRO B 157 70.31 -12.22 -30.72
C PRO B 157 71.63 -11.45 -30.85
N VAL B 158 72.06 -10.66 -29.84
CA VAL B 158 73.38 -10.04 -30.00
C VAL B 158 74.38 -10.52 -28.95
N TYR B 159 73.98 -11.52 -28.16
CA TYR B 159 74.81 -12.08 -27.09
C TYR B 159 76.21 -12.53 -27.61
N GLU B 160 76.23 -13.46 -28.58
CA GLU B 160 77.49 -14.09 -28.90
C GLU B 160 78.36 -13.17 -29.73
N PHE B 161 77.77 -12.18 -30.41
CA PHE B 161 78.51 -11.37 -31.37
C PHE B 161 79.28 -10.27 -30.63
N ALA B 162 78.65 -9.71 -29.58
CA ALA B 162 79.14 -8.48 -29.01
C ALA B 162 80.23 -8.79 -27.97
N GLN B 163 81.47 -8.82 -28.44
CA GLN B 163 82.60 -9.02 -27.53
C GLN B 163 83.03 -7.70 -26.89
N SER B 164 82.55 -6.56 -27.43
CA SER B 164 82.88 -5.24 -26.91
C SER B 164 81.81 -4.26 -27.40
N ALA B 165 81.70 -3.12 -26.74
CA ALA B 165 80.80 -2.09 -27.21
C ALA B 165 81.19 -1.65 -28.63
N ASP B 166 82.46 -1.69 -28.98
CA ASP B 166 82.87 -1.27 -30.31
C ASP B 166 82.23 -2.09 -31.43
N ASP B 167 82.13 -3.42 -31.22
CA ASP B 167 81.43 -4.28 -32.17
C ASP B 167 80.01 -3.79 -32.46
N VAL B 168 79.27 -3.45 -31.41
CA VAL B 168 77.90 -3.01 -31.58
C VAL B 168 77.85 -1.65 -32.26
N LYS B 169 78.67 -0.72 -31.79
CA LYS B 169 78.64 0.65 -32.31
C LYS B 169 78.74 0.64 -33.84
N TYR B 170 79.73 -0.09 -34.38
CA TYR B 170 80.09 0.11 -35.78
C TYR B 170 79.15 -0.70 -36.68
N ARG B 171 78.44 -1.67 -36.12
CA ARG B 171 77.39 -2.34 -36.91
C ARG B 171 76.20 -1.37 -36.97
N LEU B 172 75.93 -0.61 -35.90
CA LEU B 172 74.90 0.40 -35.98
C LEU B 172 75.27 1.47 -37.02
N LEU B 173 76.51 1.88 -37.02
CA LEU B 173 76.93 2.98 -37.88
C LEU B 173 76.72 2.57 -39.33
N GLN B 174 77.00 1.26 -39.63
CA GLN B 174 76.84 0.76 -40.96
C GLN B 174 75.37 0.79 -41.37
N LEU B 175 74.43 0.80 -40.39
CA LEU B 175 73.02 0.87 -40.70
C LEU B 175 72.56 2.31 -40.86
N GLY B 176 73.44 3.27 -40.76
CA GLY B 176 73.03 4.67 -40.81
C GLY B 176 72.40 5.11 -39.51
N ILE B 177 72.68 4.40 -38.40
CA ILE B 177 72.17 4.73 -37.09
C ILE B 177 73.30 5.17 -36.16
N SER B 178 73.01 6.14 -35.28
CA SER B 178 73.95 6.66 -34.30
C SER B 178 74.43 5.54 -33.37
N THR B 179 75.69 5.72 -32.92
CA THR B 179 76.34 4.68 -32.14
C THR B 179 75.98 4.77 -30.67
N LYS B 180 75.33 5.87 -30.25
CA LYS B 180 75.16 6.14 -28.82
C LYS B 180 74.10 5.25 -28.18
N SER B 181 74.13 5.11 -26.87
CA SER B 181 73.05 4.54 -26.10
C SER B 181 72.11 5.67 -25.69
N LEU B 182 71.02 5.82 -26.45
CA LEU B 182 70.06 6.88 -26.19
C LEU B 182 68.95 6.34 -25.31
N GLU B 183 69.32 6.14 -24.05
CA GLU B 183 68.42 5.52 -23.09
C GLU B 183 68.40 6.42 -21.84
N GLY B 184 67.30 6.22 -21.09
CA GLY B 184 67.13 6.86 -19.80
C GLY B 184 68.07 6.18 -18.79
N ILE B 185 68.27 6.86 -17.62
CA ILE B 185 69.17 6.36 -16.63
C ILE B 185 68.37 6.07 -15.37
N SER B 186 68.54 4.86 -14.86
CA SER B 186 67.95 4.46 -13.61
C SER B 186 68.56 5.30 -12.49
N ILE B 187 67.74 5.72 -11.52
CA ILE B 187 68.28 6.39 -10.37
C ILE B 187 69.17 5.42 -9.59
N PHE B 188 69.02 4.12 -9.85
CA PHE B 188 69.83 3.10 -9.18
C PHE B 188 71.14 2.77 -9.92
N ALA B 189 71.43 3.43 -11.04
CA ALA B 189 72.75 3.38 -11.66
C ALA B 189 73.84 3.65 -10.61
N ASP B 190 74.88 2.82 -10.62
CA ASP B 190 76.07 3.03 -9.81
C ASP B 190 75.68 3.10 -8.34
N SER B 191 74.67 2.30 -7.95
CA SER B 191 74.14 2.29 -6.60
C SER B 191 74.36 0.93 -5.95
N PHE B 192 75.19 0.11 -6.57
CA PHE B 192 75.34 -1.27 -6.16
C PHE B 192 76.78 -1.74 -6.42
N SER B 193 77.24 -2.71 -5.64
CA SER B 193 78.47 -3.46 -5.88
C SER B 193 78.10 -4.82 -6.52
N THR B 194 79.12 -5.60 -6.94
CA THR B 194 78.88 -6.80 -7.73
C THR B 194 78.39 -7.97 -6.87
N PRO B 195 77.24 -8.61 -7.19
CA PRO B 195 76.79 -9.81 -6.49
C PRO B 195 77.33 -11.12 -7.05
N SER B 196 77.45 -12.15 -6.20
CA SER B 196 77.73 -13.50 -6.67
C SER B 196 76.52 -14.09 -7.43
N ASP B 197 76.80 -15.06 -8.31
CA ASP B 197 75.83 -15.94 -8.89
C ASP B 197 74.92 -16.57 -7.83
N ASP B 198 75.45 -17.08 -6.72
CA ASP B 198 74.56 -17.74 -5.77
C ASP B 198 73.49 -16.73 -5.29
N VAL B 199 73.91 -15.47 -5.10
CA VAL B 199 73.00 -14.49 -4.56
C VAL B 199 71.91 -14.10 -5.58
N VAL B 200 72.32 -13.94 -6.84
CA VAL B 200 71.41 -13.65 -7.93
C VAL B 200 70.34 -14.76 -8.09
N LEU B 201 70.73 -16.02 -8.00
CA LEU B 201 69.82 -17.14 -8.13
C LEU B 201 68.87 -17.17 -6.95
N ALA B 202 69.39 -16.93 -5.74
CA ALA B 202 68.57 -17.02 -4.54
C ALA B 202 67.52 -15.92 -4.54
N TYR B 203 67.89 -14.74 -5.02
CA TYR B 203 67.00 -13.59 -5.07
C TYR B 203 65.88 -13.85 -6.07
N LEU B 204 66.28 -14.29 -7.29
CA LEU B 204 65.31 -14.63 -8.31
C LEU B 204 64.32 -15.70 -7.80
N ARG B 205 64.81 -16.70 -7.08
CA ARG B 205 63.93 -17.78 -6.59
C ARG B 205 63.04 -17.29 -5.44
N GLU B 206 63.50 -16.30 -4.67
CA GLU B 206 62.69 -15.77 -3.59
C GLU B 206 61.56 -14.89 -4.13
N LYS B 207 61.81 -14.11 -5.18
CA LYS B 207 60.83 -13.19 -5.73
C LYS B 207 59.96 -13.81 -6.81
N ALA B 208 60.32 -15.01 -7.27
CA ALA B 208 59.57 -15.68 -8.33
C ALA B 208 58.10 -15.84 -7.99
N PRO B 209 57.75 -16.34 -6.78
CA PRO B 209 56.34 -16.46 -6.41
C PRO B 209 55.60 -15.14 -6.61
N LEU B 210 56.20 -14.02 -6.25
CA LEU B 210 55.56 -12.74 -6.45
C LEU B 210 55.34 -12.44 -7.93
N ALA B 211 56.37 -12.72 -8.75
CA ALA B 211 56.24 -12.46 -10.18
C ALA B 211 55.10 -13.27 -10.79
N HIS B 212 55.00 -14.54 -10.43
CA HIS B 212 53.98 -15.44 -11.01
C HIS B 212 52.59 -14.99 -10.57
N ASN B 213 52.52 -14.51 -9.32
CA ASN B 213 51.28 -13.98 -8.78
C ASN B 213 50.84 -12.76 -9.56
N ILE B 214 51.80 -11.88 -9.92
CA ILE B 214 51.51 -10.69 -10.70
C ILE B 214 51.03 -11.09 -12.07
N VAL B 215 51.65 -12.14 -12.65
CA VAL B 215 51.20 -12.64 -13.93
C VAL B 215 49.74 -13.06 -13.85
N ASN B 216 49.38 -13.79 -12.80
CA ASN B 216 48.03 -14.28 -12.65
C ASN B 216 47.03 -13.15 -12.43
N PHE B 217 47.42 -12.12 -11.66
CA PHE B 217 46.58 -10.94 -11.42
C PHE B 217 46.33 -10.26 -12.74
N LEU B 218 47.38 -10.05 -13.53
CA LEU B 218 47.24 -9.31 -14.78
C LEU B 218 46.36 -10.05 -15.78
N ALA B 219 46.23 -11.38 -15.61
CA ALA B 219 45.36 -12.19 -16.46
C ALA B 219 43.94 -12.28 -15.91
N GLY B 220 43.68 -11.70 -14.73
CA GLY B 220 42.37 -11.68 -14.13
C GLY B 220 42.01 -13.04 -13.55
N GLU B 221 42.96 -13.76 -12.94
CA GLU B 221 42.68 -15.10 -12.40
C GLU B 221 42.66 -15.17 -10.86
N THR B 222 43.31 -14.21 -10.19
CA THR B 222 43.35 -14.12 -8.75
C THR B 222 43.54 -12.64 -8.35
N LEU B 223 43.03 -12.33 -7.17
CA LEU B 223 43.37 -11.11 -6.46
C LEU B 223 44.26 -11.42 -5.25
N ASN B 224 44.30 -12.69 -4.84
CA ASN B 224 44.91 -13.06 -3.58
C ASN B 224 46.42 -12.95 -3.70
N PRO B 225 47.15 -12.61 -2.60
CA PRO B 225 48.61 -12.61 -2.61
C PRO B 225 49.19 -14.01 -2.73
N PRO B 226 50.51 -14.17 -2.89
CA PRO B 226 51.09 -15.49 -3.15
C PRO B 226 50.63 -16.64 -2.28
N VAL C 7 32.03 -11.02 -24.09
CA VAL C 7 31.24 -11.43 -22.87
C VAL C 7 30.25 -10.27 -22.67
N LYS C 8 29.15 -10.58 -21.97
CA LYS C 8 28.06 -9.63 -21.72
C LYS C 8 28.49 -8.57 -20.70
N PRO C 9 28.38 -7.26 -21.01
CA PRO C 9 28.72 -6.20 -20.06
C PRO C 9 27.99 -6.31 -18.74
N GLN C 10 28.73 -5.96 -17.69
CA GLN C 10 28.16 -5.82 -16.37
C GLN C 10 28.31 -4.39 -15.92
N LEU C 11 27.54 -4.02 -14.89
CA LEU C 11 27.56 -2.64 -14.40
C LEU C 11 28.34 -2.64 -13.10
N VAL C 12 29.13 -1.56 -12.92
CA VAL C 12 29.82 -1.31 -11.67
C VAL C 12 29.35 0.00 -11.08
N MET C 13 28.93 -0.06 -9.82
CA MET C 13 28.67 1.13 -9.01
C MET C 13 30.01 1.78 -8.69
N PHE C 14 30.30 2.84 -9.40
CA PHE C 14 31.62 3.42 -9.42
C PHE C 14 31.62 4.85 -8.90
N THR C 15 32.43 5.11 -7.88
CA THR C 15 32.54 6.43 -7.27
C THR C 15 33.86 7.10 -7.58
N GLY C 16 34.83 6.34 -8.06
CA GLY C 16 36.19 6.88 -8.18
C GLY C 16 37.09 6.45 -7.00
N GLY C 17 36.49 5.84 -6.01
CA GLY C 17 37.30 5.38 -4.89
C GLY C 17 38.13 4.17 -5.28
N ARG C 18 39.19 3.93 -4.50
CA ARG C 18 40.06 2.79 -4.73
C ARG C 18 39.29 1.52 -5.00
N ASP C 19 38.32 1.22 -4.13
CA ASP C 19 37.75 -0.10 -3.98
C ASP C 19 36.91 -0.37 -5.22
N SER C 20 36.08 0.59 -5.63
CA SER C 20 35.21 0.41 -6.79
C SER C 20 36.03 0.46 -8.07
N THR C 21 37.12 1.22 -8.06
CA THR C 21 38.06 1.26 -9.19
C THR C 21 38.62 -0.15 -9.40
N LEU C 22 39.14 -0.75 -8.34
CA LEU C 22 39.70 -2.08 -8.43
C LEU C 22 38.62 -3.08 -8.84
N ALA C 23 37.40 -2.94 -8.34
CA ALA C 23 36.37 -3.88 -8.70
C ALA C 23 36.12 -3.85 -10.19
N ALA C 24 35.99 -2.65 -10.74
CA ALA C 24 35.76 -2.52 -12.16
C ALA C 24 36.96 -3.08 -12.94
N CYS C 25 38.17 -2.73 -12.51
CA CYS C 25 39.40 -3.15 -13.18
C CYS C 25 39.53 -4.67 -13.19
N TYR C 26 39.21 -5.32 -12.06
CA TYR C 26 39.40 -6.76 -11.95
C TYR C 26 38.41 -7.47 -12.87
N LEU C 27 37.19 -6.94 -12.98
CA LEU C 27 36.25 -7.49 -13.95
C LEU C 27 36.84 -7.37 -15.35
N MET C 28 37.42 -6.21 -15.69
CA MET C 28 37.84 -5.99 -17.05
C MET C 28 39.05 -6.85 -17.39
N LEU C 29 39.85 -7.17 -16.38
CA LEU C 29 41.02 -7.98 -16.58
C LEU C 29 40.59 -9.39 -17.00
N GLN C 30 39.37 -9.79 -16.63
CA GLN C 30 38.85 -11.11 -16.91
C GLN C 30 38.17 -11.11 -18.27
N GLY C 31 38.18 -9.99 -18.98
CA GLY C 31 37.51 -9.88 -20.26
C GLY C 31 36.09 -9.34 -20.16
N ILE C 32 35.63 -8.94 -18.95
CA ILE C 32 34.24 -8.53 -18.76
C ILE C 32 34.14 -7.03 -18.99
N PRO C 33 33.42 -6.57 -20.03
CA PRO C 33 33.21 -5.15 -20.23
C PRO C 33 32.36 -4.58 -19.12
N VAL C 34 32.70 -3.37 -18.64
CA VAL C 34 31.95 -2.78 -17.55
C VAL C 34 31.35 -1.45 -17.99
N HIS C 35 30.06 -1.27 -17.61
CA HIS C 35 29.40 0.03 -17.62
C HIS C 35 29.60 0.67 -16.25
N LEU C 36 30.38 1.75 -16.20
CA LEU C 36 30.62 2.50 -14.97
C LEU C 36 29.39 3.35 -14.69
N TRP C 37 28.83 3.22 -13.50
CA TRP C 37 27.61 3.90 -13.13
C TRP C 37 27.84 4.62 -11.81
N SER C 38 27.61 5.95 -11.82
CA SER C 38 27.85 6.82 -10.68
C SER C 38 26.54 7.52 -10.38
N GLY C 39 26.06 7.35 -9.16
CA GLY C 39 24.90 8.03 -8.65
C GLY C 39 25.29 9.39 -8.06
N ASN C 40 24.59 10.42 -8.51
CA ASN C 40 24.72 11.78 -7.91
C ASN C 40 23.51 12.00 -7.00
N SER C 41 23.71 12.06 -5.68
CA SER C 41 22.62 12.20 -4.69
C SER C 41 22.26 13.67 -4.48
N GLY C 42 23.04 14.60 -5.01
CA GLY C 42 22.77 16.04 -4.89
C GLY C 42 23.49 16.68 -3.72
N CYS C 43 24.22 15.89 -2.96
CA CYS C 43 24.88 16.40 -1.71
C CYS C 43 26.35 15.99 -1.75
N SER C 44 26.90 15.89 -2.95
CA SER C 44 28.33 15.50 -3.10
C SER C 44 29.15 16.71 -3.53
N LEU C 45 30.31 16.89 -2.90
CA LEU C 45 31.18 18.02 -3.18
C LEU C 45 32.42 17.57 -3.94
N HIS C 46 33.01 18.51 -4.68
CA HIS C 46 34.33 18.27 -5.34
C HIS C 46 34.39 16.93 -6.06
N ARG C 47 33.54 16.76 -7.07
CA ARG C 47 33.46 15.47 -7.80
C ARG C 47 34.19 15.60 -9.14
N GLY C 48 34.76 16.78 -9.42
CA GLY C 48 35.56 16.96 -10.61
C GLY C 48 36.69 15.95 -10.79
N ILE C 49 37.30 15.48 -9.70
CA ILE C 49 38.47 14.62 -9.84
C ILE C 49 38.09 13.24 -10.37
N LEU C 50 36.83 12.91 -10.31
CA LEU C 50 36.39 11.62 -10.80
C LEU C 50 36.84 11.42 -12.24
N SER C 51 36.77 12.48 -13.07
CA SER C 51 37.10 12.33 -14.49
C SER C 51 38.57 11.91 -14.67
N HIS C 52 39.48 12.32 -13.78
CA HIS C 52 40.84 11.86 -13.86
C HIS C 52 40.91 10.34 -13.73
N ARG C 53 40.11 9.76 -12.84
CA ARG C 53 40.17 8.29 -12.62
C ARG C 53 39.57 7.56 -13.83
N VAL C 54 38.49 8.08 -14.37
CA VAL C 54 37.89 7.47 -15.53
C VAL C 54 38.93 7.44 -16.64
N GLU C 55 39.69 8.52 -16.78
CA GLU C 55 40.72 8.62 -17.82
C GLU C 55 41.74 7.51 -17.60
N GLU C 56 42.19 7.34 -16.35
CA GLU C 56 43.18 6.31 -16.06
C GLU C 56 42.67 4.94 -16.52
N MET C 57 41.37 4.68 -16.30
CA MET C 57 40.80 3.38 -16.56
C MET C 57 40.63 3.15 -18.06
N LYS C 58 40.17 4.16 -18.80
CA LYS C 58 40.09 4.11 -20.26
C LYS C 58 41.49 3.87 -20.86
N ASN C 59 42.51 4.51 -20.29
CA ASN C 59 43.88 4.39 -20.75
C ASN C 59 44.35 2.94 -20.62
N ARG C 60 43.98 2.30 -19.52
CA ARG C 60 44.51 1.00 -19.18
C ARG C 60 43.68 -0.16 -19.79
N PHE C 61 42.41 0.06 -20.15
CA PHE C 61 41.56 -1.04 -20.56
C PHE C 61 40.79 -0.79 -21.87
N GLY C 62 40.80 0.43 -22.39
CA GLY C 62 40.18 0.73 -23.67
C GLY C 62 38.67 0.47 -23.73
N ASP C 63 38.23 -0.16 -24.81
CA ASP C 63 36.84 -0.51 -25.07
C ASP C 63 36.21 -1.35 -23.98
N LEU C 64 36.97 -1.98 -23.09
CA LEU C 64 36.34 -2.70 -22.00
C LEU C 64 35.55 -1.78 -21.06
N VAL C 65 35.86 -0.47 -21.08
CA VAL C 65 35.03 0.53 -20.45
C VAL C 65 33.95 0.92 -21.46
N VAL C 66 32.73 0.41 -21.32
CA VAL C 66 31.79 0.61 -22.40
C VAL C 66 31.09 1.95 -22.24
N GLY C 67 31.20 2.55 -21.06
CA GLY C 67 30.57 3.85 -20.85
C GLY C 67 30.55 4.23 -19.36
N HIS C 68 30.29 5.53 -19.15
CA HIS C 68 30.19 6.11 -17.82
C HIS C 68 28.89 6.89 -17.70
N THR C 69 27.94 6.38 -16.92
CA THR C 69 26.69 7.08 -16.65
C THR C 69 26.75 7.74 -15.29
N VAL C 70 26.43 9.04 -15.26
CA VAL C 70 26.25 9.81 -14.05
C VAL C 70 24.76 10.07 -13.92
N ALA C 71 24.12 9.47 -12.94
CA ALA C 71 22.65 9.54 -12.82
C ALA C 71 22.25 10.47 -11.70
N ASP C 72 21.21 11.28 -11.96
CA ASP C 72 20.66 12.13 -10.92
C ASP C 72 19.70 11.27 -10.13
N ILE C 73 20.06 10.94 -8.88
CA ILE C 73 19.24 10.12 -8.01
C ILE C 73 18.76 10.95 -6.82
N SER C 74 18.86 12.29 -6.94
CA SER C 74 18.59 13.15 -5.80
C SER C 74 17.15 13.01 -5.31
N GLY C 75 16.22 12.74 -6.22
CA GLY C 75 14.82 12.63 -5.89
C GLY C 75 14.55 11.41 -5.04
N ALA C 76 15.03 10.22 -5.50
CA ALA C 76 14.89 9.01 -4.72
C ALA C 76 15.62 9.12 -3.37
N PHE C 77 16.79 9.72 -3.38
CA PHE C 77 17.59 9.89 -2.18
C PHE C 77 16.81 10.74 -1.18
N ARG C 78 16.33 11.88 -1.64
CA ARG C 78 15.53 12.75 -0.81
C ARG C 78 14.39 11.96 -0.20
N SER C 79 13.58 11.25 -1.02
CA SER C 79 12.39 10.57 -0.55
C SER C 79 12.72 9.51 0.50
N ILE C 80 13.79 8.74 0.30
CA ILE C 80 14.13 7.63 1.16
C ILE C 80 14.78 8.10 2.45
N ALA C 81 15.69 9.09 2.34
CA ALA C 81 16.65 9.35 3.41
C ALA C 81 16.52 10.68 4.08
N ILE C 82 15.94 11.70 3.39
CA ILE C 82 15.97 13.07 3.88
C ILE C 82 14.58 13.54 4.35
N GLU C 83 13.52 13.19 3.61
CA GLU C 83 12.19 13.71 3.88
C GLU C 83 11.74 13.38 5.31
N ALA C 84 12.09 12.22 5.86
CA ALA C 84 11.71 11.83 7.20
C ALA C 84 12.92 11.78 8.15
N LEU C 85 13.92 12.63 7.90
CA LEU C 85 15.14 12.61 8.68
C LEU C 85 14.86 12.84 10.17
N GLU C 86 13.97 13.74 10.56
CA GLU C 86 13.66 13.91 11.98
C GLU C 86 13.20 12.57 12.59
N GLN C 87 12.20 11.93 12.01
CA GLN C 87 11.63 10.70 12.53
C GLN C 87 12.70 9.61 12.53
N ASP C 88 13.47 9.52 11.43
CA ASP C 88 14.51 8.51 11.29
C ASP C 88 15.52 8.61 12.44
N ILE C 89 16.05 9.81 12.71
CA ILE C 89 17.08 9.98 13.74
C ILE C 89 16.49 9.81 15.13
N LEU C 90 15.22 10.25 15.37
CA LEU C 90 14.64 10.09 16.69
C LEU C 90 14.40 8.61 16.98
N LYS C 91 14.05 7.83 15.96
CA LYS C 91 13.81 6.41 16.16
C LYS C 91 15.14 5.62 16.31
N TYR C 92 16.05 5.76 15.35
CA TYR C 92 17.24 4.89 15.34
C TYR C 92 18.39 5.47 16.18
N ARG C 93 18.32 6.76 16.48
CA ARG C 93 19.36 7.46 17.27
C ARG C 93 20.66 7.48 16.45
N LYS C 94 20.54 7.37 15.14
CA LYS C 94 21.70 7.37 14.25
C LYS C 94 21.33 7.95 12.88
N ASN C 95 22.28 8.67 12.30
CA ASN C 95 22.10 9.30 11.00
C ASN C 95 22.48 8.24 9.96
N LEU C 96 21.43 7.73 9.29
CA LEU C 96 21.63 6.62 8.36
C LEU C 96 21.45 7.07 6.90
N VAL C 97 21.58 8.37 6.68
CA VAL C 97 21.39 8.92 5.35
C VAL C 97 22.21 8.17 4.28
N LEU C 98 23.45 7.78 4.58
CA LEU C 98 24.29 7.15 3.55
C LEU C 98 23.82 5.71 3.28
N LEU C 99 23.10 5.10 4.22
CA LEU C 99 22.49 3.80 3.98
C LEU C 99 21.27 3.98 3.06
N GLY C 100 20.46 4.97 3.37
CA GLY C 100 19.42 5.44 2.49
C GLY C 100 19.94 5.68 1.07
N GLU C 101 21.10 6.31 0.94
CA GLU C 101 21.60 6.61 -0.41
C GLU C 101 21.83 5.29 -1.16
N LYS C 102 22.36 4.28 -0.45
CA LYS C 102 22.66 3.02 -1.09
C LYS C 102 21.37 2.34 -1.54
N LEU C 103 20.30 2.45 -0.75
CA LEU C 103 19.06 1.87 -1.16
C LEU C 103 18.52 2.60 -2.39
N ALA C 104 18.68 3.93 -2.43
CA ALA C 104 18.22 4.72 -3.55
C ALA C 104 19.01 4.33 -4.80
N ILE C 105 20.32 4.16 -4.66
CA ILE C 105 21.13 3.65 -5.76
C ILE C 105 20.56 2.35 -6.30
N HIS C 106 20.21 1.41 -5.42
CA HIS C 106 19.77 0.08 -5.87
C HIS C 106 18.38 0.14 -6.56
N ALA C 107 17.48 1.03 -6.08
CA ALA C 107 16.18 1.23 -6.71
C ALA C 107 16.38 1.75 -8.12
N HIS C 108 17.21 2.78 -8.28
CA HIS C 108 17.52 3.30 -9.61
C HIS C 108 18.16 2.23 -10.51
N LEU C 109 18.94 1.34 -9.93
CA LEU C 109 19.67 0.35 -10.72
C LEU C 109 18.75 -0.72 -11.27
N VAL C 110 17.66 -1.01 -10.54
CA VAL C 110 16.64 -1.89 -11.08
C VAL C 110 16.15 -1.28 -12.38
N ASP C 111 15.81 -0.01 -12.33
CA ASP C 111 15.28 0.63 -13.52
C ASP C 111 16.34 0.64 -14.64
N PHE C 112 17.55 1.05 -14.25
CA PHE C 112 18.61 1.15 -15.23
C PHE C 112 18.87 -0.21 -15.88
N CYS C 113 18.97 -1.26 -15.07
CA CYS C 113 19.26 -2.60 -15.58
C CYS C 113 18.15 -3.07 -16.50
N ARG C 114 16.89 -2.88 -16.14
CA ARG C 114 15.80 -3.34 -16.99
C ARG C 114 15.80 -2.60 -18.33
N ARG C 115 16.15 -1.32 -18.34
CA ARG C 115 16.04 -0.54 -19.56
C ARG C 115 17.31 -0.67 -20.40
N ASN C 116 18.40 -1.19 -19.85
CA ASN C 116 19.65 -1.21 -20.59
C ASN C 116 20.18 -2.65 -20.76
N ASP C 117 19.37 -3.64 -20.46
CA ASP C 117 19.71 -5.04 -20.66
C ASP C 117 20.98 -5.45 -19.91
N ILE C 118 21.03 -5.15 -18.60
CA ILE C 118 22.14 -5.56 -17.75
C ILE C 118 21.55 -6.42 -16.65
N ASN C 119 22.18 -7.52 -16.26
CA ASN C 119 21.62 -8.30 -15.18
C ASN C 119 22.64 -8.60 -14.09
N THR C 120 23.84 -8.04 -14.17
CA THR C 120 24.85 -8.22 -13.14
C THR C 120 25.35 -6.84 -12.74
N ILE C 121 25.21 -6.52 -11.45
CA ILE C 121 25.74 -5.30 -10.92
C ILE C 121 26.82 -5.65 -9.90
N ASN C 122 27.79 -4.74 -9.75
CA ASN C 122 28.94 -4.97 -8.91
C ASN C 122 29.26 -3.69 -8.17
N ASP C 123 29.75 -3.81 -6.93
CA ASP C 123 30.23 -2.62 -6.24
C ASP C 123 31.59 -2.87 -5.60
N GLY C 124 32.11 -1.84 -4.92
CA GLY C 124 33.44 -1.90 -4.29
C GLY C 124 33.38 -2.17 -2.79
N ILE C 125 32.27 -2.66 -2.26
CA ILE C 125 32.27 -2.83 -0.81
C ILE C 125 33.42 -3.76 -0.43
N THR C 126 34.08 -3.46 0.70
CA THR C 126 35.27 -4.13 1.21
C THR C 126 35.08 -4.47 2.69
N HIS C 127 35.65 -5.58 3.10
CA HIS C 127 35.70 -6.02 4.50
C HIS C 127 36.24 -4.92 5.41
N TYR C 128 37.27 -4.20 4.97
CA TYR C 128 37.94 -3.24 5.83
C TYR C 128 37.06 -2.05 6.09
N GLN C 129 35.92 -1.92 5.40
CA GLN C 129 35.03 -0.79 5.63
C GLN C 129 33.68 -1.19 6.24
N MET C 130 33.70 -2.21 7.07
CA MET C 130 32.56 -2.79 7.78
C MET C 130 31.92 -1.82 8.75
N GLU C 131 32.60 -0.78 9.22
CA GLU C 131 31.99 0.25 10.09
C GLU C 131 30.83 0.98 9.38
N PHE C 132 30.83 1.06 8.05
CA PHE C 132 29.88 1.86 7.30
C PHE C 132 28.69 0.97 6.99
N PRO C 133 27.44 1.46 7.27
CA PRO C 133 26.27 0.59 7.28
C PRO C 133 26.02 -0.10 5.94
N GLU C 134 26.33 0.60 4.83
CA GLU C 134 26.04 0.05 3.53
C GLU C 134 27.01 -1.06 3.15
N GLN C 135 28.05 -1.27 3.96
CA GLN C 135 29.12 -2.20 3.64
C GLN C 135 29.07 -3.38 4.60
N ARG C 136 28.07 -3.40 5.48
CA ARG C 136 27.90 -4.51 6.39
C ARG C 136 27.35 -5.74 5.69
N LEU C 137 27.80 -6.93 6.12
CA LEU C 137 27.23 -8.17 5.59
C LEU C 137 25.70 -8.13 5.65
N VAL C 138 25.11 -7.59 6.72
CA VAL C 138 23.67 -7.65 6.85
C VAL C 138 23.00 -6.77 5.78
N ALA C 139 23.60 -5.64 5.44
CA ALA C 139 23.13 -4.80 4.33
C ALA C 139 23.31 -5.47 2.99
N LYS C 140 24.49 -6.05 2.76
CA LYS C 140 24.80 -6.68 1.49
C LYS C 140 23.79 -7.82 1.23
N THR C 141 23.49 -8.58 2.29
CA THR C 141 22.62 -9.73 2.15
C THR C 141 21.26 -9.20 1.76
N PHE C 142 20.78 -8.18 2.48
CA PHE C 142 19.48 -7.60 2.16
C PHE C 142 19.44 -7.12 0.70
N LEU C 143 20.47 -6.39 0.24
CA LEU C 143 20.40 -5.83 -1.09
C LEU C 143 20.53 -6.94 -2.16
N MET C 144 21.25 -8.01 -1.86
CA MET C 144 21.32 -9.14 -2.81
C MET C 144 19.92 -9.77 -2.96
N GLU C 145 19.19 -9.90 -1.87
CA GLU C 145 17.84 -10.45 -1.92
C GLU C 145 16.95 -9.52 -2.74
N MET C 146 17.06 -8.21 -2.44
CA MET C 146 16.29 -7.22 -3.17
C MET C 146 16.59 -7.29 -4.66
N MET C 147 17.86 -7.38 -5.05
CA MET C 147 18.18 -7.37 -6.46
C MET C 147 17.69 -8.68 -7.10
N ALA C 148 17.68 -9.78 -6.35
CA ALA C 148 17.28 -11.06 -6.94
C ALA C 148 15.77 -11.09 -7.21
N GLN C 149 14.98 -10.32 -6.45
CA GLN C 149 13.56 -10.18 -6.73
C GLN C 149 13.34 -9.59 -8.13
N TYR C 150 14.32 -8.84 -8.66
CA TYR C 150 14.23 -8.34 -10.03
C TYR C 150 15.15 -9.11 -10.98
N ASP C 151 15.57 -10.34 -10.61
CA ASP C 151 16.43 -11.17 -11.44
C ASP C 151 17.73 -10.46 -11.78
N ILE C 152 18.27 -9.75 -10.80
CA ILE C 152 19.53 -9.07 -10.95
C ILE C 152 20.52 -9.72 -10.00
N ASN C 153 21.69 -10.01 -10.54
CA ASN C 153 22.79 -10.59 -9.80
C ASN C 153 23.66 -9.46 -9.24
N TYR C 154 23.78 -9.38 -7.92
CA TYR C 154 24.54 -8.34 -7.27
C TYR C 154 25.78 -8.96 -6.62
N GLN C 155 26.97 -8.61 -7.16
CA GLN C 155 28.21 -9.12 -6.63
C GLN C 155 29.04 -8.01 -6.04
N SER C 156 29.99 -8.40 -5.22
CA SER C 156 30.94 -7.48 -4.60
C SER C 156 32.33 -8.03 -4.77
N PRO C 157 32.96 -7.85 -5.95
CA PRO C 157 34.12 -8.68 -6.33
C PRO C 157 35.40 -8.38 -5.58
N VAL C 158 35.46 -7.34 -4.74
CA VAL C 158 36.68 -7.11 -3.96
C VAL C 158 36.43 -7.22 -2.45
N TYR C 159 35.22 -7.61 -2.06
CA TYR C 159 34.83 -7.73 -0.65
C TYR C 159 35.77 -8.64 0.15
N GLU C 160 35.92 -9.91 -0.27
CA GLU C 160 36.59 -10.88 0.56
C GLU C 160 38.09 -10.60 0.58
N PHE C 161 38.62 -9.99 -0.50
CA PHE C 161 40.05 -9.89 -0.69
C PHE C 161 40.61 -8.72 0.12
N ALA C 162 39.84 -7.62 0.20
CA ALA C 162 40.37 -6.38 0.72
C ALA C 162 40.27 -6.40 2.23
N GLN C 163 41.33 -6.94 2.87
CA GLN C 163 41.41 -6.94 4.31
C GLN C 163 41.92 -5.60 4.84
N SER C 164 42.44 -4.73 3.94
CA SER C 164 42.93 -3.42 4.28
C SER C 164 42.96 -2.57 3.03
N ALA C 165 43.02 -1.25 3.20
CA ALA C 165 43.15 -0.37 2.05
C ALA C 165 44.47 -0.71 1.31
N ASP C 166 45.50 -1.15 2.01
CA ASP C 166 46.76 -1.44 1.38
C ASP C 166 46.66 -2.54 0.33
N ASP C 167 45.85 -3.59 0.59
CA ASP C 167 45.57 -4.62 -0.39
C ASP C 167 45.10 -4.04 -1.72
N VAL C 168 44.12 -3.14 -1.62
CA VAL C 168 43.58 -2.54 -2.83
C VAL C 168 44.62 -1.65 -3.51
N LYS C 169 45.29 -0.80 -2.74
CA LYS C 169 46.21 0.18 -3.28
C LYS C 169 47.24 -0.48 -4.21
N TYR C 170 47.85 -1.57 -3.76
CA TYR C 170 49.04 -2.05 -4.45
C TYR C 170 48.64 -2.93 -5.63
N ARG C 171 47.39 -3.36 -5.69
CA ARG C 171 46.90 -4.08 -6.88
C ARG C 171 46.60 -3.00 -7.91
N LEU C 172 46.10 -1.85 -7.45
CA LEU C 172 45.91 -0.75 -8.40
C LEU C 172 47.24 -0.29 -8.99
N LEU C 173 48.26 -0.22 -8.13
CA LEU C 173 49.53 0.29 -8.57
C LEU C 173 50.10 -0.64 -9.64
N GLN C 174 49.88 -1.95 -9.46
CA GLN C 174 50.33 -2.93 -10.42
C GLN C 174 49.63 -2.75 -11.76
N LEU C 175 48.43 -2.13 -11.76
CA LEU C 175 47.72 -1.88 -13.00
C LEU C 175 48.17 -0.58 -13.66
N GLY C 176 49.14 0.10 -13.09
CA GLY C 176 49.51 1.40 -13.64
C GLY C 176 48.49 2.49 -13.27
N ILE C 177 47.70 2.27 -12.21
CA ILE C 177 46.72 3.22 -11.75
C ILE C 177 47.09 3.76 -10.39
N SER C 178 46.76 5.05 -10.16
CA SER C 178 46.98 5.71 -8.88
C SER C 178 46.24 4.98 -7.74
N THR C 179 46.82 5.02 -6.56
CA THR C 179 46.32 4.32 -5.40
C THR C 179 45.27 5.16 -4.69
N LYS C 180 45.10 6.44 -5.05
CA LYS C 180 44.23 7.35 -4.30
C LYS C 180 42.75 7.08 -4.57
N SER C 181 41.87 7.52 -3.68
CA SER C 181 40.43 7.51 -3.95
C SER C 181 40.07 8.83 -4.58
N LEU C 182 39.95 8.83 -5.90
CA LEU C 182 39.64 10.07 -6.64
C LEU C 182 38.12 10.13 -6.76
N GLU C 183 37.48 10.32 -5.61
CA GLU C 183 36.01 10.36 -5.55
C GLU C 183 35.54 11.69 -4.95
N GLY C 184 34.26 11.97 -5.07
CA GLY C 184 33.68 13.15 -4.42
C GLY C 184 33.49 12.91 -2.94
N ILE C 185 33.04 13.92 -2.21
CA ILE C 185 32.94 13.83 -0.76
C ILE C 185 31.47 14.14 -0.47
N SER C 186 30.80 13.24 0.23
CA SER C 186 29.45 13.54 0.68
C SER C 186 29.52 14.63 1.74
N ILE C 187 28.56 15.54 1.71
CA ILE C 187 28.51 16.55 2.77
C ILE C 187 28.21 15.84 4.11
N PHE C 188 27.72 14.60 4.06
CA PHE C 188 27.44 13.82 5.26
C PHE C 188 28.63 13.02 5.78
N ALA C 189 29.78 13.07 5.10
CA ALA C 189 31.03 12.58 5.67
C ALA C 189 31.22 13.05 7.11
N ASP C 190 31.60 12.10 7.98
CA ASP C 190 31.99 12.38 9.35
C ASP C 190 30.82 13.05 10.07
N SER C 191 29.58 12.67 9.73
CA SER C 191 28.40 13.32 10.26
C SER C 191 27.55 12.32 11.03
N PHE C 192 28.14 11.20 11.40
CA PHE C 192 27.36 10.10 11.96
C PHE C 192 28.20 9.27 12.92
N SER C 193 27.54 8.63 13.89
CA SER C 193 28.16 7.66 14.77
C SER C 193 27.87 6.23 14.25
N THR C 194 28.52 5.22 14.83
CA THR C 194 28.39 3.85 14.30
C THR C 194 27.07 3.21 14.73
N PRO C 195 26.21 2.71 13.80
CA PRO C 195 25.04 1.94 14.12
C PRO C 195 25.26 0.46 14.35
N SER C 196 24.36 -0.17 15.10
CA SER C 196 24.29 -1.63 15.21
C SER C 196 23.77 -2.24 13.90
N ASP C 197 24.13 -3.52 13.71
CA ASP C 197 23.52 -4.38 12.73
C ASP C 197 21.99 -4.36 12.84
N ASP C 198 21.40 -4.46 14.02
CA ASP C 198 19.94 -4.49 14.12
C ASP C 198 19.37 -3.22 13.50
N VAL C 199 20.02 -2.09 13.72
CA VAL C 199 19.49 -0.82 13.25
C VAL C 199 19.58 -0.71 11.73
N VAL C 200 20.69 -1.16 11.16
CA VAL C 200 20.90 -1.18 9.72
C VAL C 200 19.82 -2.02 9.04
N LEU C 201 19.54 -3.22 9.57
CA LEU C 201 18.54 -4.11 9.01
C LEU C 201 17.15 -3.49 9.12
N ALA C 202 16.84 -2.89 10.28
CA ALA C 202 15.51 -2.37 10.53
C ALA C 202 15.24 -1.18 9.62
N TYR C 203 16.28 -0.36 9.37
CA TYR C 203 16.12 0.82 8.53
C TYR C 203 15.89 0.40 7.08
N LEU C 204 16.71 -0.55 6.60
CA LEU C 204 16.51 -1.07 5.26
C LEU C 204 15.12 -1.65 5.09
N ARG C 205 14.63 -2.42 6.08
CA ARG C 205 13.31 -3.03 5.99
C ARG C 205 12.23 -1.95 6.01
N GLU C 206 12.43 -0.86 6.78
CA GLU C 206 11.41 0.14 6.85
C GLU C 206 11.31 0.93 5.55
N LYS C 207 12.45 1.22 4.89
CA LYS C 207 12.46 2.06 3.70
C LYS C 207 12.24 1.23 2.42
N ALA C 208 12.33 -0.11 2.52
CA ALA C 208 12.20 -0.94 1.35
C ALA C 208 10.87 -0.69 0.60
N PRO C 209 9.71 -0.68 1.24
CA PRO C 209 8.46 -0.38 0.55
C PRO C 209 8.56 0.89 -0.29
N LEU C 210 9.19 1.93 0.25
CA LEU C 210 9.34 3.16 -0.52
C LEU C 210 10.23 2.94 -1.74
N ALA C 211 11.34 2.21 -1.55
CA ALA C 211 12.23 1.94 -2.66
C ALA C 211 11.52 1.17 -3.77
N HIS C 212 10.74 0.18 -3.44
CA HIS C 212 10.02 -0.64 -4.43
C HIS C 212 8.98 0.19 -5.16
N ASN C 213 8.37 1.12 -4.43
CA ASN C 213 7.40 2.03 -5.00
C ASN C 213 8.09 2.93 -6.05
N ILE C 214 9.30 3.40 -5.72
CA ILE C 214 10.06 4.24 -6.63
C ILE C 214 10.43 3.41 -7.86
N VAL C 215 10.80 2.15 -7.66
CA VAL C 215 11.08 1.25 -8.77
C VAL C 215 9.88 1.14 -9.70
N ASN C 216 8.69 0.96 -9.13
CA ASN C 216 7.48 0.83 -9.93
C ASN C 216 7.18 2.11 -10.69
N PHE C 217 7.37 3.25 -10.04
CA PHE C 217 7.11 4.54 -10.66
C PHE C 217 8.05 4.72 -11.85
N LEU C 218 9.32 4.43 -11.64
CA LEU C 218 10.31 4.61 -12.72
C LEU C 218 10.01 3.70 -13.92
N ALA C 219 9.31 2.59 -13.69
CA ALA C 219 8.94 1.66 -14.75
C ALA C 219 7.60 1.98 -15.41
N GLY C 220 6.82 3.02 -15.04
CA GLY C 220 5.44 3.15 -15.52
C GLY C 220 4.67 1.83 -15.58
N VAL D 7 12.22 25.00 -82.17
CA VAL D 7 13.16 24.56 -81.10
C VAL D 7 14.57 24.88 -81.57
N LYS D 8 14.85 24.86 -82.87
CA LYS D 8 16.20 25.19 -83.36
C LYS D 8 16.46 26.71 -83.31
N PRO D 9 17.53 27.19 -82.64
CA PRO D 9 17.87 28.58 -82.62
C PRO D 9 17.98 29.21 -83.99
N GLN D 10 17.55 30.49 -84.02
CA GLN D 10 17.93 31.37 -85.13
C GLN D 10 18.80 32.49 -84.59
N LEU D 11 19.45 33.20 -85.51
CA LEU D 11 20.38 34.26 -85.14
C LEU D 11 19.69 35.59 -85.39
N VAL D 12 19.92 36.53 -84.45
CA VAL D 12 19.48 37.90 -84.64
C VAL D 12 20.69 38.83 -84.66
N MET D 13 20.76 39.64 -85.70
CA MET D 13 21.70 40.73 -85.81
C MET D 13 21.27 41.81 -84.82
N PHE D 14 21.97 41.88 -83.69
CA PHE D 14 21.51 42.64 -82.56
C PHE D 14 22.49 43.74 -82.18
N THR D 15 21.99 44.97 -82.13
CA THR D 15 22.81 46.14 -81.82
C THR D 15 22.47 46.70 -80.43
N GLY D 16 21.33 46.31 -79.86
CA GLY D 16 20.80 46.96 -78.67
C GLY D 16 19.73 47.99 -79.00
N GLY D 17 19.56 48.32 -80.29
CA GLY D 17 18.53 49.26 -80.67
C GLY D 17 17.13 48.68 -80.44
N ARG D 18 16.12 49.52 -80.47
CA ARG D 18 14.76 49.03 -80.19
C ARG D 18 14.27 48.11 -81.31
N ASP D 19 14.77 48.28 -82.52
CA ASP D 19 14.21 47.54 -83.62
C ASP D 19 14.68 46.09 -83.55
N SER D 20 15.98 45.91 -83.35
CA SER D 20 16.55 44.57 -83.30
C SER D 20 16.17 43.88 -81.99
N THR D 21 15.97 44.69 -80.92
CA THR D 21 15.49 44.17 -79.64
C THR D 21 14.11 43.54 -79.86
N LEU D 22 13.22 44.30 -80.49
CA LEU D 22 11.87 43.81 -80.73
C LEU D 22 11.92 42.58 -81.62
N ALA D 23 12.79 42.58 -82.63
CA ALA D 23 12.85 41.44 -83.54
C ALA D 23 13.19 40.18 -82.75
N ALA D 24 14.21 40.27 -81.91
CA ALA D 24 14.61 39.13 -81.13
C ALA D 24 13.49 38.71 -80.17
N CYS D 25 12.87 39.68 -79.49
CA CYS D 25 11.82 39.40 -78.51
C CYS D 25 10.62 38.73 -79.17
N TYR D 26 10.24 39.19 -80.37
CA TYR D 26 9.07 38.64 -81.00
C TYR D 26 9.31 37.20 -81.41
N LEU D 27 10.52 36.90 -81.87
CA LEU D 27 10.89 35.52 -82.16
C LEU D 27 10.76 34.69 -80.89
N MET D 28 11.24 35.21 -79.75
CA MET D 28 11.29 34.38 -78.56
C MET D 28 9.89 34.15 -78.00
N LEU D 29 8.99 35.10 -78.26
CA LEU D 29 7.62 34.96 -77.80
C LEU D 29 6.95 33.79 -78.52
N GLN D 30 7.45 33.44 -79.71
CA GLN D 30 6.89 32.37 -80.50
C GLN D 30 7.51 31.03 -80.13
N GLY D 31 8.42 31.03 -79.17
CA GLY D 31 9.14 29.82 -78.80
C GLY D 31 10.46 29.64 -79.56
N ILE D 32 10.89 30.62 -80.35
CA ILE D 32 12.12 30.48 -81.14
C ILE D 32 13.30 30.99 -80.33
N PRO D 33 14.25 30.13 -79.92
CA PRO D 33 15.47 30.57 -79.25
C PRO D 33 16.31 31.44 -80.19
N VAL D 34 16.88 32.53 -79.67
CA VAL D 34 17.69 33.39 -80.51
C VAL D 34 19.11 33.49 -79.98
N HIS D 35 20.05 33.37 -80.92
CA HIS D 35 21.46 33.66 -80.71
C HIS D 35 21.68 35.12 -81.14
N LEU D 36 21.93 35.99 -80.16
CA LEU D 36 22.17 37.41 -80.40
C LEU D 36 23.60 37.57 -80.92
N TRP D 37 23.73 38.24 -82.06
CA TRP D 37 25.01 38.44 -82.71
C TRP D 37 25.23 39.92 -82.96
N SER D 38 26.35 40.45 -82.44
CA SER D 38 26.70 41.86 -82.51
C SER D 38 28.06 41.99 -83.17
N GLY D 39 28.10 42.75 -84.26
CA GLY D 39 29.37 43.03 -84.92
C GLY D 39 30.06 44.26 -84.35
N ASN D 40 31.29 44.11 -83.87
CA ASN D 40 32.18 45.22 -83.58
C ASN D 40 33.13 45.50 -84.74
N SER D 41 32.91 46.63 -85.40
CA SER D 41 33.71 47.04 -86.58
C SER D 41 34.98 47.79 -86.18
N GLY D 42 35.16 48.05 -84.90
CA GLY D 42 36.32 48.74 -84.38
C GLY D 42 36.17 50.25 -84.39
N CYS D 43 35.02 50.78 -84.82
CA CYS D 43 34.82 52.22 -84.85
C CYS D 43 33.53 52.60 -84.12
N SER D 44 33.17 51.80 -83.12
CA SER D 44 31.91 51.97 -82.42
C SER D 44 32.20 52.56 -81.03
N LEU D 45 31.49 53.58 -80.64
CA LEU D 45 31.73 54.25 -79.36
C LEU D 45 30.64 53.89 -78.35
N HIS D 46 31.04 53.82 -77.09
CA HIS D 46 30.07 53.75 -76.00
C HIS D 46 29.17 52.53 -76.18
N ARG D 47 29.77 51.35 -76.23
CA ARG D 47 29.00 50.11 -76.43
C ARG D 47 28.69 49.44 -75.08
N GLY D 48 29.15 50.03 -73.99
CA GLY D 48 28.92 49.45 -72.67
C GLY D 48 27.44 49.28 -72.32
N ILE D 49 26.58 50.17 -72.82
CA ILE D 49 25.19 50.14 -72.45
C ILE D 49 24.48 48.94 -73.03
N LEU D 50 25.08 48.32 -74.04
CA LEU D 50 24.40 47.17 -74.70
C LEU D 50 24.13 46.09 -73.67
N SER D 51 25.07 45.90 -72.76
CA SER D 51 24.91 44.83 -71.80
C SER D 51 23.66 45.03 -70.93
N HIS D 52 23.27 46.26 -70.64
CA HIS D 52 22.03 46.50 -69.91
C HIS D 52 20.83 45.95 -70.69
N ARG D 53 20.83 46.06 -72.02
CA ARG D 53 19.70 45.62 -72.82
C ARG D 53 19.66 44.09 -72.85
N VAL D 54 20.84 43.46 -72.96
CA VAL D 54 20.92 42.02 -72.95
C VAL D 54 20.34 41.52 -71.63
N GLU D 55 20.65 42.21 -70.53
CA GLU D 55 20.17 41.81 -69.22
C GLU D 55 18.64 41.84 -69.23
N GLU D 56 18.05 42.92 -69.74
CA GLU D 56 16.61 43.04 -69.75
C GLU D 56 15.99 41.83 -70.48
N MET D 57 16.63 41.41 -71.59
CA MET D 57 16.09 40.37 -72.44
C MET D 57 16.22 39.00 -71.79
N LYS D 58 17.38 38.72 -71.15
CA LYS D 58 17.57 37.48 -70.38
C LYS D 58 16.55 37.41 -69.25
N ASN D 59 16.28 38.54 -68.60
CA ASN D 59 15.34 38.62 -67.50
C ASN D 59 13.94 38.20 -67.98
N ARG D 60 13.56 38.65 -69.19
CA ARG D 60 12.21 38.48 -69.66
C ARG D 60 11.99 37.12 -70.35
N PHE D 61 13.07 36.48 -70.87
CA PHE D 61 12.88 35.32 -71.73
C PHE D 61 13.74 34.12 -71.36
N GLY D 62 14.69 34.29 -70.44
CA GLY D 62 15.48 33.17 -69.92
C GLY D 62 16.27 32.43 -70.98
N ASP D 63 16.22 31.09 -70.91
CA ASP D 63 16.84 30.14 -71.82
C ASP D 63 16.67 30.46 -73.29
N LEU D 64 15.58 31.16 -73.66
CA LEU D 64 15.36 31.43 -75.06
C LEU D 64 16.44 32.35 -75.64
N VAL D 65 17.20 33.06 -74.78
CA VAL D 65 18.42 33.73 -75.19
C VAL D 65 19.55 32.72 -75.10
N VAL D 66 19.95 32.13 -76.21
CA VAL D 66 20.88 31.01 -76.09
C VAL D 66 22.30 31.55 -76.06
N GLY D 67 22.51 32.83 -76.38
CA GLY D 67 23.77 33.48 -76.09
C GLY D 67 23.92 34.79 -76.86
N HIS D 68 25.04 35.46 -76.60
CA HIS D 68 25.35 36.74 -77.28
C HIS D 68 26.77 36.67 -77.82
N THR D 69 26.94 36.79 -79.13
CA THR D 69 28.29 36.80 -79.70
C THR D 69 28.65 38.21 -80.14
N VAL D 70 29.73 38.75 -79.59
CA VAL D 70 30.22 40.07 -80.06
C VAL D 70 31.44 39.73 -80.91
N ALA D 71 31.36 39.98 -82.21
CA ALA D 71 32.44 39.55 -83.11
C ALA D 71 33.30 40.72 -83.58
N ASP D 72 34.61 40.51 -83.61
CA ASP D 72 35.50 41.51 -84.15
C ASP D 72 35.48 41.34 -85.67
N ILE D 73 34.89 42.32 -86.36
CA ILE D 73 34.80 42.31 -87.81
C ILE D 73 35.64 43.45 -88.39
N SER D 74 36.55 44.01 -87.57
CA SER D 74 37.28 45.21 -87.97
C SER D 74 38.12 44.96 -89.20
N GLY D 75 38.66 43.74 -89.33
CA GLY D 75 39.53 43.43 -90.45
C GLY D 75 38.78 43.44 -91.77
N ALA D 76 37.67 42.69 -91.82
CA ALA D 76 36.83 42.67 -93.01
C ALA D 76 36.27 44.08 -93.33
N PHE D 77 35.89 44.82 -92.28
CA PHE D 77 35.36 46.17 -92.46
C PHE D 77 36.40 47.05 -93.10
N ARG D 78 37.61 47.06 -92.56
CA ARG D 78 38.69 47.88 -93.15
C ARG D 78 38.91 47.53 -94.62
N SER D 79 39.02 46.25 -94.93
CA SER D 79 39.32 45.81 -96.32
C SER D 79 38.20 46.22 -97.28
N ILE D 80 36.95 46.11 -96.87
CA ILE D 80 35.82 46.36 -97.80
C ILE D 80 35.43 47.83 -97.84
N ALA D 81 35.72 48.60 -96.79
CA ALA D 81 35.12 49.91 -96.72
C ALA D 81 36.09 51.05 -96.49
N ILE D 82 37.27 50.77 -95.92
CA ILE D 82 38.17 51.82 -95.46
C ILE D 82 39.43 51.90 -96.35
N GLU D 83 39.97 50.75 -96.76
CA GLU D 83 41.26 50.71 -97.45
C GLU D 83 41.32 51.62 -98.67
N ALA D 84 40.22 51.66 -99.43
CA ALA D 84 40.12 52.43 -100.66
C ALA D 84 39.09 53.56 -100.51
N LEU D 85 39.06 54.16 -99.32
CA LEU D 85 38.12 55.23 -99.04
C LEU D 85 38.27 56.41 -100.01
N GLU D 86 39.46 56.82 -100.33
CA GLU D 86 39.67 57.89 -101.32
C GLU D 86 38.95 57.53 -102.64
N GLN D 87 39.27 56.38 -103.22
CA GLN D 87 38.74 55.95 -104.50
C GLN D 87 37.24 55.81 -104.39
N ASP D 88 36.75 55.21 -103.31
CA ASP D 88 35.33 54.98 -103.10
C ASP D 88 34.55 56.29 -103.15
N ILE D 89 34.99 57.29 -102.38
CA ILE D 89 34.27 58.57 -102.33
C ILE D 89 34.44 59.35 -103.64
N LEU D 90 35.60 59.27 -104.29
CA LEU D 90 35.80 59.99 -105.55
C LEU D 90 34.95 59.38 -106.66
N LYS D 91 34.71 58.09 -106.61
CA LYS D 91 33.89 57.44 -107.62
C LYS D 91 32.40 57.71 -107.37
N TYR D 92 31.91 57.34 -106.19
CA TYR D 92 30.44 57.44 -105.97
C TYR D 92 30.00 58.80 -105.42
N ARG D 93 30.95 59.68 -105.12
CA ARG D 93 30.63 61.02 -104.61
C ARG D 93 29.76 60.88 -103.36
N LYS D 94 29.86 59.76 -102.63
CA LYS D 94 29.09 59.52 -101.38
C LYS D 94 29.90 58.64 -100.43
N ASN D 95 29.83 58.87 -99.11
CA ASN D 95 30.52 58.06 -98.11
C ASN D 95 29.58 56.92 -97.77
N LEU D 96 29.92 55.73 -98.26
CA LEU D 96 29.14 54.53 -98.12
C LEU D 96 29.84 53.54 -97.20
N VAL D 97 30.68 54.04 -96.28
CA VAL D 97 31.33 53.19 -95.31
C VAL D 97 30.34 52.30 -94.58
N LEU D 98 29.16 52.82 -94.26
CA LEU D 98 28.19 52.07 -93.43
C LEU D 98 27.54 50.97 -94.26
N LEU D 99 27.55 51.11 -95.57
CA LEU D 99 27.09 50.06 -96.45
C LEU D 99 28.12 48.94 -96.51
N GLY D 100 29.38 49.35 -96.70
CA GLY D 100 30.49 48.44 -96.55
C GLY D 100 30.44 47.68 -95.22
N GLU D 101 30.10 48.35 -94.12
CA GLU D 101 30.07 47.65 -92.84
C GLU D 101 29.05 46.52 -92.88
N LYS D 102 27.90 46.79 -93.53
CA LYS D 102 26.85 45.80 -93.57
C LYS D 102 27.30 44.60 -94.40
N LEU D 103 28.04 44.84 -95.46
CA LEU D 103 28.57 43.75 -96.26
C LEU D 103 29.56 42.94 -95.44
N ALA D 104 30.38 43.62 -94.62
CA ALA D 104 31.35 42.94 -93.79
C ALA D 104 30.65 42.08 -92.75
N ILE D 105 29.60 42.65 -92.13
CA ILE D 105 28.78 41.87 -91.23
C ILE D 105 28.29 40.58 -91.92
N HIS D 106 27.81 40.68 -93.16
CA HIS D 106 27.19 39.54 -93.84
C HIS D 106 28.21 38.46 -94.19
N ALA D 107 29.44 38.89 -94.57
CA ALA D 107 30.51 37.95 -94.85
C ALA D 107 30.83 37.14 -93.61
N HIS D 108 31.00 37.82 -92.48
CA HIS D 108 31.27 37.15 -91.21
C HIS D 108 30.14 36.22 -90.82
N LEU D 109 28.89 36.57 -91.17
CA LEU D 109 27.77 35.77 -90.76
C LEU D 109 27.71 34.46 -91.55
N VAL D 110 28.16 34.48 -92.81
CA VAL D 110 28.27 33.24 -93.56
C VAL D 110 29.18 32.30 -92.78
N ASP D 111 30.32 32.82 -92.35
CA ASP D 111 31.25 31.96 -91.64
C ASP D 111 30.65 31.49 -90.33
N PHE D 112 30.07 32.43 -89.60
CA PHE D 112 29.48 32.12 -88.30
C PHE D 112 28.38 31.07 -88.47
N CYS D 113 27.49 31.26 -89.46
CA CYS D 113 26.37 30.36 -89.63
C CYS D 113 26.89 28.95 -89.99
N ARG D 114 27.86 28.86 -90.89
CA ARG D 114 28.34 27.54 -91.26
C ARG D 114 29.02 26.84 -90.10
N ARG D 115 29.70 27.57 -89.22
CA ARG D 115 30.46 26.93 -88.15
C ARG D 115 29.57 26.66 -86.95
N ASN D 116 28.37 27.26 -86.87
CA ASN D 116 27.57 27.09 -85.68
C ASN D 116 26.21 26.47 -86.00
N ASP D 117 26.03 25.95 -87.22
CA ASP D 117 24.82 25.24 -87.61
C ASP D 117 23.58 26.12 -87.49
N ILE D 118 23.62 27.32 -88.06
CA ILE D 118 22.49 28.23 -88.10
C ILE D 118 22.17 28.47 -89.55
N ASN D 119 20.89 28.43 -89.89
CA ASN D 119 20.52 28.69 -91.27
C ASN D 119 19.46 29.78 -91.38
N THR D 120 19.05 30.41 -90.28
CA THR D 120 18.13 31.52 -90.37
C THR D 120 18.72 32.70 -89.58
N ILE D 121 18.89 33.83 -90.27
CA ILE D 121 19.31 35.04 -89.64
C ILE D 121 18.17 36.05 -89.75
N ASN D 122 18.15 36.96 -88.77
CA ASN D 122 17.07 37.94 -88.66
C ASN D 122 17.70 39.27 -88.26
N ASP D 123 17.15 40.36 -88.79
CA ASP D 123 17.57 41.67 -88.30
C ASP D 123 16.35 42.51 -87.96
N GLY D 124 16.65 43.74 -87.52
CA GLY D 124 15.64 44.66 -87.05
C GLY D 124 15.26 45.71 -88.09
N ILE D 125 15.54 45.50 -89.37
CA ILE D 125 15.14 46.52 -90.32
C ILE D 125 13.64 46.75 -90.17
N THR D 126 13.24 48.04 -90.26
CA THR D 126 11.89 48.52 -90.08
C THR D 126 11.54 49.48 -91.21
N HIS D 127 10.25 49.49 -91.56
CA HIS D 127 9.76 50.38 -92.60
C HIS D 127 10.05 51.84 -92.28
N TYR D 128 10.00 52.25 -91.01
CA TYR D 128 10.33 53.63 -90.64
C TYR D 128 11.90 53.76 -90.77
N PHE D 132 18.45 55.98 -94.95
CA PHE D 132 19.60 55.28 -94.30
C PHE D 132 20.12 54.20 -95.22
N PRO D 133 21.03 54.55 -96.15
CA PRO D 133 21.52 53.59 -97.16
C PRO D 133 22.22 52.39 -96.50
N GLU D 134 21.50 51.29 -96.47
CA GLU D 134 22.00 50.05 -95.80
C GLU D 134 20.73 49.37 -95.33
N GLN D 135 19.66 50.16 -95.25
CA GLN D 135 18.37 49.61 -94.87
C GLN D 135 17.39 49.65 -96.06
N ARG D 136 17.90 50.05 -97.21
CA ARG D 136 17.13 50.18 -98.42
C ARG D 136 16.76 48.81 -98.99
N LEU D 137 15.60 48.72 -99.63
CA LEU D 137 15.21 47.44 -100.26
C LEU D 137 16.29 47.00 -101.24
N VAL D 138 16.91 47.93 -101.95
CA VAL D 138 17.84 47.46 -102.97
C VAL D 138 19.03 46.74 -102.31
N ALA D 139 19.46 47.25 -101.14
CA ALA D 139 20.51 46.60 -100.38
C ALA D 139 20.04 45.29 -99.77
N LYS D 140 18.86 45.30 -99.19
CA LYS D 140 18.33 44.12 -98.51
C LYS D 140 18.18 43.00 -99.53
N THR D 141 17.74 43.35 -100.74
CA THR D 141 17.50 42.32 -101.76
C THR D 141 18.82 41.74 -102.16
N PHE D 142 19.82 42.59 -102.34
CA PHE D 142 21.16 42.09 -102.64
C PHE D 142 21.68 41.15 -101.54
N LEU D 143 21.55 41.55 -100.28
CA LEU D 143 22.09 40.75 -99.20
C LEU D 143 21.30 39.45 -98.99
N MET D 144 19.99 39.46 -99.21
CA MET D 144 19.22 38.20 -99.12
C MET D 144 19.69 37.24 -100.23
N GLU D 145 19.98 37.74 -101.43
CA GLU D 145 20.48 36.91 -102.52
C GLU D 145 21.85 36.34 -102.11
N MET D 146 22.72 37.21 -101.58
CA MET D 146 24.03 36.78 -101.11
C MET D 146 23.87 35.70 -100.06
N MET D 147 22.98 35.86 -99.08
CA MET D 147 22.85 34.86 -98.04
C MET D 147 22.29 33.57 -98.61
N ALA D 148 21.43 33.67 -99.62
CA ALA D 148 20.82 32.46 -100.17
C ALA D 148 21.84 31.64 -100.97
N GLN D 149 22.87 32.27 -101.52
CA GLN D 149 23.93 31.55 -102.20
C GLN D 149 24.64 30.65 -101.20
N TYR D 150 24.60 30.95 -99.90
CA TYR D 150 25.16 30.05 -98.89
C TYR D 150 24.06 29.29 -98.13
N ASP D 151 22.85 29.19 -98.70
CA ASP D 151 21.72 28.48 -98.10
C ASP D 151 21.41 29.03 -96.73
N ILE D 152 21.48 30.36 -96.62
CA ILE D 152 21.11 31.01 -95.39
C ILE D 152 19.86 31.86 -95.67
N ASN D 153 18.89 31.67 -94.78
CA ASN D 153 17.61 32.32 -94.89
C ASN D 153 17.68 33.62 -94.08
N TYR D 154 17.45 34.75 -94.74
CA TYR D 154 17.51 36.06 -94.10
C TYR D 154 16.10 36.65 -93.99
N GLN D 155 15.63 36.83 -92.76
CA GLN D 155 14.31 37.40 -92.53
C GLN D 155 14.42 38.74 -91.81
N SER D 156 13.34 39.54 -91.92
CA SER D 156 13.27 40.82 -91.24
C SER D 156 11.92 40.90 -90.52
N PRO D 157 11.80 40.27 -89.33
CA PRO D 157 10.49 39.98 -88.76
C PRO D 157 9.74 41.18 -88.19
N VAL D 158 10.33 42.39 -88.14
CA VAL D 158 9.58 43.53 -87.64
C VAL D 158 9.37 44.60 -88.71
N TYR D 159 9.81 44.29 -89.95
CA TYR D 159 9.72 45.21 -91.07
C TYR D 159 8.29 45.70 -91.32
N GLU D 160 7.35 44.80 -91.53
CA GLU D 160 5.99 45.09 -91.90
C GLU D 160 5.26 45.98 -90.86
N PHE D 161 5.57 45.69 -89.60
CA PHE D 161 4.72 46.17 -88.51
C PHE D 161 5.13 47.60 -88.13
N ALA D 162 6.42 47.89 -88.18
CA ALA D 162 6.94 49.10 -87.56
C ALA D 162 6.77 50.29 -88.51
N GLN D 163 5.63 50.97 -88.42
CA GLN D 163 5.39 52.17 -89.21
C GLN D 163 6.01 53.41 -88.59
N SER D 164 6.42 53.33 -87.32
CA SER D 164 7.04 54.41 -86.59
C SER D 164 7.82 53.85 -85.42
N ALA D 165 8.76 54.63 -84.87
CA ALA D 165 9.46 54.17 -83.69
C ALA D 165 8.45 53.93 -82.54
N ASP D 166 7.36 54.67 -82.50
CA ASP D 166 6.38 54.53 -81.43
C ASP D 166 5.77 53.12 -81.41
N ASP D 167 5.48 52.53 -82.56
CA ASP D 167 5.00 51.17 -82.64
C ASP D 167 5.93 50.20 -81.91
N VAL D 168 7.22 50.33 -82.16
CA VAL D 168 8.20 49.47 -81.54
C VAL D 168 8.27 49.71 -80.04
N LYS D 169 8.35 50.99 -79.64
CA LYS D 169 8.50 51.35 -78.24
C LYS D 169 7.45 50.68 -77.37
N TYR D 170 6.18 50.74 -77.77
CA TYR D 170 5.10 50.38 -76.90
C TYR D 170 4.93 48.87 -76.86
N ARG D 171 5.39 48.15 -77.88
CA ARG D 171 5.45 46.71 -77.83
C ARG D 171 6.52 46.33 -76.84
N LEU D 172 7.66 47.01 -76.87
CA LEU D 172 8.71 46.72 -75.91
C LEU D 172 8.19 46.94 -74.47
N LEU D 173 7.47 48.02 -74.29
CA LEU D 173 7.02 48.37 -72.97
C LEU D 173 6.06 47.30 -72.44
N GLN D 174 5.25 46.74 -73.35
CA GLN D 174 4.35 45.65 -73.02
C GLN D 174 5.09 44.42 -72.54
N LEU D 175 6.35 44.29 -72.96
CA LEU D 175 7.13 43.14 -72.55
C LEU D 175 7.83 43.40 -71.24
N GLY D 176 7.64 44.57 -70.63
CA GLY D 176 8.43 44.90 -69.47
C GLY D 176 9.90 45.22 -69.80
N ILE D 177 10.12 45.67 -71.03
CA ILE D 177 11.43 46.14 -71.46
C ILE D 177 11.42 47.65 -71.73
N SER D 178 12.53 48.33 -71.44
CA SER D 178 12.73 49.74 -71.77
C SER D 178 12.63 49.99 -73.28
N THR D 179 12.14 51.19 -73.60
CA THR D 179 11.83 51.57 -74.96
C THR D 179 13.06 52.08 -75.71
N LYS D 180 14.15 52.34 -74.98
CA LYS D 180 15.31 53.05 -75.52
C LYS D 180 16.11 52.20 -76.50
N SER D 181 16.89 52.86 -77.36
CA SER D 181 17.90 52.17 -78.16
C SER D 181 19.21 52.18 -77.38
N LEU D 182 19.51 51.08 -76.71
CA LEU D 182 20.71 50.97 -75.91
C LEU D 182 21.83 50.37 -76.76
N GLU D 183 22.32 51.20 -77.68
CA GLU D 183 23.31 50.73 -78.64
C GLU D 183 24.47 51.73 -78.66
N GLY D 184 25.58 51.25 -79.16
CA GLY D 184 26.74 52.05 -79.49
C GLY D 184 26.49 52.97 -80.66
N ILE D 185 27.41 53.90 -80.87
CA ILE D 185 27.30 54.89 -81.92
C ILE D 185 28.52 54.70 -82.81
N SER D 186 28.32 54.61 -84.12
CA SER D 186 29.49 54.56 -85.03
C SER D 186 30.08 55.97 -85.15
N ILE D 187 31.40 56.08 -85.24
CA ILE D 187 32.05 57.42 -85.43
C ILE D 187 31.61 57.93 -86.81
N PHE D 188 31.11 57.03 -87.64
CA PHE D 188 30.63 57.41 -88.98
C PHE D 188 29.14 57.65 -88.91
N ALA D 189 28.72 58.71 -88.22
CA ALA D 189 27.28 59.08 -88.17
C ALA D 189 26.81 59.09 -89.61
N ASP D 190 27.75 59.23 -90.54
CA ASP D 190 27.44 59.12 -91.98
C ASP D 190 26.48 60.20 -92.45
N SER D 191 27.00 61.23 -93.11
CA SER D 191 26.08 62.18 -93.76
C SER D 191 25.52 61.37 -94.90
N PHE D 192 24.94 60.20 -94.59
CA PHE D 192 24.46 59.27 -95.63
C PHE D 192 24.26 60.06 -96.89
N SER D 193 23.57 61.19 -96.77
CA SER D 193 23.27 62.05 -97.94
C SER D 193 22.04 61.43 -98.59
N THR D 194 21.79 61.80 -99.83
CA THR D 194 20.70 61.11 -100.49
C THR D 194 21.39 60.29 -101.55
N PRO D 195 22.05 59.19 -101.16
CA PRO D 195 22.79 58.35 -102.12
C PRO D 195 21.77 57.61 -102.95
N SER D 196 21.93 57.65 -104.25
CA SER D 196 20.94 56.99 -105.09
C SER D 196 20.97 55.47 -104.88
N ASP D 197 19.84 54.83 -105.20
CA ASP D 197 19.76 53.40 -105.37
C ASP D 197 20.82 52.91 -106.38
N ASP D 198 21.02 53.55 -107.52
CA ASP D 198 21.98 53.03 -108.47
C ASP D 198 23.37 52.95 -107.79
N VAL D 199 23.69 53.95 -106.96
CA VAL D 199 25.01 54.01 -106.37
C VAL D 199 25.19 52.90 -105.31
N VAL D 200 24.15 52.66 -104.51
CA VAL D 200 24.15 51.62 -103.50
C VAL D 200 24.34 50.25 -104.14
N LEU D 201 23.65 49.96 -105.24
CA LEU D 201 23.79 48.70 -105.94
C LEU D 201 25.18 48.56 -106.54
N ALA D 202 25.69 49.63 -107.13
CA ALA D 202 26.99 49.57 -107.81
C ALA D 202 28.11 49.34 -106.79
N TYR D 203 27.98 49.94 -105.61
CA TYR D 203 28.98 49.80 -104.56
C TYR D 203 28.98 48.36 -104.04
N LEU D 204 27.78 47.83 -103.74
CA LEU D 204 27.63 46.46 -103.31
C LEU D 204 28.22 45.50 -104.35
N ARG D 205 27.95 45.71 -105.64
CA ARG D 205 28.50 44.87 -106.68
C ARG D 205 30.02 45.00 -106.77
N GLU D 206 30.55 46.19 -106.60
CA GLU D 206 32.03 46.37 -106.65
C GLU D 206 32.72 45.65 -105.50
N LYS D 207 32.13 45.68 -104.31
CA LYS D 207 32.82 45.12 -103.12
C LYS D 207 32.45 43.66 -102.90
N ALA D 208 31.48 43.14 -103.64
CA ALA D 208 31.02 41.77 -103.44
C ALA D 208 32.14 40.76 -103.65
N PRO D 209 32.94 40.84 -104.74
CA PRO D 209 34.06 39.90 -104.90
C PRO D 209 34.94 39.86 -103.66
N LEU D 210 35.24 41.02 -103.06
CA LEU D 210 36.05 41.05 -101.86
C LEU D 210 35.34 40.35 -100.71
N ALA D 211 34.06 40.58 -100.54
CA ALA D 211 33.32 39.96 -99.45
C ALA D 211 33.34 38.44 -99.58
N HIS D 212 33.10 37.93 -100.78
CA HIS D 212 33.05 36.49 -101.02
C HIS D 212 34.44 35.87 -100.80
N ASN D 213 35.46 36.61 -101.17
CA ASN D 213 36.84 36.20 -100.95
C ASN D 213 37.13 36.09 -99.46
N ILE D 214 36.63 37.05 -98.65
CA ILE D 214 36.81 37.03 -97.20
C ILE D 214 36.08 35.82 -96.65
N VAL D 215 34.89 35.53 -97.18
CA VAL D 215 34.16 34.34 -96.76
C VAL D 215 35.02 33.10 -97.01
N ASN D 216 35.64 33.00 -98.17
CA ASN D 216 36.44 31.83 -98.50
C ASN D 216 37.66 31.72 -97.61
N PHE D 217 38.31 32.86 -97.31
CA PHE D 217 39.48 32.89 -96.44
C PHE D 217 39.06 32.41 -95.05
N LEU D 218 37.95 32.90 -94.52
CA LEU D 218 37.50 32.51 -93.19
C LEU D 218 37.16 31.03 -93.09
N ALA D 219 36.86 30.41 -94.25
CA ALA D 219 36.57 28.98 -94.32
C ALA D 219 37.83 28.15 -94.58
N GLY D 220 38.97 28.79 -94.77
CA GLY D 220 40.23 28.13 -95.05
C GLY D 220 40.26 27.49 -96.44
N GLU D 221 39.74 28.18 -97.47
CA GLU D 221 39.70 27.65 -98.84
C GLU D 221 40.66 28.39 -99.79
N THR D 222 41.14 29.59 -99.43
CA THR D 222 42.05 30.38 -100.24
C THR D 222 42.79 31.36 -99.33
N LEU D 223 43.99 31.73 -99.78
CA LEU D 223 44.75 32.85 -99.25
C LEU D 223 44.77 33.99 -100.27
N ASN D 224 44.49 33.67 -101.53
CA ASN D 224 44.76 34.59 -102.63
C ASN D 224 43.68 35.67 -102.62
N PRO D 225 43.95 36.90 -103.09
CA PRO D 225 42.91 37.91 -103.31
C PRO D 225 41.98 37.56 -104.46
N PRO D 226 40.87 38.27 -104.70
CA PRO D 226 39.93 37.87 -105.75
C PRO D 226 40.46 38.34 -107.08
N VAL E 7 -5.65 19.76 -55.20
CA VAL E 7 -4.17 19.58 -55.12
C VAL E 7 -3.52 20.09 -56.42
N LYS E 8 -4.28 20.34 -57.49
CA LYS E 8 -3.80 21.19 -58.60
C LYS E 8 -3.77 22.66 -58.21
N PRO E 9 -2.59 23.36 -58.29
CA PRO E 9 -2.52 24.73 -57.83
C PRO E 9 -3.46 25.65 -58.59
N GLN E 10 -3.98 26.64 -57.86
CA GLN E 10 -4.74 27.72 -58.46
C GLN E 10 -3.99 29.01 -58.18
N LEU E 11 -4.35 30.05 -58.91
CA LEU E 11 -3.69 31.34 -58.78
C LEU E 11 -4.62 32.28 -58.02
N VAL E 12 -4.02 33.09 -57.14
CA VAL E 12 -4.74 34.16 -56.48
C VAL E 12 -4.11 35.51 -56.85
N MET E 13 -4.98 36.42 -57.30
CA MET E 13 -4.61 37.81 -57.52
C MET E 13 -4.44 38.46 -56.17
N PHE E 14 -3.20 38.65 -55.77
CA PHE E 14 -2.89 38.95 -54.38
C PHE E 14 -2.17 40.28 -54.28
N THR E 15 -2.76 41.18 -53.47
CA THR E 15 -2.21 42.52 -53.27
C THR E 15 -1.60 42.68 -51.89
N GLY E 16 -1.91 41.77 -50.96
CA GLY E 16 -1.56 41.97 -49.56
C GLY E 16 -2.74 42.50 -48.74
N GLY E 17 -3.81 42.91 -49.41
CA GLY E 17 -4.98 43.38 -48.69
C GLY E 17 -5.66 42.26 -47.91
N ARG E 18 -6.48 42.64 -46.95
CA ARG E 18 -7.28 41.72 -46.14
C ARG E 18 -7.96 40.69 -47.03
N ASP E 19 -8.66 41.18 -48.05
CA ASP E 19 -9.66 40.42 -48.76
C ASP E 19 -8.98 39.35 -49.60
N SER E 20 -7.92 39.73 -50.33
CA SER E 20 -7.21 38.77 -51.15
C SER E 20 -6.40 37.81 -50.29
N THR E 21 -5.96 38.28 -49.11
CA THR E 21 -5.27 37.44 -48.15
C THR E 21 -6.21 36.33 -47.72
N LEU E 22 -7.42 36.70 -47.29
CA LEU E 22 -8.38 35.71 -46.83
C LEU E 22 -8.74 34.77 -47.97
N ALA E 23 -8.86 35.29 -49.19
CA ALA E 23 -9.23 34.42 -50.31
C ALA E 23 -8.19 33.33 -50.47
N ALA E 24 -6.93 33.73 -50.48
CA ALA E 24 -5.85 32.77 -50.65
C ALA E 24 -5.84 31.77 -49.50
N CYS E 25 -5.97 32.27 -48.28
CA CYS E 25 -5.95 31.45 -47.07
C CYS E 25 -7.06 30.42 -47.11
N TYR E 26 -8.26 30.85 -47.49
CA TYR E 26 -9.40 29.95 -47.43
C TYR E 26 -9.24 28.83 -48.46
N LEU E 27 -8.68 29.14 -49.62
CA LEU E 27 -8.33 28.12 -50.58
C LEU E 27 -7.35 27.13 -49.95
N MET E 28 -6.33 27.62 -49.25
CA MET E 28 -5.28 26.73 -48.76
C MET E 28 -5.82 25.85 -47.62
N LEU E 29 -6.80 26.36 -46.90
CA LEU E 29 -7.37 25.62 -45.80
C LEU E 29 -8.10 24.40 -46.35
N GLN E 30 -8.53 24.47 -47.63
CA GLN E 30 -9.30 23.40 -48.25
C GLN E 30 -8.34 22.40 -48.90
N GLY E 31 -7.04 22.61 -48.76
CA GLY E 31 -6.07 21.75 -49.41
C GLY E 31 -5.59 22.26 -50.76
N ILE E 32 -6.04 23.44 -51.21
CA ILE E 32 -5.74 23.92 -52.55
C ILE E 32 -4.46 24.76 -52.50
N PRO E 33 -3.37 24.32 -53.14
CA PRO E 33 -2.16 25.12 -53.20
C PRO E 33 -2.40 26.36 -54.03
N VAL E 34 -1.86 27.50 -53.57
CA VAL E 34 -2.05 28.74 -54.33
C VAL E 34 -0.73 29.33 -54.79
N HIS E 35 -0.75 29.77 -56.04
CA HIS E 35 0.27 30.63 -56.63
C HIS E 35 -0.19 32.07 -56.44
N LEU E 36 0.49 32.82 -55.55
CA LEU E 36 0.22 34.22 -55.32
C LEU E 36 0.76 35.03 -56.47
N TRP E 37 -0.09 35.85 -57.09
CA TRP E 37 0.28 36.65 -58.25
C TRP E 37 -0.06 38.11 -57.98
N SER E 38 0.97 38.96 -58.07
CA SER E 38 0.86 40.38 -57.81
C SER E 38 1.26 41.15 -59.06
N GLY E 39 0.35 41.96 -59.57
CA GLY E 39 0.60 42.84 -60.67
C GLY E 39 1.14 44.19 -60.20
N ASN E 40 2.32 44.55 -60.68
CA ASN E 40 2.88 45.89 -60.53
C ASN E 40 2.60 46.73 -61.77
N SER E 41 1.73 47.71 -61.66
CA SER E 41 1.32 48.56 -62.77
C SER E 41 2.27 49.74 -62.98
N GLY E 42 3.25 49.89 -62.08
CA GLY E 42 4.24 50.95 -62.20
C GLY E 42 3.81 52.23 -61.53
N CYS E 43 2.61 52.27 -60.92
CA CYS E 43 2.19 53.48 -60.21
C CYS E 43 1.74 53.17 -58.80
N SER E 44 2.38 52.15 -58.20
CA SER E 44 2.05 51.68 -56.89
C SER E 44 3.15 52.15 -55.92
N LEU E 45 2.76 52.72 -54.79
CA LEU E 45 3.73 53.25 -53.83
C LEU E 45 3.81 52.36 -52.59
N HIS E 46 4.99 52.33 -51.97
CA HIS E 46 5.18 51.73 -50.67
C HIS E 46 4.70 50.27 -50.67
N ARG E 47 5.27 49.47 -51.56
CA ARG E 47 4.86 48.05 -51.74
C ARG E 47 5.72 47.12 -50.89
N GLY E 48 6.69 47.65 -50.15
CA GLY E 48 7.58 46.83 -49.36
C GLY E 48 6.89 45.98 -48.29
N ILE E 49 5.79 46.49 -47.72
CA ILE E 49 5.14 45.81 -46.62
C ILE E 49 4.49 44.51 -47.07
N LEU E 50 4.27 44.37 -48.37
CA LEU E 50 3.67 43.17 -48.88
C LEU E 50 4.43 41.93 -48.39
N SER E 51 5.76 42.00 -48.36
CA SER E 51 6.56 40.84 -47.98
C SER E 51 6.25 40.39 -46.55
N HIS E 52 5.90 41.31 -45.64
CA HIS E 52 5.50 40.90 -44.31
C HIS E 52 4.26 39.97 -44.37
N ARG E 53 3.33 40.28 -45.28
CA ARG E 53 2.09 39.50 -45.35
C ARG E 53 2.36 38.12 -45.94
N VAL E 54 3.23 38.08 -46.96
CA VAL E 54 3.60 36.82 -47.57
C VAL E 54 4.23 35.93 -46.49
N GLU E 55 5.06 36.53 -45.63
CA GLU E 55 5.72 35.79 -44.58
C GLU E 55 4.66 35.17 -43.66
N GLU E 56 3.67 35.95 -43.26
CA GLU E 56 2.64 35.44 -42.37
C GLU E 56 1.97 34.22 -42.99
N MET E 57 1.74 34.27 -44.31
CA MET E 57 1.00 33.23 -44.99
C MET E 57 1.85 31.96 -45.16
N LYS E 58 3.13 32.11 -45.49
CA LYS E 58 4.08 31.00 -45.53
C LYS E 58 4.19 30.34 -44.15
N ASN E 59 4.20 31.14 -43.09
CA ASN E 59 4.29 30.66 -41.73
C ASN E 59 3.10 29.78 -41.39
N ARG E 60 1.91 30.18 -41.86
CA ARG E 60 0.67 29.53 -41.46
C ARG E 60 0.34 28.32 -42.35
N PHE E 61 0.85 28.27 -43.59
CA PHE E 61 0.38 27.29 -44.56
C PHE E 61 1.49 26.54 -45.28
N GLY E 62 2.76 26.93 -45.10
CA GLY E 62 3.89 26.17 -45.61
C GLY E 62 3.88 26.02 -47.13
N ASP E 63 4.18 24.78 -47.58
CA ASP E 63 4.18 24.32 -48.95
C ASP E 63 2.95 24.72 -49.76
N LEU E 64 1.81 24.94 -49.09
CA LEU E 64 0.61 25.27 -49.84
C LEU E 64 0.75 26.62 -50.56
N VAL E 65 1.70 27.47 -50.12
CA VAL E 65 2.09 28.63 -50.90
C VAL E 65 3.14 28.19 -51.90
N VAL E 66 2.77 27.96 -53.14
CA VAL E 66 3.71 27.33 -54.05
C VAL E 66 4.62 28.40 -54.64
N GLY E 67 4.24 29.68 -54.53
CA GLY E 67 5.05 30.72 -55.12
C GLY E 67 4.41 32.08 -55.07
N HIS E 68 5.25 33.11 -55.34
CA HIS E 68 4.82 34.50 -55.37
C HIS E 68 5.43 35.15 -56.61
N THR E 69 4.61 35.46 -57.63
CA THR E 69 5.07 36.14 -58.83
C THR E 69 4.67 37.61 -58.77
N VAL E 70 5.66 38.49 -58.95
CA VAL E 70 5.43 39.92 -59.08
C VAL E 70 5.65 40.28 -60.52
N ALA E 71 4.62 40.66 -61.24
CA ALA E 71 4.72 40.88 -62.67
C ALA E 71 4.67 42.37 -62.97
N ASP E 72 5.54 42.82 -63.88
CA ASP E 72 5.51 44.16 -64.41
C ASP E 72 4.44 44.20 -65.47
N ILE E 73 3.32 44.88 -65.20
CA ILE E 73 2.22 45.01 -66.16
C ILE E 73 2.09 46.46 -66.61
N SER E 74 3.14 47.26 -66.38
CA SER E 74 3.09 48.69 -66.65
C SER E 74 2.80 48.97 -68.13
N GLY E 75 3.31 48.13 -69.02
CA GLY E 75 3.13 48.37 -70.44
C GLY E 75 1.67 48.20 -70.85
N ALA E 76 1.06 47.08 -70.47
CA ALA E 76 -0.35 46.84 -70.74
C ALA E 76 -1.24 47.88 -70.06
N PHE E 77 -0.90 48.24 -68.83
CA PHE E 77 -1.65 49.23 -68.07
C PHE E 77 -1.62 50.56 -68.81
N ARG E 78 -0.42 51.00 -69.18
CA ARG E 78 -0.30 52.22 -69.92
C ARG E 78 -1.16 52.17 -71.18
N SER E 79 -1.04 51.10 -72.00
CA SER E 79 -1.75 51.03 -73.27
C SER E 79 -3.27 51.08 -73.09
N ILE E 80 -3.81 50.41 -72.06
CA ILE E 80 -5.24 50.32 -71.88
C ILE E 80 -5.81 51.59 -71.25
N ALA E 81 -5.10 52.14 -70.24
CA ALA E 81 -5.70 53.02 -69.27
C ALA E 81 -5.13 54.43 -69.26
N ILE E 82 -3.88 54.62 -69.70
CA ILE E 82 -3.17 55.88 -69.52
C ILE E 82 -2.97 56.63 -70.84
N GLU E 83 -2.66 55.91 -71.91
CA GLU E 83 -2.33 56.52 -73.19
C GLU E 83 -3.40 57.47 -73.68
N ALA E 84 -4.68 57.10 -73.47
CA ALA E 84 -5.82 57.86 -73.93
C ALA E 84 -6.60 58.46 -72.74
N LEU E 85 -5.88 58.80 -71.68
CA LEU E 85 -6.52 59.33 -70.49
C LEU E 85 -7.34 60.59 -70.76
N GLU E 86 -6.88 61.52 -71.55
CA GLU E 86 -7.70 62.69 -71.87
C GLU E 86 -9.03 62.26 -72.49
N GLN E 87 -8.99 61.43 -73.52
CA GLN E 87 -10.24 61.08 -74.21
C GLN E 87 -11.11 60.24 -73.26
N ASP E 88 -10.50 59.33 -72.52
CA ASP E 88 -11.23 58.49 -71.59
C ASP E 88 -12.02 59.34 -70.57
N ILE E 89 -11.39 60.32 -69.96
CA ILE E 89 -12.05 61.16 -68.96
C ILE E 89 -13.07 62.11 -69.62
N LEU E 90 -12.78 62.62 -70.80
CA LEU E 90 -13.73 63.50 -71.48
C LEU E 90 -14.96 62.73 -71.95
N LYS E 91 -14.81 61.46 -72.27
CA LYS E 91 -15.95 60.64 -72.70
C LYS E 91 -16.77 60.21 -71.49
N TYR E 92 -16.14 59.54 -70.52
CA TYR E 92 -16.90 58.89 -69.46
C TYR E 92 -17.12 59.84 -68.28
N ARG E 93 -16.41 60.97 -68.22
CA ARG E 93 -16.55 61.97 -67.15
C ARG E 93 -16.09 61.35 -65.81
N LYS E 94 -15.29 60.28 -65.88
CA LYS E 94 -14.79 59.61 -64.69
C LYS E 94 -13.42 58.99 -64.98
N ASN E 95 -12.57 59.01 -63.97
CA ASN E 95 -11.28 58.40 -63.96
C ASN E 95 -11.46 56.92 -63.67
N LEU E 96 -11.34 56.11 -64.69
CA LEU E 96 -11.54 54.66 -64.62
C LEU E 96 -10.21 53.93 -64.79
N VAL E 97 -9.09 54.63 -64.52
CA VAL E 97 -7.79 54.03 -64.62
C VAL E 97 -7.69 52.71 -63.85
N LEU E 98 -8.32 52.63 -62.64
CA LEU E 98 -8.12 51.43 -61.84
C LEU E 98 -8.96 50.27 -62.39
N LEU E 99 -9.98 50.58 -63.20
CA LEU E 99 -10.73 49.54 -63.91
C LEU E 99 -9.86 48.99 -65.05
N GLY E 100 -9.29 49.94 -65.82
CA GLY E 100 -8.28 49.61 -66.78
C GLY E 100 -7.19 48.72 -66.20
N GLU E 101 -6.72 49.01 -64.99
CA GLU E 101 -5.63 48.20 -64.42
C GLU E 101 -6.11 46.76 -64.27
N LYS E 102 -7.37 46.57 -63.84
CA LYS E 102 -7.85 45.23 -63.61
C LYS E 102 -7.97 44.50 -64.97
N LEU E 103 -8.36 45.20 -66.04
CA LEU E 103 -8.40 44.55 -67.33
C LEU E 103 -6.98 44.18 -67.76
N ALA E 104 -5.99 45.02 -67.47
CA ALA E 104 -4.60 44.76 -67.80
C ALA E 104 -4.11 43.54 -67.03
N ILE E 105 -4.44 43.48 -65.74
CA ILE E 105 -4.15 42.29 -64.96
C ILE E 105 -4.71 41.03 -65.66
N HIS E 106 -5.96 41.08 -66.15
CA HIS E 106 -6.61 39.92 -66.72
C HIS E 106 -5.97 39.47 -68.03
N ALA E 107 -5.55 40.43 -68.84
CA ALA E 107 -4.86 40.15 -70.09
C ALA E 107 -3.55 39.40 -69.78
N HIS E 108 -2.77 39.93 -68.84
CA HIS E 108 -1.55 39.28 -68.42
C HIS E 108 -1.79 37.87 -67.86
N LEU E 109 -2.93 37.68 -67.19
CA LEU E 109 -3.20 36.41 -66.53
C LEU E 109 -3.56 35.34 -67.55
N VAL E 110 -4.16 35.73 -68.69
CA VAL E 110 -4.36 34.77 -69.75
C VAL E 110 -3.01 34.19 -70.14
N ASP E 111 -2.06 35.08 -70.35
CA ASP E 111 -0.76 34.61 -70.80
C ASP E 111 -0.11 33.79 -69.71
N PHE E 112 -0.16 34.29 -68.48
CA PHE E 112 0.48 33.61 -67.38
C PHE E 112 -0.12 32.21 -67.22
N CYS E 113 -1.46 32.12 -67.24
CA CYS E 113 -2.11 30.84 -67.03
C CYS E 113 -1.74 29.86 -68.16
N ARG E 114 -1.74 30.31 -69.41
CA ARG E 114 -1.44 29.41 -70.51
C ARG E 114 -0.01 28.89 -70.41
N ARG E 115 0.92 29.73 -69.95
CA ARG E 115 2.32 29.34 -69.96
C ARG E 115 2.69 28.59 -68.68
N ASN E 116 1.85 28.58 -67.67
CA ASN E 116 2.21 27.94 -66.42
C ASN E 116 1.22 26.84 -66.02
N ASP E 117 0.34 26.45 -66.95
CA ASP E 117 -0.63 25.38 -66.72
C ASP E 117 -1.53 25.62 -65.49
N ILE E 118 -2.16 26.80 -65.43
CA ILE E 118 -3.13 27.14 -64.42
C ILE E 118 -4.44 27.41 -65.10
N ASN E 119 -5.56 26.91 -64.58
CA ASN E 119 -6.82 27.16 -65.22
C ASN E 119 -7.85 27.78 -64.26
N THR E 120 -7.45 28.04 -63.02
CA THR E 120 -8.37 28.66 -62.08
C THR E 120 -7.67 29.85 -61.45
N ILE E 121 -8.26 31.03 -61.62
CA ILE E 121 -7.76 32.23 -60.96
C ILE E 121 -8.81 32.70 -59.98
N ASN E 122 -8.33 33.36 -58.93
CA ASN E 122 -9.19 33.79 -57.84
C ASN E 122 -8.78 35.21 -57.44
N ASP E 123 -9.74 36.04 -57.03
CA ASP E 123 -9.39 37.32 -56.45
C ASP E 123 -10.13 37.55 -55.13
N GLY E 124 -9.85 38.71 -54.53
CA GLY E 124 -10.40 39.07 -53.22
C GLY E 124 -11.55 40.06 -53.34
N ILE E 125 -12.17 40.21 -54.50
CA ILE E 125 -13.28 41.16 -54.54
C ILE E 125 -14.32 40.74 -53.51
N THR E 126 -14.91 41.75 -52.85
CA THR E 126 -15.85 41.60 -51.75
C THR E 126 -17.08 42.49 -52.00
N HIS E 127 -18.23 42.02 -51.55
CA HIS E 127 -19.47 42.77 -51.58
C HIS E 127 -19.35 44.16 -50.97
N TYR E 128 -18.60 44.29 -49.87
CA TYR E 128 -18.58 45.57 -49.14
C TYR E 128 -17.79 46.60 -49.94
N GLN E 129 -17.10 46.20 -51.03
CA GLN E 129 -16.31 47.15 -51.80
C GLN E 129 -16.87 47.35 -53.22
N MET E 130 -18.18 47.20 -53.39
CA MET E 130 -18.84 47.26 -54.69
C MET E 130 -18.80 48.66 -55.30
N GLU E 131 -18.56 49.72 -54.53
CA GLU E 131 -18.37 51.08 -55.03
C GLU E 131 -17.21 51.18 -56.05
N PHE E 132 -16.19 50.31 -55.94
CA PHE E 132 -15.03 50.35 -56.81
C PHE E 132 -15.34 49.52 -58.06
N PRO E 133 -15.09 50.09 -59.26
CA PRO E 133 -15.62 49.55 -60.51
C PRO E 133 -15.20 48.11 -60.76
N GLU E 134 -13.99 47.74 -60.35
CA GLU E 134 -13.49 46.41 -60.63
C GLU E 134 -14.17 45.36 -59.76
N GLN E 135 -14.94 45.77 -58.78
CA GLN E 135 -15.52 44.88 -57.78
C GLN E 135 -17.04 44.84 -57.96
N ARG E 136 -17.54 45.55 -58.98
CA ARG E 136 -18.94 45.49 -59.33
C ARG E 136 -19.29 44.17 -59.99
N LEU E 137 -20.50 43.69 -59.68
CA LEU E 137 -21.04 42.50 -60.35
C LEU E 137 -20.87 42.62 -61.86
N VAL E 138 -21.15 43.79 -62.42
CA VAL E 138 -21.16 43.96 -63.85
C VAL E 138 -19.75 43.76 -64.42
N ALA E 139 -18.74 44.23 -63.71
CA ALA E 139 -17.35 44.05 -64.10
C ALA E 139 -16.92 42.60 -63.95
N LYS E 140 -17.27 42.00 -62.82
CA LYS E 140 -16.87 40.63 -62.55
C LYS E 140 -17.46 39.71 -63.63
N THR E 141 -18.72 39.97 -64.00
CA THR E 141 -19.40 39.14 -64.97
C THR E 141 -18.66 39.28 -66.28
N PHE E 142 -18.35 40.51 -66.68
CA PHE E 142 -17.61 40.74 -67.91
C PHE E 142 -16.28 39.98 -67.90
N LEU E 143 -15.52 40.09 -66.80
CA LEU E 143 -14.21 39.47 -66.78
C LEU E 143 -14.31 37.95 -66.73
N MET E 144 -15.31 37.38 -66.03
CA MET E 144 -15.58 35.95 -66.05
C MET E 144 -15.78 35.47 -67.49
N GLU E 145 -16.58 36.20 -68.29
CA GLU E 145 -16.85 35.85 -69.68
C GLU E 145 -15.54 35.88 -70.45
N MET E 146 -14.78 36.96 -70.26
CA MET E 146 -13.50 37.11 -70.93
C MET E 146 -12.59 35.94 -70.58
N MET E 147 -12.49 35.57 -69.30
CA MET E 147 -11.58 34.50 -68.93
C MET E 147 -12.08 33.17 -69.48
N ALA E 148 -13.40 33.00 -69.61
CA ALA E 148 -13.94 31.72 -70.08
C ALA E 148 -13.66 31.54 -71.57
N GLN E 149 -13.53 32.64 -72.33
CA GLN E 149 -13.15 32.54 -73.73
C GLN E 149 -11.74 31.93 -73.83
N TYR E 150 -10.90 32.01 -72.80
CA TYR E 150 -9.62 31.33 -72.80
C TYR E 150 -9.63 30.09 -71.88
N ASP E 151 -10.81 29.54 -71.57
CA ASP E 151 -10.96 28.35 -70.76
C ASP E 151 -10.29 28.51 -69.42
N ILE E 152 -10.46 29.70 -68.86
CA ILE E 152 -9.96 30.00 -67.54
C ILE E 152 -11.16 30.24 -66.65
N ASN E 153 -11.13 29.58 -65.49
CA ASN E 153 -12.17 29.69 -64.51
C ASN E 153 -11.77 30.81 -63.54
N TYR E 154 -12.58 31.88 -63.47
CA TYR E 154 -12.30 33.02 -62.62
C TYR E 154 -13.32 33.02 -61.48
N GLN E 155 -12.83 32.81 -60.25
CA GLN E 155 -13.70 32.76 -59.09
C GLN E 155 -13.35 33.90 -58.15
N SER E 156 -14.29 34.18 -57.26
CA SER E 156 -14.13 35.20 -56.25
C SER E 156 -14.56 34.60 -54.93
N PRO E 157 -13.71 33.80 -54.26
CA PRO E 157 -14.17 32.95 -53.16
C PRO E 157 -14.54 33.66 -51.88
N VAL E 158 -14.29 34.98 -51.73
CA VAL E 158 -14.66 35.68 -50.52
C VAL E 158 -15.73 36.73 -50.77
N TYR E 159 -16.22 36.82 -52.03
CA TYR E 159 -17.21 37.81 -52.43
C TYR E 159 -18.48 37.79 -51.57
N GLU E 160 -19.15 36.63 -51.50
CA GLU E 160 -20.46 36.58 -50.92
C GLU E 160 -20.37 36.70 -49.42
N PHE E 161 -19.24 36.32 -48.80
CA PHE E 161 -19.19 36.20 -47.35
C PHE E 161 -18.91 37.56 -46.72
N ALA E 162 -18.08 38.36 -47.38
CA ALA E 162 -17.57 39.58 -46.80
C ALA E 162 -18.61 40.69 -46.96
N GLN E 163 -19.51 40.80 -45.97
CA GLN E 163 -20.47 41.88 -45.94
C GLN E 163 -19.87 43.14 -45.34
N SER E 164 -18.68 43.03 -44.71
CA SER E 164 -17.98 44.17 -44.12
C SER E 164 -16.52 43.80 -43.96
N ALA E 165 -15.66 44.80 -43.81
CA ALA E 165 -14.26 44.51 -43.56
C ALA E 165 -14.11 43.70 -42.26
N ASP E 166 -15.00 43.91 -41.30
CA ASP E 166 -14.91 43.23 -40.02
C ASP E 166 -15.01 41.70 -40.18
N ASP E 167 -15.90 41.23 -41.08
CA ASP E 167 -16.00 39.82 -41.37
C ASP E 167 -14.65 39.21 -41.74
N VAL E 168 -13.96 39.91 -42.65
CA VAL E 168 -12.67 39.43 -43.13
C VAL E 168 -11.63 39.47 -42.01
N LYS E 169 -11.57 40.59 -41.29
CA LYS E 169 -10.53 40.80 -40.31
C LYS E 169 -10.49 39.64 -39.32
N TYR E 170 -11.66 39.24 -38.80
CA TYR E 170 -11.66 38.38 -37.62
C TYR E 170 -11.49 36.93 -38.04
N ARG E 171 -11.71 36.65 -39.32
CA ARG E 171 -11.42 35.28 -39.80
C ARG E 171 -9.91 35.23 -39.98
N LEU E 172 -9.29 36.32 -40.44
CA LEU E 172 -7.84 36.32 -40.53
C LEU E 172 -7.22 36.14 -39.14
N LEU E 173 -7.81 36.76 -38.15
CA LEU E 173 -7.20 36.70 -36.80
C LEU E 173 -7.28 35.26 -36.30
N GLN E 174 -8.36 34.56 -36.60
CA GLN E 174 -8.53 33.17 -36.13
C GLN E 174 -7.47 32.27 -36.78
N LEU E 175 -6.87 32.72 -37.88
CA LEU E 175 -5.83 31.94 -38.59
C LEU E 175 -4.43 32.36 -38.10
N GLY E 176 -4.38 33.24 -37.10
CA GLY E 176 -3.08 33.68 -36.61
C GLY E 176 -2.41 34.66 -37.56
N ILE E 177 -3.20 35.35 -38.37
CA ILE E 177 -2.70 36.37 -39.30
C ILE E 177 -3.24 37.75 -38.90
N SER E 178 -2.43 38.78 -39.12
CA SER E 178 -2.81 40.17 -38.90
C SER E 178 -3.98 40.57 -39.75
N THR E 179 -4.78 41.48 -39.20
CA THR E 179 -6.04 41.92 -39.80
C THR E 179 -5.80 43.00 -40.82
N LYS E 180 -4.58 43.57 -40.90
CA LYS E 180 -4.33 44.75 -41.71
C LYS E 180 -4.30 44.43 -43.20
N SER E 181 -4.52 45.45 -44.03
CA SER E 181 -4.28 45.37 -45.45
C SER E 181 -2.84 45.83 -45.68
N LEU E 182 -1.92 44.86 -45.82
CA LEU E 182 -0.53 45.16 -45.99
C LEU E 182 -0.23 45.18 -47.48
N GLU E 183 -0.70 46.25 -48.13
CA GLU E 183 -0.60 46.37 -49.55
C GLU E 183 -0.02 47.73 -49.87
N GLY E 184 0.47 47.84 -51.13
CA GLY E 184 0.87 49.11 -51.70
C GLY E 184 -0.36 50.00 -51.93
N ILE E 185 -0.11 51.27 -52.23
CA ILE E 185 -1.18 52.21 -52.49
C ILE E 185 -0.97 52.71 -53.90
N SER E 186 -2.03 52.63 -54.69
CA SER E 186 -2.04 53.23 -56.02
C SER E 186 -1.92 54.73 -55.86
N ILE E 187 -1.15 55.38 -56.75
CA ILE E 187 -1.10 56.83 -56.69
C ILE E 187 -2.49 57.37 -57.07
N PHE E 188 -3.34 56.52 -57.68
CA PHE E 188 -4.68 56.91 -58.08
C PHE E 188 -5.73 56.67 -56.98
N ALA E 189 -5.33 56.20 -55.79
CA ALA E 189 -6.16 56.24 -54.60
C ALA E 189 -6.84 57.57 -54.43
N ASP E 190 -8.16 57.54 -54.18
CA ASP E 190 -8.94 58.73 -53.87
C ASP E 190 -8.75 59.80 -54.94
N SER E 191 -8.68 59.34 -56.19
CA SER E 191 -8.40 60.23 -57.31
C SER E 191 -9.57 60.20 -58.29
N PHE E 192 -10.70 59.65 -57.85
CA PHE E 192 -11.80 59.37 -58.76
C PHE E 192 -13.11 59.50 -58.01
N SER E 193 -14.18 59.80 -58.76
CA SER E 193 -15.56 59.77 -58.33
C SER E 193 -16.18 58.40 -58.55
N THR E 194 -17.37 58.13 -57.95
CA THR E 194 -18.06 56.87 -58.22
C THR E 194 -18.70 56.82 -59.61
N PRO E 195 -18.38 55.83 -60.48
CA PRO E 195 -19.01 55.74 -61.79
C PRO E 195 -20.28 54.85 -61.76
N SER E 196 -21.15 55.05 -62.76
CA SER E 196 -22.28 54.16 -62.97
C SER E 196 -21.82 52.81 -63.52
N ASP E 197 -22.66 51.79 -63.28
CA ASP E 197 -22.56 50.50 -63.96
C ASP E 197 -22.51 50.68 -65.46
N ASP E 198 -23.35 51.50 -66.06
CA ASP E 198 -23.35 51.61 -67.52
C ASP E 198 -21.97 52.05 -67.98
N VAL E 199 -21.34 52.96 -67.23
CA VAL E 199 -20.07 53.51 -67.66
C VAL E 199 -18.94 52.45 -67.53
N VAL E 200 -18.95 51.68 -66.45
CA VAL E 200 -18.00 50.61 -66.23
C VAL E 200 -18.09 49.56 -67.34
N LEU E 201 -19.30 49.17 -67.75
CA LEU E 201 -19.48 48.20 -68.81
C LEU E 201 -19.02 48.76 -70.14
N ALA E 202 -19.33 50.02 -70.41
CA ALA E 202 -18.99 50.63 -71.69
C ALA E 202 -17.48 50.77 -71.84
N TYR E 203 -16.81 51.08 -70.73
CA TYR E 203 -15.36 51.25 -70.75
C TYR E 203 -14.69 49.90 -70.97
N LEU E 204 -15.13 48.88 -70.23
CA LEU E 204 -14.64 47.51 -70.43
C LEU E 204 -14.83 47.06 -71.88
N ARG E 205 -15.99 47.33 -72.49
CA ARG E 205 -16.23 46.93 -73.86
C ARG E 205 -15.34 47.73 -74.82
N GLU E 206 -15.07 49.00 -74.53
CA GLU E 206 -14.24 49.80 -75.41
C GLU E 206 -12.78 49.33 -75.36
N LYS E 207 -12.26 48.93 -74.21
CA LYS E 207 -10.86 48.57 -74.04
C LYS E 207 -10.64 47.08 -74.28
N ALA E 208 -11.69 46.29 -74.37
CA ALA E 208 -11.56 44.85 -74.55
C ALA E 208 -10.74 44.49 -75.79
N PRO E 209 -11.01 45.08 -76.98
CA PRO E 209 -10.16 44.87 -78.13
C PRO E 209 -8.67 44.99 -77.82
N LEU E 210 -8.30 46.03 -77.08
CA LEU E 210 -6.92 46.26 -76.73
C LEU E 210 -6.41 45.13 -75.85
N ALA E 211 -7.21 44.72 -74.85
CA ALA E 211 -6.77 43.67 -73.95
C ALA E 211 -6.51 42.37 -74.72
N HIS E 212 -7.42 42.01 -75.63
CA HIS E 212 -7.29 40.78 -76.38
C HIS E 212 -6.07 40.81 -77.29
N ASN E 213 -5.81 41.98 -77.85
CA ASN E 213 -4.66 42.20 -78.69
C ASN E 213 -3.36 42.01 -77.89
N ILE E 214 -3.34 42.52 -76.66
CA ILE E 214 -2.17 42.38 -75.79
C ILE E 214 -1.99 40.89 -75.47
N VAL E 215 -3.10 40.17 -75.24
CA VAL E 215 -3.02 38.73 -75.03
C VAL E 215 -2.35 38.04 -76.22
N ASN E 216 -2.75 38.41 -77.43
CA ASN E 216 -2.20 37.79 -78.62
C ASN E 216 -0.72 38.12 -78.79
N PHE E 217 -0.32 39.36 -78.49
CA PHE E 217 1.06 39.79 -78.59
C PHE E 217 1.89 38.96 -77.61
N LEU E 218 1.43 38.84 -76.38
CA LEU E 218 2.17 38.10 -75.36
C LEU E 218 2.34 36.62 -75.73
N ALA E 219 1.44 36.10 -76.58
CA ALA E 219 1.50 34.72 -77.04
C ALA E 219 2.34 34.55 -78.31
N GLY E 220 2.83 35.67 -78.87
CA GLY E 220 3.59 35.62 -80.09
C GLY E 220 2.74 35.28 -81.32
N GLU E 221 1.49 35.80 -81.40
CA GLU E 221 0.62 35.54 -82.54
C GLU E 221 0.47 36.73 -83.51
N THR E 222 0.79 37.93 -83.05
CA THR E 222 0.71 39.14 -83.87
C THR E 222 1.56 40.22 -83.21
N LEU E 223 2.02 41.15 -84.05
CA LEU E 223 2.52 42.44 -83.65
C LEU E 223 1.54 43.55 -84.00
N ASN E 224 0.55 43.24 -84.81
CA ASN E 224 -0.36 44.25 -85.36
C ASN E 224 -1.28 44.76 -84.25
N PRO E 225 -1.73 46.04 -84.25
CA PRO E 225 -2.74 46.53 -83.33
C PRO E 225 -4.13 45.92 -83.57
N PRO E 226 -5.18 46.28 -82.79
CA PRO E 226 -6.56 45.91 -83.12
C PRO E 226 -7.09 46.46 -84.43
N SER F 6 38.42 15.14 -87.01
CA SER F 6 39.58 15.56 -86.16
C SER F 6 40.90 15.20 -86.83
N VAL F 7 41.45 16.05 -87.71
CA VAL F 7 42.54 15.63 -88.58
C VAL F 7 43.82 15.63 -87.71
N LYS F 8 44.89 15.10 -88.31
CA LYS F 8 46.14 14.85 -87.63
C LYS F 8 46.91 16.15 -87.35
N PRO F 9 47.27 16.45 -86.08
CA PRO F 9 48.01 17.69 -85.79
C PRO F 9 49.34 17.78 -86.56
N GLN F 10 49.67 19.01 -86.96
CA GLN F 10 50.91 19.30 -87.64
C GLN F 10 51.63 20.32 -86.78
N LEU F 11 52.93 20.52 -87.09
CA LEU F 11 53.76 21.41 -86.32
C LEU F 11 53.99 22.65 -87.15
N VAL F 12 53.99 23.81 -86.48
CA VAL F 12 54.42 25.05 -87.11
C VAL F 12 55.63 25.61 -86.37
N MET F 13 56.67 25.91 -87.14
CA MET F 13 57.84 26.65 -86.69
C MET F 13 57.41 28.08 -86.48
N PHE F 14 57.20 28.45 -85.22
CA PHE F 14 56.51 29.68 -84.91
C PHE F 14 57.41 30.59 -84.08
N THR F 15 57.59 31.82 -84.58
CA THR F 15 58.42 32.82 -83.93
C THR F 15 57.59 33.94 -83.31
N GLY F 16 56.32 34.05 -83.70
CA GLY F 16 55.54 35.23 -83.33
C GLY F 16 55.49 36.26 -84.45
N GLY F 17 56.28 36.06 -85.48
CA GLY F 17 56.25 36.98 -86.61
C GLY F 17 54.96 36.82 -87.39
N ARG F 18 54.65 37.80 -88.22
CA ARG F 18 53.36 37.79 -88.93
C ARG F 18 53.28 36.65 -89.95
N ASP F 19 54.40 36.16 -90.44
CA ASP F 19 54.36 35.20 -91.53
C ASP F 19 54.07 33.84 -90.94
N SER F 20 54.76 33.47 -89.85
CA SER F 20 54.54 32.17 -89.23
C SER F 20 53.21 32.14 -88.51
N THR F 21 52.76 33.32 -88.01
CA THR F 21 51.46 33.45 -87.39
C THR F 21 50.40 33.10 -88.44
N LEU F 22 50.48 33.72 -89.61
CA LEU F 22 49.52 33.48 -90.67
C LEU F 22 49.58 32.01 -91.10
N ALA F 23 50.78 31.43 -91.18
CA ALA F 23 50.89 30.05 -91.60
C ALA F 23 50.10 29.15 -90.66
N ALA F 24 50.33 29.34 -89.38
CA ALA F 24 49.61 28.57 -88.38
C ALA F 24 48.11 28.78 -88.48
N CYS F 25 47.69 30.05 -88.58
CA CYS F 25 46.29 30.42 -88.62
C CYS F 25 45.60 29.81 -89.83
N TYR F 26 46.28 29.82 -90.98
CA TYR F 26 45.66 29.34 -92.19
C TYR F 26 45.45 27.83 -92.10
N LEU F 27 46.39 27.12 -91.50
CA LEU F 27 46.23 25.71 -91.25
C LEU F 27 45.01 25.48 -90.36
N MET F 28 44.87 26.28 -89.31
CA MET F 28 43.82 26.01 -88.34
C MET F 28 42.44 26.35 -88.95
N LEU F 29 42.42 27.28 -89.89
CA LEU F 29 41.19 27.66 -90.55
C LEU F 29 40.66 26.48 -91.36
N GLN F 30 41.56 25.58 -91.77
CA GLN F 30 41.18 24.44 -92.59
C GLN F 30 40.80 23.26 -91.69
N GLY F 31 40.82 23.45 -90.37
CA GLY F 31 40.54 22.37 -89.43
C GLY F 31 41.78 21.62 -88.97
N ILE F 32 42.98 22.06 -89.34
CA ILE F 32 44.20 21.35 -88.99
C ILE F 32 44.72 21.85 -87.64
N PRO F 33 44.75 20.99 -86.60
CA PRO F 33 45.33 21.40 -85.32
C PRO F 33 46.82 21.62 -85.44
N VAL F 34 47.34 22.68 -84.83
CA VAL F 34 48.77 22.94 -84.94
C VAL F 34 49.42 22.96 -83.56
N HIS F 35 50.59 22.30 -83.49
CA HIS F 35 51.51 22.41 -82.37
C HIS F 35 52.51 23.51 -82.74
N LEU F 36 52.44 24.62 -81.99
CA LEU F 36 53.35 25.74 -82.16
C LEU F 36 54.69 25.36 -81.53
N TRP F 37 55.77 25.46 -82.31
CA TRP F 37 57.09 25.12 -81.86
C TRP F 37 58.03 26.31 -82.09
N SER F 38 58.64 26.76 -81.00
CA SER F 38 59.55 27.90 -81.01
C SER F 38 60.92 27.46 -80.51
N GLY F 39 61.91 27.69 -81.33
CA GLY F 39 63.29 27.42 -80.97
C GLY F 39 63.95 28.62 -80.28
N ASN F 40 64.42 28.44 -79.06
CA ASN F 40 65.31 29.39 -78.38
C ASN F 40 66.76 28.97 -78.56
N SER F 41 67.51 29.75 -79.33
CA SER F 41 68.90 29.46 -79.65
C SER F 41 69.87 30.00 -78.61
N GLY F 42 69.35 30.74 -77.63
CA GLY F 42 70.17 31.31 -76.58
C GLY F 42 70.82 32.65 -76.95
N CYS F 43 70.48 33.18 -78.12
CA CYS F 43 70.95 34.51 -78.50
C CYS F 43 69.79 35.41 -78.92
N SER F 44 68.63 35.17 -78.33
CA SER F 44 67.39 35.81 -78.73
C SER F 44 67.02 36.76 -77.60
N LEU F 45 66.74 38.03 -77.95
CA LEU F 45 66.43 39.00 -76.92
C LEU F 45 64.95 39.35 -76.92
N HIS F 46 64.45 39.78 -75.78
CA HIS F 46 63.14 40.41 -75.68
C HIS F 46 62.06 39.51 -76.27
N ARG F 47 61.94 38.27 -75.77
CA ARG F 47 61.00 37.27 -76.33
C ARG F 47 59.67 37.25 -75.55
N GLY F 48 59.49 38.15 -74.61
CA GLY F 48 58.30 38.17 -73.78
C GLY F 48 57.01 38.44 -74.56
N ILE F 49 57.08 39.23 -75.65
CA ILE F 49 55.86 39.59 -76.34
C ILE F 49 55.29 38.41 -77.09
N LEU F 50 56.09 37.38 -77.30
CA LEU F 50 55.61 36.22 -78.01
C LEU F 50 54.34 35.68 -77.35
N SER F 51 54.29 35.67 -76.03
CA SER F 51 53.15 35.09 -75.34
C SER F 51 51.87 35.86 -75.65
N HIS F 52 51.95 37.16 -75.91
CA HIS F 52 50.77 37.92 -76.32
C HIS F 52 50.22 37.35 -77.63
N ARG F 53 51.08 36.95 -78.55
CA ARG F 53 50.62 36.46 -79.88
C ARG F 53 49.98 35.07 -79.72
N VAL F 54 50.57 34.25 -78.89
CA VAL F 54 50.02 32.93 -78.62
C VAL F 54 48.61 33.11 -78.07
N GLU F 55 48.43 34.09 -77.18
CA GLU F 55 47.13 34.31 -76.58
C GLU F 55 46.14 34.72 -77.66
N GLU F 56 46.53 35.62 -78.56
CA GLU F 56 45.65 36.03 -79.63
C GLU F 56 45.16 34.80 -80.42
N MET F 57 46.07 33.86 -80.66
CA MET F 57 45.79 32.71 -81.53
C MET F 57 44.89 31.71 -80.81
N LYS F 58 45.14 31.46 -79.50
CA LYS F 58 44.27 30.63 -78.67
C LYS F 58 42.85 31.24 -78.65
N ASN F 59 42.76 32.56 -78.56
CA ASN F 59 41.50 33.27 -78.46
C ASN F 59 40.70 33.03 -79.75
N ARG F 60 41.38 33.03 -80.89
CA ARG F 60 40.71 32.99 -82.18
C ARG F 60 40.41 31.57 -82.65
N PHE F 61 41.14 30.55 -82.16
CA PHE F 61 41.04 29.22 -82.71
C PHE F 61 40.83 28.10 -81.68
N GLY F 62 40.92 28.42 -80.39
CA GLY F 62 40.63 27.46 -79.32
C GLY F 62 41.53 26.22 -79.33
N ASP F 63 40.90 25.05 -79.14
CA ASP F 63 41.52 23.73 -79.15
C ASP F 63 42.40 23.46 -80.37
N LEU F 64 42.19 24.16 -81.47
CA LEU F 64 43.04 23.91 -82.64
C LEU F 64 44.50 24.27 -82.37
N VAL F 65 44.77 25.10 -81.34
CA VAL F 65 46.12 25.27 -80.82
C VAL F 65 46.37 24.16 -79.81
N VAL F 66 47.09 23.11 -80.22
CA VAL F 66 47.16 21.97 -79.33
C VAL F 66 48.29 22.17 -78.33
N GLY F 67 49.17 23.14 -78.57
CA GLY F 67 50.22 23.43 -77.62
C GLY F 67 51.30 24.34 -78.17
N HIS F 68 52.18 24.75 -77.27
CA HIS F 68 53.27 25.67 -77.55
C HIS F 68 54.52 25.12 -76.86
N THR F 69 55.48 24.62 -77.64
CA THR F 69 56.74 24.16 -77.10
C THR F 69 57.80 25.21 -77.41
N VAL F 70 58.52 25.62 -76.36
CA VAL F 70 59.66 26.53 -76.47
C VAL F 70 60.87 25.66 -76.16
N ALA F 71 61.71 25.41 -77.15
CA ALA F 71 62.76 24.41 -77.01
C ALA F 71 64.09 25.14 -76.91
N ASP F 72 64.94 24.68 -75.99
CA ASP F 72 66.28 25.14 -75.89
C ASP F 72 67.10 24.41 -76.93
N ILE F 73 67.54 25.12 -77.98
CA ILE F 73 68.35 24.54 -79.05
C ILE F 73 69.74 25.17 -79.03
N SER F 74 70.10 25.79 -77.91
CA SER F 74 71.37 26.51 -77.82
C SER F 74 72.57 25.59 -78.04
N GLY F 75 72.46 24.36 -77.58
CA GLY F 75 73.53 23.38 -77.70
C GLY F 75 73.83 23.04 -79.15
N ALA F 76 72.78 22.64 -79.87
CA ALA F 76 72.92 22.32 -81.29
C ALA F 76 73.37 23.54 -82.10
N PHE F 77 72.82 24.71 -81.74
CA PHE F 77 73.15 25.95 -82.44
C PHE F 77 74.63 26.22 -82.25
N ARG F 78 75.08 26.19 -81.01
CA ARG F 78 76.48 26.41 -80.72
C ARG F 78 77.33 25.44 -81.54
N SER F 79 77.04 24.13 -81.50
CA SER F 79 77.87 23.13 -82.20
C SER F 79 77.93 23.39 -83.71
N ILE F 80 76.81 23.74 -84.34
CA ILE F 80 76.74 23.90 -85.78
C ILE F 80 77.35 25.23 -86.23
N ALA F 81 77.09 26.32 -85.49
CA ALA F 81 77.22 27.66 -86.03
C ALA F 81 78.24 28.51 -85.30
N ILE F 82 78.51 28.25 -84.02
CA ILE F 82 79.27 29.17 -83.19
C ILE F 82 80.65 28.64 -82.83
N GLU F 83 80.78 27.35 -82.53
CA GLU F 83 82.04 26.73 -82.11
C GLU F 83 83.14 27.02 -83.11
N ALA F 84 82.80 26.98 -84.43
CA ALA F 84 83.78 27.18 -85.48
C ALA F 84 83.55 28.51 -86.22
N LEU F 85 83.07 29.52 -85.49
CA LEU F 85 82.75 30.81 -86.06
C LEU F 85 83.95 31.43 -86.75
N GLU F 86 85.17 31.38 -86.17
CA GLU F 86 86.32 31.95 -86.85
C GLU F 86 86.48 31.33 -88.24
N GLN F 87 86.56 29.97 -88.29
CA GLN F 87 86.82 29.28 -89.54
C GLN F 87 85.69 29.52 -90.51
N ASP F 88 84.44 29.45 -90.00
CA ASP F 88 83.27 29.63 -90.85
C ASP F 88 83.30 30.99 -91.56
N ILE F 89 83.54 32.08 -90.81
CA ILE F 89 83.51 33.42 -91.39
C ILE F 89 84.73 33.64 -92.29
N LEU F 90 85.91 33.09 -91.94
CA LEU F 90 87.08 33.31 -92.76
C LEU F 90 86.93 32.55 -94.08
N LYS F 91 86.25 31.40 -94.07
CA LYS F 91 86.07 30.64 -95.28
C LYS F 91 84.99 31.25 -96.17
N TYR F 92 83.78 31.47 -95.64
CA TYR F 92 82.68 31.89 -96.49
C TYR F 92 82.63 33.41 -96.65
N ARG F 93 83.37 34.14 -95.82
CA ARG F 93 83.40 35.63 -95.88
C ARG F 93 82.00 36.17 -95.59
N LYS F 94 81.18 35.39 -94.88
CA LYS F 94 79.85 35.82 -94.47
C LYS F 94 79.50 35.14 -93.15
N ASN F 95 78.79 35.87 -92.31
CA ASN F 95 78.20 35.37 -91.08
C ASN F 95 76.89 34.71 -91.49
N LEU F 96 76.94 33.39 -91.42
CA LEU F 96 75.84 32.53 -91.80
C LEU F 96 75.25 31.85 -90.56
N VAL F 97 75.45 32.46 -89.41
CA VAL F 97 74.98 31.88 -88.15
C VAL F 97 73.49 31.65 -88.23
N LEU F 98 72.70 32.54 -88.87
CA LEU F 98 71.25 32.36 -88.85
C LEU F 98 70.83 31.21 -89.76
N LEU F 99 71.66 30.86 -90.73
CA LEU F 99 71.43 29.68 -91.55
C LEU F 99 71.71 28.42 -90.74
N GLY F 100 72.86 28.43 -90.06
CA GLY F 100 73.15 27.42 -89.06
C GLY F 100 72.02 27.25 -88.05
N GLU F 101 71.41 28.33 -87.59
CA GLU F 101 70.34 28.19 -86.60
C GLU F 101 69.18 27.40 -87.21
N LYS F 102 68.90 27.65 -88.48
CA LYS F 102 67.77 26.97 -89.12
C LYS F 102 68.11 25.47 -89.26
N LEU F 103 69.36 25.14 -89.52
CA LEU F 103 69.75 23.75 -89.58
C LEU F 103 69.60 23.10 -88.20
N ALA F 104 69.96 23.85 -87.14
CA ALA F 104 69.84 23.37 -85.79
C ALA F 104 68.37 23.16 -85.43
N ILE F 105 67.52 24.10 -85.82
CA ILE F 105 66.08 23.92 -85.69
C ILE F 105 65.64 22.62 -86.30
N HIS F 106 66.10 22.31 -87.52
CA HIS F 106 65.62 21.16 -88.27
C HIS F 106 66.08 19.85 -87.63
N ALA F 107 67.31 19.82 -87.09
CA ALA F 107 67.83 18.68 -86.37
C ALA F 107 66.94 18.36 -85.18
N HIS F 108 66.65 19.38 -84.38
CA HIS F 108 65.80 19.25 -83.22
C HIS F 108 64.40 18.77 -83.62
N LEU F 109 63.92 19.21 -84.78
CA LEU F 109 62.56 18.91 -85.18
C LEU F 109 62.45 17.43 -85.64
N VAL F 110 63.53 16.86 -86.18
CA VAL F 110 63.53 15.44 -86.44
C VAL F 110 63.24 14.71 -85.13
N ASP F 111 63.97 15.09 -84.10
CA ASP F 111 63.80 14.40 -82.84
C ASP F 111 62.38 14.64 -82.29
N PHE F 112 61.97 15.91 -82.33
CA PHE F 112 60.68 16.26 -81.77
C PHE F 112 59.59 15.53 -82.52
N CYS F 113 59.64 15.51 -83.85
CA CYS F 113 58.61 14.85 -84.66
C CYS F 113 58.57 13.37 -84.35
N ARG F 114 59.72 12.70 -84.28
CA ARG F 114 59.71 11.27 -84.02
C ARG F 114 59.12 10.98 -82.64
N ARG F 115 59.37 11.82 -81.66
CA ARG F 115 58.98 11.52 -80.30
C ARG F 115 57.54 11.98 -80.03
N ASN F 116 56.95 12.78 -80.91
CA ASN F 116 55.62 13.31 -80.65
C ASN F 116 54.63 12.91 -81.74
N ASP F 117 55.01 12.01 -82.62
CA ASP F 117 54.16 11.48 -83.66
C ASP F 117 53.63 12.55 -84.59
N ILE F 118 54.52 13.38 -85.13
CA ILE F 118 54.19 14.42 -86.09
C ILE F 118 54.97 14.12 -87.34
N ASN F 119 54.34 14.23 -88.50
CA ASN F 119 55.05 13.96 -89.74
C ASN F 119 54.93 15.12 -90.73
N THR F 120 54.28 16.24 -90.33
CA THR F 120 54.23 17.41 -91.18
C THR F 120 54.66 18.61 -90.37
N ILE F 121 55.70 19.31 -90.85
CA ILE F 121 56.13 20.55 -90.25
C ILE F 121 55.90 21.67 -91.26
N ASN F 122 55.65 22.87 -90.73
CA ASN F 122 55.32 24.02 -91.55
C ASN F 122 56.06 25.25 -91.02
N ASP F 123 56.47 26.15 -91.91
CA ASP F 123 57.03 27.40 -91.45
C ASP F 123 56.42 28.58 -92.19
N GLY F 124 56.90 29.79 -91.80
CA GLY F 124 56.38 31.02 -92.36
C GLY F 124 57.29 31.65 -93.39
N ILE F 125 58.21 30.90 -93.98
CA ILE F 125 59.02 31.55 -95.00
C ILE F 125 58.10 32.13 -96.07
N THR F 126 58.48 33.33 -96.56
CA THR F 126 57.70 34.10 -97.53
C THR F 126 58.59 34.55 -98.69
N HIS F 127 57.98 34.67 -99.89
CA HIS F 127 58.63 35.21 -101.06
C HIS F 127 59.29 36.60 -100.80
N TYR F 128 58.60 37.45 -100.04
CA TYR F 128 59.04 38.82 -99.87
C TYR F 128 60.28 38.86 -98.97
N GLN F 129 60.67 37.75 -98.35
CA GLN F 129 61.86 37.73 -97.49
C GLN F 129 63.01 36.87 -98.03
N MET F 130 63.12 36.83 -99.37
CA MET F 130 64.10 35.95 -100.00
C MET F 130 65.55 36.41 -99.82
N GLU F 131 65.81 37.63 -99.35
CA GLU F 131 67.15 38.08 -99.00
C GLU F 131 67.78 37.22 -97.88
N PHE F 132 66.96 36.59 -97.01
CA PHE F 132 67.45 35.90 -95.84
C PHE F 132 67.77 34.46 -96.22
N PRO F 133 68.95 33.92 -95.87
CA PRO F 133 69.44 32.66 -96.43
C PRO F 133 68.52 31.50 -96.16
N GLU F 134 67.86 31.48 -95.01
CA GLU F 134 67.03 30.35 -94.65
C GLU F 134 65.72 30.34 -95.44
N GLN F 135 65.45 31.41 -96.19
CA GLN F 135 64.19 31.59 -96.89
C GLN F 135 64.41 31.50 -98.40
N ARG F 136 65.66 31.24 -98.80
CA ARG F 136 65.96 31.04 -100.21
C ARG F 136 65.48 29.68 -100.69
N LEU F 137 65.00 29.63 -101.95
CA LEU F 137 64.61 28.39 -102.57
C LEU F 137 65.71 27.33 -102.36
N VAL F 138 66.98 27.69 -102.51
CA VAL F 138 68.02 26.67 -102.50
C VAL F 138 68.13 26.06 -101.09
N ALA F 139 67.95 26.88 -100.05
CA ALA F 139 67.97 26.37 -98.68
C ALA F 139 66.73 25.55 -98.39
N LYS F 140 65.57 26.03 -98.82
CA LYS F 140 64.33 25.33 -98.54
C LYS F 140 64.38 23.94 -99.19
N THR F 141 64.90 23.88 -100.41
CA THR F 141 64.94 22.63 -101.15
C THR F 141 65.84 21.68 -100.37
N PHE F 142 67.01 22.16 -99.96
CA PHE F 142 67.92 21.34 -99.15
C PHE F 142 67.22 20.81 -97.90
N LEU F 143 66.53 21.67 -97.15
CA LEU F 143 65.94 21.25 -95.90
C LEU F 143 64.76 20.30 -96.14
N MET F 144 63.96 20.52 -97.20
CA MET F 144 62.92 19.57 -97.58
C MET F 144 63.50 18.17 -97.81
N GLU F 145 64.62 18.08 -98.53
CA GLU F 145 65.29 16.81 -98.79
C GLU F 145 65.73 16.20 -97.46
N MET F 146 66.38 17.01 -96.62
CA MET F 146 66.80 16.54 -95.31
C MET F 146 65.61 16.01 -94.51
N MET F 147 64.49 16.72 -94.48
CA MET F 147 63.36 16.26 -93.68
C MET F 147 62.78 15.00 -94.30
N ALA F 148 62.84 14.85 -95.62
CA ALA F 148 62.25 13.68 -96.26
C ALA F 148 63.08 12.42 -95.98
N GLN F 149 64.37 12.57 -95.73
CA GLN F 149 65.19 11.44 -95.32
C GLN F 149 64.69 10.88 -93.99
N TYR F 150 63.99 11.66 -93.18
CA TYR F 150 63.37 11.14 -91.97
C TYR F 150 61.85 10.99 -92.11
N ASP F 151 61.35 10.93 -93.35
CA ASP F 151 59.92 10.76 -93.62
C ASP F 151 59.11 11.85 -92.95
N ILE F 152 59.65 13.06 -93.02
CA ILE F 152 58.96 14.22 -92.50
C ILE F 152 58.66 15.13 -93.69
N ASN F 153 57.41 15.56 -93.74
CA ASN F 153 56.94 16.44 -94.79
C ASN F 153 57.11 17.88 -94.32
N TYR F 154 57.90 18.67 -95.05
CA TYR F 154 58.17 20.07 -94.69
C TYR F 154 57.49 20.97 -95.70
N GLN F 155 56.48 21.72 -95.25
CA GLN F 155 55.72 22.60 -96.12
C GLN F 155 55.93 24.04 -95.69
N SER F 156 55.65 24.94 -96.63
CA SER F 156 55.75 26.36 -96.40
C SER F 156 54.46 27.00 -96.88
N PRO F 157 53.35 26.95 -96.10
CA PRO F 157 52.03 27.20 -96.65
C PRO F 157 51.71 28.65 -96.98
N VAL F 158 52.56 29.62 -96.60
CA VAL F 158 52.26 31.00 -96.97
C VAL F 158 53.37 31.58 -97.86
N TYR F 159 54.31 30.74 -98.29
CA TYR F 159 55.39 31.13 -99.21
C TYR F 159 54.88 31.75 -100.50
N GLU F 160 54.01 31.02 -101.23
CA GLU F 160 53.48 31.36 -102.53
C GLU F 160 52.77 32.72 -102.49
N PHE F 161 52.02 32.94 -101.42
CA PHE F 161 50.99 33.97 -101.42
C PHE F 161 51.59 35.33 -101.08
N ALA F 162 52.57 35.31 -100.18
CA ALA F 162 52.99 36.55 -99.51
C ALA F 162 53.96 37.33 -100.39
N GLN F 163 53.41 38.20 -101.26
CA GLN F 163 54.26 38.99 -102.15
C GLN F 163 54.79 40.24 -101.47
N SER F 164 54.23 40.59 -100.31
CA SER F 164 54.66 41.72 -99.50
C SER F 164 54.19 41.49 -98.07
N ALA F 165 54.79 42.21 -97.13
CA ALA F 165 54.32 42.13 -95.76
C ALA F 165 52.84 42.55 -95.67
N ASP F 166 52.42 43.47 -96.53
CA ASP F 166 51.06 43.98 -96.46
C ASP F 166 50.04 42.87 -96.69
N ASP F 167 50.31 41.96 -97.65
CA ASP F 167 49.44 40.82 -97.89
C ASP F 167 49.18 40.05 -96.59
N VAL F 168 50.26 39.77 -95.84
CA VAL F 168 50.16 39.01 -94.63
C VAL F 168 49.39 39.79 -93.56
N LYS F 169 49.75 41.06 -93.38
CA LYS F 169 49.18 41.88 -92.33
C LYS F 169 47.65 41.85 -92.40
N TYR F 170 47.09 42.07 -93.58
CA TYR F 170 45.66 42.34 -93.68
C TYR F 170 44.86 41.04 -93.68
N ARG F 171 45.52 39.92 -93.90
CA ARG F 171 44.83 38.62 -93.72
C ARG F 171 44.79 38.35 -92.22
N LEU F 172 45.84 38.74 -91.50
CA LEU F 172 45.79 38.60 -90.07
C LEU F 172 44.68 39.50 -89.47
N LEU F 173 44.57 40.71 -90.00
CA LEU F 173 43.62 41.67 -89.44
C LEU F 173 42.21 41.12 -89.66
N GLN F 174 41.98 40.47 -90.78
CA GLN F 174 40.69 39.85 -91.08
C GLN F 174 40.37 38.74 -90.08
N LEU F 175 41.39 38.17 -89.44
CA LEU F 175 41.19 37.14 -88.46
C LEU F 175 40.97 37.74 -87.08
N GLY F 176 40.96 39.05 -86.96
CA GLY F 176 40.88 39.69 -85.64
C GLY F 176 42.18 39.59 -84.86
N ILE F 177 43.30 39.41 -85.56
CA ILE F 177 44.62 39.34 -84.97
C ILE F 177 45.46 40.55 -85.38
N SER F 178 46.33 40.99 -84.44
CA SER F 178 47.26 42.09 -84.68
C SER F 178 48.21 41.79 -85.85
N THR F 179 48.57 42.87 -86.54
CA THR F 179 49.35 42.78 -87.77
C THR F 179 50.84 42.71 -87.46
N LYS F 180 51.24 42.97 -86.21
CA LYS F 180 52.64 43.16 -85.86
C LYS F 180 53.38 41.83 -85.81
N SER F 181 54.72 41.89 -85.91
CA SER F 181 55.54 40.71 -85.70
C SER F 181 55.95 40.74 -84.22
N LEU F 182 55.26 39.95 -83.40
CA LEU F 182 55.50 39.92 -81.99
C LEU F 182 56.46 38.81 -81.68
N GLU F 183 57.71 39.06 -82.02
CA GLU F 183 58.76 38.06 -81.89
C GLU F 183 59.95 38.72 -81.19
N GLY F 184 60.82 37.86 -80.68
CA GLY F 184 62.12 38.22 -80.21
C GLY F 184 63.03 38.69 -81.33
N ILE F 185 64.17 39.26 -80.95
CA ILE F 185 65.14 39.73 -81.91
C ILE F 185 66.44 38.96 -81.67
N SER F 186 66.96 38.36 -82.72
CA SER F 186 68.26 37.74 -82.67
C SER F 186 69.32 38.83 -82.42
N ILE F 187 70.33 38.54 -81.60
CA ILE F 187 71.41 39.48 -81.45
C ILE F 187 72.15 39.59 -82.79
N PHE F 188 71.94 38.64 -83.69
CA PHE F 188 72.58 38.65 -85.00
C PHE F 188 71.77 39.42 -86.07
N ALA F 189 70.61 39.97 -85.72
CA ALA F 189 69.93 40.95 -86.57
C ALA F 189 70.90 42.02 -87.08
N ASP F 190 70.84 42.28 -88.39
CA ASP F 190 71.58 43.37 -89.01
C ASP F 190 73.08 43.21 -88.74
N SER F 191 73.56 41.97 -88.69
CA SER F 191 74.95 41.67 -88.34
C SER F 191 75.64 40.95 -89.49
N PHE F 192 75.02 41.01 -90.66
CA PHE F 192 75.44 40.20 -91.77
C PHE F 192 75.14 40.95 -93.05
N SER F 193 75.97 40.70 -94.06
CA SER F 193 75.72 41.11 -95.43
C SER F 193 75.12 39.91 -96.19
N THR F 194 74.64 40.17 -97.41
CA THR F 194 73.87 39.16 -98.16
C THR F 194 74.79 38.09 -98.76
N PRO F 195 74.59 36.77 -98.49
CA PRO F 195 75.38 35.73 -99.10
C PRO F 195 74.79 35.24 -100.43
N SER F 196 75.68 34.69 -101.28
CA SER F 196 75.23 34.00 -102.48
C SER F 196 74.52 32.69 -102.15
N ASP F 197 73.67 32.26 -103.10
CA ASP F 197 73.13 30.92 -103.15
C ASP F 197 74.25 29.88 -103.06
N ASP F 198 75.36 30.02 -103.81
CA ASP F 198 76.37 28.98 -103.74
C ASP F 198 76.88 28.84 -102.32
N VAL F 199 77.02 29.97 -101.61
CA VAL F 199 77.58 29.94 -100.27
C VAL F 199 76.62 29.29 -99.28
N VAL F 200 75.34 29.59 -99.42
CA VAL F 200 74.30 28.99 -98.59
C VAL F 200 74.27 27.48 -98.76
N LEU F 201 74.34 26.98 -99.99
CA LEU F 201 74.33 25.55 -100.26
C LEU F 201 75.59 24.89 -99.72
N ALA F 202 76.75 25.53 -99.90
CA ALA F 202 78.01 24.94 -99.48
C ALA F 202 78.07 24.83 -97.95
N TYR F 203 77.44 25.77 -97.26
CA TYR F 203 77.44 25.75 -95.77
C TYR F 203 76.51 24.68 -95.30
N LEU F 204 75.31 24.68 -95.86
CA LEU F 204 74.32 23.71 -95.39
C LEU F 204 74.87 22.29 -95.58
N ARG F 205 75.71 22.11 -96.59
CA ARG F 205 76.28 20.78 -96.89
C ARG F 205 77.45 20.51 -95.95
N GLU F 206 78.25 21.52 -95.65
CA GLU F 206 79.35 21.33 -94.72
C GLU F 206 78.86 20.98 -93.32
N LYS F 207 77.75 21.60 -92.87
CA LYS F 207 77.26 21.43 -91.50
C LYS F 207 76.30 20.24 -91.39
N ALA F 208 75.83 19.71 -92.54
CA ALA F 208 74.87 18.62 -92.52
C ALA F 208 75.33 17.41 -91.70
N PRO F 209 76.56 16.91 -91.88
CA PRO F 209 77.07 15.83 -91.06
C PRO F 209 76.87 16.09 -89.56
N LEU F 210 77.18 17.31 -89.12
CA LEU F 210 77.01 17.64 -87.73
C LEU F 210 75.53 17.57 -87.33
N ALA F 211 74.64 18.10 -88.19
CA ALA F 211 73.24 18.10 -87.86
C ALA F 211 72.71 16.67 -87.71
N HIS F 212 73.09 15.78 -88.62
CA HIS F 212 72.60 14.41 -88.61
C HIS F 212 73.13 13.68 -87.36
N ASN F 213 74.36 14.03 -86.97
CA ASN F 213 74.96 13.46 -85.79
C ASN F 213 74.17 13.88 -84.53
N ILE F 214 73.75 15.15 -84.49
CA ILE F 214 72.94 15.66 -83.39
C ILE F 214 71.61 14.93 -83.37
N VAL F 215 71.03 14.69 -84.53
CA VAL F 215 69.80 13.91 -84.62
C VAL F 215 70.00 12.52 -83.98
N ASN F 216 71.11 11.86 -84.31
CA ASN F 216 71.36 10.53 -83.76
C ASN F 216 71.57 10.57 -82.24
N PHE F 217 72.22 11.61 -81.72
CA PHE F 217 72.48 11.69 -80.27
C PHE F 217 71.19 11.96 -79.55
N LEU F 218 70.34 12.81 -80.12
CA LEU F 218 69.06 13.17 -79.48
C LEU F 218 68.24 11.89 -79.29
N ALA F 219 68.57 10.84 -80.03
CA ALA F 219 67.96 9.51 -79.76
C ALA F 219 68.99 8.72 -78.96
N GLY F 220 69.55 7.65 -79.48
CA GLY F 220 70.64 6.93 -78.80
C GLY F 220 71.89 6.82 -79.65
N GLU F 221 73.00 7.48 -79.26
CA GLU F 221 74.33 7.42 -79.92
C GLU F 221 75.16 8.63 -79.41
N THR F 222 76.32 8.39 -78.80
CA THR F 222 77.11 9.49 -78.19
C THR F 222 78.36 9.82 -78.96
N LEU F 223 78.57 9.33 -80.18
CA LEU F 223 79.90 9.61 -80.78
C LEU F 223 79.90 10.64 -81.92
N ASN F 224 81.05 11.22 -82.24
CA ASN F 224 81.22 12.20 -83.36
C ASN F 224 80.64 13.55 -82.96
N SER G 6 7.78 0.83 -30.31
CA SER G 6 7.16 2.17 -30.54
C SER G 6 5.65 2.01 -30.33
N VAL G 7 4.98 3.11 -29.93
CA VAL G 7 3.54 3.16 -29.79
C VAL G 7 3.10 4.38 -30.58
N LYS G 8 1.82 4.54 -30.85
CA LYS G 8 1.27 5.72 -31.51
C LYS G 8 1.30 6.95 -30.59
N PRO G 9 1.92 8.09 -31.03
CA PRO G 9 1.99 9.28 -30.18
C PRO G 9 0.64 9.80 -29.77
N GLN G 10 0.60 10.33 -28.56
CA GLN G 10 -0.57 11.04 -28.05
C GLN G 10 -0.18 12.47 -27.75
N LEU G 11 -1.19 13.31 -27.57
CA LEU G 11 -0.96 14.74 -27.33
C LEU G 11 -1.19 15.02 -25.85
N VAL G 12 -0.32 15.86 -25.29
CA VAL G 12 -0.53 16.40 -23.95
C VAL G 12 -0.71 17.90 -24.01
N MET G 13 -1.80 18.34 -23.37
CA MET G 13 -2.04 19.77 -23.17
C MET G 13 -1.06 20.27 -22.13
N PHE G 14 -0.01 20.94 -22.57
CA PHE G 14 1.14 21.18 -21.73
C PHE G 14 1.38 22.67 -21.53
N THR G 15 1.43 23.10 -20.28
CA THR G 15 1.60 24.51 -19.94
C THR G 15 2.99 24.79 -19.36
N GLY G 16 3.68 23.73 -18.94
CA GLY G 16 4.91 23.90 -18.17
C GLY G 16 4.67 23.75 -16.67
N GLY G 17 3.42 23.72 -16.25
CA GLY G 17 3.14 23.51 -14.84
C GLY G 17 3.50 22.07 -14.39
N ARG G 18 3.68 21.92 -13.08
CA ARG G 18 3.93 20.62 -12.50
C ARG G 18 3.04 19.50 -13.03
N ASP G 19 1.76 19.75 -13.07
CA ASP G 19 0.75 18.74 -13.20
C ASP G 19 0.77 18.21 -14.63
N SER G 20 0.83 19.09 -15.61
CA SER G 20 0.87 18.68 -17.01
C SER G 20 2.25 18.11 -17.37
N THR G 21 3.29 18.56 -16.67
CA THR G 21 4.63 18.00 -16.82
C THR G 21 4.58 16.54 -16.38
N LEU G 22 4.01 16.27 -15.21
CA LEU G 22 3.92 14.92 -14.69
C LEU G 22 3.06 14.07 -15.62
N ALA G 23 1.99 14.64 -16.19
CA ALA G 23 1.12 13.88 -17.06
C ALA G 23 1.92 13.38 -18.24
N ALA G 24 2.66 14.29 -18.86
CA ALA G 24 3.46 13.93 -20.01
C ALA G 24 4.51 12.88 -19.61
N CYS G 25 5.20 13.11 -18.49
CA CYS G 25 6.27 12.22 -18.02
C CYS G 25 5.72 10.81 -17.77
N TYR G 26 4.55 10.71 -17.14
CA TYR G 26 4.01 9.42 -16.76
C TYR G 26 3.66 8.62 -18.02
N LEU G 27 3.13 9.31 -19.05
CA LEU G 27 2.88 8.66 -20.31
C LEU G 27 4.19 8.12 -20.89
N MET G 28 5.23 8.94 -20.84
CA MET G 28 6.46 8.57 -21.52
C MET G 28 7.16 7.42 -20.78
N LEU G 29 6.94 7.33 -19.46
CA LEU G 29 7.55 6.28 -18.67
C LEU G 29 6.98 4.93 -19.12
N GLN G 30 5.77 4.95 -19.69
CA GLN G 30 5.11 3.72 -20.13
C GLN G 30 5.52 3.37 -21.55
N GLY G 31 6.38 4.17 -22.18
CA GLY G 31 6.68 3.99 -23.58
C GLY G 31 5.77 4.75 -24.55
N ILE G 32 4.89 5.61 -24.06
CA ILE G 32 3.99 6.36 -24.92
C ILE G 32 4.62 7.68 -25.36
N PRO G 33 4.92 7.86 -26.65
CA PRO G 33 5.46 9.11 -27.15
C PRO G 33 4.43 10.22 -27.00
N VAL G 34 4.87 11.42 -26.57
CA VAL G 34 3.93 12.51 -26.43
C VAL G 34 4.34 13.68 -27.32
N HIS G 35 3.34 14.25 -27.99
CA HIS G 35 3.40 15.54 -28.63
C HIS G 35 2.90 16.59 -27.60
N LEU G 36 3.81 17.43 -27.12
CA LEU G 36 3.49 18.50 -26.21
C LEU G 36 2.84 19.64 -26.98
N TRP G 37 1.63 20.08 -26.52
CA TRP G 37 0.90 21.14 -27.18
C TRP G 37 0.57 22.24 -26.18
N SER G 38 0.99 23.49 -26.51
CA SER G 38 0.81 24.65 -25.68
C SER G 38 0.06 25.72 -26.46
N GLY G 39 -1.04 26.22 -25.89
CA GLY G 39 -1.79 27.31 -26.51
C GLY G 39 -1.29 28.67 -26.05
N ASN G 40 -0.85 29.53 -26.95
CA ASN G 40 -0.66 30.96 -26.71
C ASN G 40 -1.91 31.79 -27.07
N SER G 41 -2.57 32.33 -26.08
CA SER G 41 -3.81 33.09 -26.23
C SER G 41 -3.56 34.57 -26.56
N GLY G 42 -2.30 34.98 -26.48
CA GLY G 42 -1.91 36.34 -26.79
C GLY G 42 -2.01 37.28 -25.59
N CYS G 43 -2.39 36.76 -24.44
CA CYS G 43 -2.47 37.54 -23.21
C CYS G 43 -1.67 36.87 -22.09
N SER G 44 -0.62 36.15 -22.47
CA SER G 44 0.15 35.34 -21.54
C SER G 44 1.49 36.02 -21.38
N LEU G 45 1.91 36.23 -20.14
CA LEU G 45 3.15 36.95 -19.87
C LEU G 45 4.24 36.00 -19.42
N HIS G 46 5.47 36.37 -19.73
CA HIS G 46 6.65 35.71 -19.18
C HIS G 46 6.60 34.23 -19.49
N ARG G 47 6.39 33.87 -20.76
CA ARG G 47 6.34 32.50 -21.24
C ARG G 47 7.72 31.91 -21.58
N GLY G 48 8.79 32.69 -21.48
CA GLY G 48 10.15 32.22 -21.75
C GLY G 48 10.58 31.00 -20.97
N ILE G 49 10.12 30.86 -19.72
CA ILE G 49 10.64 29.78 -18.87
C ILE G 49 10.13 28.43 -19.35
N LEU G 50 9.08 28.44 -20.13
CA LEU G 50 8.53 27.16 -20.60
C LEU G 50 9.61 26.32 -21.30
N SER G 51 10.47 26.98 -22.07
CA SER G 51 11.49 26.28 -22.82
C SER G 51 12.43 25.49 -21.88
N HIS G 52 12.71 26.02 -20.69
CA HIS G 52 13.58 25.34 -19.76
C HIS G 52 12.94 24.00 -19.37
N ARG G 53 11.61 23.96 -19.23
CA ARG G 53 10.95 22.74 -18.79
C ARG G 53 10.97 21.70 -19.89
N VAL G 54 10.76 22.15 -21.12
CA VAL G 54 10.80 21.27 -22.27
C VAL G 54 12.19 20.63 -22.35
N GLU G 55 13.21 21.43 -22.10
CA GLU G 55 14.60 20.95 -22.15
C GLU G 55 14.77 19.83 -21.11
N GLU G 56 14.28 20.03 -19.89
CA GLU G 56 14.42 19.04 -18.87
C GLU G 56 13.80 17.72 -19.30
N MET G 57 12.64 17.81 -20.00
CA MET G 57 11.88 16.63 -20.38
C MET G 57 12.58 15.88 -21.50
N LYS G 58 13.09 16.62 -22.51
CA LYS G 58 13.90 16.05 -23.58
C LYS G 58 15.13 15.35 -23.01
N ASN G 59 15.76 15.95 -21.99
CA ASN G 59 16.95 15.40 -21.37
C ASN G 59 16.65 14.05 -20.74
N ARG G 60 15.48 13.93 -20.11
CA ARG G 60 15.14 12.76 -19.31
C ARG G 60 14.50 11.66 -20.16
N PHE G 61 13.89 11.97 -21.32
CA PHE G 61 13.08 10.98 -22.03
C PHE G 61 13.41 10.90 -23.53
N GLY G 62 14.29 11.75 -24.05
CA GLY G 62 14.76 11.67 -25.42
C GLY G 62 13.64 11.80 -26.46
N ASP G 63 13.74 10.91 -27.46
CA ASP G 63 12.81 10.69 -28.55
C ASP G 63 11.35 10.59 -28.13
N LEU G 64 11.09 10.20 -26.91
CA LEU G 64 9.69 10.04 -26.48
C LEU G 64 8.95 11.39 -26.49
N VAL G 65 9.70 12.50 -26.43
CA VAL G 65 9.13 13.82 -26.69
C VAL G 65 9.20 14.03 -28.19
N VAL G 66 8.08 13.85 -28.90
CA VAL G 66 8.21 13.85 -30.34
C VAL G 66 8.15 15.29 -30.86
N GLY G 67 7.72 16.22 -30.02
CA GLY G 67 7.72 17.62 -30.42
C GLY G 67 6.93 18.48 -29.43
N HIS G 68 7.09 19.79 -29.66
CA HIS G 68 6.46 20.83 -28.86
C HIS G 68 5.83 21.84 -29.81
N THR G 69 4.49 21.89 -29.87
CA THR G 69 3.80 22.86 -30.69
C THR G 69 3.27 23.98 -29.78
N VAL G 70 3.58 25.21 -30.15
CA VAL G 70 3.02 26.39 -29.52
C VAL G 70 2.07 26.99 -30.54
N ALA G 71 0.77 26.96 -30.25
CA ALA G 71 -0.23 27.44 -31.19
C ALA G 71 -0.74 28.83 -30.83
N ASP G 72 -0.88 29.69 -31.83
CA ASP G 72 -1.47 31.01 -31.65
C ASP G 72 -2.96 30.81 -31.70
N ILE G 73 -3.63 30.93 -30.56
CA ILE G 73 -5.07 30.76 -30.46
C ILE G 73 -5.72 32.09 -30.14
N SER G 74 -5.00 33.22 -30.30
CA SER G 74 -5.52 34.52 -29.95
C SER G 74 -6.83 34.86 -30.69
N GLY G 75 -6.93 34.42 -31.94
CA GLY G 75 -8.11 34.78 -32.73
C GLY G 75 -9.36 34.08 -32.22
N ALA G 76 -9.27 32.76 -32.03
CA ALA G 76 -10.37 31.98 -31.46
C ALA G 76 -10.71 32.46 -30.05
N PHE G 77 -9.69 32.78 -29.27
CA PHE G 77 -9.87 33.24 -27.89
C PHE G 77 -10.65 34.52 -27.90
N ARG G 78 -10.20 35.48 -28.71
CA ARG G 78 -10.90 36.72 -28.85
C ARG G 78 -12.37 36.46 -29.19
N SER G 79 -12.63 35.67 -30.25
CA SER G 79 -14.00 35.45 -30.72
C SER G 79 -14.89 34.84 -29.65
N ILE G 80 -14.38 33.87 -28.88
CA ILE G 80 -15.17 33.15 -27.90
C ILE G 80 -15.38 33.97 -26.62
N ALA G 81 -14.33 34.64 -26.15
CA ALA G 81 -14.24 35.07 -24.76
C ALA G 81 -14.14 36.56 -24.57
N ILE G 82 -13.66 37.30 -25.58
CA ILE G 82 -13.36 38.75 -25.39
C ILE G 82 -14.33 39.66 -26.15
N GLU G 83 -14.74 39.27 -27.34
CA GLU G 83 -15.61 40.16 -28.17
C GLU G 83 -16.89 40.53 -27.41
N ALA G 84 -17.45 39.61 -26.63
CA ALA G 84 -18.72 39.88 -25.93
C ALA G 84 -18.49 39.93 -24.42
N LEU G 85 -17.29 40.32 -24.03
CA LEU G 85 -16.97 40.43 -22.62
C LEU G 85 -18.01 41.21 -21.82
N GLU G 86 -18.49 42.35 -22.33
CA GLU G 86 -19.51 43.11 -21.61
C GLU G 86 -20.73 42.24 -21.34
N GLN G 87 -21.29 41.66 -22.43
CA GLN G 87 -22.49 40.82 -22.39
C GLN G 87 -22.26 39.66 -21.41
N ASP G 88 -21.12 38.99 -21.59
CA ASP G 88 -20.77 37.80 -20.81
C ASP G 88 -20.79 38.11 -19.32
N ILE G 89 -20.11 39.17 -18.88
CA ILE G 89 -20.04 39.49 -17.46
C ILE G 89 -21.39 39.99 -16.92
N LEU G 90 -22.14 40.75 -17.71
CA LEU G 90 -23.42 41.26 -17.26
C LEU G 90 -24.43 40.11 -17.12
N LYS G 91 -24.32 39.09 -17.96
CA LYS G 91 -25.24 37.96 -17.91
C LYS G 91 -24.86 37.01 -16.76
N TYR G 92 -23.61 36.55 -16.70
CA TYR G 92 -23.28 35.51 -15.75
C TYR G 92 -22.83 36.10 -14.42
N ARG G 93 -22.48 37.40 -14.40
CA ARG G 93 -22.01 38.07 -13.16
C ARG G 93 -20.65 37.49 -12.77
N LYS G 94 -19.96 36.87 -13.72
CA LYS G 94 -18.68 36.26 -13.50
C LYS G 94 -17.79 36.36 -14.73
N ASN G 95 -16.51 36.59 -14.48
CA ASN G 95 -15.53 36.73 -15.54
C ASN G 95 -15.04 35.34 -15.85
N LEU G 96 -15.51 34.81 -17.01
CA LEU G 96 -15.19 33.44 -17.37
C LEU G 96 -14.26 33.45 -18.59
N VAL G 97 -13.45 34.49 -18.75
CA VAL G 97 -12.51 34.57 -19.83
C VAL G 97 -11.62 33.30 -19.95
N LEU G 98 -11.15 32.81 -18.82
CA LEU G 98 -10.24 31.68 -18.80
C LEU G 98 -10.96 30.39 -19.16
N LEU G 99 -12.27 30.33 -18.98
CA LEU G 99 -13.07 29.21 -19.40
C LEU G 99 -13.21 29.24 -20.93
N GLY G 100 -13.54 30.40 -21.43
CA GLY G 100 -13.48 30.66 -22.86
C GLY G 100 -12.16 30.29 -23.46
N GLU G 101 -11.05 30.57 -22.80
CA GLU G 101 -9.75 30.22 -23.38
C GLU G 101 -9.67 28.70 -23.52
N LYS G 102 -10.19 27.95 -22.56
CA LYS G 102 -10.13 26.50 -22.61
C LYS G 102 -10.98 25.99 -23.77
N LEU G 103 -12.12 26.62 -24.03
CA LEU G 103 -12.93 26.25 -25.16
C LEU G 103 -12.18 26.52 -26.47
N ALA G 104 -11.45 27.64 -26.51
CA ALA G 104 -10.67 28.01 -27.68
C ALA G 104 -9.54 27.00 -27.91
N ILE G 105 -8.88 26.62 -26.82
CA ILE G 105 -7.89 25.54 -26.88
C ILE G 105 -8.52 24.30 -27.51
N HIS G 106 -9.72 23.92 -27.12
CA HIS G 106 -10.33 22.66 -27.55
C HIS G 106 -10.70 22.71 -29.05
N ALA G 107 -11.14 23.90 -29.53
CA ALA G 107 -11.44 24.06 -30.94
C ALA G 107 -10.18 23.86 -31.76
N HIS G 108 -9.11 24.51 -31.36
CA HIS G 108 -7.80 24.37 -32.00
C HIS G 108 -7.30 22.92 -31.98
N LEU G 109 -7.61 22.18 -30.91
CA LEU G 109 -7.10 20.83 -30.76
C LEU G 109 -7.82 19.87 -31.72
N VAL G 110 -9.11 20.14 -32.00
CA VAL G 110 -9.80 19.35 -32.98
C VAL G 110 -9.03 19.48 -34.30
N ASP G 111 -8.70 20.73 -34.67
CA ASP G 111 -8.06 20.93 -35.94
C ASP G 111 -6.69 20.26 -35.93
N PHE G 112 -5.95 20.50 -34.86
CA PHE G 112 -4.61 19.96 -34.76
C PHE G 112 -4.66 18.43 -34.83
N CYS G 113 -5.58 17.80 -34.07
CA CYS G 113 -5.63 16.34 -34.04
C CYS G 113 -5.97 15.79 -35.43
N ARG G 114 -6.91 16.43 -36.10
CA ARG G 114 -7.36 15.86 -37.39
C ARG G 114 -6.28 16.08 -38.45
N ARG G 115 -5.39 17.04 -38.23
CA ARG G 115 -4.39 17.37 -39.27
C ARG G 115 -3.06 16.67 -38.96
N ASN G 116 -2.94 16.08 -37.78
CA ASN G 116 -1.68 15.45 -37.39
C ASN G 116 -1.89 14.01 -36.97
N ASP G 117 -3.07 13.44 -37.24
CA ASP G 117 -3.34 12.03 -36.99
C ASP G 117 -3.17 11.65 -35.51
N ILE G 118 -3.80 12.40 -34.62
CA ILE G 118 -3.77 12.14 -33.20
C ILE G 118 -5.22 11.93 -32.78
N ASN G 119 -5.42 10.86 -31.99
CA ASN G 119 -6.79 10.62 -31.54
C ASN G 119 -6.87 10.52 -30.04
N THR G 120 -5.77 10.72 -29.30
CA THR G 120 -5.83 10.72 -27.85
C THR G 120 -5.15 12.00 -27.38
N ILE G 121 -5.91 12.79 -26.61
CA ILE G 121 -5.34 13.94 -25.93
C ILE G 121 -5.38 13.67 -24.42
N ASN G 122 -4.44 14.32 -23.71
CA ASN G 122 -4.31 14.11 -22.29
C ASN G 122 -4.11 15.49 -21.64
N ASP G 123 -4.69 15.60 -20.41
CA ASP G 123 -4.41 16.73 -19.58
C ASP G 123 -3.84 16.33 -18.22
N GLY G 124 -3.52 17.37 -17.45
CA GLY G 124 -2.72 17.26 -16.23
C GLY G 124 -3.60 17.29 -14.96
N ILE G 125 -4.90 16.98 -15.06
CA ILE G 125 -5.65 16.92 -13.82
C ILE G 125 -4.98 15.92 -12.91
N THR G 126 -4.88 16.23 -11.58
CA THR G 126 -4.19 15.42 -10.60
C THR G 126 -5.09 15.35 -9.35
N HIS G 127 -4.63 15.88 -8.21
CA HIS G 127 -5.50 16.17 -7.08
C HIS G 127 -6.50 17.31 -7.32
N TYR G 128 -7.44 17.51 -6.40
CA TYR G 128 -8.46 18.58 -6.53
C TYR G 128 -7.88 19.99 -6.45
N GLN G 129 -8.20 20.83 -7.43
CA GLN G 129 -7.78 22.25 -7.41
C GLN G 129 -9.04 23.14 -7.64
N MET G 130 -9.46 23.90 -6.63
CA MET G 130 -10.70 24.72 -6.71
C MET G 130 -10.60 25.84 -7.74
N GLU G 131 -9.40 26.39 -7.90
CA GLU G 131 -9.19 27.55 -8.78
C GLU G 131 -9.57 27.26 -10.22
N PHE G 132 -9.61 25.99 -10.61
CA PHE G 132 -9.83 25.70 -12.05
C PHE G 132 -11.19 25.07 -12.31
N PRO G 133 -12.20 25.89 -12.65
CA PRO G 133 -13.55 25.43 -12.98
C PRO G 133 -13.54 24.42 -14.12
N GLU G 134 -12.59 24.50 -15.04
CA GLU G 134 -12.53 23.58 -16.16
C GLU G 134 -12.10 22.18 -15.72
N GLN G 135 -11.67 22.01 -14.48
CA GLN G 135 -11.25 20.68 -14.01
C GLN G 135 -12.44 20.01 -13.33
N ARG G 136 -13.60 20.67 -13.35
CA ARG G 136 -14.81 20.11 -12.70
C ARG G 136 -15.53 19.14 -13.65
N LEU G 137 -16.23 18.16 -13.09
CA LEU G 137 -16.93 17.12 -13.89
C LEU G 137 -17.89 17.74 -14.89
N VAL G 138 -18.56 18.82 -14.50
CA VAL G 138 -19.54 19.49 -15.40
C VAL G 138 -18.82 19.96 -16.67
N ALA G 139 -17.61 20.49 -16.53
CA ALA G 139 -16.85 21.05 -17.67
C ALA G 139 -16.11 19.96 -18.43
N LYS G 140 -15.56 19.02 -17.69
CA LYS G 140 -14.79 17.93 -18.31
C LYS G 140 -15.77 17.01 -19.05
N THR G 141 -16.97 16.86 -18.52
CA THR G 141 -17.95 16.05 -19.23
C THR G 141 -18.26 16.76 -20.52
N PHE G 142 -18.54 18.07 -20.42
CA PHE G 142 -18.79 18.84 -21.63
C PHE G 142 -17.64 18.74 -22.64
N LEU G 143 -16.40 18.92 -22.19
CA LEU G 143 -15.28 18.95 -23.10
C LEU G 143 -15.00 17.56 -23.69
N MET G 144 -15.16 16.50 -22.85
CA MET G 144 -14.99 15.13 -23.34
C MET G 144 -16.00 14.85 -24.43
N GLU G 145 -17.25 15.29 -24.26
CA GLU G 145 -18.31 15.12 -25.23
C GLU G 145 -17.94 15.83 -26.50
N MET G 146 -17.48 17.08 -26.37
CA MET G 146 -17.08 17.85 -27.53
C MET G 146 -15.99 17.08 -28.30
N MET G 147 -14.99 16.58 -27.61
CA MET G 147 -13.88 15.95 -28.34
C MET G 147 -14.38 14.62 -28.95
N ALA G 148 -15.32 13.95 -28.31
CA ALA G 148 -15.79 12.67 -28.82
C ALA G 148 -16.61 12.84 -30.10
N GLN G 149 -17.25 14.01 -30.27
CA GLN G 149 -17.96 14.28 -31.52
C GLN G 149 -16.97 14.32 -32.67
N TYR G 150 -15.67 14.59 -32.42
CA TYR G 150 -14.67 14.52 -33.47
C TYR G 150 -13.78 13.26 -33.32
N ASP G 151 -14.28 12.22 -32.61
CA ASP G 151 -13.60 10.96 -32.44
C ASP G 151 -12.24 11.16 -31.81
N ILE G 152 -12.21 12.03 -30.83
CA ILE G 152 -11.00 12.26 -30.06
C ILE G 152 -11.26 11.82 -28.63
N ASN G 153 -10.31 11.00 -28.18
CA ASN G 153 -10.31 10.33 -26.90
C ASN G 153 -9.57 11.29 -25.95
N TYR G 154 -10.25 11.62 -24.85
CA TYR G 154 -9.69 12.54 -23.88
C TYR G 154 -9.40 11.77 -22.57
N GLN G 155 -8.13 11.71 -22.21
CA GLN G 155 -7.73 11.01 -20.99
C GLN G 155 -7.14 12.03 -19.99
N SER G 156 -7.12 11.58 -18.73
CA SER G 156 -6.49 12.28 -17.64
C SER G 156 -5.62 11.23 -16.94
N PRO G 157 -4.39 10.95 -17.45
CA PRO G 157 -3.63 9.80 -17.02
C PRO G 157 -3.08 9.85 -15.59
N VAL G 158 -3.05 11.08 -15.00
CA VAL G 158 -2.42 11.28 -13.71
C VAL G 158 -3.44 11.78 -12.71
N TYR G 159 -4.74 11.74 -13.07
CA TYR G 159 -5.88 11.79 -12.14
C TYR G 159 -5.69 11.06 -10.82
N GLU G 160 -5.74 11.78 -9.71
CA GLU G 160 -5.68 11.24 -8.37
C GLU G 160 -4.53 10.27 -8.14
N PHE G 161 -3.49 10.42 -8.95
CA PHE G 161 -2.24 9.69 -8.83
C PHE G 161 -1.38 10.28 -7.74
N ALA G 162 -1.42 11.60 -7.54
CA ALA G 162 -0.87 12.29 -6.38
C ALA G 162 -1.98 12.89 -5.54
N GLN G 163 -1.89 12.87 -4.24
CA GLN G 163 -2.86 13.39 -3.30
C GLN G 163 -2.82 14.91 -3.19
N SER G 164 -1.67 15.55 -3.55
CA SER G 164 -1.44 16.97 -3.20
C SER G 164 -0.41 17.58 -4.10
N ALA G 165 -0.22 18.88 -4.14
CA ALA G 165 0.82 19.47 -4.93
C ALA G 165 2.19 18.94 -4.49
N ASP G 166 2.35 18.63 -3.21
CA ASP G 166 3.64 18.09 -2.78
C ASP G 166 3.96 16.74 -3.43
N ASP G 167 2.96 15.86 -3.52
CA ASP G 167 3.07 14.57 -4.19
C ASP G 167 3.49 14.79 -5.63
N VAL G 168 2.96 15.77 -6.35
CA VAL G 168 3.38 16.01 -7.73
C VAL G 168 4.82 16.47 -7.80
N LYS G 169 5.18 17.43 -6.97
CA LYS G 169 6.55 17.94 -6.94
C LYS G 169 7.56 16.79 -6.81
N TYR G 170 7.44 15.95 -5.79
CA TYR G 170 8.53 14.97 -5.49
C TYR G 170 8.50 13.75 -6.39
N ARG G 171 7.43 13.53 -7.12
CA ARG G 171 7.41 12.46 -8.13
C ARG G 171 8.25 12.97 -9.30
N LEU G 172 8.11 14.25 -9.60
CA LEU G 172 8.89 14.87 -10.68
C LEU G 172 10.36 14.91 -10.26
N LEU G 173 10.62 15.09 -8.97
CA LEU G 173 12.01 15.16 -8.48
C LEU G 173 12.66 13.79 -8.64
N GLN G 174 11.90 12.74 -8.37
CA GLN G 174 12.40 11.36 -8.51
C GLN G 174 12.69 11.10 -10.00
N LEU G 175 12.09 11.90 -10.88
CA LEU G 175 12.39 11.70 -12.30
C LEU G 175 13.60 12.54 -12.70
N GLY G 176 14.26 13.24 -11.78
CA GLY G 176 15.34 14.11 -12.16
C GLY G 176 14.86 15.39 -12.83
N ILE G 177 13.60 15.78 -12.60
CA ILE G 177 13.04 17.03 -13.11
C ILE G 177 12.73 18.02 -11.98
N SER G 178 12.84 19.30 -12.24
CA SER G 178 12.53 20.35 -11.27
C SER G 178 11.07 20.34 -10.85
N THR G 179 10.83 20.77 -9.63
CA THR G 179 9.53 20.73 -8.98
C THR G 179 8.69 21.94 -9.34
N LYS G 180 9.28 22.97 -9.97
CA LYS G 180 8.58 24.24 -10.14
C LYS G 180 7.55 24.18 -11.29
N SER G 181 6.55 25.09 -11.25
CA SER G 181 5.62 25.21 -12.39
C SER G 181 6.16 26.29 -13.30
N LEU G 182 6.82 25.88 -14.37
CA LEU G 182 7.51 26.77 -15.28
C LEU G 182 6.56 27.12 -16.41
N GLU G 183 5.57 27.94 -16.09
CA GLU G 183 4.55 28.32 -17.06
C GLU G 183 4.43 29.83 -17.08
N GLY G 184 3.85 30.32 -18.16
CA GLY G 184 3.49 31.75 -18.31
C GLY G 184 2.28 32.05 -17.41
N ILE G 185 1.98 33.33 -17.27
CA ILE G 185 0.95 33.82 -16.39
C ILE G 185 -0.04 34.57 -17.28
N SER G 186 -1.31 34.15 -17.24
CA SER G 186 -2.35 34.88 -17.91
C SER G 186 -2.50 36.24 -17.27
N ILE G 187 -2.72 37.28 -18.10
CA ILE G 187 -2.95 38.59 -17.53
C ILE G 187 -4.27 38.55 -16.76
N PHE G 188 -5.12 37.53 -17.01
CA PHE G 188 -6.41 37.43 -16.33
C PHE G 188 -6.35 36.58 -15.06
N ALA G 189 -5.18 36.09 -14.67
CA ALA G 189 -5.02 35.40 -13.38
C ALA G 189 -5.59 36.28 -12.25
N ASP G 190 -6.37 35.66 -11.37
CA ASP G 190 -6.86 36.30 -10.15
C ASP G 190 -7.67 37.53 -10.53
N SER G 191 -8.42 37.42 -11.65
CA SER G 191 -9.20 38.53 -12.17
C SER G 191 -10.67 38.20 -12.15
N PHE G 192 -11.04 37.19 -11.37
CA PHE G 192 -12.41 36.67 -11.36
C PHE G 192 -12.78 36.11 -9.98
N SER G 193 -14.06 36.07 -9.63
CA SER G 193 -14.55 35.34 -8.46
C SER G 193 -15.07 33.94 -8.87
N THR G 194 -15.39 33.09 -7.89
CA THR G 194 -15.73 31.70 -8.15
C THR G 194 -17.14 31.53 -8.71
N PRO G 195 -17.31 30.88 -9.91
CA PRO G 195 -18.64 30.62 -10.48
C PRO G 195 -19.25 29.30 -9.99
N SER G 196 -20.60 29.25 -10.02
CA SER G 196 -21.33 28.00 -9.85
C SER G 196 -21.13 27.07 -11.05
N ASP G 197 -21.40 25.79 -10.84
CA ASP G 197 -21.31 24.77 -11.91
C ASP G 197 -22.35 25.08 -12.99
N ASP G 198 -23.45 25.71 -12.60
CA ASP G 198 -24.52 25.99 -13.58
C ASP G 198 -24.09 27.12 -14.51
N VAL G 199 -23.37 28.10 -13.99
CA VAL G 199 -22.86 29.22 -14.82
C VAL G 199 -21.80 28.65 -15.77
N VAL G 200 -20.95 27.77 -15.27
CA VAL G 200 -19.90 27.12 -16.10
C VAL G 200 -20.57 26.36 -17.25
N LEU G 201 -21.55 25.52 -16.96
CA LEU G 201 -22.19 24.73 -17.99
C LEU G 201 -22.92 25.65 -18.98
N ALA G 202 -23.58 26.68 -18.49
CA ALA G 202 -24.37 27.56 -19.34
C ALA G 202 -23.48 28.36 -20.26
N TYR G 203 -22.31 28.75 -19.78
CA TYR G 203 -21.34 29.52 -20.56
C TYR G 203 -20.79 28.65 -21.66
N LEU G 204 -20.35 27.42 -21.29
CA LEU G 204 -19.84 26.47 -22.26
C LEU G 204 -20.91 26.24 -23.35
N ARG G 205 -22.18 26.02 -22.97
CA ARG G 205 -23.24 25.77 -23.91
C ARG G 205 -23.51 26.98 -24.81
N GLU G 206 -23.39 28.19 -24.27
CA GLU G 206 -23.64 29.39 -25.05
C GLU G 206 -22.56 29.58 -26.12
N LYS G 207 -21.29 29.31 -25.80
CA LYS G 207 -20.18 29.59 -26.70
C LYS G 207 -19.87 28.40 -27.61
N ALA G 208 -20.48 27.22 -27.33
CA ALA G 208 -20.17 26.02 -28.09
C ALA G 208 -20.39 26.22 -29.60
N PRO G 209 -21.55 26.79 -30.04
CA PRO G 209 -21.75 27.06 -31.45
C PRO G 209 -20.58 27.79 -32.08
N LEU G 210 -20.04 28.81 -31.38
CA LEU G 210 -18.92 29.55 -31.90
C LEU G 210 -17.69 28.63 -32.05
N ALA G 211 -17.43 27.81 -31.01
CA ALA G 211 -16.27 26.94 -31.07
C ALA G 211 -16.36 25.96 -32.25
N HIS G 212 -17.53 25.39 -32.49
CA HIS G 212 -17.73 24.42 -33.55
C HIS G 212 -17.54 25.06 -34.90
N ASN G 213 -18.02 26.31 -34.99
CA ASN G 213 -17.91 27.07 -36.23
C ASN G 213 -16.43 27.33 -36.54
N ILE G 214 -15.62 27.64 -35.50
CA ILE G 214 -14.21 27.87 -35.66
C ILE G 214 -13.53 26.58 -36.10
N VAL G 215 -13.97 25.46 -35.57
CA VAL G 215 -13.45 24.17 -36.00
C VAL G 215 -13.70 23.98 -37.52
N ASN G 216 -14.92 24.30 -37.96
CA ASN G 216 -15.25 24.14 -39.35
C ASN G 216 -14.43 25.07 -40.27
N PHE G 217 -14.21 26.31 -39.80
CA PHE G 217 -13.43 27.29 -40.52
C PHE G 217 -12.00 26.77 -40.67
N LEU G 218 -11.43 26.28 -39.58
CA LEU G 218 -10.03 25.85 -39.61
C LEU G 218 -9.86 24.62 -40.54
N ALA G 219 -10.94 23.88 -40.80
CA ALA G 219 -10.91 22.73 -41.70
C ALA G 219 -11.23 23.12 -43.15
N GLY G 220 -11.52 24.39 -43.40
CA GLY G 220 -11.77 24.81 -44.75
C GLY G 220 -13.16 24.41 -45.24
N GLU G 221 -14.19 24.46 -44.35
CA GLU G 221 -15.54 24.03 -44.75
C GLU G 221 -16.53 25.19 -44.86
N THR G 222 -16.27 26.31 -44.17
CA THR G 222 -17.18 27.45 -44.19
C THR G 222 -16.42 28.69 -43.76
N LEU G 223 -16.90 29.84 -44.22
CA LEU G 223 -16.49 31.15 -43.76
C LEU G 223 -17.61 31.77 -42.92
N ASN G 224 -18.85 31.27 -43.10
CA ASN G 224 -20.01 31.97 -42.56
C ASN G 224 -20.07 31.79 -41.06
N PRO G 225 -20.58 32.77 -40.27
CA PRO G 225 -20.71 32.62 -38.83
C PRO G 225 -21.78 31.60 -38.45
N PRO G 226 -21.87 31.20 -37.16
CA PRO G 226 -22.65 30.00 -36.83
C PRO G 226 -24.09 29.97 -37.35
N VAL H 7 -70.04 -36.86 48.92
CA VAL H 7 -71.37 -36.13 48.98
C VAL H 7 -71.27 -34.80 48.23
N LYS H 8 -72.30 -34.54 47.41
CA LYS H 8 -72.32 -33.36 46.55
C LYS H 8 -72.64 -32.11 47.37
N PRO H 9 -71.79 -31.03 47.33
CA PRO H 9 -72.09 -29.82 48.06
C PRO H 9 -73.43 -29.20 47.70
N GLN H 10 -74.06 -28.63 48.71
CA GLN H 10 -75.30 -27.89 48.55
C GLN H 10 -75.04 -26.46 49.03
N LEU H 11 -75.95 -25.57 48.63
CA LEU H 11 -75.83 -24.16 49.01
C LEU H 11 -76.81 -23.87 50.13
N VAL H 12 -76.34 -23.05 51.09
CA VAL H 12 -77.22 -22.52 52.13
C VAL H 12 -77.26 -21.00 52.03
N MET H 13 -78.47 -20.46 51.96
CA MET H 13 -78.74 -19.05 52.10
C MET H 13 -78.50 -18.65 53.54
N PHE H 14 -77.36 -18.04 53.78
CA PHE H 14 -76.84 -17.85 55.12
C PHE H 14 -76.69 -16.36 55.45
N THR H 15 -77.33 -15.94 56.53
CA THR H 15 -77.29 -14.54 56.98
C THR H 15 -76.46 -14.37 58.24
N GLY H 16 -76.16 -15.45 58.94
CA GLY H 16 -75.58 -15.37 60.27
C GLY H 16 -76.66 -15.55 61.38
N GLY H 17 -77.91 -15.57 60.97
CA GLY H 17 -78.95 -15.81 61.96
C GLY H 17 -78.91 -17.23 62.49
N ARG H 18 -79.50 -17.45 63.65
CA ARG H 18 -79.53 -18.78 64.30
C ARG H 18 -80.17 -19.83 63.40
N ASP H 19 -81.24 -19.46 62.72
CA ASP H 19 -82.03 -20.42 61.90
C ASP H 19 -81.22 -20.90 60.70
N SER H 20 -80.61 -19.99 59.96
CA SER H 20 -79.82 -20.39 58.82
C SER H 20 -78.52 -21.05 59.24
N THR H 21 -78.01 -20.64 60.42
CA THR H 21 -76.84 -21.28 61.01
C THR H 21 -77.16 -22.73 61.27
N LEU H 22 -78.26 -22.99 61.96
CA LEU H 22 -78.67 -24.34 62.29
C LEU H 22 -78.91 -25.14 61.01
N ALA H 23 -79.53 -24.51 60.00
CA ALA H 23 -79.80 -25.23 58.77
C ALA H 23 -78.50 -25.75 58.15
N ALA H 24 -77.52 -24.86 58.06
CA ALA H 24 -76.24 -25.23 57.50
C ALA H 24 -75.58 -26.33 58.33
N CYS H 25 -75.55 -26.12 59.64
CA CYS H 25 -74.84 -27.04 60.54
C CYS H 25 -75.48 -28.44 60.52
N TYR H 26 -76.81 -28.52 60.43
CA TYR H 26 -77.50 -29.84 60.45
C TYR H 26 -77.21 -30.60 59.17
N LEU H 27 -77.08 -29.89 58.06
CA LEU H 27 -76.70 -30.53 56.80
C LEU H 27 -75.25 -31.03 56.90
N MET H 28 -74.39 -30.26 57.57
CA MET H 28 -73.00 -30.68 57.64
C MET H 28 -72.84 -31.88 58.57
N LEU H 29 -73.74 -31.98 59.55
CA LEU H 29 -73.69 -33.10 60.48
C LEU H 29 -74.00 -34.39 59.73
N GLN H 30 -74.72 -34.29 58.61
CA GLN H 30 -75.14 -35.44 57.84
C GLN H 30 -74.07 -35.79 56.81
N GLY H 31 -72.96 -35.06 56.80
CA GLY H 31 -71.91 -35.30 55.82
C GLY H 31 -72.05 -34.42 54.57
N ILE H 32 -73.02 -33.49 54.54
CA ILE H 32 -73.27 -32.71 53.35
C ILE H 32 -72.44 -31.43 53.39
N PRO H 33 -71.45 -31.24 52.49
CA PRO H 33 -70.71 -30.00 52.45
C PRO H 33 -71.61 -28.86 52.05
N VAL H 34 -71.45 -27.69 52.69
CA VAL H 34 -72.27 -26.56 52.33
C VAL H 34 -71.42 -25.41 51.83
N HIS H 35 -71.90 -24.80 50.75
CA HIS H 35 -71.44 -23.49 50.27
C HIS H 35 -72.37 -22.45 50.90
N LEU H 36 -71.81 -21.66 51.82
CA LEU H 36 -72.54 -20.58 52.46
C LEU H 36 -72.64 -19.42 51.47
N TRP H 37 -73.87 -18.95 51.22
CA TRP H 37 -74.13 -17.89 50.27
C TRP H 37 -74.93 -16.78 51.01
N SER H 38 -74.41 -15.56 50.99
CA SER H 38 -74.96 -14.42 51.64
C SER H 38 -75.24 -13.34 50.62
N GLY H 39 -76.50 -12.96 50.49
CA GLY H 39 -76.87 -11.91 49.58
C GLY H 39 -76.87 -10.56 50.23
N ASN H 40 -76.05 -9.63 49.73
CA ASN H 40 -76.02 -8.26 50.17
C ASN H 40 -76.84 -7.40 49.21
N SER H 41 -77.99 -6.91 49.74
CA SER H 41 -78.97 -6.11 48.99
C SER H 41 -78.65 -4.62 48.99
N GLY H 42 -77.62 -4.21 49.72
CA GLY H 42 -77.19 -2.81 49.74
C GLY H 42 -77.90 -1.99 50.80
N CYS H 43 -78.68 -2.64 51.65
CA CYS H 43 -79.49 -1.91 52.65
C CYS H 43 -79.29 -2.63 54.00
N SER H 44 -78.10 -3.19 54.22
CA SER H 44 -77.85 -3.94 55.41
C SER H 44 -76.87 -3.19 56.31
N LEU H 45 -77.20 -3.08 57.60
CA LEU H 45 -76.37 -2.35 58.55
C LEU H 45 -75.63 -3.33 59.46
N HIS H 46 -74.44 -2.94 59.90
CA HIS H 46 -73.76 -3.64 60.98
C HIS H 46 -73.56 -5.10 60.62
N ARG H 47 -72.99 -5.36 59.41
CA ARG H 47 -72.78 -6.72 58.91
C ARG H 47 -71.51 -7.40 59.48
N GLY H 48 -70.65 -6.67 60.18
CA GLY H 48 -69.34 -7.12 60.56
C GLY H 48 -69.33 -8.40 61.41
N ILE H 49 -70.35 -8.56 62.27
CA ILE H 49 -70.33 -9.67 63.22
C ILE H 49 -70.53 -10.99 62.51
N LEU H 50 -71.02 -10.96 61.26
CA LEU H 50 -71.21 -12.18 60.53
C LEU H 50 -69.93 -13.03 60.53
N SER H 51 -68.77 -12.40 60.39
CA SER H 51 -67.52 -13.13 60.32
C SER H 51 -67.26 -13.95 61.59
N HIS H 52 -67.69 -13.46 62.75
CA HIS H 52 -67.57 -14.26 63.97
C HIS H 52 -68.35 -15.57 63.85
N ARG H 53 -69.53 -15.53 63.21
CA ARG H 53 -70.37 -16.72 63.12
C ARG H 53 -69.76 -17.74 62.15
N VAL H 54 -69.21 -17.22 61.03
CA VAL H 54 -68.56 -18.08 60.07
C VAL H 54 -67.41 -18.79 60.77
N GLU H 55 -66.68 -18.06 61.62
CA GLU H 55 -65.55 -18.64 62.33
C GLU H 55 -66.02 -19.79 63.20
N GLU H 56 -67.09 -19.57 63.95
CA GLU H 56 -67.61 -20.61 64.83
C GLU H 56 -67.88 -21.88 64.01
N MET H 57 -68.44 -21.71 62.81
CA MET H 57 -68.90 -22.84 62.02
C MET H 57 -67.72 -23.58 61.39
N LYS H 58 -66.71 -22.84 60.89
CA LYS H 58 -65.48 -23.45 60.41
C LYS H 58 -64.77 -24.22 61.54
N ASN H 59 -64.80 -23.68 62.75
CA ASN H 59 -64.19 -24.31 63.91
C ASN H 59 -64.85 -25.67 64.19
N ARG H 60 -66.17 -25.73 64.04
CA ARG H 60 -66.94 -26.91 64.43
C ARG H 60 -67.00 -27.97 63.33
N PHE H 61 -66.83 -27.57 62.05
CA PHE H 61 -67.12 -28.49 60.94
C PHE H 61 -66.02 -28.57 59.89
N GLY H 62 -65.00 -27.72 59.97
CA GLY H 62 -63.85 -27.79 59.08
C GLY H 62 -64.20 -27.66 57.59
N ASP H 63 -63.57 -28.57 56.80
CA ASP H 63 -63.76 -28.76 55.38
C ASP H 63 -65.20 -28.80 54.90
N LEU H 64 -66.12 -29.19 55.76
CA LEU H 64 -67.51 -29.25 55.35
C LEU H 64 -68.07 -27.88 54.97
N VAL H 65 -67.43 -26.81 55.45
CA VAL H 65 -67.70 -25.46 54.93
C VAL H 65 -66.82 -25.25 53.71
N VAL H 66 -67.39 -25.38 52.52
CA VAL H 66 -66.50 -25.39 51.37
C VAL H 66 -66.23 -23.95 50.93
N GLY H 67 -67.01 -23.00 51.41
CA GLY H 67 -66.82 -21.62 50.99
C GLY H 67 -67.92 -20.70 51.49
N HIS H 68 -67.63 -19.38 51.40
CA HIS H 68 -68.56 -18.34 51.79
C HIS H 68 -68.58 -17.27 50.70
N THR H 69 -69.67 -17.18 49.95
CA THR H 69 -69.84 -16.17 48.91
C THR H 69 -70.76 -15.06 49.43
N VAL H 70 -70.30 -13.81 49.30
CA VAL H 70 -71.08 -12.64 49.60
C VAL H 70 -71.39 -11.99 48.26
N ALA H 71 -72.64 -11.99 47.83
CA ALA H 71 -73.03 -11.53 46.51
C ALA H 71 -73.72 -10.17 46.56
N ASP H 72 -73.38 -9.33 45.57
CA ASP H 72 -74.07 -8.04 45.48
C ASP H 72 -75.35 -8.28 44.68
N ILE H 73 -76.51 -8.20 45.34
CA ILE H 73 -77.79 -8.40 44.69
C ILE H 73 -78.60 -7.09 44.70
N SER H 74 -77.92 -5.97 44.93
CA SER H 74 -78.59 -4.70 45.09
C SER H 74 -79.36 -4.30 43.84
N GLY H 75 -78.83 -4.62 42.68
CA GLY H 75 -79.46 -4.20 41.43
C GLY H 75 -80.79 -4.94 41.21
N ALA H 76 -80.77 -6.29 41.35
CA ALA H 76 -82.00 -7.04 41.23
C ALA H 76 -83.02 -6.65 42.32
N PHE H 77 -82.51 -6.41 43.55
CA PHE H 77 -83.37 -6.03 44.65
C PHE H 77 -84.07 -4.71 44.31
N ARG H 78 -83.31 -3.71 43.88
CA ARG H 78 -83.93 -2.43 43.53
C ARG H 78 -84.99 -2.61 42.43
N SER H 79 -84.68 -3.34 41.38
CA SER H 79 -85.63 -3.45 40.24
C SER H 79 -86.93 -4.14 40.67
N ILE H 80 -86.86 -5.13 41.55
CA ILE H 80 -88.05 -5.91 41.94
C ILE H 80 -88.82 -5.25 43.09
N ALA H 81 -88.12 -4.52 43.95
CA ALA H 81 -88.76 -4.12 45.18
C ALA H 81 -88.79 -2.63 45.44
N ILE H 82 -87.87 -1.86 44.85
CA ILE H 82 -87.68 -0.46 45.17
C ILE H 82 -88.13 0.46 44.04
N GLU H 83 -87.87 0.11 42.80
CA GLU H 83 -88.14 0.98 41.65
C GLU H 83 -89.60 1.44 41.60
N ALA H 84 -90.50 0.52 41.91
CA ALA H 84 -91.93 0.76 41.84
C ALA H 84 -92.57 0.78 43.25
N LEU H 85 -91.81 1.23 44.24
CA LEU H 85 -92.28 1.26 45.64
C LEU H 85 -93.54 2.10 45.80
N GLU H 86 -93.67 3.24 45.11
CA GLU H 86 -94.93 3.96 45.25
C GLU H 86 -96.12 3.10 44.85
N GLN H 87 -96.07 2.54 43.65
CA GLN H 87 -97.20 1.75 43.12
C GLN H 87 -97.39 0.52 43.99
N ASP H 88 -96.31 -0.15 44.40
CA ASP H 88 -96.37 -1.34 45.21
C ASP H 88 -97.11 -1.08 46.53
N ILE H 89 -96.74 -0.02 47.26
CA ILE H 89 -97.36 0.28 48.54
C ILE H 89 -98.81 0.78 48.34
N LEU H 90 -99.08 1.54 47.29
CA LEU H 90 -100.43 2.02 47.05
C LEU H 90 -101.36 0.86 46.66
N LYS H 91 -100.85 -0.14 45.99
CA LYS H 91 -101.66 -1.27 45.59
C LYS H 91 -101.88 -2.21 46.78
N TYR H 92 -100.80 -2.68 47.42
CA TYR H 92 -100.95 -3.76 48.40
C TYR H 92 -101.23 -3.20 49.79
N ARG H 93 -101.00 -1.89 50.01
CA ARG H 93 -101.13 -1.22 51.30
C ARG H 93 -100.16 -1.83 52.31
N LYS H 94 -99.07 -2.44 51.81
CA LYS H 94 -98.06 -3.06 52.66
C LYS H 94 -96.68 -2.92 52.02
N ASN H 95 -95.68 -2.69 52.87
CA ASN H 95 -94.29 -2.61 52.48
C ASN H 95 -93.77 -4.05 52.45
N LEU H 96 -93.61 -4.57 51.21
CA LEU H 96 -93.22 -5.95 51.01
C LEU H 96 -91.78 -6.02 50.46
N VAL H 97 -91.00 -5.00 50.74
CA VAL H 97 -89.62 -4.94 50.28
C VAL H 97 -88.83 -6.21 50.61
N LEU H 98 -89.01 -6.76 51.79
CA LEU H 98 -88.19 -7.89 52.21
C LEU H 98 -88.67 -9.16 51.52
N LEU H 99 -89.91 -9.18 51.03
CA LEU H 99 -90.37 -10.28 50.18
C LEU H 99 -89.72 -10.19 48.80
N GLY H 100 -89.76 -8.97 48.25
CA GLY H 100 -88.99 -8.66 47.08
C GLY H 100 -87.53 -9.09 47.19
N GLU H 101 -86.89 -8.85 48.37
CA GLU H 101 -85.49 -9.19 48.49
C GLU H 101 -85.32 -10.71 48.31
N LYS H 102 -86.26 -11.48 48.87
CA LYS H 102 -86.13 -12.92 48.81
C LYS H 102 -86.32 -13.39 47.36
N LEU H 103 -87.19 -12.74 46.59
CA LEU H 103 -87.34 -13.12 45.20
C LEU H 103 -86.06 -12.79 44.44
N ALA H 104 -85.42 -11.66 44.79
CA ALA H 104 -84.18 -11.26 44.15
C ALA H 104 -83.09 -12.26 44.48
N ILE H 105 -83.01 -12.68 45.75
CA ILE H 105 -82.10 -13.74 46.14
C ILE H 105 -82.30 -14.97 45.24
N HIS H 106 -83.55 -15.38 45.00
CA HIS H 106 -83.82 -16.61 44.28
C HIS H 106 -83.46 -16.50 42.78
N ALA H 107 -83.66 -15.32 42.20
CA ALA H 107 -83.25 -15.06 40.82
C ALA H 107 -81.74 -15.22 40.68
N HIS H 108 -81.00 -14.58 41.56
CA HIS H 108 -79.54 -14.68 41.59
C HIS H 108 -79.09 -16.12 41.80
N LEU H 109 -79.84 -16.90 42.57
CA LEU H 109 -79.44 -18.27 42.92
C LEU H 109 -79.62 -19.19 41.71
N VAL H 110 -80.58 -18.92 40.84
CA VAL H 110 -80.68 -19.66 39.60
C VAL H 110 -79.36 -19.48 38.85
N ASP H 111 -78.93 -18.23 38.73
CA ASP H 111 -77.71 -17.98 37.99
C ASP H 111 -76.53 -18.64 38.69
N PHE H 112 -76.44 -18.45 40.00
CA PHE H 112 -75.32 -18.98 40.76
C PHE H 112 -75.29 -20.50 40.62
N CYS H 113 -76.44 -21.15 40.77
CA CYS H 113 -76.49 -22.61 40.69
C CYS H 113 -76.08 -23.10 39.29
N ARG H 114 -76.58 -22.46 38.22
CA ARG H 114 -76.22 -22.92 36.88
C ARG H 114 -74.73 -22.75 36.63
N ARG H 115 -74.12 -21.70 37.17
CA ARG H 115 -72.73 -21.41 36.84
C ARG H 115 -71.78 -22.14 37.79
N ASN H 116 -72.27 -22.70 38.90
CA ASN H 116 -71.38 -23.30 39.87
C ASN H 116 -71.73 -24.74 40.16
N ASP H 117 -72.54 -25.35 39.29
CA ASP H 117 -72.87 -26.78 39.40
C ASP H 117 -73.48 -27.15 40.77
N ILE H 118 -74.49 -26.37 41.22
CA ILE H 118 -75.20 -26.69 42.43
C ILE H 118 -76.64 -26.96 42.06
N ASN H 119 -77.24 -28.03 42.61
CA ASN H 119 -78.64 -28.23 42.31
C ASN H 119 -79.51 -28.34 43.56
N THR H 120 -78.97 -28.11 44.75
CA THR H 120 -79.79 -28.03 45.95
C THR H 120 -79.46 -26.77 46.73
N ILE H 121 -80.47 -25.94 46.98
CA ILE H 121 -80.32 -24.77 47.84
C ILE H 121 -81.18 -24.97 49.07
N ASN H 122 -80.74 -24.36 50.17
CA ASN H 122 -81.39 -24.52 51.47
C ASN H 122 -81.43 -23.16 52.17
N ASP H 123 -82.47 -22.89 52.93
CA ASP H 123 -82.49 -21.73 53.79
C ASP H 123 -82.91 -22.10 55.21
N GLY H 124 -82.96 -21.05 56.06
CA GLY H 124 -83.29 -21.19 57.45
C GLY H 124 -84.72 -20.78 57.78
N ILE H 125 -85.61 -20.73 56.82
CA ILE H 125 -86.96 -20.36 57.17
C ILE H 125 -87.47 -21.35 58.21
N THR H 126 -88.24 -20.82 59.20
CA THR H 126 -88.73 -21.55 60.34
C THR H 126 -90.21 -21.29 60.56
N HIS H 127 -90.95 -22.25 61.03
CA HIS H 127 -92.37 -22.12 61.40
C HIS H 127 -92.61 -20.97 62.36
N TYR H 128 -91.69 -20.74 63.32
CA TYR H 128 -91.93 -19.71 64.32
C TYR H 128 -91.82 -18.32 63.72
N GLN H 129 -91.32 -18.20 62.48
CA GLN H 129 -91.18 -16.89 61.86
C GLN H 129 -92.09 -16.72 60.66
N MET H 130 -93.23 -17.39 60.62
CA MET H 130 -94.16 -17.40 59.51
C MET H 130 -94.85 -16.07 59.36
N GLU H 131 -94.83 -15.18 60.35
CA GLU H 131 -95.41 -13.82 60.15
C GLU H 131 -94.61 -13.01 59.10
N PHE H 132 -93.35 -13.34 58.85
CA PHE H 132 -92.56 -12.69 57.82
C PHE H 132 -92.87 -13.26 56.45
N PRO H 133 -93.16 -12.42 55.44
CA PRO H 133 -93.77 -12.87 54.19
C PRO H 133 -92.94 -13.93 53.46
N GLU H 134 -91.61 -13.83 53.55
CA GLU H 134 -90.77 -14.77 52.85
C GLU H 134 -90.74 -16.13 53.52
N GLN H 135 -91.34 -16.21 54.71
CA GLN H 135 -91.29 -17.45 55.51
C GLN H 135 -92.69 -18.07 55.55
N ARG H 136 -93.60 -17.54 54.75
CA ARG H 136 -94.96 -18.10 54.64
C ARG H 136 -94.94 -19.32 53.71
N LEU H 137 -95.74 -20.33 54.06
CA LEU H 137 -95.82 -21.56 53.24
C LEU H 137 -96.22 -21.13 51.83
N VAL H 138 -97.01 -20.08 51.73
CA VAL H 138 -97.44 -19.72 50.40
C VAL H 138 -96.24 -19.22 49.59
N ALA H 139 -95.32 -18.49 50.20
CA ALA H 139 -94.12 -18.03 49.57
C ALA H 139 -93.18 -19.17 49.30
N LYS H 140 -92.98 -20.05 50.29
CA LYS H 140 -92.04 -21.15 50.14
C LYS H 140 -92.48 -22.03 48.98
N THR H 141 -93.79 -22.27 48.88
CA THR H 141 -94.34 -23.14 47.87
C THR H 141 -94.06 -22.51 46.54
N PHE H 142 -94.37 -21.22 46.40
CA PHE H 142 -94.10 -20.49 45.17
C PHE H 142 -92.64 -20.58 44.81
N LEU H 143 -91.70 -20.36 45.75
CA LEU H 143 -90.30 -20.32 45.41
C LEU H 143 -89.80 -21.72 45.06
N MET H 144 -90.29 -22.77 45.74
CA MET H 144 -89.99 -24.15 45.36
C MET H 144 -90.37 -24.40 43.88
N GLU H 145 -91.54 -23.97 43.46
CA GLU H 145 -92.02 -24.11 42.09
C GLU H 145 -91.11 -23.36 41.15
N MET H 146 -90.78 -22.12 41.52
CA MET H 146 -89.88 -21.30 40.72
C MET H 146 -88.54 -22.02 40.56
N MET H 147 -87.97 -22.55 41.65
CA MET H 147 -86.67 -23.18 41.53
C MET H 147 -86.78 -24.47 40.73
N ALA H 148 -87.91 -25.15 40.78
CA ALA H 148 -88.05 -26.41 40.08
C ALA H 148 -88.14 -26.20 38.57
N GLN H 149 -88.63 -25.02 38.13
CA GLN H 149 -88.64 -24.73 36.71
C GLN H 149 -87.20 -24.66 36.19
N TYR H 150 -86.20 -24.42 37.04
CA TYR H 150 -84.81 -24.48 36.62
C TYR H 150 -84.12 -25.74 37.15
N ASP H 151 -84.87 -26.77 37.53
CA ASP H 151 -84.30 -28.04 38.01
C ASP H 151 -83.39 -27.82 39.20
N ILE H 152 -83.83 -26.92 40.07
CA ILE H 152 -83.11 -26.65 41.31
C ILE H 152 -84.02 -27.08 42.45
N ASN H 153 -83.42 -27.81 43.37
CA ASN H 153 -84.13 -28.32 44.53
C ASN H 153 -83.99 -27.30 45.66
N TYR H 154 -85.11 -26.74 46.15
CA TYR H 154 -85.07 -25.75 47.22
C TYR H 154 -85.67 -26.38 48.47
N GLN H 155 -84.84 -26.58 49.51
CA GLN H 155 -85.28 -27.20 50.74
C GLN H 155 -85.20 -26.18 51.89
N SER H 156 -85.95 -26.51 52.95
CA SER H 156 -85.95 -25.69 54.15
C SER H 156 -85.80 -26.62 55.33
N PRO H 157 -84.55 -27.04 55.65
CA PRO H 157 -84.36 -28.17 56.55
C PRO H 157 -84.67 -27.91 58.02
N VAL H 158 -84.94 -26.64 58.43
CA VAL H 158 -85.26 -26.43 59.84
C VAL H 158 -86.69 -25.93 60.03
N TYR H 159 -87.45 -25.84 58.92
CA TYR H 159 -88.81 -25.35 58.92
C TYR H 159 -89.72 -26.12 59.88
N GLU H 160 -89.85 -27.44 59.74
CA GLU H 160 -90.85 -28.15 60.52
C GLU H 160 -90.45 -28.25 61.98
N PHE H 161 -89.15 -28.22 62.29
CA PHE H 161 -88.70 -28.54 63.65
C PHE H 161 -88.81 -27.32 64.55
N ALA H 162 -88.54 -26.14 63.99
CA ALA H 162 -88.37 -24.95 64.78
C ALA H 162 -89.72 -24.33 65.13
N GLN H 163 -90.32 -24.78 66.23
CA GLN H 163 -91.59 -24.26 66.68
C GLN H 163 -91.39 -23.01 67.53
N SER H 164 -90.16 -22.71 67.94
CA SER H 164 -89.82 -21.50 68.70
C SER H 164 -88.35 -21.22 68.53
N ALA H 165 -87.92 -20.00 68.82
CA ALA H 165 -86.50 -19.69 68.81
C ALA H 165 -85.73 -20.59 69.76
N ASP H 166 -86.34 -20.98 70.85
CA ASP H 166 -85.65 -21.80 71.84
C ASP H 166 -85.23 -23.15 71.27
N ASP H 167 -86.07 -23.77 70.42
CA ASP H 167 -85.71 -25.00 69.75
C ASP H 167 -84.39 -24.87 69.00
N VAL H 168 -84.24 -23.78 68.24
CA VAL H 168 -83.04 -23.57 67.47
C VAL H 168 -81.86 -23.29 68.40
N LYS H 169 -82.04 -22.42 69.37
CA LYS H 169 -80.97 -22.02 70.26
C LYS H 169 -80.26 -23.22 70.87
N TYR H 170 -81.01 -24.16 71.40
CA TYR H 170 -80.45 -25.20 72.26
C TYR H 170 -79.80 -26.30 71.40
N ARG H 171 -80.23 -26.42 70.15
CA ARG H 171 -79.53 -27.29 69.24
C ARG H 171 -78.20 -26.65 68.91
N LEU H 172 -78.18 -25.35 68.67
CA LEU H 172 -76.91 -24.68 68.40
C LEU H 172 -75.96 -24.85 69.58
N LEU H 173 -76.48 -24.72 70.79
CA LEU H 173 -75.63 -24.78 71.95
C LEU H 173 -75.00 -26.16 72.06
N GLN H 174 -75.77 -27.19 71.69
CA GLN H 174 -75.27 -28.56 71.67
C GLN H 174 -74.15 -28.73 70.64
N LEU H 175 -74.08 -27.86 69.64
CA LEU H 175 -73.01 -27.89 68.67
C LEU H 175 -71.80 -27.12 69.15
N GLY H 176 -71.84 -26.55 70.32
CA GLY H 176 -70.75 -25.66 70.75
C GLY H 176 -70.73 -24.32 69.99
N ILE H 177 -71.91 -23.92 69.51
CA ILE H 177 -72.08 -22.66 68.80
C ILE H 177 -72.97 -21.73 69.62
N SER H 178 -72.66 -20.41 69.55
CA SER H 178 -73.46 -19.39 70.20
C SER H 178 -74.91 -19.40 69.68
N THR H 179 -75.82 -19.03 70.59
CA THR H 179 -77.24 -19.13 70.28
C THR H 179 -77.72 -17.88 69.57
N LYS H 180 -76.90 -16.82 69.51
CA LYS H 180 -77.32 -15.52 69.00
C LYS H 180 -77.48 -15.50 67.48
N SER H 181 -78.27 -14.53 66.99
CA SER H 181 -78.30 -14.24 65.54
C SER H 181 -77.22 -13.21 65.23
N LEU H 182 -76.08 -13.66 64.72
CA LEU H 182 -74.98 -12.77 64.41
C LEU H 182 -75.08 -12.35 62.93
N GLU H 183 -76.06 -11.50 62.69
CA GLU H 183 -76.36 -11.09 61.32
C GLU H 183 -76.47 -9.56 61.33
N GLY H 184 -76.38 -9.00 60.13
CA GLY H 184 -76.73 -7.63 59.86
C GLY H 184 -78.23 -7.38 60.06
N ILE H 185 -78.60 -6.08 60.08
CA ILE H 185 -80.00 -5.76 60.06
C ILE H 185 -80.30 -4.98 58.80
N SER H 186 -81.36 -5.39 58.13
CA SER H 186 -81.97 -4.58 57.09
C SER H 186 -82.42 -3.23 57.68
N ILE H 187 -82.20 -2.16 56.92
CA ILE H 187 -82.74 -0.87 57.30
C ILE H 187 -84.26 -0.95 57.30
N PHE H 188 -84.83 -1.94 56.65
CA PHE H 188 -86.28 -2.12 56.61
C PHE H 188 -86.85 -2.95 57.79
N ALA H 189 -85.99 -3.46 58.68
CA ALA H 189 -86.43 -4.04 59.94
C ALA H 189 -87.44 -3.11 60.64
N ASP H 190 -88.53 -3.69 61.11
CA ASP H 190 -89.55 -3.01 61.88
C ASP H 190 -90.06 -1.79 61.12
N SER H 191 -90.20 -1.93 59.81
CA SER H 191 -90.62 -0.85 58.94
C SER H 191 -91.89 -1.24 58.22
N PHE H 192 -92.53 -2.33 58.70
CA PHE H 192 -93.64 -2.88 57.93
C PHE H 192 -94.64 -3.51 58.89
N SER H 193 -95.90 -3.52 58.46
CA SER H 193 -96.95 -4.28 59.11
C SER H 193 -97.07 -5.64 58.38
N THR H 194 -97.71 -6.60 59.04
CA THR H 194 -97.81 -7.95 58.50
C THR H 194 -98.85 -7.99 57.35
N PRO H 195 -98.46 -8.53 56.15
CA PRO H 195 -99.38 -8.79 55.08
C PRO H 195 -100.14 -10.11 55.18
N SER H 196 -101.33 -10.17 54.57
CA SER H 196 -102.05 -11.41 54.35
C SER H 196 -101.35 -12.32 53.34
N ASP H 197 -101.63 -13.62 53.46
CA ASP H 197 -101.21 -14.60 52.48
C ASP H 197 -101.65 -14.21 51.06
N ASP H 198 -102.85 -13.73 50.85
CA ASP H 198 -103.30 -13.32 49.53
C ASP H 198 -102.34 -12.29 48.94
N VAL H 199 -101.90 -11.37 49.78
CA VAL H 199 -101.07 -10.27 49.30
C VAL H 199 -99.66 -10.76 48.96
N VAL H 200 -99.11 -11.64 49.78
CA VAL H 200 -97.83 -12.27 49.53
C VAL H 200 -97.81 -13.02 48.20
N LEU H 201 -98.85 -13.80 47.93
CA LEU H 201 -98.93 -14.57 46.69
C LEU H 201 -99.08 -13.61 45.50
N ALA H 202 -99.92 -12.57 45.64
CA ALA H 202 -100.18 -11.68 44.53
C ALA H 202 -98.94 -10.89 44.15
N TYR H 203 -98.15 -10.51 45.18
CA TYR H 203 -96.95 -9.73 44.97
C TYR H 203 -95.90 -10.58 44.26
N LEU H 204 -95.70 -11.80 44.75
CA LEU H 204 -94.77 -12.72 44.13
C LEU H 204 -95.16 -12.97 42.68
N ARG H 205 -96.44 -13.18 42.39
CA ARG H 205 -96.87 -13.40 41.02
C ARG H 205 -96.67 -12.16 40.15
N GLU H 206 -96.86 -10.96 40.71
CA GLU H 206 -96.70 -9.77 39.93
C GLU H 206 -95.21 -9.51 39.59
N LYS H 207 -94.28 -9.81 40.50
CA LYS H 207 -92.88 -9.56 40.30
C LYS H 207 -92.16 -10.71 39.63
N ALA H 208 -92.79 -11.86 39.52
CA ALA H 208 -92.16 -13.06 38.95
C ALA H 208 -91.64 -12.80 37.54
N PRO H 209 -92.43 -12.22 36.61
CA PRO H 209 -91.91 -11.83 35.31
C PRO H 209 -90.57 -11.10 35.38
N LEU H 210 -90.47 -10.15 36.26
CA LEU H 210 -89.22 -9.41 36.43
C LEU H 210 -88.11 -10.31 36.93
N ALA H 211 -88.40 -11.17 37.88
CA ALA H 211 -87.37 -12.07 38.42
C ALA H 211 -86.82 -12.98 37.32
N HIS H 212 -87.70 -13.55 36.49
CA HIS H 212 -87.31 -14.45 35.45
C HIS H 212 -86.48 -13.73 34.41
N ASN H 213 -86.86 -12.47 34.15
CA ASN H 213 -86.14 -11.63 33.20
C ASN H 213 -84.72 -11.39 33.70
N ILE H 214 -84.56 -11.15 35.01
CA ILE H 214 -83.27 -10.94 35.60
C ILE H 214 -82.44 -12.23 35.48
N VAL H 215 -83.09 -13.38 35.69
CA VAL H 215 -82.41 -14.66 35.49
C VAL H 215 -81.85 -14.75 34.06
N ASN H 216 -82.66 -14.40 33.08
CA ASN H 216 -82.26 -14.49 31.69
C ASN H 216 -81.12 -13.52 31.36
N PHE H 217 -81.18 -12.30 31.92
CA PHE H 217 -80.14 -11.29 31.72
C PHE H 217 -78.85 -11.82 32.30
N LEU H 218 -78.89 -12.37 33.52
CA LEU H 218 -77.67 -12.84 34.16
C LEU H 218 -77.04 -13.99 33.41
N ALA H 219 -77.84 -14.71 32.61
CA ALA H 219 -77.34 -15.81 31.78
C ALA H 219 -76.88 -15.35 30.40
N GLY H 220 -77.03 -14.06 30.09
CA GLY H 220 -76.64 -13.51 28.83
C GLY H 220 -77.56 -13.90 27.70
N GLU H 221 -78.88 -14.00 27.91
CA GLU H 221 -79.84 -14.43 26.88
C GLU H 221 -80.77 -13.31 26.37
N THR H 222 -80.82 -12.18 27.07
CA THR H 222 -81.57 -11.01 26.66
C THR H 222 -81.01 -9.80 27.42
N LEU H 223 -81.16 -8.60 26.81
CA LEU H 223 -81.18 -7.34 27.52
C LEU H 223 -82.58 -6.79 27.67
N ASN H 224 -83.52 -7.33 26.90
CA ASN H 224 -84.84 -6.75 26.73
C ASN H 224 -85.66 -6.83 28.01
N PRO H 225 -86.53 -5.83 28.28
CA PRO H 225 -87.38 -5.84 29.47
C PRO H 225 -88.44 -6.95 29.47
N PRO H 226 -89.17 -7.16 30.58
CA PRO H 226 -90.30 -8.11 30.55
C PRO H 226 -91.47 -7.58 29.73
N VAL I 7 -65.36 -19.11 22.16
CA VAL I 7 -64.17 -19.04 23.01
C VAL I 7 -63.24 -17.96 22.44
N LYS I 8 -63.39 -17.56 21.17
CA LYS I 8 -62.46 -16.60 20.57
C LYS I 8 -62.74 -15.17 21.03
N PRO I 9 -61.76 -14.45 21.62
CA PRO I 9 -62.00 -13.09 22.12
C PRO I 9 -62.49 -12.16 21.03
N GLN I 10 -63.36 -11.24 21.44
CA GLN I 10 -63.78 -10.14 20.61
C GLN I 10 -63.32 -8.84 21.27
N LEU I 11 -63.33 -7.77 20.47
CA LEU I 11 -62.84 -6.49 20.94
C LEU I 11 -64.05 -5.60 21.22
N VAL I 12 -63.94 -4.84 22.31
CA VAL I 12 -64.93 -3.80 22.60
C VAL I 12 -64.24 -2.44 22.62
N MET I 13 -64.81 -1.52 21.84
CA MET I 13 -64.43 -0.11 21.86
C MET I 13 -64.96 0.48 23.15
N PHE I 14 -64.09 0.64 24.12
CA PHE I 14 -64.48 0.89 25.48
C PHE I 14 -63.94 2.23 25.98
N THR I 15 -64.84 3.09 26.42
CA THR I 15 -64.49 4.43 26.91
C THR I 15 -64.63 4.52 28.41
N GLY I 16 -65.33 3.55 29.05
CA GLY I 16 -65.71 3.68 30.44
C GLY I 16 -67.14 4.20 30.60
N GLY I 17 -67.77 4.63 29.49
CA GLY I 17 -69.15 5.05 29.56
C GLY I 17 -70.07 3.88 29.83
N ARG I 18 -71.28 4.16 30.26
CA ARG I 18 -72.21 3.08 30.63
C ARG I 18 -72.57 2.23 29.42
N ASP I 19 -72.57 2.80 28.22
CA ASP I 19 -73.09 2.07 27.08
C ASP I 19 -72.08 1.03 26.65
N SER I 20 -70.82 1.43 26.54
CA SER I 20 -69.77 0.51 26.11
C SER I 20 -69.44 -0.48 27.24
N THR I 21 -69.63 -0.07 28.50
CA THR I 21 -69.45 -0.95 29.64
C THR I 21 -70.48 -2.07 29.53
N LEU I 22 -71.75 -1.73 29.30
CA LEU I 22 -72.80 -2.71 29.20
C LEU I 22 -72.54 -3.62 28.00
N ALA I 23 -72.06 -3.05 26.89
CA ALA I 23 -71.81 -3.87 25.71
C ALA I 23 -70.78 -4.96 26.06
N ALA I 24 -69.69 -4.54 26.69
CA ALA I 24 -68.67 -5.49 27.09
C ALA I 24 -69.21 -6.54 28.05
N CYS I 25 -69.96 -6.09 29.07
CA CYS I 25 -70.50 -6.96 30.10
C CYS I 25 -71.46 -8.00 29.49
N TYR I 26 -72.30 -7.56 28.54
CA TYR I 26 -73.29 -8.48 27.97
C TYR I 26 -72.58 -9.57 27.15
N LEU I 27 -71.51 -9.20 26.46
CA LEU I 27 -70.73 -10.16 25.75
C LEU I 27 -70.14 -11.17 26.74
N MET I 28 -69.63 -10.68 27.87
CA MET I 28 -68.92 -11.57 28.77
C MET I 28 -69.90 -12.51 29.48
N LEU I 29 -71.13 -12.06 29.63
CA LEU I 29 -72.13 -12.88 30.28
C LEU I 29 -72.44 -14.10 29.42
N GLN I 30 -72.19 -13.97 28.10
CA GLN I 30 -72.50 -15.06 27.18
C GLN I 30 -71.31 -16.00 27.08
N GLY I 31 -70.24 -15.74 27.82
CA GLY I 31 -69.02 -16.53 27.75
C GLY I 31 -68.03 -15.99 26.72
N ILE I 32 -68.27 -14.81 26.12
CA ILE I 32 -67.37 -14.27 25.12
C ILE I 32 -66.30 -13.42 25.82
N PRO I 33 -65.02 -13.83 25.75
CA PRO I 33 -63.95 -13.00 26.32
C PRO I 33 -63.82 -11.71 25.54
N VAL I 34 -63.60 -10.59 26.21
CA VAL I 34 -63.47 -9.32 25.51
C VAL I 34 -62.10 -8.71 25.81
N HIS I 35 -61.48 -8.21 24.72
CA HIS I 35 -60.36 -7.30 24.80
C HIS I 35 -60.93 -5.87 24.79
N LEU I 36 -60.80 -5.18 25.94
CA LEU I 36 -61.25 -3.80 26.07
C LEU I 36 -60.21 -2.91 25.38
N TRP I 37 -60.65 -2.07 24.46
CA TRP I 37 -59.79 -1.22 23.65
C TRP I 37 -60.27 0.23 23.77
N SER I 38 -59.37 1.10 24.21
CA SER I 38 -59.65 2.52 24.43
C SER I 38 -58.72 3.33 23.57
N GLY I 39 -59.31 4.17 22.72
CA GLY I 39 -58.50 5.08 21.93
C GLY I 39 -58.27 6.40 22.64
N ASN I 40 -57.01 6.77 22.92
CA ASN I 40 -56.66 8.10 23.40
C ASN I 40 -56.20 8.98 22.24
N SER I 41 -57.00 9.99 21.95
CA SER I 41 -56.78 10.90 20.83
C SER I 41 -55.84 12.05 21.18
N GLY I 42 -55.45 12.14 22.45
CA GLY I 42 -54.50 13.16 22.86
C GLY I 42 -55.19 14.43 23.31
N CYS I 43 -56.52 14.49 23.25
CA CYS I 43 -57.27 15.68 23.64
C CYS I 43 -58.35 15.33 24.65
N SER I 44 -58.09 14.30 25.45
CA SER I 44 -59.05 13.72 26.36
C SER I 44 -58.60 14.13 27.76
N LEU I 45 -59.54 14.64 28.57
CA LEU I 45 -59.22 15.07 29.90
C LEU I 45 -59.75 14.10 30.95
N HIS I 46 -59.04 14.03 32.09
CA HIS I 46 -59.57 13.34 33.25
C HIS I 46 -59.90 11.90 32.93
N ARG I 47 -58.96 11.18 32.35
CA ARG I 47 -59.13 9.77 31.95
C ARG I 47 -58.86 8.78 33.09
N GLY I 48 -58.35 9.23 34.23
CA GLY I 48 -57.96 8.35 35.32
C GLY I 48 -59.14 7.59 35.90
N ILE I 49 -60.40 8.06 35.81
CA ILE I 49 -61.50 7.35 36.44
C ILE I 49 -61.80 6.05 35.71
N LEU I 50 -61.34 5.96 34.47
CA LEU I 50 -61.59 4.78 33.67
C LEU I 50 -61.10 3.54 34.41
N SER I 51 -59.96 3.62 35.09
CA SER I 51 -59.38 2.47 35.76
C SER I 51 -60.33 1.91 36.80
N HIS I 52 -61.18 2.74 37.37
CA HIS I 52 -62.08 2.23 38.42
C HIS I 52 -63.14 1.36 37.75
N ARG I 53 -63.48 1.72 36.52
CA ARG I 53 -64.52 0.97 35.82
C ARG I 53 -63.96 -0.38 35.38
N VAL I 54 -62.72 -0.40 34.90
CA VAL I 54 -62.08 -1.62 34.49
C VAL I 54 -62.02 -2.54 35.70
N GLU I 55 -61.71 -2.00 36.87
CA GLU I 55 -61.63 -2.80 38.09
C GLU I 55 -62.98 -3.43 38.37
N GLU I 56 -64.05 -2.66 38.27
CA GLU I 56 -65.37 -3.20 38.54
C GLU I 56 -65.64 -4.41 37.62
N MET I 57 -65.20 -4.31 36.37
CA MET I 57 -65.49 -5.31 35.36
C MET I 57 -64.67 -6.57 35.60
N LYS I 58 -63.37 -6.41 35.92
CA LYS I 58 -62.50 -7.52 36.29
C LYS I 58 -63.06 -8.22 37.53
N ASN I 59 -63.58 -7.47 38.49
CA ASN I 59 -64.13 -8.01 39.72
C ASN I 59 -65.32 -8.92 39.40
N ARG I 60 -66.16 -8.48 38.45
CA ARG I 60 -67.41 -9.16 38.20
C ARG I 60 -67.26 -10.32 37.18
N PHE I 61 -66.20 -10.32 36.34
CA PHE I 61 -66.15 -11.27 35.24
C PHE I 61 -64.81 -12.01 35.13
N GLY I 62 -63.80 -11.62 35.93
CA GLY I 62 -62.52 -12.31 35.95
C GLY I 62 -61.80 -12.35 34.59
N ASP I 63 -61.28 -13.53 34.29
CA ASP I 63 -60.58 -13.93 33.07
C ASP I 63 -61.28 -13.52 31.79
N LEU I 64 -62.61 -13.33 31.82
CA LEU I 64 -63.31 -12.96 30.61
C LEU I 64 -62.88 -11.59 30.10
N VAL I 65 -62.29 -10.75 30.99
CA VAL I 65 -61.60 -9.55 30.56
C VAL I 65 -60.17 -9.93 30.21
N VAL I 66 -59.86 -10.09 28.93
CA VAL I 66 -58.55 -10.66 28.61
C VAL I 66 -57.50 -9.56 28.59
N GLY I 67 -57.93 -8.29 28.57
CA GLY I 67 -57.03 -7.19 28.77
C GLY I 67 -57.67 -5.85 28.37
N HIS I 68 -56.87 -4.81 28.61
CA HIS I 68 -57.24 -3.43 28.38
C HIS I 68 -56.13 -2.73 27.62
N THR I 69 -56.35 -2.39 26.35
CA THR I 69 -55.39 -1.66 25.55
C THR I 69 -55.81 -0.21 25.46
N VAL I 70 -54.88 0.69 25.81
CA VAL I 70 -55.10 2.12 25.62
C VAL I 70 -54.17 2.52 24.49
N ALA I 71 -54.74 2.88 23.33
CA ALA I 71 -53.93 3.15 22.15
C ALA I 71 -53.81 4.66 21.92
N ASP I 72 -52.57 5.08 21.63
CA ASP I 72 -52.32 6.45 21.26
C ASP I 72 -52.72 6.59 19.79
N ILE I 73 -53.81 7.29 19.52
CA ILE I 73 -54.29 7.49 18.16
C ILE I 73 -54.19 8.98 17.81
N SER I 74 -53.40 9.74 18.57
CA SER I 74 -53.29 11.16 18.37
C SER I 74 -52.74 11.48 16.99
N GLY I 75 -51.83 10.63 16.48
CA GLY I 75 -51.23 10.88 15.19
C GLY I 75 -52.25 10.83 14.07
N ALA I 76 -52.98 9.72 14.01
CA ALA I 76 -54.05 9.53 13.01
C ALA I 76 -55.14 10.59 13.17
N PHE I 77 -55.49 10.92 14.41
CA PHE I 77 -56.52 11.90 14.68
C PHE I 77 -56.10 13.24 14.15
N ARG I 78 -54.88 13.70 14.45
CA ARG I 78 -54.38 14.99 13.92
C ARG I 78 -54.41 15.02 12.38
N SER I 79 -53.90 14.00 11.72
CA SER I 79 -53.78 13.96 10.25
C SER I 79 -55.16 13.98 9.58
N ILE I 80 -56.14 13.33 10.19
CA ILE I 80 -57.48 13.19 9.55
C ILE I 80 -58.41 14.33 9.95
N ALA I 81 -58.25 14.92 11.13
CA ALA I 81 -59.29 15.80 11.66
C ALA I 81 -58.79 17.19 12.03
N ILE I 82 -57.50 17.35 12.33
CA ILE I 82 -56.98 18.58 12.91
C ILE I 82 -56.13 19.37 11.93
N GLU I 83 -55.30 18.70 11.13
CA GLU I 83 -54.32 19.38 10.29
C GLU I 83 -54.98 20.41 9.35
N ALA I 84 -56.14 20.05 8.81
CA ALA I 84 -56.88 20.88 7.87
C ALA I 84 -58.20 21.39 8.49
N LEU I 85 -58.17 21.64 9.77
CA LEU I 85 -59.31 22.17 10.49
C LEU I 85 -59.86 23.46 9.88
N GLU I 86 -59.03 24.41 9.47
CA GLU I 86 -59.54 25.61 8.83
C GLU I 86 -60.39 25.25 7.60
N GLN I 87 -59.80 24.45 6.67
CA GLN I 87 -60.44 24.09 5.40
C GLN I 87 -61.72 23.32 5.73
N ASP I 88 -61.63 22.35 6.66
CA ASP I 88 -62.75 21.51 7.00
C ASP I 88 -63.95 22.34 7.48
N ILE I 89 -63.73 23.28 8.42
CA ILE I 89 -64.82 24.08 8.95
C ILE I 89 -65.35 25.07 7.90
N LEU I 90 -64.48 25.64 7.08
CA LEU I 90 -64.91 26.62 6.09
C LEU I 90 -65.74 25.94 5.01
N LYS I 91 -65.42 24.68 4.69
CA LYS I 91 -66.15 23.98 3.66
C LYS I 91 -67.48 23.48 4.20
N TYR I 92 -67.47 22.73 5.31
CA TYR I 92 -68.70 22.06 5.73
C TYR I 92 -69.54 22.95 6.64
N ARG I 93 -68.97 24.05 7.17
CA ARG I 93 -69.64 24.96 8.09
C ARG I 93 -70.03 24.25 9.38
N LYS I 94 -69.33 23.14 9.68
CA LYS I 94 -69.54 22.41 10.91
C LYS I 94 -68.23 21.83 11.47
N ASN I 95 -68.14 21.73 12.78
CA ASN I 95 -67.01 21.14 13.47
C ASN I 95 -67.24 19.64 13.52
N LEU I 96 -66.53 18.91 12.65
CA LEU I 96 -66.72 17.47 12.53
C LEU I 96 -65.53 16.69 13.10
N VAL I 97 -64.76 17.34 13.97
CA VAL I 97 -63.55 16.74 14.51
C VAL I 97 -63.87 15.39 15.17
N LEU I 98 -65.01 15.25 15.85
CA LEU I 98 -65.31 14.02 16.59
C LEU I 98 -65.70 12.91 15.63
N LEU I 99 -66.13 13.27 14.42
CA LEU I 99 -66.37 12.27 13.38
C LEU I 99 -65.03 11.77 12.85
N GLY I 100 -64.15 12.73 12.56
CA GLY I 100 -62.75 12.42 12.28
C GLY I 100 -62.13 11.48 13.31
N GLU I 101 -62.41 11.71 14.59
CA GLU I 101 -61.81 10.86 15.61
C GLU I 101 -62.29 9.41 15.43
N LYS I 102 -63.56 9.27 15.09
CA LYS I 102 -64.12 7.93 14.93
C LYS I 102 -63.49 7.23 13.71
N LEU I 103 -63.20 7.97 12.68
CA LEU I 103 -62.50 7.40 11.54
C LEU I 103 -61.09 6.97 11.91
N ALA I 104 -60.43 7.79 12.75
CA ALA I 104 -59.09 7.46 13.21
C ALA I 104 -59.12 6.21 14.09
N ILE I 105 -60.12 6.12 14.98
CA ILE I 105 -60.31 4.92 15.75
C ILE I 105 -60.40 3.70 14.83
N HIS I 106 -61.19 3.80 13.75
CA HIS I 106 -61.44 2.63 12.90
C HIS I 106 -60.20 2.21 12.13
N ALA I 107 -59.39 3.18 11.70
CA ALA I 107 -58.14 2.89 11.02
C ALA I 107 -57.23 2.07 11.91
N HIS I 108 -57.06 2.55 13.15
CA HIS I 108 -56.25 1.87 14.15
C HIS I 108 -56.79 0.48 14.44
N LEU I 109 -58.11 0.30 14.39
CA LEU I 109 -58.70 -0.99 14.75
C LEU I 109 -58.44 -2.03 13.67
N VAL I 110 -58.38 -1.60 12.40
CA VAL I 110 -58.01 -2.52 11.35
C VAL I 110 -56.63 -3.06 11.69
N ASP I 111 -55.70 -2.19 12.03
CA ASP I 111 -54.35 -2.62 12.32
C ASP I 111 -54.35 -3.53 13.54
N PHE I 112 -55.04 -3.08 14.58
CA PHE I 112 -55.04 -3.83 15.83
C PHE I 112 -55.64 -5.22 15.58
N CYS I 113 -56.78 -5.27 14.87
CA CYS I 113 -57.44 -6.56 14.65
C CYS I 113 -56.56 -7.48 13.82
N ARG I 114 -55.93 -6.98 12.77
CA ARG I 114 -55.10 -7.87 11.97
C ARG I 114 -53.90 -8.39 12.76
N ARG I 115 -53.35 -7.59 13.66
CA ARG I 115 -52.14 -7.99 14.36
C ARG I 115 -52.47 -8.81 15.60
N ASN I 116 -53.73 -8.84 16.03
CA ASN I 116 -54.07 -9.56 17.25
C ASN I 116 -55.04 -10.69 17.01
N ASP I 117 -55.32 -11.02 15.74
CA ASP I 117 -56.22 -12.08 15.34
C ASP I 117 -57.62 -11.92 15.97
N ILE I 118 -58.22 -10.74 15.75
CA ILE I 118 -59.57 -10.43 16.17
C ILE I 118 -60.35 -10.11 14.92
N ASN I 119 -61.55 -10.68 14.82
CA ASN I 119 -62.35 -10.37 13.62
C ASN I 119 -63.73 -9.85 14.00
N THR I 120 -64.03 -9.70 15.31
CA THR I 120 -65.28 -9.06 15.67
C THR I 120 -64.98 -7.90 16.62
N ILE I 121 -65.42 -6.71 16.22
CA ILE I 121 -65.35 -5.55 17.09
C ILE I 121 -66.76 -5.12 17.47
N ASN I 122 -66.85 -4.51 18.65
CA ASN I 122 -68.15 -4.14 19.20
C ASN I 122 -68.02 -2.74 19.82
N ASP I 123 -69.06 -1.92 19.69
CA ASP I 123 -69.10 -0.68 20.43
C ASP I 123 -70.41 -0.53 21.19
N GLY I 124 -70.53 0.62 21.89
CA GLY I 124 -71.65 0.91 22.76
C GLY I 124 -72.67 1.84 22.09
N ILE I 125 -72.72 1.97 20.77
CA ILE I 125 -73.76 2.82 20.21
C ILE I 125 -75.12 2.33 20.72
N THR I 126 -76.02 3.29 21.04
CA THR I 126 -77.29 2.96 21.69
C THR I 126 -78.65 3.17 21.02
N HIS I 127 -78.84 4.24 20.32
CA HIS I 127 -80.18 4.64 19.89
C HIS I 127 -80.57 5.90 20.64
N TYR I 128 -80.44 5.92 21.96
CA TYR I 128 -80.83 7.11 22.70
C TYR I 128 -79.80 8.22 22.48
N GLN I 129 -78.65 7.92 21.84
CA GLN I 129 -77.66 8.98 21.64
C GLN I 129 -77.48 9.45 20.17
N MET I 130 -78.51 9.18 19.34
CA MET I 130 -78.29 9.13 17.89
C MET I 130 -78.42 10.52 17.25
N GLU I 131 -77.88 11.57 17.86
CA GLU I 131 -77.67 12.85 17.18
C GLU I 131 -76.20 13.30 17.29
N PHE I 132 -75.34 12.50 17.96
CA PHE I 132 -73.88 12.68 17.85
C PHE I 132 -73.41 11.92 16.61
N PRO I 133 -72.61 12.55 15.71
CA PRO I 133 -72.43 12.08 14.35
C PRO I 133 -71.89 10.68 14.26
N GLU I 134 -71.01 10.29 15.19
CA GLU I 134 -70.38 8.98 15.11
C GLU I 134 -71.37 7.86 15.50
N GLN I 135 -72.55 8.21 16.02
CA GLN I 135 -73.51 7.24 16.50
C GLN I 135 -74.76 7.27 15.60
N ARG I 136 -74.66 8.05 14.51
CA ARG I 136 -75.80 8.17 13.57
C ARG I 136 -75.74 7.04 12.54
N LEU I 137 -76.86 6.37 12.28
CA LEU I 137 -76.93 5.25 11.39
C LEU I 137 -76.03 5.49 10.17
N VAL I 138 -76.01 6.71 9.62
CA VAL I 138 -75.32 6.91 8.37
C VAL I 138 -73.80 6.73 8.56
N ALA I 139 -73.26 7.17 9.71
CA ALA I 139 -71.87 6.97 10.01
C ALA I 139 -71.56 5.50 10.33
N LYS I 140 -72.43 4.88 11.12
CA LYS I 140 -72.21 3.51 11.51
C LYS I 140 -72.20 2.61 10.26
N THR I 141 -73.09 2.89 9.32
CA THR I 141 -73.21 2.09 8.12
C THR I 141 -71.92 2.24 7.35
N PHE I 142 -71.46 3.47 7.19
CA PHE I 142 -70.18 3.71 6.52
C PHE I 142 -69.03 2.93 7.18
N LEU I 143 -68.94 2.98 8.49
CA LEU I 143 -67.83 2.33 9.18
C LEU I 143 -67.96 0.80 9.14
N MET I 144 -69.18 0.25 9.20
CA MET I 144 -69.43 -1.17 9.01
C MET I 144 -68.85 -1.62 7.66
N GLU I 145 -69.13 -0.85 6.59
CA GLU I 145 -68.66 -1.18 5.26
C GLU I 145 -67.15 -1.10 5.25
N MET I 146 -66.57 -0.05 5.84
CA MET I 146 -65.12 0.05 5.95
C MET I 146 -64.55 -1.18 6.65
N MET I 147 -65.12 -1.60 7.77
CA MET I 147 -64.54 -2.73 8.49
C MET I 147 -64.71 -4.02 7.66
N ALA I 148 -65.79 -4.13 6.88
CA ALA I 148 -66.02 -5.34 6.12
C ALA I 148 -65.03 -5.48 4.96
N GLN I 149 -64.53 -4.36 4.45
CA GLN I 149 -63.49 -4.41 3.42
C GLN I 149 -62.24 -5.07 3.98
N TYR I 150 -62.04 -5.07 5.30
CA TYR I 150 -60.92 -5.78 5.89
C TYR I 150 -61.37 -7.08 6.58
N ASP I 151 -62.56 -7.60 6.23
CA ASP I 151 -63.09 -8.85 6.79
C ASP I 151 -63.20 -8.75 8.30
N ILE I 152 -63.61 -7.58 8.78
CA ILE I 152 -63.82 -7.38 10.19
C ILE I 152 -65.31 -7.12 10.41
N ASN I 153 -65.85 -7.84 11.36
CA ASN I 153 -67.27 -7.80 11.67
C ASN I 153 -67.48 -6.75 12.77
N TYR I 154 -68.29 -5.74 12.49
CA TYR I 154 -68.48 -4.64 13.45
C TYR I 154 -69.92 -4.66 13.96
N GLN I 155 -70.10 -4.97 15.23
CA GLN I 155 -71.42 -5.12 15.84
C GLN I 155 -71.65 -4.03 16.91
N SER I 156 -72.91 -3.83 17.23
CA SER I 156 -73.32 -2.86 18.24
C SER I 156 -74.32 -3.54 19.17
N PRO I 157 -73.85 -4.29 20.17
CA PRO I 157 -74.74 -5.24 20.89
C PRO I 157 -75.72 -4.59 21.86
N VAL I 158 -75.66 -3.28 22.09
CA VAL I 158 -76.66 -2.66 22.95
C VAL I 158 -77.55 -1.66 22.20
N TYR I 159 -77.45 -1.55 20.88
CA TYR I 159 -78.18 -0.49 20.14
C TYR I 159 -79.70 -0.65 20.14
N GLU I 160 -80.18 -1.85 19.91
CA GLU I 160 -81.62 -2.05 19.82
C GLU I 160 -82.28 -1.79 21.18
N PHE I 161 -81.55 -2.17 22.24
CA PHE I 161 -82.13 -2.33 23.56
C PHE I 161 -82.23 -0.97 24.26
N ALA I 162 -81.23 -0.12 24.04
CA ALA I 162 -81.08 1.07 24.85
C ALA I 162 -81.99 2.19 24.31
N GLN I 163 -83.22 2.22 24.80
CA GLN I 163 -84.16 3.27 24.42
C GLN I 163 -83.93 4.53 25.25
N SER I 164 -83.19 4.42 26.38
CA SER I 164 -82.89 5.53 27.26
C SER I 164 -81.66 5.17 28.08
N ALA I 165 -81.00 6.18 28.66
CA ALA I 165 -79.88 5.91 29.53
C ALA I 165 -80.34 5.04 30.71
N ASP I 166 -81.59 5.20 31.15
CA ASP I 166 -82.06 4.42 32.28
C ASP I 166 -82.00 2.91 32.03
N ASP I 167 -82.37 2.47 30.82
CA ASP I 167 -82.27 1.06 30.46
C ASP I 167 -80.85 0.52 30.70
N VAL I 168 -79.84 1.25 30.26
CA VAL I 168 -78.48 0.80 30.45
C VAL I 168 -78.09 0.82 31.92
N LYS I 169 -78.40 1.91 32.62
CA LYS I 169 -77.97 2.09 34.00
C LYS I 169 -78.38 0.87 34.84
N TYR I 170 -79.65 0.46 34.73
CA TYR I 170 -80.20 -0.47 35.70
C TYR I 170 -79.86 -1.90 35.30
N ARG I 171 -79.46 -2.16 34.06
CA ARG I 171 -78.86 -3.43 33.72
C ARG I 171 -77.48 -3.49 34.37
N LEU I 172 -76.73 -2.41 34.31
CA LEU I 172 -75.43 -2.41 34.95
C LEU I 172 -75.59 -2.66 36.45
N LEU I 173 -76.59 -2.01 37.06
CA LEU I 173 -76.76 -2.13 38.49
C LEU I 173 -77.05 -3.59 38.87
N GLN I 174 -77.80 -4.27 38.00
CA GLN I 174 -78.12 -5.67 38.19
C GLN I 174 -76.85 -6.52 38.13
N LEU I 175 -75.81 -6.04 37.47
CA LEU I 175 -74.56 -6.78 37.39
C LEU I 175 -73.65 -6.46 38.56
N GLY I 176 -74.11 -5.65 39.51
CA GLY I 176 -73.25 -5.26 40.59
C GLY I 176 -72.21 -4.21 40.19
N ILE I 177 -72.47 -3.47 39.11
CA ILE I 177 -71.60 -2.43 38.64
C ILE I 177 -72.28 -1.07 38.73
N SER I 178 -71.47 -0.02 38.97
CA SER I 178 -71.94 1.36 39.03
C SER I 178 -72.60 1.78 37.70
N THR I 179 -73.57 2.67 37.83
CA THR I 179 -74.38 3.14 36.73
C THR I 179 -73.69 4.29 36.00
N LYS I 180 -72.60 4.85 36.58
CA LYS I 180 -72.01 6.07 36.08
C LYS I 180 -71.25 5.85 34.77
N SER I 181 -71.07 6.92 34.00
CA SER I 181 -70.17 6.87 32.84
C SER I 181 -68.81 7.35 33.32
N LEU I 182 -67.93 6.42 33.62
CA LEU I 182 -66.61 6.75 34.18
C LEU I 182 -65.64 6.84 33.00
N GLU I 183 -65.76 7.93 32.26
CA GLU I 183 -64.99 8.11 31.06
C GLU I 183 -64.36 9.50 31.11
N GLY I 184 -63.30 9.61 30.32
CA GLY I 184 -62.68 10.88 30.03
C GLY I 184 -63.57 11.76 29.16
N ILE I 185 -63.23 13.02 29.07
CA ILE I 185 -64.06 14.03 28.43
C ILE I 185 -63.18 14.65 27.35
N SER I 186 -63.69 14.61 26.10
CA SER I 186 -63.02 15.28 25.03
C SER I 186 -63.02 16.78 25.27
N ILE I 187 -61.94 17.47 24.96
CA ILE I 187 -61.91 18.90 25.00
C ILE I 187 -62.93 19.45 23.99
N PHE I 188 -63.33 18.64 23.01
CA PHE I 188 -64.31 19.05 22.00
C PHE I 188 -65.77 18.75 22.40
N ALA I 189 -66.01 18.20 23.59
CA ALA I 189 -67.35 18.13 24.16
C ALA I 189 -68.03 19.49 24.10
N ASP I 190 -69.29 19.50 23.66
CA ASP I 190 -70.13 20.68 23.66
C ASP I 190 -69.46 21.79 22.84
N SER I 191 -68.78 21.39 21.74
CA SER I 191 -68.05 22.32 20.92
C SER I 191 -68.61 22.35 19.50
N PHE I 192 -69.83 21.83 19.36
CA PHE I 192 -70.36 21.54 18.03
C PHE I 192 -71.88 21.67 18.05
N SER I 193 -72.44 22.06 16.90
CA SER I 193 -73.87 22.02 16.65
C SER I 193 -74.19 20.77 15.81
N THR I 194 -75.49 20.45 15.61
CA THR I 194 -75.86 19.20 14.94
C THR I 194 -75.66 19.26 13.43
N PRO I 195 -74.88 18.35 12.79
CA PRO I 195 -74.75 18.32 11.34
C PRO I 195 -75.82 17.45 10.65
N SER I 196 -76.13 17.78 9.39
CA SER I 196 -76.93 16.93 8.54
C SER I 196 -76.19 15.62 8.18
N ASP I 197 -77.00 14.62 7.84
CA ASP I 197 -76.53 13.37 7.25
C ASP I 197 -75.73 13.65 6.00
N ASP I 198 -76.13 14.55 5.11
CA ASP I 198 -75.36 14.76 3.89
C ASP I 198 -73.92 15.16 4.27
N VAL I 199 -73.78 15.99 5.31
CA VAL I 199 -72.48 16.52 5.66
C VAL I 199 -71.59 15.43 6.26
N VAL I 200 -72.19 14.58 7.10
CA VAL I 200 -71.49 13.47 7.72
C VAL I 200 -70.95 12.52 6.67
N LEU I 201 -71.76 12.17 5.66
CA LEU I 201 -71.35 11.26 4.62
C LEU I 201 -70.25 11.90 3.77
N ALA I 202 -70.38 13.21 3.44
CA ALA I 202 -69.44 13.85 2.57
C ALA I 202 -68.04 13.94 3.25
N TYR I 203 -68.06 14.19 4.56
CA TYR I 203 -66.83 14.32 5.32
C TYR I 203 -66.14 12.96 5.42
N LEU I 204 -66.92 11.92 5.77
CA LEU I 204 -66.39 10.56 5.83
C LEU I 204 -65.77 10.16 4.48
N ARG I 205 -66.41 10.52 3.38
CA ARG I 205 -65.91 10.11 2.05
C ARG I 205 -64.66 10.94 1.70
N GLU I 206 -64.57 12.18 2.18
CA GLU I 206 -63.39 12.99 1.90
C GLU I 206 -62.17 12.50 2.70
N LYS I 207 -62.36 12.04 3.94
CA LYS I 207 -61.24 11.64 4.80
C LYS I 207 -60.91 10.15 4.63
N ALA I 208 -61.80 9.39 3.98
CA ALA I 208 -61.61 7.94 3.86
C ALA I 208 -60.26 7.58 3.21
N PRO I 209 -59.87 8.20 2.08
CA PRO I 209 -58.55 7.96 1.52
C PRO I 209 -57.44 8.06 2.56
N LEU I 210 -57.48 9.08 3.40
CA LEU I 210 -56.47 9.25 4.44
C LEU I 210 -56.53 8.11 5.43
N ALA I 211 -57.73 7.70 5.85
CA ALA I 211 -57.83 6.62 6.81
C ALA I 211 -57.24 5.33 6.25
N HIS I 212 -57.54 5.00 4.99
CA HIS I 212 -57.07 3.76 4.39
C HIS I 212 -55.54 3.80 4.22
N ASN I 213 -55.04 4.99 3.92
CA ASN I 213 -53.61 5.22 3.80
C ASN I 213 -52.92 4.97 5.15
N ILE I 214 -53.53 5.41 6.23
CA ILE I 214 -52.99 5.21 7.58
C ILE I 214 -53.03 3.73 7.91
N VAL I 215 -54.09 3.04 7.50
CA VAL I 215 -54.13 1.59 7.67
C VAL I 215 -52.92 0.93 6.97
N ASN I 216 -52.64 1.35 5.76
CA ASN I 216 -51.53 0.78 5.00
C ASN I 216 -50.17 1.09 5.63
N PHE I 217 -50.01 2.32 6.15
CA PHE I 217 -48.77 2.71 6.81
C PHE I 217 -48.58 1.84 8.04
N LEU I 218 -49.64 1.67 8.84
CA LEU I 218 -49.51 0.90 10.07
C LEU I 218 -49.18 -0.56 9.80
N ALA I 219 -49.51 -1.04 8.60
CA ALA I 219 -49.19 -2.42 8.20
C ALA I 219 -47.83 -2.53 7.53
N GLY I 220 -47.13 -1.41 7.33
CA GLY I 220 -45.83 -1.41 6.70
C GLY I 220 -45.90 -1.70 5.19
N GLU I 221 -46.89 -1.14 4.49
CA GLU I 221 -47.06 -1.37 3.05
C GLU I 221 -46.71 -0.13 2.18
N THR I 222 -46.74 1.07 2.76
CA THR I 222 -46.31 2.29 2.10
C THR I 222 -45.89 3.31 3.17
N LEU I 223 -45.08 4.26 2.72
CA LEU I 223 -44.85 5.49 3.46
C LEU I 223 -45.57 6.66 2.80
N ASN I 224 -45.84 6.55 1.51
CA ASN I 224 -46.26 7.69 0.71
C ASN I 224 -47.70 8.05 1.05
N PRO I 225 -48.10 9.33 0.86
CA PRO I 225 -49.48 9.75 0.98
C PRO I 225 -50.42 9.18 -0.09
N PRO I 226 -51.75 9.41 -0.01
CA PRO I 226 -52.70 8.82 -0.96
C PRO I 226 -52.57 9.21 -2.41
N VAL J 7 -38.30 -13.36 10.84
CA VAL J 7 -37.47 -12.80 9.74
C VAL J 7 -36.15 -12.45 10.39
N LYS J 8 -35.09 -12.44 9.55
CA LYS J 8 -33.74 -12.13 10.00
C LYS J 8 -33.60 -10.65 10.38
N PRO J 9 -33.09 -10.34 11.60
CA PRO J 9 -32.73 -8.99 11.96
C PRO J 9 -31.84 -8.27 10.98
N GLN J 10 -32.14 -6.98 10.80
CA GLN J 10 -31.31 -6.09 10.04
C GLN J 10 -30.85 -5.00 10.99
N LEU J 11 -29.75 -4.32 10.58
CA LEU J 11 -29.17 -3.29 11.43
C LEU J 11 -29.60 -1.93 10.91
N VAL J 12 -29.88 -1.03 11.85
CA VAL J 12 -30.15 0.36 11.54
C VAL J 12 -29.10 1.25 12.21
N MET J 13 -28.50 2.11 11.40
CA MET J 13 -27.64 3.19 11.86
C MET J 13 -28.52 4.23 12.50
N PHE J 14 -28.52 4.23 13.82
CA PHE J 14 -29.50 4.98 14.57
C PHE J 14 -28.84 6.03 15.46
N THR J 15 -29.26 7.27 15.29
CA THR J 15 -28.75 8.40 16.06
C THR J 15 -29.78 8.92 17.06
N GLY J 16 -31.04 8.55 16.90
CA GLY J 16 -32.11 9.15 17.68
C GLY J 16 -32.84 10.27 16.90
N GLY J 17 -32.29 10.63 15.74
CA GLY J 17 -32.95 11.66 14.95
C GLY J 17 -34.23 11.12 14.34
N ARG J 18 -35.07 12.01 13.87
CA ARG J 18 -36.38 11.58 13.34
C ARG J 18 -36.24 10.71 12.11
N ASP J 19 -35.19 10.86 11.34
CA ASP J 19 -35.09 10.19 10.06
C ASP J 19 -34.74 8.73 10.31
N SER J 20 -33.73 8.50 11.14
CA SER J 20 -33.29 7.14 11.43
C SER J 20 -34.31 6.42 12.31
N THR J 21 -35.02 7.17 13.15
CA THR J 21 -36.11 6.63 13.96
C THR J 21 -37.18 6.05 13.02
N LEU J 22 -37.61 6.85 12.05
CA LEU J 22 -38.65 6.41 11.13
C LEU J 22 -38.12 5.21 10.32
N ALA J 23 -36.84 5.23 9.92
CA ALA J 23 -36.33 4.14 9.14
C ALA J 23 -36.45 2.84 9.92
N ALA J 24 -36.00 2.87 11.17
CA ALA J 24 -36.09 1.68 12.00
C ALA J 24 -37.54 1.25 12.19
N CYS J 25 -38.41 2.20 12.50
CA CYS J 25 -39.83 1.93 12.75
C CYS J 25 -40.50 1.31 11.51
N TYR J 26 -40.20 1.83 10.34
CA TYR J 26 -40.85 1.34 9.13
C TYR J 26 -40.42 -0.11 8.85
N LEU J 27 -39.16 -0.42 9.11
CA LEU J 27 -38.70 -1.79 9.00
C LEU J 27 -39.50 -2.67 9.97
N MET J 28 -39.69 -2.21 11.20
CA MET J 28 -40.30 -3.06 12.20
C MET J 28 -41.79 -3.27 11.91
N LEU J 29 -42.40 -2.29 11.24
CA LEU J 29 -43.79 -2.38 10.90
C LEU J 29 -44.00 -3.50 9.87
N GLN J 30 -42.95 -3.84 9.14
CA GLN J 30 -43.01 -4.85 8.09
C GLN J 30 -42.69 -6.20 8.69
N GLY J 31 -42.45 -6.26 10.00
CA GLY J 31 -42.08 -7.51 10.66
C GLY J 31 -40.57 -7.73 10.74
N ILE J 32 -39.75 -6.75 10.32
CA ILE J 32 -38.31 -6.93 10.31
C ILE J 32 -37.73 -6.49 11.64
N PRO J 33 -37.14 -7.39 12.44
CA PRO J 33 -36.49 -6.99 13.68
C PRO J 33 -35.27 -6.15 13.37
N VAL J 34 -35.04 -5.09 14.16
CA VAL J 34 -33.89 -4.23 13.93
C VAL J 34 -32.95 -4.22 15.13
N HIS J 35 -31.66 -4.32 14.81
CA HIS J 35 -30.57 -4.05 15.75
C HIS J 35 -30.20 -2.57 15.56
N LEU J 36 -30.48 -1.76 16.58
CA LEU J 36 -30.13 -0.34 16.57
C LEU J 36 -28.65 -0.22 16.88
N TRP J 37 -27.93 0.49 16.01
CA TRP J 37 -26.48 0.62 16.11
C TRP J 37 -26.16 2.11 16.06
N SER J 38 -25.48 2.58 17.11
CA SER J 38 -25.13 3.99 17.27
C SER J 38 -23.63 4.06 17.37
N GLY J 39 -23.04 4.84 16.46
CA GLY J 39 -21.62 5.08 16.54
C GLY J 39 -21.33 6.32 17.37
N ASN J 40 -20.54 6.17 18.45
CA ASN J 40 -19.97 7.25 19.20
C ASN J 40 -18.56 7.56 18.70
N SER J 41 -18.42 8.70 18.04
CA SER J 41 -17.18 9.16 17.45
C SER J 41 -16.29 9.89 18.45
N GLY J 42 -16.81 10.10 19.69
CA GLY J 42 -16.06 10.74 20.74
C GLY J 42 -16.23 12.24 20.72
N CYS J 43 -17.04 12.80 19.82
CA CYS J 43 -17.19 14.25 19.76
C CYS J 43 -18.66 14.67 19.82
N SER J 44 -19.45 13.87 20.53
CA SER J 44 -20.89 13.99 20.55
C SER J 44 -21.28 14.54 21.92
N LEU J 45 -22.11 15.57 21.93
CA LEU J 45 -22.51 16.19 23.20
C LEU J 45 -23.94 15.79 23.53
N HIS J 46 -24.23 15.67 24.82
CA HIS J 46 -25.58 15.55 25.29
C HIS J 46 -26.27 14.37 24.61
N ARG J 47 -25.69 13.18 24.71
CA ARG J 47 -26.24 11.97 24.05
C ARG J 47 -27.27 11.26 24.95
N GLY J 48 -27.44 11.70 26.19
CA GLY J 48 -28.38 11.15 27.11
C GLY J 48 -29.80 11.06 26.59
N ILE J 49 -30.24 11.98 25.74
CA ILE J 49 -31.64 12.01 25.32
C ILE J 49 -31.98 10.81 24.47
N LEU J 50 -30.96 10.22 23.89
CA LEU J 50 -31.18 9.09 23.00
C LEU J 50 -31.99 8.01 23.70
N SER J 51 -31.72 7.77 24.98
CA SER J 51 -32.39 6.69 25.68
C SER J 51 -33.91 6.92 25.75
N HIS J 52 -34.37 8.18 25.79
CA HIS J 52 -35.80 8.43 25.74
C HIS J 52 -36.38 7.88 24.42
N ARG J 53 -35.64 8.02 23.32
CA ARG J 53 -36.16 7.62 22.02
C ARG J 53 -36.18 6.09 21.90
N VAL J 54 -35.16 5.45 22.44
CA VAL J 54 -35.11 4.00 22.46
C VAL J 54 -36.31 3.49 23.23
N GLU J 55 -36.64 4.14 24.35
CA GLU J 55 -37.76 3.73 25.17
C GLU J 55 -39.03 3.82 24.34
N GLU J 56 -39.24 4.94 23.63
CA GLU J 56 -40.43 5.08 22.83
C GLU J 56 -40.58 3.90 21.85
N MET J 57 -39.44 3.47 21.26
CA MET J 57 -39.44 2.47 20.23
C MET J 57 -39.72 1.10 20.81
N LYS J 58 -39.10 0.77 21.96
CA LYS J 58 -39.39 -0.48 22.67
C LYS J 58 -40.86 -0.55 23.04
N ASN J 59 -41.43 0.59 23.46
CA ASN J 59 -42.82 0.67 23.87
C ASN J 59 -43.74 0.34 22.71
N ARG J 60 -43.39 0.82 21.53
CA ARG J 60 -44.25 0.72 20.36
C ARG J 60 -44.07 -0.62 19.60
N PHE J 61 -42.92 -1.28 19.72
CA PHE J 61 -42.61 -2.40 18.84
C PHE J 61 -42.07 -3.65 19.58
N GLY J 62 -41.82 -3.55 20.88
CA GLY J 62 -41.46 -4.72 21.69
C GLY J 62 -40.17 -5.41 21.21
N ASP J 63 -40.26 -6.77 21.18
CA ASP J 63 -39.26 -7.70 20.67
C ASP J 63 -38.59 -7.32 19.36
N LEU J 64 -39.31 -6.60 18.52
CA LEU J 64 -38.78 -6.26 17.22
C LEU J 64 -37.54 -5.36 17.36
N VAL J 65 -37.34 -4.70 18.49
CA VAL J 65 -36.08 -4.05 18.81
C VAL J 65 -35.18 -5.08 19.46
N VAL J 66 -34.25 -5.67 18.71
CA VAL J 66 -33.55 -6.81 19.27
C VAL J 66 -32.37 -6.32 20.11
N GLY J 67 -31.99 -5.06 19.99
CA GLY J 67 -31.06 -4.45 20.92
C GLY J 67 -30.46 -3.15 20.35
N HIS J 68 -29.59 -2.59 21.19
CA HIS J 68 -29.04 -1.27 20.97
C HIS J 68 -27.54 -1.32 21.26
N THR J 69 -26.70 -1.25 20.23
CA THR J 69 -25.25 -1.24 20.40
C THR J 69 -24.73 0.19 20.24
N VAL J 70 -23.95 0.63 21.24
CA VAL J 70 -23.30 1.91 21.19
C VAL J 70 -21.81 1.60 21.00
N ALA J 71 -21.25 1.94 19.85
CA ALA J 71 -19.89 1.54 19.52
C ALA J 71 -18.95 2.75 19.62
N ASP J 72 -17.77 2.51 20.18
CA ASP J 72 -16.71 3.49 20.16
C ASP J 72 -16.03 3.40 18.80
N ILE J 73 -16.23 4.43 17.97
CA ILE J 73 -15.60 4.49 16.64
C ILE J 73 -14.61 5.67 16.63
N SER J 74 -14.23 6.17 17.81
CA SER J 74 -13.40 7.37 17.90
C SER J 74 -12.05 7.17 17.21
N GLY J 75 -11.51 5.94 17.29
CA GLY J 75 -10.21 5.64 16.74
C GLY J 75 -10.23 5.74 15.21
N ALA J 76 -11.17 5.06 14.57
CA ALA J 76 -11.34 5.09 13.14
C ALA J 76 -11.67 6.49 12.66
N PHE J 77 -12.53 7.20 13.43
CA PHE J 77 -12.94 8.55 13.06
C PHE J 77 -11.71 9.45 13.06
N ARG J 78 -10.88 9.38 14.11
CA ARG J 78 -9.65 10.20 14.14
C ARG J 78 -8.75 9.86 12.97
N SER J 79 -8.51 8.57 12.71
CA SER J 79 -7.56 8.14 11.65
C SER J 79 -7.99 8.62 10.27
N ILE J 80 -9.28 8.80 10.03
CA ILE J 80 -9.78 9.13 8.67
C ILE J 80 -10.10 10.60 8.54
N ALA J 81 -10.49 11.24 9.62
CA ALA J 81 -11.08 12.56 9.48
C ALA J 81 -10.34 13.65 10.23
N ILE J 82 -9.57 13.31 11.28
CA ILE J 82 -8.97 14.31 12.14
C ILE J 82 -7.46 14.35 11.99
N GLU J 83 -6.78 13.22 11.88
CA GLU J 83 -5.32 13.14 11.87
C GLU J 83 -4.72 14.06 10.79
N ALA J 84 -5.37 14.12 9.60
CA ALA J 84 -4.88 14.93 8.50
C ALA J 84 -5.82 16.13 8.24
N LEU J 85 -6.43 16.66 9.29
CA LEU J 85 -7.33 17.78 9.20
C LEU J 85 -6.71 18.97 8.50
N GLU J 86 -5.45 19.34 8.81
CA GLU J 86 -4.84 20.46 8.13
C GLU J 86 -4.84 20.24 6.62
N GLN J 87 -4.31 19.13 6.16
CA GLN J 87 -4.15 18.82 4.74
C GLN J 87 -5.52 18.76 4.10
N ASP J 88 -6.47 18.06 4.78
CA ASP J 88 -7.81 17.88 4.25
C ASP J 88 -8.48 19.24 3.97
N ILE J 89 -8.47 20.16 4.96
CA ILE J 89 -9.16 21.42 4.79
C ILE J 89 -8.40 22.34 3.84
N LEU J 90 -7.07 22.31 3.83
CA LEU J 90 -6.33 23.18 2.93
C LEU J 90 -6.52 22.72 1.48
N LYS J 91 -6.68 21.42 1.25
CA LYS J 91 -6.89 20.95 -0.11
C LYS J 91 -8.34 21.18 -0.57
N TYR J 92 -9.32 20.71 0.21
CA TYR J 92 -10.70 20.75 -0.29
C TYR J 92 -11.39 22.07 0.06
N ARG J 93 -10.81 22.88 0.96
CA ARG J 93 -11.34 24.20 1.31
C ARG J 93 -12.70 24.04 2.02
N LYS J 94 -12.95 22.87 2.59
CA LYS J 94 -14.19 22.56 3.27
C LYS J 94 -13.93 21.52 4.39
N ASN J 95 -14.63 21.66 5.48
CA ASN J 95 -14.56 20.79 6.61
C ASN J 95 -15.50 19.61 6.34
N LEU J 96 -14.89 18.47 6.03
CA LEU J 96 -15.63 17.27 5.69
C LEU J 96 -15.52 16.22 6.79
N VAL J 97 -15.19 16.64 8.01
CA VAL J 97 -15.12 15.73 9.13
C VAL J 97 -16.36 14.81 9.24
N LEU J 98 -17.56 15.33 9.00
CA LEU J 98 -18.77 14.54 9.19
C LEU J 98 -18.93 13.52 8.06
N LEU J 99 -18.29 13.77 6.91
CA LEU J 99 -18.25 12.79 5.84
C LEU J 99 -17.31 11.65 6.22
N GLY J 100 -16.14 12.03 6.68
CA GLY J 100 -15.22 11.11 7.32
C GLY J 100 -15.89 10.26 8.39
N GLU J 101 -16.73 10.85 9.22
CA GLU J 101 -17.37 10.06 10.28
C GLU J 101 -18.22 8.96 9.66
N LYS J 102 -18.91 9.29 8.57
CA LYS J 102 -19.81 8.30 7.97
C LYS J 102 -18.97 7.18 7.34
N LEU J 103 -17.80 7.51 6.77
CA LEU J 103 -16.94 6.47 6.25
C LEU J 103 -16.46 5.56 7.40
N ALA J 104 -16.15 6.18 8.55
CA ALA J 104 -15.68 5.42 9.70
C ALA J 104 -16.80 4.51 10.20
N ILE J 105 -18.02 5.03 10.26
CA ILE J 105 -19.18 4.21 10.59
C ILE J 105 -19.24 2.98 9.68
N HIS J 106 -19.05 3.17 8.36
CA HIS J 106 -19.20 2.08 7.41
C HIS J 106 -18.09 1.02 7.55
N ALA J 107 -16.88 1.46 7.85
CA ALA J 107 -15.76 0.56 8.08
C ALA J 107 -16.05 -0.34 9.27
N HIS J 108 -16.48 0.27 10.37
CA HIS J 108 -16.87 -0.46 11.57
C HIS J 108 -18.00 -1.45 11.28
N LEU J 109 -18.91 -1.07 10.40
CA LEU J 109 -20.09 -1.89 10.16
C LEU J 109 -19.75 -3.13 9.35
N VAL J 110 -18.73 -3.05 8.51
CA VAL J 110 -18.24 -4.23 7.82
C VAL J 110 -17.85 -5.26 8.88
N ASP J 111 -17.05 -4.78 9.85
CA ASP J 111 -16.58 -5.71 10.85
C ASP J 111 -17.75 -6.23 11.66
N PHE J 112 -18.60 -5.30 12.09
CA PHE J 112 -19.70 -5.66 12.96
C PHE J 112 -20.59 -6.67 12.25
N CYS J 113 -20.91 -6.41 10.98
CA CYS J 113 -21.83 -7.30 10.25
C CYS J 113 -21.19 -8.69 10.11
N ARG J 114 -19.91 -8.75 9.74
CA ARG J 114 -19.31 -10.07 9.56
C ARG J 114 -19.27 -10.85 10.86
N ARG J 115 -19.07 -10.17 11.99
CA ARG J 115 -18.89 -10.88 13.25
C ARG J 115 -20.23 -11.17 13.91
N ASN J 116 -21.31 -10.54 13.46
CA ASN J 116 -22.59 -10.70 14.15
C ASN J 116 -23.67 -11.22 13.22
N ASP J 117 -23.28 -11.75 12.05
CA ASP J 117 -24.20 -12.43 11.14
C ASP J 117 -25.34 -11.52 10.68
N ILE J 118 -25.01 -10.31 10.21
CA ILE J 118 -25.95 -9.37 9.68
C ILE J 118 -25.54 -9.10 8.25
N ASN J 119 -26.52 -9.05 7.33
CA ASN J 119 -26.13 -8.79 5.95
C ASN J 119 -26.85 -7.57 5.36
N THR J 120 -27.73 -6.92 6.14
CA THR J 120 -28.43 -5.77 5.65
C THR J 120 -28.32 -4.67 6.68
N ILE J 121 -27.81 -3.52 6.23
CA ILE J 121 -27.75 -2.33 7.07
C ILE J 121 -28.63 -1.28 6.43
N ASN J 122 -29.17 -0.39 7.28
CA ASN J 122 -30.09 0.63 6.86
C ASN J 122 -29.74 1.94 7.59
N ASP J 123 -29.93 3.09 6.94
CA ASP J 123 -29.80 4.35 7.64
C ASP J 123 -30.98 5.26 7.34
N GLY J 124 -30.96 6.45 7.95
CA GLY J 124 -32.04 7.44 7.82
C GLY J 124 -31.72 8.56 6.84
N ILE J 125 -30.76 8.40 5.95
CA ILE J 125 -30.50 9.52 5.05
C ILE J 125 -31.79 9.80 4.26
N THR J 126 -32.03 11.11 4.02
CA THR J 126 -33.27 11.61 3.45
C THR J 126 -32.94 12.61 2.34
N HIS J 127 -33.82 12.67 1.34
CA HIS J 127 -33.73 13.62 0.25
C HIS J 127 -33.65 15.06 0.72
N TYR J 128 -34.39 15.40 1.76
CA TYR J 128 -34.50 16.79 2.21
C TYR J 128 -33.21 17.24 2.88
N GLN J 129 -32.28 16.31 3.15
CA GLN J 129 -31.00 16.68 3.75
C GLN J 129 -29.81 16.48 2.82
N MET J 130 -30.03 16.72 1.53
CA MET J 130 -29.03 16.65 0.48
C MET J 130 -27.93 17.69 0.66
N GLU J 131 -28.12 18.78 1.41
CA GLU J 131 -27.03 19.71 1.72
C GLU J 131 -25.84 19.04 2.45
N PHE J 132 -26.08 17.97 3.20
CA PHE J 132 -25.08 17.36 4.06
C PHE J 132 -24.39 16.28 3.25
N PRO J 133 -23.03 16.27 3.24
CA PRO J 133 -22.27 15.48 2.28
C PRO J 133 -22.55 13.99 2.39
N GLU J 134 -22.79 13.51 3.61
CA GLU J 134 -22.98 12.09 3.81
C GLU J 134 -24.34 11.63 3.32
N GLN J 135 -25.22 12.55 2.91
CA GLN J 135 -26.58 12.20 2.56
C GLN J 135 -26.82 12.44 1.07
N ARG J 136 -25.77 12.89 0.37
CA ARG J 136 -25.91 13.12 -1.06
C ARG J 136 -25.89 11.78 -1.83
N LEU J 137 -26.65 11.75 -2.93
CA LEU J 137 -26.69 10.60 -3.82
C LEU J 137 -25.27 10.11 -4.12
N VAL J 138 -24.32 11.03 -4.36
CA VAL J 138 -23.01 10.60 -4.79
C VAL J 138 -22.29 9.85 -3.67
N ALA J 139 -22.49 10.26 -2.42
CA ALA J 139 -21.96 9.55 -1.27
C ALA J 139 -22.66 8.21 -1.06
N LYS J 140 -23.98 8.20 -1.17
CA LYS J 140 -24.76 6.99 -0.94
C LYS J 140 -24.32 5.92 -1.93
N THR J 141 -24.14 6.35 -3.18
CA THR J 141 -23.78 5.43 -4.25
C THR J 141 -22.43 4.85 -3.91
N PHE J 142 -21.48 5.70 -3.55
CA PHE J 142 -20.16 5.24 -3.15
C PHE J 142 -20.22 4.22 -2.04
N LEU J 143 -20.98 4.52 -0.99
CA LEU J 143 -21.00 3.64 0.18
C LEU J 143 -21.72 2.32 -0.14
N MET J 144 -22.77 2.36 -0.97
CA MET J 144 -23.41 1.13 -1.46
C MET J 144 -22.40 0.22 -2.13
N GLU J 145 -21.54 0.80 -3.01
CA GLU J 145 -20.51 0.05 -3.71
C GLU J 145 -19.56 -0.57 -2.67
N MET J 146 -19.11 0.25 -1.74
CA MET J 146 -18.20 -0.19 -0.71
C MET J 146 -18.82 -1.36 0.07
N MET J 147 -20.09 -1.24 0.48
CA MET J 147 -20.67 -2.29 1.29
C MET J 147 -20.85 -3.56 0.46
N ALA J 148 -21.10 -3.41 -0.84
CA ALA J 148 -21.35 -4.59 -1.65
C ALA J 148 -20.06 -5.38 -1.89
N GLN J 149 -18.90 -4.71 -1.84
CA GLN J 149 -17.63 -5.42 -1.92
C GLN J 149 -17.49 -6.37 -0.74
N TYR J 150 -18.18 -6.15 0.37
CA TYR J 150 -18.18 -7.09 1.47
C TYR J 150 -19.49 -7.89 1.57
N ASP J 151 -20.27 -7.93 0.47
CA ASP J 151 -21.53 -8.65 0.41
C ASP J 151 -22.46 -8.18 1.50
N ILE J 152 -22.48 -6.87 1.69
CA ILE J 152 -23.41 -6.26 2.64
C ILE J 152 -24.35 -5.39 1.84
N ASN J 153 -25.63 -5.58 2.17
CA ASN J 153 -26.71 -4.86 1.51
C ASN J 153 -26.97 -3.58 2.31
N TYR J 154 -26.82 -2.41 1.69
CA TYR J 154 -26.96 -1.14 2.37
C TYR J 154 -28.19 -0.44 1.78
N GLN J 155 -29.25 -0.28 2.59
CA GLN J 155 -30.46 0.37 2.14
C GLN J 155 -30.70 1.67 2.87
N SER J 156 -31.54 2.50 2.28
CA SER J 156 -31.89 3.78 2.90
C SER J 156 -33.41 3.92 2.81
N PRO J 157 -34.16 3.29 3.76
CA PRO J 157 -35.58 3.08 3.59
C PRO J 157 -36.46 4.31 3.65
N VAL J 158 -35.90 5.47 4.06
CA VAL J 158 -36.77 6.65 4.08
C VAL J 158 -36.29 7.74 3.11
N TYR J 159 -35.25 7.44 2.34
CA TYR J 159 -34.65 8.37 1.40
C TYR J 159 -35.67 8.97 0.41
N GLU J 160 -36.35 8.11 -0.37
CA GLU J 160 -37.15 8.59 -1.47
C GLU J 160 -38.40 9.29 -0.96
N PHE J 161 -38.89 8.90 0.25
CA PHE J 161 -40.19 9.33 0.70
C PHE J 161 -40.08 10.72 1.34
N ALA J 162 -38.99 10.98 2.04
CA ALA J 162 -38.89 12.16 2.90
C ALA J 162 -38.48 13.37 2.06
N GLN J 163 -39.49 14.05 1.48
CA GLN J 163 -39.24 15.25 0.72
C GLN J 163 -39.11 16.47 1.61
N SER J 164 -39.48 16.34 2.90
CA SER J 164 -39.37 17.40 3.89
C SER J 164 -39.34 16.77 5.28
N ALA J 165 -38.88 17.52 6.28
CA ALA J 165 -38.93 17.05 7.64
C ALA J 165 -40.39 16.77 8.04
N ASP J 166 -41.33 17.51 7.49
CA ASP J 166 -42.74 17.32 7.84
C ASP J 166 -43.22 15.92 7.50
N ASP J 167 -42.82 15.38 6.35
CA ASP J 167 -43.16 14.02 5.96
C ASP J 167 -42.79 13.02 7.06
N VAL J 168 -41.56 13.17 7.58
CA VAL J 168 -41.08 12.24 8.58
C VAL J 168 -41.85 12.43 9.88
N LYS J 169 -41.99 13.70 10.31
CA LYS J 169 -42.62 13.99 11.57
C LYS J 169 -43.98 13.32 11.69
N TYR J 170 -44.81 13.42 10.68
CA TYR J 170 -46.23 13.07 10.83
C TYR J 170 -46.41 11.55 10.72
N ARG J 171 -45.45 10.86 10.07
CA ARG J 171 -45.46 9.42 10.12
C ARG J 171 -45.09 8.98 11.52
N LEU J 172 -44.10 9.63 12.12
CA LEU J 172 -43.75 9.31 13.50
C LEU J 172 -44.94 9.52 14.43
N LEU J 173 -45.64 10.60 14.23
CA LEU J 173 -46.72 10.98 15.14
C LEU J 173 -47.82 9.92 15.05
N GLN J 174 -48.03 9.38 13.83
CA GLN J 174 -49.00 8.32 13.62
C GLN J 174 -48.60 7.06 14.36
N LEU J 175 -47.32 6.88 14.66
CA LEU J 175 -46.88 5.72 15.40
C LEU J 175 -46.98 5.93 16.90
N GLY J 176 -47.45 7.10 17.33
CA GLY J 176 -47.43 7.41 18.76
C GLY J 176 -46.04 7.73 19.27
N ILE J 177 -45.17 8.19 18.35
CA ILE J 177 -43.81 8.58 18.70
C ILE J 177 -43.63 10.07 18.47
N SER J 178 -42.83 10.68 19.36
CA SER J 178 -42.50 12.10 19.30
C SER J 178 -41.78 12.42 17.97
N THR J 179 -42.03 13.64 17.49
CA THR J 179 -41.62 14.11 16.21
C THR J 179 -40.19 14.62 16.25
N LYS J 180 -39.65 14.83 17.49
CA LYS J 180 -38.38 15.49 17.68
C LYS J 180 -37.23 14.57 17.34
N SER J 181 -36.07 15.20 17.11
CA SER J 181 -34.83 14.47 16.93
C SER J 181 -34.17 14.40 18.31
N LEU J 182 -34.31 13.23 18.94
CA LEU J 182 -33.74 13.05 20.26
C LEU J 182 -32.36 12.40 20.10
N GLU J 183 -31.42 13.23 19.66
CA GLU J 183 -30.08 12.77 19.38
C GLU J 183 -29.11 13.70 20.07
N GLY J 184 -27.88 13.23 20.19
CA GLY J 184 -26.72 14.03 20.53
C GLY J 184 -26.41 15.06 19.46
N ILE J 185 -25.58 16.05 19.80
CA ILE J 185 -25.12 17.01 18.82
C ILE J 185 -23.62 16.84 18.66
N SER J 186 -23.18 16.70 17.42
CA SER J 186 -21.78 16.75 17.10
C SER J 186 -21.23 18.12 17.46
N ILE J 187 -20.03 18.18 18.03
CA ILE J 187 -19.41 19.46 18.27
C ILE J 187 -19.13 20.14 16.93
N PHE J 188 -19.14 19.37 15.83
CA PHE J 188 -18.91 19.91 14.50
C PHE J 188 -20.18 20.42 13.80
N ALA J 189 -21.34 20.32 14.45
CA ALA J 189 -22.54 21.04 14.01
C ALA J 189 -22.22 22.50 13.67
N ASP J 190 -22.71 22.95 12.53
CA ASP J 190 -22.60 24.31 12.04
C ASP J 190 -21.16 24.79 12.06
N SER J 191 -20.26 23.91 11.68
CA SER J 191 -18.83 24.16 11.71
C SER J 191 -18.24 24.10 10.31
N PHE J 192 -19.10 24.13 9.30
CA PHE J 192 -18.68 23.87 7.93
C PHE J 192 -19.53 24.67 6.94
N SER J 193 -18.99 24.95 5.75
CA SER J 193 -19.76 25.42 4.60
C SER J 193 -20.14 24.27 3.67
N THR J 194 -21.03 24.48 2.70
CA THR J 194 -21.51 23.41 1.83
C THR J 194 -20.46 22.97 0.79
N PRO J 195 -20.08 21.69 0.68
CA PRO J 195 -19.18 21.21 -0.38
C PRO J 195 -19.87 20.82 -1.67
N SER J 196 -19.15 20.89 -2.78
CA SER J 196 -19.60 20.30 -4.04
C SER J 196 -19.62 18.77 -3.99
N ASP J 197 -20.44 18.17 -4.84
CA ASP J 197 -20.41 16.76 -5.16
C ASP J 197 -18.98 16.34 -5.57
N ASP J 198 -18.25 17.08 -6.41
CA ASP J 198 -16.92 16.63 -6.79
C ASP J 198 -16.06 16.44 -5.55
N VAL J 199 -16.19 17.35 -4.59
CA VAL J 199 -15.32 17.31 -3.42
C VAL J 199 -15.71 16.13 -2.52
N VAL J 200 -16.98 15.86 -2.35
CA VAL J 200 -17.48 14.74 -1.58
C VAL J 200 -16.96 13.41 -2.14
N LEU J 201 -17.03 13.25 -3.46
CA LEU J 201 -16.55 12.03 -4.12
C LEU J 201 -15.04 11.89 -3.97
N ALA J 202 -14.32 13.01 -4.15
CA ALA J 202 -12.87 12.99 -4.11
C ALA J 202 -12.38 12.65 -2.73
N TYR J 203 -13.07 13.15 -1.70
CA TYR J 203 -12.68 12.93 -0.31
C TYR J 203 -12.90 11.47 0.05
N LEU J 204 -14.09 10.94 -0.30
CA LEU J 204 -14.38 9.53 -0.10
C LEU J 204 -13.33 8.65 -0.78
N ARG J 205 -12.96 8.95 -2.02
CA ARG J 205 -11.97 8.18 -2.74
C ARG J 205 -10.59 8.30 -2.09
N GLU J 206 -10.26 9.47 -1.55
CA GLU J 206 -8.95 9.65 -0.93
C GLU J 206 -8.85 8.86 0.36
N LYS J 207 -9.92 8.79 1.17
CA LYS J 207 -9.88 8.13 2.46
C LYS J 207 -10.21 6.65 2.36
N ALA J 208 -10.72 6.19 1.23
CA ALA J 208 -11.16 4.81 1.07
C ALA J 208 -10.03 3.81 1.41
N PRO J 209 -8.82 3.93 0.85
CA PRO J 209 -7.72 3.06 1.24
C PRO J 209 -7.57 2.93 2.75
N LEU J 210 -7.66 4.04 3.47
CA LEU J 210 -7.54 3.99 4.92
C LEU J 210 -8.71 3.22 5.53
N ALA J 211 -9.93 3.45 5.04
CA ALA J 211 -11.10 2.77 5.58
C ALA J 211 -10.94 1.25 5.41
N HIS J 212 -10.51 0.81 4.23
CA HIS J 212 -10.39 -0.61 3.94
C HIS J 212 -9.29 -1.23 4.80
N ASN J 213 -8.22 -0.46 5.04
CA ASN J 213 -7.15 -0.88 5.92
C ASN J 213 -7.67 -1.11 7.35
N ILE J 214 -8.54 -0.19 7.82
CA ILE J 214 -9.12 -0.31 9.14
C ILE J 214 -9.99 -1.56 9.18
N VAL J 215 -10.74 -1.81 8.10
CA VAL J 215 -11.55 -3.02 8.02
C VAL J 215 -10.70 -4.25 8.17
N ASN J 216 -9.56 -4.29 7.48
CA ASN J 216 -8.68 -5.46 7.53
C ASN J 216 -8.09 -5.64 8.90
N PHE J 217 -7.72 -4.54 9.57
CA PHE J 217 -7.16 -4.60 10.89
C PHE J 217 -8.19 -5.15 11.84
N LEU J 218 -9.41 -4.66 11.78
CA LEU J 218 -10.47 -5.12 12.69
C LEU J 218 -10.77 -6.59 12.50
N ALA J 219 -10.49 -7.14 11.32
CA ALA J 219 -10.68 -8.58 11.05
C ALA J 219 -9.43 -9.42 11.44
N GLY J 220 -9.35 -10.70 11.11
CA GLY J 220 -8.08 -11.48 11.18
C GLY J 220 -6.77 -10.68 11.23
N VAL K 7 -18.73 -52.36 65.40
CA VAL K 7 -19.83 -51.62 64.72
C VAL K 7 -20.97 -51.51 65.73
N LYS K 8 -21.27 -52.53 66.53
CA LYS K 8 -22.51 -52.52 67.32
C LYS K 8 -22.39 -51.64 68.57
N PRO K 9 -23.24 -50.59 68.75
CA PRO K 9 -23.07 -49.68 69.88
C PRO K 9 -23.24 -50.40 71.23
N GLN K 10 -22.47 -49.94 72.21
CA GLN K 10 -22.71 -50.31 73.59
C GLN K 10 -23.08 -49.07 74.40
N LEU K 11 -23.58 -49.29 75.60
CA LEU K 11 -24.01 -48.22 76.49
C LEU K 11 -22.97 -48.11 77.60
N VAL K 12 -22.64 -46.86 77.96
CA VAL K 12 -21.80 -46.60 79.11
C VAL K 12 -22.58 -45.78 80.14
N MET K 13 -22.61 -46.33 81.37
CA MET K 13 -23.18 -45.61 82.52
C MET K 13 -22.13 -44.53 82.77
N PHE K 14 -22.46 -43.28 82.52
CA PHE K 14 -21.51 -42.21 82.48
C PHE K 14 -21.94 -41.09 83.42
N THR K 15 -21.02 -40.76 84.35
CA THR K 15 -21.25 -39.73 85.34
C THR K 15 -20.45 -38.46 85.06
N GLY K 16 -19.45 -38.54 84.17
CA GLY K 16 -18.51 -37.46 84.00
C GLY K 16 -17.20 -37.71 84.79
N GLY K 17 -17.20 -38.72 85.64
CA GLY K 17 -15.99 -39.01 86.39
C GLY K 17 -14.89 -39.56 85.51
N ARG K 18 -13.65 -39.45 85.98
CA ARG K 18 -12.49 -40.02 85.31
C ARG K 18 -12.75 -41.44 84.81
N ASP K 19 -13.27 -42.30 85.69
CA ASP K 19 -13.25 -43.73 85.50
C ASP K 19 -14.22 -44.09 84.39
N SER K 20 -15.43 -43.54 84.43
CA SER K 20 -16.43 -43.85 83.42
C SER K 20 -16.08 -43.16 82.09
N THR K 21 -15.37 -42.02 82.18
CA THR K 21 -14.86 -41.34 80.99
C THR K 21 -13.89 -42.27 80.28
N LEU K 22 -12.92 -42.80 81.02
CA LEU K 22 -11.92 -43.69 80.43
C LEU K 22 -12.61 -44.93 79.89
N ALA K 23 -13.62 -45.46 80.59
CA ALA K 23 -14.28 -46.66 80.11
C ALA K 23 -14.88 -46.42 78.73
N ALA K 24 -15.59 -45.31 78.60
CA ALA K 24 -16.20 -44.98 77.33
C ALA K 24 -15.12 -44.77 76.26
N CYS K 25 -14.06 -44.03 76.60
CA CYS K 25 -12.99 -43.72 75.67
C CYS K 25 -12.29 -44.98 75.18
N TYR K 26 -12.04 -45.91 76.10
CA TYR K 26 -11.31 -47.12 75.74
C TYR K 26 -12.14 -47.98 74.79
N LEU K 27 -13.43 -48.04 75.00
CA LEU K 27 -14.32 -48.71 74.08
C LEU K 27 -14.24 -48.04 72.71
N MET K 28 -14.24 -46.72 72.66
CA MET K 28 -14.32 -46.02 71.38
C MET K 28 -12.98 -46.16 70.62
N LEU K 29 -11.89 -46.33 71.36
CA LEU K 29 -10.60 -46.49 70.75
C LEU K 29 -10.56 -47.81 69.98
N GLN K 30 -11.41 -48.76 70.39
CA GLN K 30 -11.45 -50.08 69.76
C GLN K 30 -12.41 -50.07 68.58
N GLY K 31 -13.00 -48.92 68.28
CA GLY K 31 -14.00 -48.84 67.22
C GLY K 31 -15.44 -49.06 67.72
N ILE K 32 -15.66 -49.19 69.04
CA ILE K 32 -17.00 -49.47 69.55
C ILE K 32 -17.73 -48.16 69.83
N PRO K 33 -18.81 -47.84 69.09
CA PRO K 33 -19.59 -46.65 69.37
C PRO K 33 -20.27 -46.76 70.74
N VAL K 34 -20.29 -45.66 71.51
CA VAL K 34 -20.90 -45.72 72.82
C VAL K 34 -22.04 -44.71 72.94
N HIS K 35 -23.13 -45.19 73.54
CA HIS K 35 -24.24 -44.38 73.99
C HIS K 35 -23.98 -44.04 75.45
N LEU K 36 -23.70 -42.76 75.74
CA LEU K 36 -23.49 -42.29 77.09
C LEU K 36 -24.85 -42.15 77.78
N TRP K 37 -24.99 -42.78 78.94
CA TRP K 37 -26.23 -42.78 79.71
C TRP K 37 -25.94 -42.29 81.13
N SER K 38 -26.66 -41.23 81.53
CA SER K 38 -26.49 -40.58 82.83
C SER K 38 -27.84 -40.63 83.55
N GLY K 39 -27.84 -41.24 84.73
CA GLY K 39 -29.04 -41.25 85.55
C GLY K 39 -29.09 -40.06 86.50
N ASN K 40 -30.14 -39.27 86.40
CA ASN K 40 -30.45 -38.22 87.36
C ASN K 40 -31.46 -38.69 88.39
N SER K 41 -31.02 -38.89 89.63
CA SER K 41 -31.82 -39.39 90.72
C SER K 41 -32.60 -38.25 91.41
N GLY K 42 -32.36 -37.01 91.00
CA GLY K 42 -33.03 -35.84 91.50
C GLY K 42 -32.43 -35.30 92.79
N CYS K 43 -31.29 -35.86 93.24
CA CYS K 43 -30.63 -35.36 94.42
C CYS K 43 -29.17 -35.01 94.12
N SER K 44 -28.90 -34.63 92.88
CA SER K 44 -27.54 -34.45 92.40
C SER K 44 -27.32 -32.96 92.23
N LEU K 45 -26.21 -32.46 92.74
CA LEU K 45 -25.93 -31.02 92.70
C LEU K 45 -24.85 -30.72 91.65
N HIS K 46 -24.99 -29.56 91.00
CA HIS K 46 -23.91 -29.01 90.21
C HIS K 46 -23.49 -30.00 89.12
N ARG K 47 -24.48 -30.43 88.34
CA ARG K 47 -24.27 -31.34 87.20
C ARG K 47 -23.84 -30.63 85.91
N GLY K 48 -23.81 -29.30 85.88
CA GLY K 48 -23.60 -28.52 84.68
C GLY K 48 -22.26 -28.80 83.99
N ILE K 49 -21.23 -29.08 84.78
CA ILE K 49 -19.88 -29.23 84.20
C ILE K 49 -19.79 -30.52 83.37
N LEU K 50 -20.70 -31.44 83.59
CA LEU K 50 -20.68 -32.68 82.85
C LEU K 50 -20.65 -32.39 81.33
N SER K 51 -21.37 -31.38 80.87
CA SER K 51 -21.41 -31.08 79.44
C SER K 51 -20.02 -30.73 78.89
N HIS K 52 -19.16 -30.12 79.69
CA HIS K 52 -17.78 -29.89 79.25
C HIS K 52 -17.09 -31.22 78.95
N ARG K 53 -17.35 -32.27 79.73
CA ARG K 53 -16.67 -33.54 79.55
C ARG K 53 -17.18 -34.23 78.28
N VAL K 54 -18.49 -34.14 78.05
CA VAL K 54 -19.08 -34.71 76.86
C VAL K 54 -18.44 -34.03 75.65
N GLU K 55 -18.23 -32.71 75.72
CA GLU K 55 -17.65 -31.97 74.62
C GLU K 55 -16.26 -32.51 74.35
N GLU K 56 -15.45 -32.71 75.40
CA GLU K 56 -14.10 -33.20 75.21
C GLU K 56 -14.13 -34.53 74.45
N MET K 57 -15.10 -35.38 74.78
CA MET K 57 -15.16 -36.73 74.24
C MET K 57 -15.61 -36.71 72.78
N LYS K 58 -16.62 -35.87 72.45
CA LYS K 58 -17.06 -35.68 71.07
C LYS K 58 -15.88 -35.14 70.23
N ASN K 59 -15.09 -34.22 70.80
CA ASN K 59 -13.98 -33.61 70.12
C ASN K 59 -12.94 -34.66 69.76
N ARG K 60 -12.72 -35.63 70.66
CA ARG K 60 -11.64 -36.58 70.49
C ARG K 60 -12.07 -37.81 69.67
N PHE K 61 -13.37 -38.11 69.59
CA PHE K 61 -13.82 -39.38 69.02
C PHE K 61 -14.93 -39.25 67.97
N GLY K 62 -15.48 -38.07 67.78
CA GLY K 62 -16.46 -37.82 66.73
C GLY K 62 -17.72 -38.67 66.89
N ASP K 63 -18.17 -39.20 65.73
CA ASP K 63 -19.31 -40.07 65.58
C ASP K 63 -19.35 -41.24 66.53
N LEU K 64 -18.21 -41.67 67.07
CA LEU K 64 -18.19 -42.81 67.97
C LEU K 64 -18.99 -42.52 69.25
N VAL K 65 -19.21 -41.22 69.57
CA VAL K 65 -20.18 -40.85 70.59
C VAL K 65 -21.55 -40.77 69.93
N VAL K 66 -22.39 -41.79 70.07
CA VAL K 66 -23.59 -41.79 69.27
C VAL K 66 -24.68 -41.01 69.98
N GLY K 67 -24.50 -40.69 71.27
CA GLY K 67 -25.51 -39.95 71.98
C GLY K 67 -25.28 -39.88 73.47
N HIS K 68 -26.06 -38.98 74.12
CA HIS K 68 -26.01 -38.76 75.55
C HIS K 68 -27.44 -38.69 76.07
N THR K 69 -27.89 -39.71 76.83
CA THR K 69 -29.19 -39.70 77.45
C THR K 69 -29.05 -39.34 78.93
N VAL K 70 -29.85 -38.35 79.36
CA VAL K 70 -29.98 -38.05 80.78
C VAL K 70 -31.36 -38.52 81.20
N ALA K 71 -31.43 -39.55 82.04
CA ALA K 71 -32.71 -40.13 82.43
C ALA K 71 -33.10 -39.67 83.84
N ASP K 72 -34.38 -39.34 84.00
CA ASP K 72 -34.94 -39.04 85.30
C ASP K 72 -35.27 -40.38 85.95
N ILE K 73 -34.51 -40.75 86.99
CA ILE K 73 -34.74 -42.00 87.70
C ILE K 73 -35.18 -41.70 89.13
N SER K 74 -35.62 -40.46 89.38
CA SER K 74 -35.96 -40.05 90.72
C SER K 74 -37.09 -40.90 91.31
N GLY K 75 -38.04 -41.33 90.46
CA GLY K 75 -39.17 -42.07 90.97
C GLY K 75 -38.77 -43.44 91.48
N ALA K 76 -38.02 -44.19 90.66
CA ALA K 76 -37.53 -45.50 91.08
C ALA K 76 -36.57 -45.37 92.27
N PHE K 77 -35.73 -44.33 92.27
CA PHE K 77 -34.79 -44.10 93.36
C PHE K 77 -35.55 -43.89 94.65
N ARG K 78 -36.53 -42.98 94.60
CA ARG K 78 -37.36 -42.75 95.76
C ARG K 78 -37.96 -44.07 96.25
N SER K 79 -38.62 -44.84 95.37
CA SER K 79 -39.31 -46.06 95.78
C SER K 79 -38.36 -47.08 96.42
N ILE K 80 -37.15 -47.25 95.87
CA ILE K 80 -36.23 -48.26 96.33
C ILE K 80 -35.51 -47.84 97.61
N ALA K 81 -35.10 -46.56 97.69
CA ALA K 81 -34.20 -46.12 98.78
C ALA K 81 -34.70 -45.05 99.76
N ILE K 82 -35.73 -44.27 99.43
CA ILE K 82 -36.12 -43.15 100.35
C ILE K 82 -37.44 -43.46 101.06
N GLU K 83 -38.41 -44.07 100.36
CA GLU K 83 -39.73 -44.38 100.93
C GLU K 83 -39.60 -45.04 102.32
N ALA K 84 -38.57 -45.86 102.53
CA ALA K 84 -38.42 -46.60 103.80
C ALA K 84 -37.06 -46.37 104.44
N LEU K 85 -36.50 -45.17 104.31
CA LEU K 85 -35.17 -44.84 104.85
C LEU K 85 -35.15 -45.05 106.36
N GLU K 86 -36.23 -44.66 107.02
CA GLU K 86 -36.32 -44.82 108.48
C GLU K 86 -36.13 -46.31 108.82
N GLN K 87 -36.93 -47.19 108.23
CA GLN K 87 -36.86 -48.63 108.56
C GLN K 87 -35.55 -49.21 108.04
N ASP K 88 -35.12 -48.77 106.88
CA ASP K 88 -33.88 -49.32 106.26
C ASP K 88 -32.70 -49.04 107.19
N ILE K 89 -32.54 -47.79 107.61
CA ILE K 89 -31.42 -47.43 108.46
C ILE K 89 -31.54 -48.11 109.83
N LEU K 90 -32.74 -48.28 110.36
CA LEU K 90 -32.88 -48.90 111.67
C LEU K 90 -32.55 -50.39 111.58
N LYS K 91 -32.82 -51.03 110.45
CA LYS K 91 -32.51 -52.43 110.29
C LYS K 91 -31.02 -52.63 110.03
N TYR K 92 -30.45 -51.96 109.02
CA TYR K 92 -29.09 -52.28 108.61
C TYR K 92 -28.07 -51.46 109.40
N ARG K 93 -28.49 -50.40 110.08
CA ARG K 93 -27.62 -49.49 110.83
C ARG K 93 -26.67 -48.78 109.88
N LYS K 94 -27.03 -48.68 108.60
CA LYS K 94 -26.18 -48.03 107.61
C LYS K 94 -27.02 -47.30 106.55
N ASN K 95 -26.50 -46.19 106.05
CA ASN K 95 -27.08 -45.44 104.96
C ASN K 95 -26.63 -46.09 103.67
N LEU K 96 -27.54 -46.83 103.04
CA LEU K 96 -27.22 -47.56 101.80
C LEU K 96 -27.97 -46.92 100.64
N VAL K 97 -28.31 -45.62 100.75
CA VAL K 97 -29.08 -44.96 99.72
C VAL K 97 -28.38 -45.05 98.38
N LEU K 98 -27.04 -44.93 98.36
CA LEU K 98 -26.32 -44.92 97.08
C LEU K 98 -26.30 -46.32 96.46
N LEU K 99 -26.49 -47.36 97.28
CA LEU K 99 -26.60 -48.71 96.75
C LEU K 99 -27.98 -48.88 96.09
N GLY K 100 -29.00 -48.43 96.83
CA GLY K 100 -30.34 -48.29 96.25
C GLY K 100 -30.31 -47.54 94.92
N GLU K 101 -29.55 -46.45 94.83
CA GLU K 101 -29.54 -45.68 93.59
C GLU K 101 -29.04 -46.57 92.45
N LYS K 102 -28.03 -47.37 92.74
CA LYS K 102 -27.42 -48.20 91.69
C LYS K 102 -28.43 -49.26 91.25
N LEU K 103 -29.22 -49.79 92.18
CA LEU K 103 -30.25 -50.74 91.80
C LEU K 103 -31.30 -50.06 90.91
N ALA K 104 -31.65 -48.80 91.24
CA ALA K 104 -32.61 -48.06 90.48
C ALA K 104 -32.07 -47.78 89.08
N ILE K 105 -30.80 -47.40 89.00
CA ILE K 105 -30.14 -47.25 87.71
C ILE K 105 -30.30 -48.53 86.89
N HIS K 106 -30.06 -49.70 87.49
CA HIS K 106 -30.07 -50.96 86.75
C HIS K 106 -31.48 -51.34 86.26
N ALA K 107 -32.49 -51.05 87.08
CA ALA K 107 -33.89 -51.27 86.69
C ALA K 107 -34.22 -50.46 85.46
N HIS K 108 -33.88 -49.17 85.49
CA HIS K 108 -34.08 -48.28 84.35
C HIS K 108 -33.32 -48.77 83.11
N LEU K 109 -32.15 -49.36 83.30
CA LEU K 109 -31.32 -49.76 82.17
C LEU K 109 -31.90 -51.00 81.48
N VAL K 110 -32.58 -51.87 82.25
CA VAL K 110 -33.29 -52.97 81.61
C VAL K 110 -34.29 -52.38 80.62
N ASP K 111 -35.05 -51.40 81.09
CA ASP K 111 -36.05 -50.83 80.24
C ASP K 111 -35.41 -50.14 79.04
N PHE K 112 -34.40 -49.33 79.33
CA PHE K 112 -33.73 -48.57 78.30
C PHE K 112 -33.15 -49.52 77.26
N CYS K 113 -32.46 -50.58 77.70
CA CYS K 113 -31.81 -51.47 76.77
C CYS K 113 -32.84 -52.18 75.90
N ARG K 114 -33.93 -52.67 76.50
CA ARG K 114 -34.93 -53.34 75.68
C ARG K 114 -35.54 -52.42 74.64
N ARG K 115 -35.73 -51.13 74.98
CA ARG K 115 -36.45 -50.24 74.09
C ARG K 115 -35.51 -49.60 73.08
N ASN K 116 -34.19 -49.69 73.28
CA ASN K 116 -33.28 -48.98 72.39
C ASN K 116 -32.29 -49.92 71.74
N ASP K 117 -32.54 -51.24 71.80
CA ASP K 117 -31.74 -52.22 71.11
C ASP K 117 -30.26 -52.17 71.50
N ILE K 118 -29.99 -52.21 72.80
CA ILE K 118 -28.62 -52.28 73.32
C ILE K 118 -28.58 -53.52 74.19
N ASN K 119 -27.55 -54.34 74.14
CA ASN K 119 -27.52 -55.43 75.11
C ASN K 119 -26.16 -55.55 75.81
N THR K 120 -25.31 -54.57 75.62
CA THR K 120 -24.08 -54.51 76.43
C THR K 120 -24.03 -53.14 77.12
N ILE K 121 -23.95 -53.20 78.46
CA ILE K 121 -23.77 -51.99 79.24
C ILE K 121 -22.44 -52.08 79.92
N ASN K 122 -21.85 -50.90 80.17
CA ASN K 122 -20.52 -50.80 80.74
C ASN K 122 -20.53 -49.68 81.76
N ASP K 123 -19.76 -49.85 82.82
CA ASP K 123 -19.52 -48.73 83.73
C ASP K 123 -18.03 -48.57 83.98
N GLY K 124 -17.70 -47.61 84.87
CA GLY K 124 -16.32 -47.27 85.18
C GLY K 124 -15.82 -47.89 86.49
N ILE K 125 -16.43 -48.98 86.97
CA ILE K 125 -15.96 -49.47 88.26
C ILE K 125 -14.48 -49.75 88.18
N THR K 126 -13.76 -49.40 89.27
CA THR K 126 -12.33 -49.52 89.39
C THR K 126 -12.02 -50.15 90.75
N HIS K 127 -10.91 -50.89 90.77
CA HIS K 127 -10.40 -51.53 91.97
C HIS K 127 -10.19 -50.51 93.11
N TYR K 128 -9.67 -49.32 92.74
CA TYR K 128 -9.25 -48.36 93.74
C TYR K 128 -10.48 -47.75 94.42
N GLN K 129 -11.70 -48.00 93.93
CA GLN K 129 -12.89 -47.41 94.55
C GLN K 129 -13.86 -48.38 95.26
N MET K 130 -13.26 -49.52 95.68
CA MET K 130 -13.95 -50.63 96.29
C MET K 130 -14.64 -50.27 97.61
N GLU K 131 -14.18 -49.22 98.33
CA GLU K 131 -14.78 -48.81 99.59
C GLU K 131 -16.27 -48.42 99.44
N PHE K 132 -16.72 -47.99 98.23
CA PHE K 132 -18.10 -47.54 98.08
C PHE K 132 -18.97 -48.73 97.70
N PRO K 133 -20.12 -48.94 98.38
CA PRO K 133 -20.88 -50.18 98.27
C PRO K 133 -21.30 -50.53 96.85
N GLU K 134 -21.57 -49.53 96.03
CA GLU K 134 -22.02 -49.77 94.66
C GLU K 134 -20.87 -50.27 93.78
N GLN K 135 -19.63 -50.26 94.27
CA GLN K 135 -18.48 -50.64 93.50
C GLN K 135 -17.85 -51.90 94.05
N ARG K 136 -18.46 -52.48 95.06
CA ARG K 136 -17.95 -53.71 95.67
C ARG K 136 -18.22 -54.92 94.75
N LEU K 137 -17.27 -55.85 94.74
CA LEU K 137 -17.43 -57.10 94.02
C LEU K 137 -18.80 -57.71 94.32
N VAL K 138 -19.23 -57.72 95.58
CA VAL K 138 -20.44 -58.45 95.93
C VAL K 138 -21.66 -57.79 95.26
N ALA K 139 -21.66 -56.45 95.16
CA ALA K 139 -22.73 -55.72 94.52
C ALA K 139 -22.68 -55.92 93.01
N LYS K 140 -21.47 -55.81 92.45
CA LYS K 140 -21.31 -55.93 91.01
C LYS K 140 -21.79 -57.32 90.57
N THR K 141 -21.45 -58.35 91.35
CA THR K 141 -21.78 -59.71 91.01
C THR K 141 -23.29 -59.82 91.01
N PHE K 142 -23.93 -59.31 92.06
CA PHE K 142 -25.39 -59.31 92.12
C PHE K 142 -26.00 -58.62 90.89
N LEU K 143 -25.51 -57.44 90.53
CA LEU K 143 -26.10 -56.70 89.42
C LEU K 143 -25.81 -57.36 88.07
N MET K 144 -24.63 -57.98 87.89
CA MET K 144 -24.36 -58.81 86.71
C MET K 144 -25.40 -59.92 86.55
N GLU K 145 -25.68 -60.61 87.64
CA GLU K 145 -26.73 -61.64 87.59
C GLU K 145 -28.04 -60.99 87.16
N MET K 146 -28.44 -59.94 87.87
CA MET K 146 -29.68 -59.26 87.55
C MET K 146 -29.71 -58.90 86.07
N MET K 147 -28.65 -58.35 85.51
CA MET K 147 -28.69 -57.95 84.12
C MET K 147 -28.77 -59.19 83.22
N ALA K 148 -28.18 -60.30 83.64
CA ALA K 148 -28.17 -61.50 82.79
C ALA K 148 -29.57 -62.13 82.75
N GLN K 149 -30.38 -61.94 83.81
CA GLN K 149 -31.75 -62.42 83.79
C GLN K 149 -32.53 -61.71 82.69
N TYR K 150 -32.10 -60.52 82.24
CA TYR K 150 -32.73 -59.86 81.12
C TYR K 150 -31.87 -59.94 79.85
N ASP K 151 -30.93 -60.91 79.79
CA ASP K 151 -30.07 -61.13 78.62
C ASP K 151 -29.30 -59.87 78.30
N ILE K 152 -28.85 -59.17 79.33
CA ILE K 152 -28.05 -57.98 79.16
C ILE K 152 -26.67 -58.27 79.72
N ASN K 153 -25.68 -57.92 78.90
CA ASN K 153 -24.28 -58.13 79.26
C ASN K 153 -23.76 -56.89 79.97
N TYR K 154 -23.31 -57.03 81.20
CA TYR K 154 -22.82 -55.92 82.01
C TYR K 154 -21.32 -56.09 82.22
N GLN K 155 -20.53 -55.18 81.64
CA GLN K 155 -19.08 -55.25 81.74
C GLN K 155 -18.54 -54.05 82.53
N SER K 156 -17.30 -54.21 83.00
CA SER K 156 -16.60 -53.13 83.67
C SER K 156 -15.20 -53.03 83.07
N PRO K 157 -15.05 -52.35 81.90
CA PRO K 157 -13.83 -52.42 81.13
C PRO K 157 -12.61 -51.70 81.72
N VAL K 158 -12.74 -50.95 82.83
CA VAL K 158 -11.52 -50.35 83.40
C VAL K 158 -11.17 -50.90 84.79
N TYR K 159 -11.95 -51.91 85.20
CA TYR K 159 -11.79 -52.58 86.49
C TYR K 159 -10.39 -53.12 86.68
N GLU K 160 -9.90 -53.97 85.79
CA GLU K 160 -8.66 -54.69 86.01
C GLU K 160 -7.47 -53.72 86.16
N PHE K 161 -7.54 -52.64 85.38
CA PHE K 161 -6.36 -51.85 85.09
C PHE K 161 -6.13 -50.83 86.19
N ALA K 162 -7.21 -50.27 86.71
CA ALA K 162 -7.12 -49.07 87.53
C ALA K 162 -6.74 -49.43 88.97
N GLN K 163 -5.41 -49.43 89.23
CA GLN K 163 -4.83 -49.61 90.55
C GLN K 163 -5.03 -48.34 91.44
N SER K 164 -5.15 -47.19 90.77
CA SER K 164 -5.16 -45.90 91.42
C SER K 164 -5.80 -44.88 90.47
N ALA K 165 -6.22 -43.75 91.01
CA ALA K 165 -6.73 -42.70 90.16
C ALA K 165 -5.64 -42.24 89.17
N ASP K 166 -4.37 -42.31 89.56
CA ASP K 166 -3.31 -41.85 88.68
C ASP K 166 -3.26 -42.66 87.37
N ASP K 167 -3.47 -43.96 87.44
CA ASP K 167 -3.53 -44.80 86.24
C ASP K 167 -4.53 -44.26 85.22
N VAL K 168 -5.73 -43.92 85.72
CA VAL K 168 -6.77 -43.43 84.85
C VAL K 168 -6.41 -42.05 84.32
N LYS K 169 -5.96 -41.16 85.19
CA LYS K 169 -5.66 -39.79 84.81
C LYS K 169 -4.73 -39.73 83.61
N TYR K 170 -3.65 -40.51 83.62
CA TYR K 170 -2.58 -40.33 82.65
C TYR K 170 -2.95 -40.97 81.31
N ARG K 171 -3.85 -41.96 81.33
CA ARG K 171 -4.40 -42.47 80.09
C ARG K 171 -5.30 -41.41 79.49
N LEU K 172 -6.11 -40.74 80.32
CA LEU K 172 -6.95 -39.67 79.81
C LEU K 172 -6.07 -38.58 79.17
N LEU K 173 -4.98 -38.23 79.85
CA LEU K 173 -4.16 -37.14 79.38
C LEU K 173 -3.56 -37.51 78.01
N GLN K 174 -3.22 -38.78 77.83
CA GLN K 174 -2.71 -39.27 76.56
C GLN K 174 -3.75 -39.13 75.46
N LEU K 175 -5.03 -39.08 75.81
CA LEU K 175 -6.09 -38.93 74.85
C LEU K 175 -6.34 -37.45 74.56
N GLY K 176 -5.59 -36.54 75.16
CA GLY K 176 -5.89 -35.12 75.00
C GLY K 176 -7.14 -34.69 75.78
N ILE K 177 -7.48 -35.43 76.84
CA ILE K 177 -8.62 -35.15 77.68
C ILE K 177 -8.15 -34.78 79.08
N SER K 178 -8.91 -33.86 79.72
CA SER K 178 -8.67 -33.43 81.09
C SER K 178 -8.81 -34.61 82.05
N THR K 179 -7.98 -34.55 83.12
CA THR K 179 -7.85 -35.65 84.02
C THR K 179 -8.94 -35.62 85.10
N LYS K 180 -9.69 -34.54 85.20
CA LYS K 180 -10.61 -34.28 86.29
C LYS K 180 -11.86 -35.15 86.23
N SER K 181 -12.51 -35.34 87.38
CA SER K 181 -13.85 -35.93 87.43
C SER K 181 -14.86 -34.82 87.33
N LEU K 182 -15.40 -34.60 86.13
CA LEU K 182 -16.39 -33.55 85.91
C LEU K 182 -17.77 -34.12 86.10
N GLU K 183 -18.11 -34.44 87.33
CA GLU K 183 -19.38 -35.00 87.68
C GLU K 183 -20.04 -34.16 88.76
N GLY K 184 -21.34 -34.37 88.86
CA GLY K 184 -22.17 -33.83 89.92
C GLY K 184 -21.86 -34.51 91.24
N ILE K 185 -22.44 -33.95 92.31
CA ILE K 185 -22.20 -34.38 93.66
C ILE K 185 -23.56 -34.80 94.21
N SER K 186 -23.67 -36.01 94.71
CA SER K 186 -24.88 -36.44 95.39
C SER K 186 -25.01 -35.66 96.68
N ILE K 187 -26.23 -35.30 97.05
CA ILE K 187 -26.42 -34.70 98.38
C ILE K 187 -26.09 -35.72 99.45
N PHE K 188 -26.06 -36.99 99.09
CA PHE K 188 -25.70 -38.10 100.01
C PHE K 188 -24.20 -38.37 99.83
N ALA K 189 -23.38 -38.77 100.78
CA ALA K 189 -21.93 -38.59 100.72
C ALA K 189 -21.51 -38.86 102.17
N ASP K 190 -22.11 -39.97 102.64
CA ASP K 190 -22.24 -40.33 104.05
C ASP K 190 -21.59 -41.67 104.39
N SER K 191 -21.41 -41.89 105.69
CA SER K 191 -20.60 -43.00 106.15
C SER K 191 -19.52 -43.27 105.10
N PRO K 195 -20.29 -50.33 105.63
CA PRO K 195 -21.15 -51.55 105.81
C PRO K 195 -20.37 -52.82 105.44
N SER K 196 -20.77 -53.92 106.08
CA SER K 196 -20.29 -55.24 105.71
C SER K 196 -20.85 -55.68 104.37
N ASP K 197 -20.13 -56.62 103.74
CA ASP K 197 -20.62 -57.35 102.59
C ASP K 197 -21.95 -58.04 102.92
N ASP K 198 -22.14 -58.66 104.09
CA ASP K 198 -23.42 -59.30 104.33
C ASP K 198 -24.55 -58.28 104.23
N VAL K 199 -24.32 -57.06 104.70
CA VAL K 199 -25.38 -56.06 104.74
C VAL K 199 -25.71 -55.57 103.32
N VAL K 200 -24.69 -55.38 102.49
CA VAL K 200 -24.86 -54.97 101.11
C VAL K 200 -25.67 -56.02 100.34
N LEU K 201 -25.37 -57.31 100.51
CA LEU K 201 -26.10 -58.37 99.85
C LEU K 201 -27.54 -58.44 100.36
N ALA K 202 -27.75 -58.29 101.66
CA ALA K 202 -29.07 -58.42 102.24
C ALA K 202 -29.97 -57.28 101.78
N TYR K 203 -29.39 -56.09 101.64
CA TYR K 203 -30.15 -54.92 101.20
C TYR K 203 -30.56 -55.09 99.75
N LEU K 204 -29.59 -55.48 98.91
CA LEU K 204 -29.86 -55.75 97.50
C LEU K 204 -30.96 -56.82 97.35
N ARG K 205 -30.90 -57.91 98.13
CA ARG K 205 -31.91 -58.94 98.05
C ARG K 205 -33.26 -58.44 98.55
N GLU K 206 -33.29 -57.57 99.54
CA GLU K 206 -34.56 -57.07 100.06
C GLU K 206 -35.24 -56.14 99.05
N LYS K 207 -34.46 -55.32 98.32
CA LYS K 207 -35.02 -54.33 97.40
C LYS K 207 -35.20 -54.91 96.00
N ALA K 208 -34.63 -56.08 95.73
CA ALA K 208 -34.68 -56.67 94.39
C ALA K 208 -36.11 -56.85 93.91
N PRO K 209 -37.04 -57.43 94.71
CA PRO K 209 -38.43 -57.55 94.29
C PRO K 209 -38.98 -56.22 93.81
N LEU K 210 -38.69 -55.12 94.51
CA LEU K 210 -39.18 -53.83 94.09
C LEU K 210 -38.55 -53.41 92.76
N ALA K 211 -37.26 -53.65 92.58
CA ALA K 211 -36.61 -53.28 91.35
C ALA K 211 -37.21 -54.01 90.17
N HIS K 212 -37.46 -55.32 90.32
CA HIS K 212 -37.99 -56.14 89.26
C HIS K 212 -39.40 -55.70 88.90
N ASN K 213 -40.14 -55.32 89.93
CA ASN K 213 -41.49 -54.81 89.78
C ASN K 213 -41.49 -53.51 88.97
N ILE K 214 -40.52 -52.64 89.24
CA ILE K 214 -40.39 -51.38 88.51
C ILE K 214 -40.03 -51.70 87.06
N VAL K 215 -39.18 -52.70 86.84
CA VAL K 215 -38.87 -53.11 85.48
C VAL K 215 -40.13 -53.55 84.75
N ASN K 216 -40.97 -54.35 85.41
CA ASN K 216 -42.20 -54.80 84.80
C ASN K 216 -43.16 -53.65 84.51
N PHE K 217 -43.27 -52.68 85.41
CA PHE K 217 -44.13 -51.51 85.26
C PHE K 217 -43.64 -50.73 84.04
N LEU K 218 -42.33 -50.48 83.93
CA LEU K 218 -41.81 -49.70 82.83
C LEU K 218 -42.03 -50.39 81.48
N ALA K 219 -42.21 -51.72 81.49
CA ALA K 219 -42.48 -52.49 80.29
C ALA K 219 -43.98 -52.63 80.01
N GLY K 220 -44.83 -52.11 80.88
CA GLY K 220 -46.25 -52.16 80.73
C GLY K 220 -46.82 -53.56 80.97
N GLU K 221 -46.32 -54.29 81.98
CA GLU K 221 -46.80 -55.63 82.29
C GLU K 221 -47.60 -55.72 83.60
N THR K 222 -47.39 -54.77 84.51
CA THR K 222 -48.16 -54.74 85.77
C THR K 222 -48.24 -53.36 86.33
N LEU K 223 -49.27 -53.10 87.11
CA LEU K 223 -49.40 -51.82 87.82
C LEU K 223 -49.36 -52.24 89.28
N ASN K 224 -49.52 -53.55 89.51
CA ASN K 224 -49.58 -54.06 90.91
C ASN K 224 -48.18 -54.15 91.51
N PRO K 225 -48.07 -54.00 92.83
CA PRO K 225 -46.77 -54.07 93.53
C PRO K 225 -46.38 -55.52 93.76
N PRO K 226 -45.19 -55.82 94.33
CA PRO K 226 -44.90 -57.22 94.69
C PRO K 226 -45.80 -57.73 95.80
N VAL L 7 0.08 -39.75 43.40
CA VAL L 7 -1.32 -39.38 43.71
C VAL L 7 -1.53 -39.66 45.19
N LYS L 8 -0.83 -40.62 45.82
CA LYS L 8 -1.15 -40.99 47.19
C LYS L 8 -0.59 -39.96 48.20
N PRO L 9 -1.43 -39.35 49.08
CA PRO L 9 -0.90 -38.32 49.98
C PRO L 9 0.13 -38.90 50.93
N GLN L 10 1.10 -38.04 51.27
CA GLN L 10 2.06 -38.34 52.31
C GLN L 10 1.91 -37.29 53.39
N LEU L 11 2.47 -37.58 54.56
CA LEU L 11 2.35 -36.70 55.70
C LEU L 11 3.67 -35.99 55.89
N VAL L 12 3.60 -34.71 56.22
CA VAL L 12 4.77 -33.95 56.62
C VAL L 12 4.59 -33.44 58.06
N MET L 13 5.60 -33.74 58.87
CA MET L 13 5.76 -33.18 60.20
C MET L 13 6.14 -31.73 60.06
N PHE L 14 5.16 -30.87 60.28
CA PHE L 14 5.28 -29.48 59.88
C PHE L 14 5.14 -28.57 61.08
N THR L 15 6.15 -27.73 61.29
CA THR L 15 6.18 -26.80 62.41
C THR L 15 5.97 -25.36 61.97
N GLY L 16 6.11 -25.09 60.66
CA GLY L 16 6.15 -23.71 60.17
C GLY L 16 7.58 -23.22 59.96
N GLY L 17 8.56 -23.98 60.40
CA GLY L 17 9.94 -23.62 60.16
C GLY L 17 10.31 -23.73 58.69
N ARG L 18 11.38 -23.03 58.31
CA ARG L 18 11.92 -23.07 56.96
C ARG L 18 12.01 -24.50 56.43
N ASP L 19 12.61 -25.38 57.23
CA ASP L 19 13.14 -26.65 56.74
C ASP L 19 11.94 -27.55 56.44
N SER L 20 10.95 -27.62 57.34
CA SER L 20 9.79 -28.45 57.12
C SER L 20 8.89 -27.86 56.05
N THR L 21 8.89 -26.53 55.93
CA THR L 21 8.15 -25.84 54.89
C THR L 21 8.69 -26.29 53.53
N LEU L 22 10.02 -26.23 53.37
CA LEU L 22 10.63 -26.63 52.12
C LEU L 22 10.37 -28.10 51.86
N ALA L 23 10.41 -28.93 52.90
CA ALA L 23 10.21 -30.36 52.69
C ALA L 23 8.82 -30.60 52.09
N ALA L 24 7.83 -29.97 52.69
CA ALA L 24 6.46 -30.11 52.21
C ALA L 24 6.34 -29.59 50.77
N CYS L 25 6.90 -28.41 50.53
CA CYS L 25 6.82 -27.77 49.21
C CYS L 25 7.48 -28.63 48.15
N TYR L 26 8.63 -29.22 48.45
CA TYR L 26 9.36 -29.96 47.45
C TYR L 26 8.58 -31.23 47.08
N LEU L 27 7.92 -31.85 48.06
CA LEU L 27 7.05 -32.96 47.79
C LEU L 27 5.92 -32.52 46.84
N MET L 28 5.34 -31.36 47.11
CA MET L 28 4.16 -30.95 46.34
C MET L 28 4.56 -30.56 44.92
N LEU L 29 5.80 -30.10 44.75
CA LEU L 29 6.27 -29.71 43.44
C LEU L 29 6.36 -30.95 42.57
N GLN L 30 6.49 -32.14 43.17
CA GLN L 30 6.62 -33.40 42.45
C GLN L 30 5.25 -33.97 42.16
N GLY L 31 4.17 -33.27 42.58
CA GLY L 31 2.82 -33.78 42.39
C GLY L 31 2.30 -34.57 43.59
N ILE L 32 3.07 -34.62 44.70
CA ILE L 32 2.70 -35.45 45.84
C ILE L 32 1.88 -34.59 46.80
N PRO L 33 0.57 -34.90 47.02
CA PRO L 33 -0.22 -34.19 47.98
C PRO L 33 0.30 -34.44 49.39
N VAL L 34 0.33 -33.38 50.23
CA VAL L 34 0.84 -33.55 51.58
C VAL L 34 -0.25 -33.19 52.60
N HIS L 35 -0.32 -34.04 53.63
CA HIS L 35 -1.06 -33.77 54.85
C HIS L 35 -0.09 -33.15 55.85
N LEU L 36 -0.28 -31.86 56.14
CA LEU L 36 0.55 -31.16 57.12
C LEU L 36 0.08 -31.55 58.51
N TRP L 37 1.02 -32.01 59.33
CA TRP L 37 0.72 -32.49 60.67
C TRP L 37 1.63 -31.76 61.66
N SER L 38 1.00 -31.12 62.65
CA SER L 38 1.70 -30.33 63.65
C SER L 38 1.33 -30.89 65.02
N GLY L 39 2.35 -31.31 65.78
CA GLY L 39 2.15 -31.76 67.13
C GLY L 39 2.25 -30.58 68.12
N ASN L 40 1.19 -30.36 68.91
CA ASN L 40 1.20 -29.45 70.04
C ASN L 40 1.44 -30.22 71.33
N SER L 41 2.63 -30.03 71.91
CA SER L 41 3.06 -30.72 73.11
C SER L 41 2.59 -30.02 74.39
N GLY L 42 1.93 -28.87 74.25
CA GLY L 42 1.37 -28.14 75.35
C GLY L 42 2.37 -27.21 76.02
N CYS L 43 3.58 -27.09 75.45
CA CYS L 43 4.58 -26.18 76.01
C CYS L 43 5.08 -25.20 74.96
N SER L 44 4.23 -24.90 73.99
CA SER L 44 4.67 -24.19 72.79
C SER L 44 4.04 -22.82 72.86
N LEU L 45 4.83 -21.77 72.66
CA LEU L 45 4.34 -20.40 72.79
C LEU L 45 4.22 -19.75 71.42
N HIS L 46 3.26 -18.80 71.31
CA HIS L 46 3.17 -17.93 70.16
C HIS L 46 3.11 -18.75 68.86
N ARG L 47 2.16 -19.70 68.80
CA ARG L 47 1.90 -20.55 67.67
C ARG L 47 1.03 -19.89 66.57
N GLY L 48 0.49 -18.70 66.81
CA GLY L 48 -0.44 -18.05 65.89
C GLY L 48 0.18 -17.74 64.53
N ILE L 49 1.49 -17.64 64.43
CA ILE L 49 2.18 -17.28 63.15
C ILE L 49 2.05 -18.39 62.08
N LEU L 50 2.00 -19.64 62.50
CA LEU L 50 1.97 -20.78 61.55
C LEU L 50 0.85 -20.58 60.55
N SER L 51 -0.28 -20.06 61.03
CA SER L 51 -1.45 -19.84 60.16
C SER L 51 -1.03 -19.03 58.94
N HIS L 52 -0.13 -18.08 59.13
CA HIS L 52 0.36 -17.30 58.00
C HIS L 52 1.14 -18.20 57.03
N ARG L 53 1.92 -19.15 57.54
CA ARG L 53 2.76 -19.98 56.69
C ARG L 53 1.89 -20.97 55.90
N VAL L 54 0.89 -21.53 56.56
CA VAL L 54 -0.03 -22.44 55.92
C VAL L 54 -0.71 -21.70 54.79
N GLU L 55 -1.08 -20.44 55.00
CA GLU L 55 -1.74 -19.64 53.99
C GLU L 55 -0.82 -19.51 52.78
N GLU L 56 0.45 -19.19 53.00
CA GLU L 56 1.39 -19.02 51.90
C GLU L 56 1.39 -20.31 51.05
N MET L 57 1.35 -21.48 51.73
CA MET L 57 1.50 -22.77 51.08
C MET L 57 0.24 -23.12 50.30
N LYS L 58 -0.94 -22.88 50.87
CA LYS L 58 -2.21 -23.07 50.18
C LYS L 58 -2.27 -22.18 48.94
N ASN L 59 -1.77 -20.95 49.05
CA ASN L 59 -1.79 -20.00 47.96
C ASN L 59 -0.95 -20.53 46.80
N ARG L 60 0.19 -21.15 47.11
CA ARG L 60 1.16 -21.55 46.12
C ARG L 60 0.88 -22.92 45.53
N PHE L 61 0.14 -23.80 46.22
CA PHE L 61 0.04 -25.20 45.81
C PHE L 61 -1.40 -25.71 45.79
N GLY L 62 -2.36 -24.95 46.29
CA GLY L 62 -3.76 -25.32 46.20
C GLY L 62 -4.10 -26.64 46.90
N ASP L 63 -4.92 -27.42 46.22
CA ASP L 63 -5.37 -28.76 46.59
C ASP L 63 -4.25 -29.71 46.99
N LEU L 64 -3.02 -29.48 46.57
CA LEU L 64 -1.93 -30.36 46.97
C LEU L 64 -1.71 -30.33 48.49
N VAL L 65 -2.17 -29.26 49.18
CA VAL L 65 -2.27 -29.25 50.63
C VAL L 65 -3.60 -29.90 51.00
N VAL L 66 -3.60 -31.15 51.41
CA VAL L 66 -4.87 -31.81 51.58
C VAL L 66 -5.50 -31.43 52.94
N GLY L 67 -4.65 -30.95 53.85
CA GLY L 67 -5.13 -30.62 55.16
C GLY L 67 -3.99 -30.31 56.13
N HIS L 68 -4.42 -29.69 57.27
CA HIS L 68 -3.53 -29.32 58.34
C HIS L 68 -4.11 -29.82 59.65
N THR L 69 -3.47 -30.85 60.25
CA THR L 69 -3.91 -31.39 61.53
C THR L 69 -3.01 -30.87 62.64
N VAL L 70 -3.62 -30.32 63.68
CA VAL L 70 -2.91 -29.87 64.88
C VAL L 70 -3.30 -30.84 65.98
N ALA L 71 -2.36 -31.68 66.43
CA ALA L 71 -2.69 -32.74 67.37
C ALA L 71 -2.20 -32.38 68.77
N ASP L 72 -3.02 -32.70 69.76
CA ASP L 72 -2.63 -32.57 71.15
C ASP L 72 -1.83 -33.81 71.51
N ILE L 73 -0.54 -33.65 71.72
CA ILE L 73 0.35 -34.75 72.09
C ILE L 73 0.88 -34.52 73.50
N SER L 74 0.26 -33.62 74.25
CA SER L 74 0.76 -33.23 75.57
C SER L 74 0.81 -34.44 76.51
N GLY L 75 -0.17 -35.38 76.37
CA GLY L 75 -0.22 -36.51 77.25
C GLY L 75 0.98 -37.43 77.05
N ALA L 76 1.22 -37.83 75.80
CA ALA L 76 2.36 -38.68 75.46
C ALA L 76 3.69 -37.99 75.80
N PHE L 77 3.76 -36.68 75.54
CA PHE L 77 4.95 -35.90 75.82
C PHE L 77 5.24 -35.94 77.31
N ARG L 78 4.23 -35.66 78.12
CA ARG L 78 4.44 -35.69 79.59
C ARG L 78 4.88 -37.09 80.01
N SER L 79 4.20 -38.13 79.53
CA SER L 79 4.56 -39.48 79.96
C SER L 79 6.01 -39.85 79.62
N ILE L 80 6.48 -39.48 78.43
CA ILE L 80 7.81 -39.88 77.97
C ILE L 80 8.89 -39.00 78.58
N ALA L 81 8.64 -37.69 78.68
CA ALA L 81 9.72 -36.72 78.81
C ALA L 81 9.69 -35.94 80.10
N ILE L 82 8.51 -35.77 80.72
CA ILE L 82 8.34 -34.85 81.83
C ILE L 82 8.14 -35.57 83.17
N GLU L 83 7.38 -36.67 83.17
CA GLU L 83 7.02 -37.36 84.39
C GLU L 83 8.24 -37.74 85.24
N ALA L 84 9.31 -38.17 84.58
CA ALA L 84 10.54 -38.62 85.20
C ALA L 84 11.70 -37.66 84.92
N LEU L 85 11.38 -36.37 84.84
CA LEU L 85 12.36 -35.34 84.57
C LEU L 85 13.51 -35.36 85.57
N GLU L 86 13.25 -35.49 86.87
CA GLU L 86 14.35 -35.54 87.83
C GLU L 86 15.31 -36.69 87.48
N GLN L 87 14.77 -37.91 87.34
CA GLN L 87 15.60 -39.09 87.12
C GLN L 87 16.33 -38.93 85.78
N ASP L 88 15.62 -38.48 84.76
CA ASP L 88 16.18 -38.32 83.42
C ASP L 88 17.40 -37.39 83.44
N ILE L 89 17.28 -36.22 84.06
CA ILE L 89 18.38 -35.26 84.09
C ILE L 89 19.53 -35.76 84.99
N LEU L 90 19.21 -36.41 86.11
CA LEU L 90 20.26 -36.87 87.00
C LEU L 90 21.04 -38.02 86.36
N LYS L 91 20.38 -38.84 85.54
CA LYS L 91 21.06 -39.94 84.90
C LYS L 91 21.90 -39.43 83.71
N TYR L 92 21.30 -38.71 82.77
CA TYR L 92 22.00 -38.39 81.53
C TYR L 92 22.80 -37.09 81.66
N ARG L 93 22.50 -36.30 82.69
CA ARG L 93 23.18 -34.99 82.93
C ARG L 93 22.81 -34.01 81.83
N LYS L 94 21.73 -34.28 81.10
CA LYS L 94 21.28 -33.45 80.01
C LYS L 94 19.76 -33.41 79.94
N ASN L 95 19.24 -32.22 79.60
CA ASN L 95 17.83 -32.01 79.37
C ASN L 95 17.51 -32.47 77.96
N LEU L 96 16.87 -33.64 77.87
CA LEU L 96 16.57 -34.27 76.60
C LEU L 96 15.07 -34.23 76.32
N VAL L 97 14.35 -33.30 76.95
CA VAL L 97 12.92 -33.20 76.80
C VAL L 97 12.54 -33.10 75.32
N LEU L 98 13.32 -32.35 74.49
CA LEU L 98 12.93 -32.16 73.11
C LEU L 98 13.17 -33.42 72.28
N LEU L 99 14.02 -34.33 72.77
CA LEU L 99 14.17 -35.63 72.13
C LEU L 99 12.95 -36.48 72.44
N GLY L 100 12.59 -36.50 73.73
CA GLY L 100 11.33 -37.06 74.16
C GLY L 100 10.17 -36.56 73.31
N GLU L 101 10.11 -35.26 73.01
CA GLU L 101 8.97 -34.74 72.26
C GLU L 101 8.92 -35.42 70.88
N LYS L 102 10.09 -35.61 70.27
CA LYS L 102 10.12 -36.18 68.94
C LYS L 102 9.65 -37.65 68.99
N LEU L 103 10.01 -38.36 70.05
CA LEU L 103 9.54 -39.72 70.18
C LEU L 103 8.02 -39.74 70.38
N ALA L 104 7.49 -38.76 71.13
CA ALA L 104 6.06 -38.66 71.35
C ALA L 104 5.33 -38.36 70.04
N ILE L 105 5.90 -37.44 69.26
CA ILE L 105 5.39 -37.20 67.91
C ILE L 105 5.31 -38.50 67.12
N HIS L 106 6.36 -39.33 67.15
CA HIS L 106 6.42 -40.52 66.31
C HIS L 106 5.40 -41.59 66.76
N ALA L 107 5.19 -41.70 68.08
CA ALA L 107 4.19 -42.61 68.61
C ALA L 107 2.81 -42.22 68.09
N HIS L 108 2.47 -40.94 68.22
CA HIS L 108 1.21 -40.42 67.72
C HIS L 108 1.06 -40.67 66.21
N LEU L 109 2.17 -40.60 65.46
CA LEU L 109 2.10 -40.70 64.03
C LEU L 109 1.83 -42.13 63.58
N VAL L 110 2.29 -43.12 64.37
CA VAL L 110 1.92 -44.49 64.06
C VAL L 110 0.38 -44.58 64.08
N ASP L 111 -0.20 -44.03 65.13
CA ASP L 111 -1.65 -44.12 65.24
C ASP L 111 -2.31 -43.35 64.10
N PHE L 112 -1.82 -42.13 63.88
CA PHE L 112 -2.43 -41.28 62.87
C PHE L 112 -2.33 -41.96 61.52
N CYS L 113 -1.15 -42.51 61.18
CA CYS L 113 -0.97 -43.16 59.90
C CYS L 113 -1.91 -44.34 59.73
N ARG L 114 -2.02 -45.18 60.75
CA ARG L 114 -2.88 -46.36 60.63
C ARG L 114 -4.33 -45.95 60.44
N ARG L 115 -4.77 -44.86 61.08
CA ARG L 115 -6.18 -44.53 61.06
C ARG L 115 -6.50 -43.68 59.85
N ASN L 116 -5.53 -43.12 59.15
CA ASN L 116 -5.83 -42.21 58.05
C ASN L 116 -5.20 -42.69 56.74
N ASP L 117 -4.75 -43.95 56.68
CA ASP L 117 -4.24 -44.56 55.47
C ASP L 117 -3.05 -43.79 54.87
N ILE L 118 -2.03 -43.54 55.70
CA ILE L 118 -0.80 -42.92 55.26
C ILE L 118 0.32 -43.88 55.57
N ASN L 119 1.25 -44.10 54.64
CA ASN L 119 2.38 -44.94 54.99
C ASN L 119 3.72 -44.27 54.71
N THR L 120 3.72 -42.99 54.34
CA THR L 120 4.97 -42.24 54.20
C THR L 120 4.86 -40.96 55.01
N ILE L 121 5.81 -40.79 55.96
CA ILE L 121 5.91 -39.56 56.71
C ILE L 121 7.23 -38.91 56.38
N ASN L 122 7.25 -37.58 56.48
CA ASN L 122 8.41 -36.78 56.09
C ASN L 122 8.61 -35.68 57.11
N ASP L 123 9.87 -35.34 57.42
CA ASP L 123 10.13 -34.19 58.26
C ASP L 123 11.18 -33.28 57.64
N GLY L 124 11.47 -32.17 58.36
CA GLY L 124 12.39 -31.16 57.85
C GLY L 124 13.78 -31.25 58.48
N ILE L 125 14.13 -32.37 59.09
CA ILE L 125 15.47 -32.38 59.67
C ILE L 125 16.50 -32.09 58.56
N THR L 126 17.54 -31.33 58.94
CA THR L 126 18.58 -30.84 58.04
C THR L 126 19.96 -31.10 58.64
N HIS L 127 20.94 -31.30 57.76
CA HIS L 127 22.33 -31.45 58.13
C HIS L 127 22.83 -30.31 59.03
N TYR L 128 22.42 -29.08 58.70
CA TYR L 128 22.97 -27.91 59.37
C TYR L 128 22.43 -27.82 60.80
N GLN L 129 21.47 -28.67 61.18
CA GLN L 129 20.84 -28.58 62.52
C GLN L 129 21.09 -29.84 63.36
N MET L 130 22.22 -30.52 63.14
CA MET L 130 22.51 -31.82 63.81
C MET L 130 23.03 -31.62 65.24
N GLU L 131 23.06 -30.40 65.74
CA GLU L 131 23.43 -30.17 67.16
C GLU L 131 22.23 -30.57 68.01
N PHE L 132 21.04 -30.55 67.42
CA PHE L 132 19.82 -30.83 68.15
C PHE L 132 19.57 -32.35 68.09
N PRO L 133 19.27 -33.00 69.24
CA PRO L 133 19.29 -34.45 69.34
C PRO L 133 18.34 -35.13 68.36
N GLU L 134 17.19 -34.50 68.10
CA GLU L 134 16.19 -35.14 67.26
C GLU L 134 16.61 -35.11 65.78
N GLN L 135 17.69 -34.39 65.46
CA GLN L 135 18.08 -34.20 64.07
C GLN L 135 19.41 -34.91 63.81
N ARG L 136 19.92 -35.62 64.82
CA ARG L 136 21.12 -36.40 64.64
C ARG L 136 20.86 -37.66 63.82
N LEU L 137 21.84 -38.05 63.01
CA LEU L 137 21.80 -39.32 62.29
C LEU L 137 21.38 -40.44 63.25
N VAL L 138 21.94 -40.47 64.47
CA VAL L 138 21.71 -41.62 65.33
C VAL L 138 20.24 -41.67 65.76
N ALA L 139 19.62 -40.51 65.98
CA ALA L 139 18.20 -40.44 66.28
C ALA L 139 17.35 -40.82 65.07
N LYS L 140 17.69 -40.26 63.92
CA LYS L 140 16.92 -40.50 62.71
C LYS L 140 16.93 -42.01 62.40
N THR L 141 18.08 -42.64 62.57
CA THR L 141 18.22 -44.05 62.26
C THR L 141 17.30 -44.82 63.19
N PHE L 142 17.37 -44.50 64.48
CA PHE L 142 16.50 -45.15 65.44
C PHE L 142 15.01 -44.98 65.07
N LEU L 143 14.60 -43.77 64.74
CA LEU L 143 13.20 -43.54 64.46
C LEU L 143 12.76 -44.18 63.14
N MET L 144 13.64 -44.21 62.13
CA MET L 144 13.37 -44.94 60.89
C MET L 144 13.07 -46.42 61.20
N GLU L 145 13.81 -46.99 62.14
CA GLU L 145 13.60 -48.41 62.51
C GLU L 145 12.26 -48.57 63.21
N MET L 146 11.93 -47.64 64.10
CA MET L 146 10.66 -47.71 64.85
C MET L 146 9.52 -47.58 63.86
N MET L 147 9.69 -46.74 62.86
CA MET L 147 8.59 -46.50 61.91
C MET L 147 8.47 -47.72 61.00
N ALA L 148 9.58 -48.38 60.70
CA ALA L 148 9.52 -49.52 59.78
C ALA L 148 8.91 -50.74 60.46
N GLN L 149 9.00 -50.85 61.79
CA GLN L 149 8.32 -51.89 62.51
C GLN L 149 6.82 -51.76 62.34
N TYR L 150 6.30 -50.59 62.02
CA TYR L 150 4.88 -50.44 61.73
C TYR L 150 4.62 -50.27 60.23
N ASP L 151 5.60 -50.66 59.37
CA ASP L 151 5.45 -50.55 57.93
C ASP L 151 5.16 -49.12 57.52
N ILE L 152 5.84 -48.19 58.20
CA ILE L 152 5.73 -46.80 57.85
C ILE L 152 7.09 -46.36 57.34
N ASN L 153 7.06 -45.66 56.23
CA ASN L 153 8.26 -45.16 55.59
C ASN L 153 8.50 -43.74 56.12
N TYR L 154 9.63 -43.51 56.79
CA TYR L 154 9.98 -42.22 57.31
C TYR L 154 11.14 -41.62 56.51
N GLN L 155 10.88 -40.53 55.80
CA GLN L 155 11.89 -39.88 54.97
C GLN L 155 12.17 -38.47 55.50
N SER L 156 13.31 -37.94 55.07
CA SER L 156 13.72 -36.59 55.40
C SER L 156 14.16 -35.92 54.10
N PRO L 157 13.22 -35.39 53.30
CA PRO L 157 13.53 -34.99 51.93
C PRO L 157 14.39 -33.74 51.79
N VAL L 158 14.70 -33.02 52.88
CA VAL L 158 15.59 -31.85 52.74
C VAL L 158 16.89 -32.05 53.50
N TYR L 159 17.10 -33.23 54.09
CA TYR L 159 18.25 -33.52 54.93
C TYR L 159 19.59 -33.30 54.20
N GLU L 160 19.83 -33.97 53.06
CA GLU L 160 21.21 -33.92 52.57
C GLU L 160 21.41 -32.62 51.81
N PHE L 161 20.35 -31.91 51.39
CA PHE L 161 20.53 -30.75 50.52
C PHE L 161 20.89 -29.53 51.36
N ALA L 162 20.29 -29.41 52.54
CA ALA L 162 20.40 -28.22 53.33
C ALA L 162 21.71 -28.27 54.12
N GLN L 163 22.78 -27.73 53.50
CA GLN L 163 24.05 -27.59 54.16
C GLN L 163 24.10 -26.34 55.01
N SER L 164 23.13 -25.43 54.85
CA SER L 164 23.04 -24.19 55.62
C SER L 164 21.61 -23.68 55.55
N ALA L 165 21.25 -22.78 56.48
CA ALA L 165 19.93 -22.20 56.41
C ALA L 165 19.74 -21.44 55.06
N ASP L 166 20.82 -20.89 54.53
CA ASP L 166 20.71 -20.12 53.30
C ASP L 166 20.21 -20.97 52.14
N ASP L 167 20.65 -22.23 52.03
CA ASP L 167 20.17 -23.13 51.00
C ASP L 167 18.64 -23.22 50.99
N VAL L 168 18.08 -23.39 52.20
CA VAL L 168 16.64 -23.54 52.31
C VAL L 168 15.94 -22.22 52.00
N LYS L 169 16.45 -21.13 52.57
CA LYS L 169 15.79 -19.83 52.44
C LYS L 169 15.53 -19.50 50.97
N TYR L 170 16.55 -19.65 50.13
CA TYR L 170 16.48 -19.04 48.80
C TYR L 170 15.72 -19.97 47.84
N ARG L 171 15.59 -21.27 48.19
CA ARG L 171 14.67 -22.10 47.46
C ARG L 171 13.26 -21.67 47.81
N LEU L 172 12.98 -21.39 49.08
CA LEU L 172 11.65 -20.93 49.44
C LEU L 172 11.32 -19.63 48.71
N LEU L 173 12.31 -18.74 48.62
CA LEU L 173 12.05 -17.45 48.03
C LEU L 173 11.66 -17.63 46.56
N GLN L 174 12.31 -18.59 45.91
CA GLN L 174 12.02 -18.90 44.52
C GLN L 174 10.60 -19.44 44.37
N LEU L 175 10.01 -19.98 45.45
CA LEU L 175 8.65 -20.47 45.39
C LEU L 175 7.65 -19.36 45.68
N GLY L 176 8.13 -18.13 45.89
CA GLY L 176 7.20 -17.07 46.26
C GLY L 176 6.75 -17.18 47.72
N ILE L 177 7.56 -17.85 48.55
CA ILE L 177 7.27 -17.99 49.97
C ILE L 177 8.34 -17.26 50.78
N SER L 178 7.94 -16.71 51.92
CA SER L 178 8.85 -16.08 52.90
C SER L 178 9.90 -17.05 53.40
N THR L 179 11.08 -16.50 53.70
CA THR L 179 12.24 -17.28 54.11
C THR L 179 12.21 -17.58 55.60
N LYS L 180 11.31 -16.94 56.36
CA LYS L 180 11.33 -17.03 57.81
C LYS L 180 10.87 -18.39 58.33
N SER L 181 11.26 -18.73 59.56
CA SER L 181 10.69 -19.84 60.29
C SER L 181 9.50 -19.33 61.08
N LEU L 182 8.29 -19.52 60.55
CA LEU L 182 7.08 -19.02 61.18
C LEU L 182 6.51 -20.13 62.04
N GLU L 183 7.19 -20.36 63.17
CA GLU L 183 6.83 -21.46 64.04
C GLU L 183 6.67 -20.93 65.46
N GLY L 184 5.98 -21.71 66.28
CA GLY L 184 5.94 -21.53 67.73
C GLY L 184 7.30 -21.80 68.35
N ILE L 185 7.48 -21.37 69.59
CA ILE L 185 8.73 -21.53 70.30
C ILE L 185 8.44 -22.40 71.53
N SER L 186 9.19 -23.47 71.67
CA SER L 186 9.16 -24.28 72.85
C SER L 186 9.63 -23.48 74.05
N ILE L 187 8.97 -23.66 75.19
CA ILE L 187 9.44 -23.01 76.41
C ILE L 187 10.81 -23.59 76.77
N PHE L 188 11.17 -24.75 76.20
CA PHE L 188 12.46 -25.36 76.48
C PHE L 188 13.58 -24.92 75.52
N ALA L 189 13.27 -24.00 74.57
CA ALA L 189 14.31 -23.33 73.81
C ALA L 189 15.43 -22.81 74.74
N ASP L 190 16.67 -23.04 74.32
CA ASP L 190 17.85 -22.49 74.99
C ASP L 190 17.88 -22.96 76.44
N SER L 191 17.42 -24.18 76.70
CA SER L 191 17.29 -24.67 78.06
C SER L 191 18.15 -25.90 78.28
N PHE L 192 19.08 -26.13 77.36
CA PHE L 192 19.80 -27.41 77.35
C PHE L 192 21.20 -27.21 76.81
N SER L 193 22.13 -28.07 77.25
CA SER L 193 23.46 -28.17 76.68
C SER L 193 23.51 -29.34 75.69
N THR L 194 24.60 -29.47 74.93
CA THR L 194 24.66 -30.46 73.85
C THR L 194 24.92 -31.86 74.39
N PRO L 195 24.08 -32.89 74.09
CA PRO L 195 24.35 -34.27 74.47
C PRO L 195 25.20 -35.03 73.46
N SER L 196 25.90 -36.08 73.97
CA SER L 196 26.57 -37.03 73.09
C SER L 196 25.54 -37.90 72.34
N ASP L 197 25.98 -38.44 71.20
CA ASP L 197 25.32 -39.52 70.50
C ASP L 197 25.04 -40.69 71.44
N ASP L 198 25.97 -41.13 72.28
CA ASP L 198 25.69 -42.28 73.14
C ASP L 198 24.47 -41.98 74.01
N VAL L 199 24.36 -40.74 74.48
CA VAL L 199 23.29 -40.41 75.40
C VAL L 199 21.95 -40.35 74.67
N VAL L 200 21.93 -39.81 73.47
CA VAL L 200 20.74 -39.76 72.62
C VAL L 200 20.21 -41.16 72.32
N LEU L 201 21.08 -42.09 72.00
CA LEU L 201 20.68 -43.48 71.72
C LEU L 201 20.17 -44.14 73.00
N ALA L 202 20.85 -43.92 74.13
CA ALA L 202 20.47 -44.56 75.37
C ALA L 202 19.10 -44.06 75.85
N TYR L 203 18.84 -42.77 75.65
CA TYR L 203 17.59 -42.17 76.08
C TYR L 203 16.45 -42.71 75.21
N LEU L 204 16.66 -42.73 73.88
CA LEU L 204 15.69 -43.30 72.96
C LEU L 204 15.39 -44.76 73.32
N ARG L 205 16.39 -45.55 73.64
CA ARG L 205 16.18 -46.95 74.00
C ARG L 205 15.44 -47.07 75.31
N GLU L 206 15.71 -46.17 76.26
CA GLU L 206 15.04 -46.26 77.55
C GLU L 206 13.56 -45.91 77.43
N LYS L 207 13.20 -44.93 76.59
CA LYS L 207 11.82 -44.47 76.47
C LYS L 207 11.06 -45.24 75.41
N ALA L 208 11.73 -46.03 74.59
CA ALA L 208 11.08 -46.78 73.50
C ALA L 208 9.93 -47.66 74.00
N PRO L 209 10.11 -48.48 75.04
CA PRO L 209 8.98 -49.27 75.56
C PRO L 209 7.78 -48.38 75.87
N LEU L 210 7.96 -47.20 76.42
CA LEU L 210 6.88 -46.28 76.70
C LEU L 210 6.22 -45.84 75.42
N ALA L 211 7.02 -45.49 74.40
CA ALA L 211 6.44 -45.03 73.14
C ALA L 211 5.56 -46.12 72.51
N HIS L 212 6.04 -47.36 72.51
CA HIS L 212 5.33 -48.47 71.91
C HIS L 212 4.03 -48.74 72.68
N ASN L 213 4.11 -48.59 74.00
CA ASN L 213 2.96 -48.76 74.86
C ASN L 213 1.89 -47.72 74.55
N ILE L 214 2.31 -46.48 74.30
CA ILE L 214 1.40 -45.41 73.94
C ILE L 214 0.77 -45.73 72.59
N VAL L 215 1.56 -46.27 71.66
CA VAL L 215 1.03 -46.71 70.37
C VAL L 215 -0.08 -47.74 70.58
N ASN L 216 0.16 -48.71 71.45
CA ASN L 216 -0.83 -49.74 71.69
C ASN L 216 -2.12 -49.20 72.32
N PHE L 217 -1.95 -48.26 73.27
CA PHE L 217 -3.08 -47.67 73.94
C PHE L 217 -3.92 -46.91 72.91
N LEU L 218 -3.26 -46.10 72.07
CA LEU L 218 -3.99 -45.31 71.09
C LEU L 218 -4.75 -46.17 70.09
N ALA L 219 -4.30 -47.42 69.89
CA ALA L 219 -4.96 -48.35 69.00
C ALA L 219 -6.05 -49.16 69.70
N GLY L 220 -6.21 -49.00 70.99
CA GLY L 220 -7.24 -49.68 71.74
C GLY L 220 -6.88 -51.14 71.99
N GLU L 221 -5.60 -51.44 72.28
CA GLU L 221 -5.18 -52.82 72.53
C GLU L 221 -4.80 -53.07 74.00
N THR L 222 -4.49 -52.03 74.78
CA THR L 222 -4.18 -52.21 76.21
C THR L 222 -4.51 -50.92 76.97
N LEU L 223 -4.71 -51.08 78.26
CA LEU L 223 -4.59 -50.00 79.23
C LEU L 223 -3.35 -50.20 80.09
N ASN L 224 -2.77 -51.41 80.06
CA ASN L 224 -1.70 -51.80 80.96
C ASN L 224 -0.43 -51.01 80.62
N PRO L 225 0.44 -50.70 81.60
CA PRO L 225 1.74 -50.11 81.31
C PRO L 225 2.70 -51.05 80.57
N PRO L 226 3.88 -50.56 80.11
CA PRO L 226 4.93 -51.46 79.61
C PRO L 226 5.46 -52.48 80.62
N SER M 6 -47.87 -51.87 65.36
CA SER M 6 -49.08 -51.26 64.74
C SER M 6 -50.36 -51.71 65.47
N VAL M 7 -50.80 -50.89 66.42
CA VAL M 7 -51.91 -51.21 67.32
C VAL M 7 -52.90 -50.03 67.24
N LYS M 8 -54.20 -50.33 67.33
CA LYS M 8 -55.24 -49.33 67.12
C LYS M 8 -55.34 -48.39 68.32
N PRO M 9 -55.25 -47.04 68.11
CA PRO M 9 -55.43 -46.07 69.18
C PRO M 9 -56.74 -46.25 69.94
N GLN M 10 -56.64 -45.96 71.24
CA GLN M 10 -57.80 -45.92 72.11
C GLN M 10 -57.90 -44.51 72.67
N LEU M 11 -59.07 -44.20 73.24
CA LEU M 11 -59.34 -42.87 73.75
C LEU M 11 -59.28 -42.95 75.27
N VAL M 12 -58.70 -41.91 75.88
CA VAL M 12 -58.74 -41.75 77.32
C VAL M 12 -59.47 -40.46 77.68
N MET M 13 -60.45 -40.62 78.56
CA MET M 13 -61.14 -39.50 79.18
C MET M 13 -60.18 -38.89 80.16
N PHE M 14 -59.60 -37.77 79.77
CA PHE M 14 -58.46 -37.24 80.48
C PHE M 14 -58.77 -35.84 81.00
N THR M 15 -58.59 -35.67 82.32
CA THR M 15 -58.87 -34.40 82.99
C THR M 15 -57.59 -33.71 83.40
N GLY M 16 -56.47 -34.42 83.43
CA GLY M 16 -55.25 -33.90 84.03
C GLY M 16 -55.05 -34.43 85.45
N GLY M 17 -56.07 -35.08 86.01
CA GLY M 17 -55.92 -35.65 87.32
C GLY M 17 -54.94 -36.82 87.33
N ARG M 18 -54.39 -37.11 88.51
CA ARG M 18 -53.53 -38.26 88.71
C ARG M 18 -54.06 -39.51 88.03
N ASP M 19 -55.32 -39.81 88.27
CA ASP M 19 -55.87 -41.14 88.03
C ASP M 19 -55.97 -41.35 86.53
N SER M 20 -56.51 -40.36 85.80
CA SER M 20 -56.66 -40.49 84.36
C SER M 20 -55.31 -40.39 83.68
N THR M 21 -54.38 -39.63 84.28
CA THR M 21 -53.01 -39.54 83.78
C THR M 21 -52.40 -40.93 83.81
N LEU M 22 -52.49 -41.60 84.95
CA LEU M 22 -51.93 -42.93 85.10
C LEU M 22 -52.60 -43.89 84.12
N ALA M 23 -53.91 -43.77 83.95
CA ALA M 23 -54.60 -44.70 83.07
C ALA M 23 -54.02 -44.56 81.65
N ALA M 24 -53.90 -43.33 81.18
CA ALA M 24 -53.37 -43.08 79.87
C ALA M 24 -51.92 -43.59 79.76
N CYS M 25 -51.10 -43.28 80.76
CA CYS M 25 -49.69 -43.67 80.76
C CYS M 25 -49.53 -45.19 80.73
N TYR M 26 -50.36 -45.91 81.50
CA TYR M 26 -50.22 -47.33 81.57
C TYR M 26 -50.59 -47.97 80.22
N LEU M 27 -51.61 -47.42 79.55
CA LEU M 27 -51.92 -47.86 78.20
C LEU M 27 -50.72 -47.66 77.27
N MET M 28 -50.09 -46.49 77.37
CA MET M 28 -49.04 -46.18 76.42
C MET M 28 -47.79 -47.02 76.69
N LEU M 29 -47.60 -47.43 77.93
CA LEU M 29 -46.47 -48.27 78.29
C LEU M 29 -46.62 -49.63 77.62
N GLN M 30 -47.85 -50.02 77.29
CA GLN M 30 -48.12 -51.32 76.68
C GLN M 30 -48.03 -51.19 75.16
N GLY M 31 -47.69 -50.02 74.65
CA GLY M 31 -47.62 -49.80 73.22
C GLY M 31 -48.91 -49.25 72.63
N ILE M 32 -49.93 -48.95 73.45
CA ILE M 32 -51.21 -48.52 72.94
C ILE M 32 -51.22 -47.01 72.80
N PRO M 33 -51.35 -46.47 71.55
CA PRO M 33 -51.50 -45.05 71.36
C PRO M 33 -52.80 -44.57 71.96
N VAL M 34 -52.77 -43.41 72.64
CA VAL M 34 -53.99 -42.88 73.23
C VAL M 34 -54.29 -41.51 72.64
N HIS M 35 -55.59 -41.31 72.31
CA HIS M 35 -56.16 -40.01 72.05
C HIS M 35 -56.69 -39.46 73.38
N LEU M 36 -56.04 -38.40 73.89
CA LEU M 36 -56.46 -37.75 75.11
C LEU M 36 -57.66 -36.88 74.79
N TRP M 37 -58.76 -37.09 75.52
CA TRP M 37 -60.00 -36.38 75.25
C TRP M 37 -60.46 -35.74 76.57
N SER M 38 -60.66 -34.43 76.52
CA SER M 38 -61.04 -33.64 77.68
C SER M 38 -62.35 -32.93 77.35
N GLY M 39 -63.35 -33.18 78.20
CA GLY M 39 -64.59 -32.47 78.04
C GLY M 39 -64.58 -31.16 78.85
N ASN M 40 -64.81 -30.04 78.16
CA ASN M 40 -65.10 -28.77 78.80
C ASN M 40 -66.61 -28.54 78.86
N SER M 41 -67.15 -28.58 80.07
CA SER M 41 -68.58 -28.45 80.31
C SER M 41 -69.01 -26.98 80.41
N GLY M 42 -68.02 -26.06 80.42
CA GLY M 42 -68.32 -24.65 80.50
C GLY M 42 -68.51 -24.15 81.93
N CYS M 43 -68.29 -25.03 82.93
CA CYS M 43 -68.31 -24.61 84.32
C CYS M 43 -67.03 -25.02 85.03
N SER M 44 -65.93 -25.02 84.29
CA SER M 44 -64.66 -25.51 84.78
C SER M 44 -63.75 -24.32 84.97
N LEU M 45 -63.12 -24.20 86.14
CA LEU M 45 -62.27 -23.03 86.43
C LEU M 45 -60.81 -23.43 86.37
N HIS M 46 -59.96 -22.47 85.98
CA HIS M 46 -58.53 -22.62 86.13
C HIS M 46 -58.04 -23.90 85.41
N ARG M 47 -58.30 -23.97 84.12
CA ARG M 47 -57.96 -25.16 83.31
C ARG M 47 -56.63 -24.96 82.57
N GLY M 48 -55.98 -23.82 82.78
CA GLY M 48 -54.71 -23.58 82.13
C GLY M 48 -53.62 -24.61 82.49
N ILE M 49 -53.64 -25.16 83.73
CA ILE M 49 -52.54 -26.00 84.14
C ILE M 49 -52.58 -27.34 83.41
N LEU M 50 -53.72 -27.68 82.84
CA LEU M 50 -53.86 -28.94 82.16
C LEU M 50 -52.75 -29.10 81.12
N SER M 51 -52.43 -28.00 80.40
CA SER M 51 -51.44 -28.07 79.34
C SER M 51 -50.07 -28.51 79.89
N HIS M 52 -49.72 -28.16 81.12
CA HIS M 52 -48.47 -28.62 81.69
C HIS M 52 -48.47 -30.14 81.78
N ARG M 53 -49.61 -30.76 82.09
CA ARG M 53 -49.66 -32.22 82.26
C ARG M 53 -49.54 -32.91 80.89
N VAL M 54 -50.18 -32.33 79.88
CA VAL M 54 -50.10 -32.86 78.54
C VAL M 54 -48.64 -32.82 78.09
N GLU M 55 -47.93 -31.74 78.43
CA GLU M 55 -46.53 -31.59 78.06
C GLU M 55 -45.73 -32.72 78.70
N GLU M 56 -45.94 -32.97 79.99
CA GLU M 56 -45.21 -34.02 80.67
C GLU M 56 -45.38 -35.34 79.92
N MET M 57 -46.61 -35.60 79.44
CA MET M 57 -46.95 -36.89 78.84
C MET M 57 -46.33 -37.01 77.46
N LYS M 58 -46.39 -35.95 76.65
CA LYS M 58 -45.70 -35.90 75.35
C LYS M 58 -44.19 -36.12 75.53
N ASN M 59 -43.62 -35.53 76.58
CA ASN M 59 -42.20 -35.66 76.87
C ASN M 59 -41.84 -37.11 77.14
N ARG M 60 -42.69 -37.83 77.85
CA ARG M 60 -42.38 -39.15 78.34
C ARG M 60 -42.75 -40.24 77.32
N PHE M 61 -43.68 -39.98 76.38
CA PHE M 61 -44.22 -41.04 75.56
C PHE M 61 -44.28 -40.70 74.07
N GLY M 62 -44.01 -39.44 73.67
CA GLY M 62 -43.86 -39.11 72.27
C GLY M 62 -45.10 -39.36 71.43
N ASP M 63 -44.90 -39.96 70.24
CA ASP M 63 -45.88 -40.41 69.28
C ASP M 63 -47.08 -41.12 69.88
N LEU M 64 -46.87 -41.81 71.00
CA LEU M 64 -47.96 -42.60 71.57
C LEU M 64 -49.11 -41.70 72.03
N VAL M 65 -48.85 -40.40 72.22
CA VAL M 65 -49.93 -39.42 72.39
C VAL M 65 -50.36 -38.97 71.01
N VAL M 66 -51.47 -39.52 70.49
CA VAL M 66 -51.76 -39.27 69.11
C VAL M 66 -52.53 -37.97 68.98
N GLY M 67 -53.03 -37.42 70.09
CA GLY M 67 -53.62 -36.10 70.09
C GLY M 67 -54.27 -35.77 71.42
N HIS M 68 -54.64 -34.50 71.54
CA HIS M 68 -55.38 -33.97 72.67
C HIS M 68 -56.57 -33.16 72.15
N THR M 69 -57.79 -33.67 72.35
CA THR M 69 -59.00 -32.96 71.98
C THR M 69 -59.61 -32.36 73.25
N VAL M 70 -59.91 -31.06 73.18
CA VAL M 70 -60.64 -30.36 74.23
C VAL M 70 -61.99 -30.04 73.61
N ALA M 71 -63.04 -30.65 74.08
CA ALA M 71 -64.34 -30.60 73.40
C ALA M 71 -65.29 -29.75 74.25
N ASP M 72 -66.03 -28.89 73.58
CA ASP M 72 -67.05 -28.09 74.21
C ASP M 72 -68.29 -28.96 74.32
N ILE M 73 -68.66 -29.37 75.53
CA ILE M 73 -69.82 -30.19 75.77
C ILE M 73 -70.84 -29.40 76.59
N SER M 74 -70.69 -28.07 76.62
CA SER M 74 -71.55 -27.23 77.45
C SER M 74 -73.02 -27.37 77.07
N GLY M 75 -73.30 -27.55 75.80
CA GLY M 75 -74.65 -27.66 75.31
C GLY M 75 -75.34 -28.93 75.81
N ALA M 76 -74.70 -30.07 75.62
CA ALA M 76 -75.22 -31.34 76.14
C ALA M 76 -75.36 -31.31 77.68
N PHE M 77 -74.35 -30.71 78.34
CA PHE M 77 -74.35 -30.63 79.77
C PHE M 77 -75.56 -29.81 80.24
N ARG M 78 -75.71 -28.64 79.65
CA ARG M 78 -76.86 -27.80 79.93
C ARG M 78 -78.14 -28.60 79.77
N SER M 79 -78.35 -29.25 78.60
CA SER M 79 -79.61 -29.93 78.32
C SER M 79 -79.90 -31.04 79.34
N ILE M 80 -78.89 -31.81 79.74
CA ILE M 80 -79.07 -32.94 80.63
C ILE M 80 -79.23 -32.52 82.07
N ALA M 81 -78.40 -31.57 82.53
CA ALA M 81 -78.35 -31.31 83.98
C ALA M 81 -78.68 -29.89 84.45
N ILE M 82 -78.64 -28.87 83.61
CA ILE M 82 -78.85 -27.49 84.15
C ILE M 82 -80.27 -27.00 83.83
N GLU M 83 -80.80 -27.32 82.66
CA GLU M 83 -82.11 -26.77 82.23
C GLU M 83 -83.21 -27.18 83.21
N ALA M 84 -83.00 -28.25 83.99
CA ALA M 84 -84.04 -28.75 84.91
C ALA M 84 -83.56 -28.77 86.35
N LEU M 85 -82.56 -27.97 86.70
CA LEU M 85 -81.98 -28.03 88.05
C LEU M 85 -83.10 -27.98 89.09
N GLU M 86 -84.00 -27.02 88.98
CA GLU M 86 -85.05 -26.85 90.02
C GLU M 86 -85.74 -28.20 90.27
N GLN M 87 -86.28 -28.79 89.22
CA GLN M 87 -87.05 -30.04 89.37
C GLN M 87 -86.13 -31.21 89.73
N ASP M 88 -85.01 -31.33 89.02
CA ASP M 88 -84.06 -32.38 89.35
C ASP M 88 -83.74 -32.41 90.85
N ILE M 89 -83.41 -31.25 91.42
CA ILE M 89 -83.06 -31.18 92.85
C ILE M 89 -84.29 -31.40 93.73
N LEU M 90 -85.47 -30.92 93.33
CA LEU M 90 -86.67 -31.11 94.13
C LEU M 90 -87.07 -32.58 94.13
N LYS M 91 -86.72 -33.31 93.08
CA LYS M 91 -87.16 -34.72 92.99
C LYS M 91 -86.18 -35.64 93.72
N TYR M 92 -84.89 -35.56 93.40
CA TYR M 92 -83.91 -36.52 93.98
C TYR M 92 -83.35 -35.93 95.26
N ARG M 93 -83.62 -34.67 95.49
CA ARG M 93 -83.14 -34.00 96.73
C ARG M 93 -81.61 -34.12 96.77
N LYS M 94 -80.98 -34.14 95.60
CA LYS M 94 -79.50 -34.13 95.55
C LYS M 94 -79.02 -33.35 94.31
N ASN M 95 -77.90 -32.65 94.43
CA ASN M 95 -77.28 -31.97 93.26
C ASN M 95 -76.53 -33.05 92.51
N LEU M 96 -77.10 -33.54 91.42
CA LEU M 96 -76.45 -34.60 90.67
C LEU M 96 -75.88 -34.06 89.35
N VAL M 97 -75.62 -32.75 89.31
CA VAL M 97 -75.10 -32.13 88.11
C VAL M 97 -73.85 -32.85 87.60
N LEU M 98 -72.94 -33.29 88.50
CA LEU M 98 -71.69 -33.87 88.04
C LEU M 98 -71.92 -35.28 87.47
N LEU M 99 -73.03 -35.92 87.87
CA LEU M 99 -73.39 -37.18 87.27
C LEU M 99 -73.92 -36.96 85.85
N GLY M 100 -74.83 -35.97 85.75
CA GLY M 100 -75.24 -35.47 84.45
C GLY M 100 -74.06 -35.13 83.56
N GLU M 101 -73.00 -34.51 84.09
CA GLU M 101 -71.88 -34.14 83.25
C GLU M 101 -71.26 -35.41 82.64
N LYS M 102 -71.19 -36.48 83.46
CA LYS M 102 -70.54 -37.69 82.96
C LYS M 102 -71.42 -38.32 81.87
N LEU M 103 -72.73 -38.24 82.02
CA LEU M 103 -73.62 -38.74 80.97
C LEU M 103 -73.43 -37.93 79.69
N ALA M 104 -73.26 -36.59 79.84
CA ALA M 104 -73.05 -35.72 78.70
C ALA M 104 -71.73 -36.06 78.01
N ILE M 105 -70.69 -36.28 78.80
CA ILE M 105 -69.43 -36.72 78.27
C ILE M 105 -69.64 -37.98 77.42
N HIS M 106 -70.40 -38.96 77.92
CA HIS M 106 -70.53 -40.25 77.25
C HIS M 106 -71.31 -40.12 75.93
N ALA M 107 -72.34 -39.24 75.91
CA ALA M 107 -73.08 -38.97 74.69
C ALA M 107 -72.16 -38.41 73.62
N HIS M 108 -71.37 -37.41 73.98
CA HIS M 108 -70.39 -36.83 73.06
C HIS M 108 -69.38 -37.87 72.58
N LEU M 109 -69.03 -38.82 73.44
CA LEU M 109 -68.00 -39.80 73.11
C LEU M 109 -68.51 -40.83 72.10
N VAL M 110 -69.82 -41.13 72.14
CA VAL M 110 -70.39 -41.95 71.11
C VAL M 110 -70.13 -41.30 69.77
N ASP M 111 -70.46 -40.00 69.70
CA ASP M 111 -70.28 -39.30 68.44
C ASP M 111 -68.81 -39.28 68.06
N PHE M 112 -67.97 -38.92 69.03
CA PHE M 112 -66.55 -38.79 68.74
C PHE M 112 -65.99 -40.13 68.25
N CYS M 113 -66.33 -41.22 68.94
CA CYS M 113 -65.79 -42.52 68.60
C CYS M 113 -66.26 -42.93 67.18
N ARG M 114 -67.54 -42.74 66.87
CA ARG M 114 -68.01 -43.13 65.55
C ARG M 114 -67.34 -42.32 64.46
N ARG M 115 -67.05 -41.05 64.71
CA ARG M 115 -66.53 -40.20 63.65
C ARG M 115 -65.01 -40.29 63.56
N ASN M 116 -64.35 -40.90 64.53
CA ASN M 116 -62.89 -40.93 64.53
C ASN M 116 -62.36 -42.36 64.53
N ASP M 117 -63.22 -43.35 64.33
CA ASP M 117 -62.84 -44.76 64.24
C ASP M 117 -62.12 -45.23 65.50
N ILE M 118 -62.74 -45.02 66.66
CA ILE M 118 -62.23 -45.50 67.94
C ILE M 118 -63.30 -46.39 68.51
N ASN M 119 -62.91 -47.54 69.06
CA ASN M 119 -63.94 -48.39 69.66
C ASN M 119 -63.64 -48.75 71.10
N THR M 120 -62.56 -48.20 71.67
CA THR M 120 -62.27 -48.42 73.07
C THR M 120 -62.06 -47.07 73.72
N ILE M 121 -62.85 -46.81 74.78
CA ILE M 121 -62.62 -45.64 75.63
C ILE M 121 -62.19 -46.12 77.01
N ASN M 122 -61.42 -45.25 77.69
CA ASN M 122 -60.86 -45.58 78.97
C ASN M 122 -60.96 -44.38 79.90
N ASP M 123 -61.19 -44.62 81.20
CA ASP M 123 -61.12 -43.49 82.12
C ASP M 123 -60.28 -43.83 83.34
N GLY M 124 -60.18 -42.85 84.25
CA GLY M 124 -59.40 -42.91 85.45
C GLY M 124 -60.18 -43.27 86.70
N ILE M 125 -61.40 -43.78 86.58
CA ILE M 125 -62.13 -43.98 87.81
C ILE M 125 -61.34 -44.95 88.70
N THR M 126 -61.37 -44.65 90.01
CA THR M 126 -60.59 -45.35 91.04
C THR M 126 -61.47 -45.75 92.20
N HIS M 127 -61.13 -46.89 92.80
CA HIS M 127 -61.85 -47.41 93.96
C HIS M 127 -61.87 -46.39 95.10
N TYR M 128 -60.82 -45.58 95.30
CA TYR M 128 -60.80 -44.71 96.45
C TYR M 128 -61.80 -43.55 96.30
N GLN M 129 -62.37 -43.38 95.10
CA GLN M 129 -63.31 -42.29 94.87
C GLN M 129 -64.72 -42.76 94.55
N MET M 130 -65.13 -43.88 95.15
CA MET M 130 -66.46 -44.43 94.93
C MET M 130 -67.59 -43.52 95.47
N GLU M 131 -67.28 -42.59 96.42
CA GLU M 131 -68.23 -41.63 96.95
C GLU M 131 -68.82 -40.73 95.86
N PHE M 132 -68.10 -40.48 94.76
CA PHE M 132 -68.56 -39.59 93.71
C PHE M 132 -69.39 -40.42 92.72
N PRO M 133 -70.62 -39.96 92.36
CA PRO M 133 -71.61 -40.81 91.71
C PRO M 133 -71.13 -41.41 90.41
N GLU M 134 -70.32 -40.66 89.65
CA GLU M 134 -69.88 -41.14 88.34
C GLU M 134 -68.83 -42.26 88.47
N GLN M 135 -68.34 -42.51 89.68
CA GLN M 135 -67.25 -43.45 89.88
C GLN M 135 -67.75 -44.65 90.68
N ARG M 136 -69.08 -44.67 90.87
CA ARG M 136 -69.70 -45.78 91.62
C ARG M 136 -69.94 -46.95 90.68
N LEU M 137 -69.69 -48.17 91.16
CA LEU M 137 -69.98 -49.34 90.36
C LEU M 137 -71.34 -49.19 89.63
N VAL M 138 -72.37 -48.67 90.31
CA VAL M 138 -73.68 -48.70 89.69
C VAL M 138 -73.71 -47.75 88.47
N ALA M 139 -73.00 -46.61 88.55
CA ALA M 139 -72.92 -45.69 87.44
C ALA M 139 -72.06 -46.28 86.32
N LYS M 140 -70.91 -46.85 86.70
CA LYS M 140 -70.00 -47.36 85.69
C LYS M 140 -70.70 -48.48 84.90
N THR M 141 -71.45 -49.32 85.60
CA THR M 141 -72.12 -50.45 84.98
C THR M 141 -73.13 -49.89 83.98
N PHE M 142 -73.93 -48.93 84.42
CA PHE M 142 -74.88 -48.28 83.52
C PHE M 142 -74.19 -47.73 82.26
N LEU M 143 -73.08 -46.99 82.44
CA LEU M 143 -72.44 -46.35 81.31
C LEU M 143 -71.76 -47.39 80.41
N MET M 144 -71.18 -48.46 80.97
CA MET M 144 -70.66 -49.57 80.18
C MET M 144 -71.74 -50.14 79.27
N GLU M 145 -72.92 -50.40 79.80
CA GLU M 145 -74.01 -50.93 78.97
C GLU M 145 -74.28 -49.90 77.87
N MET M 146 -74.50 -48.65 78.25
CA MET M 146 -74.84 -47.61 77.24
C MET M 146 -73.77 -47.60 76.15
N MET M 147 -72.49 -47.68 76.53
CA MET M 147 -71.43 -47.62 75.50
C MET M 147 -71.47 -48.90 74.65
N ALA M 148 -71.91 -50.02 75.22
CA ALA M 148 -71.94 -51.27 74.46
C ALA M 148 -73.10 -51.27 73.45
N GLN M 149 -74.16 -50.55 73.73
CA GLN M 149 -75.25 -50.39 72.77
C GLN M 149 -74.75 -49.70 71.50
N TYR M 150 -73.65 -48.94 71.58
CA TYR M 150 -73.04 -48.38 70.37
C TYR M 150 -71.75 -49.12 69.98
N ASP M 151 -71.55 -50.35 70.46
CA ASP M 151 -70.40 -51.17 70.14
C ASP M 151 -69.12 -50.43 70.53
N ILE M 152 -69.17 -49.79 71.69
CA ILE M 152 -68.01 -49.10 72.22
C ILE M 152 -67.63 -49.82 73.51
N ASN M 153 -66.35 -50.12 73.61
CA ASN M 153 -65.80 -50.83 74.74
C ASN M 153 -65.32 -49.78 75.74
N TYR M 154 -65.88 -49.81 76.96
CA TYR M 154 -65.53 -48.83 77.97
C TYR M 154 -64.79 -49.54 79.09
N GLN M 155 -63.49 -49.23 79.24
CA GLN M 155 -62.66 -49.83 80.24
C GLN M 155 -62.18 -48.83 81.26
N SER M 156 -61.74 -49.34 82.42
CA SER M 156 -61.26 -48.51 83.49
C SER M 156 -59.94 -49.12 83.96
N PRO M 157 -58.81 -48.85 83.27
CA PRO M 157 -57.58 -49.61 83.49
C PRO M 157 -56.86 -49.32 84.81
N VAL M 158 -57.26 -48.31 85.60
CA VAL M 158 -56.59 -48.09 86.87
C VAL M 158 -57.55 -48.30 88.04
N TYR M 159 -58.79 -48.72 87.76
CA TYR M 159 -59.81 -49.00 88.77
C TYR M 159 -59.37 -50.04 89.78
N GLU M 160 -58.98 -51.24 89.34
CA GLU M 160 -58.72 -52.36 90.21
C GLU M 160 -57.50 -52.10 91.08
N PHE M 161 -56.53 -51.37 90.49
CA PHE M 161 -55.24 -51.14 91.13
C PHE M 161 -55.38 -49.99 92.11
N ALA M 162 -54.68 -50.02 93.19
CA ALA M 162 -54.69 -48.91 94.12
C ALA M 162 -55.76 -49.08 95.20
N GLN M 163 -56.75 -48.17 95.22
CA GLN M 163 -57.55 -47.94 96.43
C GLN M 163 -56.84 -46.94 97.36
N SER M 164 -55.69 -46.34 96.94
CA SER M 164 -55.28 -45.08 97.57
C SER M 164 -54.66 -44.13 96.56
N ALA M 165 -54.72 -42.84 96.87
CA ALA M 165 -54.06 -41.89 95.99
C ALA M 165 -52.54 -42.15 95.98
N ASP M 166 -51.99 -42.68 97.07
CA ASP M 166 -50.54 -42.91 97.08
C ASP M 166 -50.10 -43.92 96.02
N ASP M 167 -50.90 -44.99 95.82
CA ASP M 167 -50.63 -45.94 94.76
C ASP M 167 -50.43 -45.25 93.41
N VAL M 168 -51.34 -44.33 93.08
CA VAL M 168 -51.30 -43.65 91.81
C VAL M 168 -50.08 -42.71 91.74
N LYS M 169 -49.90 -41.93 92.79
CA LYS M 169 -48.86 -40.93 92.82
C LYS M 169 -47.51 -41.52 92.45
N TYR M 170 -47.16 -42.64 93.12
CA TYR M 170 -45.75 -43.06 93.08
C TYR M 170 -45.51 -43.90 91.82
N ARG M 171 -46.56 -44.41 91.17
CA ARG M 171 -46.38 -44.96 89.85
C ARG M 171 -46.08 -43.82 88.88
N LEU M 172 -46.80 -42.71 89.02
CA LEU M 172 -46.52 -41.59 88.14
C LEU M 172 -45.07 -41.11 88.35
N LEU M 173 -44.63 -41.06 89.60
CA LEU M 173 -43.32 -40.54 89.90
C LEU M 173 -42.26 -41.42 89.24
N GLN M 174 -42.50 -42.73 89.23
CA GLN M 174 -41.62 -43.68 88.60
C GLN M 174 -41.52 -43.43 87.10
N LEU M 175 -42.56 -42.81 86.50
CA LEU M 175 -42.52 -42.52 85.08
C LEU M 175 -41.86 -41.17 84.81
N GLY M 176 -41.34 -40.50 85.84
CA GLY M 176 -40.80 -39.18 85.65
C GLY M 176 -41.86 -38.10 85.48
N ILE M 177 -43.06 -38.36 85.96
CA ILE M 177 -44.17 -37.43 85.90
C ILE M 177 -44.57 -36.97 87.30
N SER M 178 -45.02 -35.71 87.41
CA SER M 178 -45.48 -35.13 88.67
C SER M 178 -46.70 -35.90 89.20
N THR M 179 -46.81 -35.93 90.52
CA THR M 179 -47.82 -36.70 91.23
C THR M 179 -49.13 -35.92 91.34
N LYS M 180 -49.12 -34.61 91.00
CA LYS M 180 -50.24 -33.72 91.23
C LYS M 180 -51.41 -33.99 90.27
N SER M 181 -52.61 -33.57 90.67
CA SER M 181 -53.75 -33.56 89.77
C SER M 181 -53.81 -32.19 89.11
N LEU M 182 -53.28 -32.10 87.89
CA LEU M 182 -53.22 -30.83 87.19
C LEU M 182 -54.45 -30.69 86.31
N GLU M 183 -55.58 -30.49 86.97
CA GLU M 183 -56.87 -30.40 86.33
C GLU M 183 -57.54 -29.12 86.82
N GLY M 184 -58.54 -28.71 86.05
CA GLY M 184 -59.45 -27.67 86.43
C GLY M 184 -60.33 -28.10 87.60
N ILE M 185 -61.07 -27.13 88.12
CA ILE M 185 -61.92 -27.30 89.27
C ILE M 185 -63.34 -27.00 88.77
N SER M 186 -64.25 -27.94 89.01
CA SER M 186 -65.64 -27.67 88.70
C SER M 186 -66.15 -26.60 89.64
N ILE M 187 -66.99 -25.68 89.15
CA ILE M 187 -67.59 -24.71 90.07
C ILE M 187 -68.50 -25.47 91.03
N PHE M 188 -68.88 -26.68 90.69
CA PHE M 188 -69.76 -27.51 91.53
C PHE M 188 -68.99 -28.36 92.56
N ALA M 189 -67.67 -28.26 92.61
CA ALA M 189 -66.88 -28.81 93.71
C ALA M 189 -67.48 -28.42 95.06
N ASP M 190 -67.61 -29.43 95.94
CA ASP M 190 -68.05 -29.22 97.30
C ASP M 190 -69.39 -28.51 97.34
N SER M 191 -70.25 -28.83 96.37
CA SER M 191 -71.56 -28.23 96.24
C SER M 191 -72.63 -29.31 96.35
N PHE M 192 -72.22 -30.49 96.83
CA PHE M 192 -73.14 -31.62 96.81
C PHE M 192 -72.86 -32.50 98.01
N SER M 193 -73.93 -33.16 98.47
CA SER M 193 -73.84 -34.19 99.49
C SER M 193 -73.89 -35.55 98.81
N THR M 194 -73.65 -36.63 99.56
CA THR M 194 -73.55 -37.97 98.98
C THR M 194 -74.94 -38.53 98.66
N PRO M 195 -75.24 -38.97 97.42
CA PRO M 195 -76.48 -39.67 97.08
C PRO M 195 -76.39 -41.19 97.24
N SER M 196 -77.56 -41.82 97.40
CA SER M 196 -77.65 -43.26 97.33
C SER M 196 -77.41 -43.79 95.90
N ASP M 197 -76.98 -45.06 95.83
CA ASP M 197 -76.94 -45.85 94.62
C ASP M 197 -78.28 -45.80 93.90
N ASP M 198 -79.41 -46.00 94.60
CA ASP M 198 -80.68 -46.03 93.88
C ASP M 198 -80.90 -44.70 93.18
N VAL M 199 -80.51 -43.61 93.81
CA VAL M 199 -80.77 -42.28 93.27
C VAL M 199 -79.91 -42.03 92.03
N VAL M 200 -78.65 -42.43 92.09
CA VAL M 200 -77.74 -42.34 90.95
C VAL M 200 -78.29 -43.09 89.73
N LEU M 201 -78.78 -44.30 89.93
CA LEU M 201 -79.31 -45.11 88.85
C LEU M 201 -80.60 -44.49 88.31
N ALA M 202 -81.45 -43.98 89.19
CA ALA M 202 -82.74 -43.43 88.78
C ALA M 202 -82.53 -42.16 87.94
N TYR M 203 -81.52 -41.37 88.31
CA TYR M 203 -81.21 -40.13 87.60
C TYR M 203 -80.66 -40.46 86.22
N LEU M 204 -79.71 -41.39 86.17
CA LEU M 204 -79.16 -41.86 84.90
C LEU M 204 -80.28 -42.37 83.98
N ARG M 205 -81.21 -43.14 84.51
CA ARG M 205 -82.30 -43.68 83.72
C ARG M 205 -83.24 -42.58 83.26
N GLU M 206 -83.46 -41.55 84.08
CA GLU M 206 -84.36 -40.48 83.68
C GLU M 206 -83.75 -39.62 82.58
N LYS M 207 -82.43 -39.38 82.59
CA LYS M 207 -81.79 -38.51 81.62
C LYS M 207 -81.30 -39.25 80.39
N ALA M 208 -81.32 -40.60 80.44
CA ALA M 208 -80.82 -41.40 79.33
C ALA M 208 -81.52 -41.05 78.01
N PRO M 209 -82.85 -40.99 77.95
CA PRO M 209 -83.52 -40.57 76.71
C PRO M 209 -82.92 -39.30 76.11
N LEU M 210 -82.65 -38.31 76.96
CA LEU M 210 -82.07 -37.06 76.48
C LEU M 210 -80.67 -37.31 75.91
N ALA M 211 -79.86 -38.11 76.62
CA ALA M 211 -78.52 -38.37 76.15
C ALA M 211 -78.54 -39.06 74.79
N HIS M 212 -79.40 -40.04 74.60
CA HIS M 212 -79.46 -40.79 73.34
C HIS M 212 -79.93 -39.87 72.21
N ASN M 213 -80.85 -38.97 72.53
CA ASN M 213 -81.34 -37.98 71.59
C ASN M 213 -80.20 -37.06 71.14
N ILE M 214 -79.33 -36.66 72.08
CA ILE M 214 -78.20 -35.81 71.76
C ILE M 214 -77.23 -36.59 70.87
N VAL M 215 -77.05 -37.87 71.15
CA VAL M 215 -76.23 -38.72 70.29
C VAL M 215 -76.78 -38.69 68.86
N ASN M 216 -78.10 -38.84 68.72
CA ASN M 216 -78.71 -38.89 67.40
C ASN M 216 -78.57 -37.55 66.68
N PHE M 217 -78.75 -36.44 67.40
CA PHE M 217 -78.64 -35.12 66.83
C PHE M 217 -77.21 -34.95 66.32
N LEU M 218 -76.20 -35.32 67.13
CA LEU M 218 -74.83 -35.11 66.74
C LEU M 218 -74.46 -35.92 65.50
N ALA M 219 -75.36 -36.77 65.04
CA ALA M 219 -75.08 -37.57 63.82
C ALA M 219 -76.07 -37.28 62.68
N GLY M 220 -77.27 -36.74 62.93
CA GLY M 220 -78.35 -36.79 61.93
C GLY M 220 -79.74 -37.03 62.52
N GLU M 221 -80.41 -35.97 63.00
CA GLU M 221 -81.81 -36.00 63.53
C GLU M 221 -81.94 -34.83 64.53
N THR M 222 -82.97 -33.99 64.39
CA THR M 222 -83.04 -32.66 65.01
C THR M 222 -84.28 -32.53 65.87
N LEU M 223 -85.04 -33.59 66.10
CA LEU M 223 -86.26 -33.43 66.87
C LEU M 223 -86.14 -33.82 68.33
N ASN M 224 -87.16 -33.42 69.13
CA ASN M 224 -87.36 -33.99 70.47
C ASN M 224 -86.22 -33.52 71.37
N SER N 6 -13.16 -23.65 18.53
CA SER N 6 -12.14 -22.95 19.35
C SER N 6 -10.75 -23.25 18.78
N VAL N 7 -9.76 -22.58 19.34
CA VAL N 7 -8.35 -22.57 18.97
C VAL N 7 -7.62 -22.80 20.27
N LYS N 8 -6.41 -23.37 20.26
CA LYS N 8 -5.64 -23.55 21.48
C LYS N 8 -5.05 -22.22 21.99
N PRO N 9 -5.32 -21.81 23.26
CA PRO N 9 -4.80 -20.55 23.79
C PRO N 9 -3.29 -20.46 23.72
N GLN N 10 -2.82 -19.24 23.47
CA GLN N 10 -1.42 -18.91 23.55
C GLN N 10 -1.21 -17.89 24.64
N LEU N 11 0.05 -17.73 25.05
CA LEU N 11 0.38 -16.88 26.19
C LEU N 11 1.01 -15.61 25.65
N VAL N 12 0.64 -14.49 26.28
CA VAL N 12 1.30 -13.22 25.98
C VAL N 12 2.01 -12.68 27.21
N MET N 13 3.28 -12.38 27.01
CA MET N 13 4.06 -11.68 28.04
C MET N 13 3.60 -10.25 28.12
N PHE N 14 2.81 -9.94 29.13
CA PHE N 14 2.01 -8.73 29.13
C PHE N 14 2.38 -7.84 30.32
N THR N 15 2.74 -6.60 30.03
CA THR N 15 3.17 -5.64 31.05
C THR N 15 2.14 -4.56 31.26
N GLY N 16 1.18 -4.42 30.33
CA GLY N 16 0.28 -3.28 30.33
C GLY N 16 0.73 -2.21 29.36
N GLY N 17 1.96 -2.33 28.82
CA GLY N 17 2.41 -1.33 27.87
C GLY N 17 1.64 -1.44 26.55
N ARG N 18 1.73 -0.43 25.70
CA ARG N 18 1.00 -0.42 24.43
C ARG N 18 1.47 -1.53 23.49
N ASP N 19 2.72 -1.98 23.61
CA ASP N 19 3.24 -2.89 22.62
C ASP N 19 2.69 -4.29 22.91
N SER N 20 2.75 -4.71 24.16
CA SER N 20 2.30 -6.02 24.57
C SER N 20 0.75 -6.07 24.55
N THR N 21 0.12 -4.93 24.79
CA THR N 21 -1.33 -4.81 24.68
C THR N 21 -1.73 -5.10 23.23
N LEU N 22 -1.08 -4.44 22.27
CA LEU N 22 -1.37 -4.63 20.88
C LEU N 22 -1.08 -6.07 20.49
N ALA N 23 0.00 -6.67 21.00
CA ALA N 23 0.33 -8.02 20.62
C ALA N 23 -0.82 -8.95 21.01
N ALA N 24 -1.30 -8.79 22.25
CA ALA N 24 -2.38 -9.63 22.72
C ALA N 24 -3.64 -9.38 21.87
N CYS N 25 -3.96 -8.11 21.64
CA CYS N 25 -5.14 -7.73 20.89
C CYS N 25 -5.11 -8.30 19.47
N TYR N 26 -3.95 -8.22 18.81
CA TYR N 26 -3.85 -8.65 17.42
C TYR N 26 -4.07 -10.16 17.33
N LEU N 27 -3.54 -10.91 18.32
CA LEU N 27 -3.80 -12.34 18.36
C LEU N 27 -5.31 -12.57 18.50
N MET N 28 -5.97 -11.81 19.39
CA MET N 28 -7.36 -12.12 19.69
C MET N 28 -8.25 -11.74 18.51
N LEU N 29 -7.82 -10.76 17.72
CA LEU N 29 -8.61 -10.33 16.58
C LEU N 29 -8.65 -11.47 15.56
N GLN N 30 -7.65 -12.35 15.60
CA GLN N 30 -7.59 -13.46 14.65
C GLN N 30 -8.35 -14.67 15.19
N GLY N 31 -8.97 -14.54 16.35
CA GLY N 31 -9.63 -15.67 16.98
C GLY N 31 -8.74 -16.47 17.94
N ILE N 32 -7.51 -16.02 18.21
CA ILE N 32 -6.60 -16.77 19.07
C ILE N 32 -6.79 -16.34 20.52
N PRO N 33 -7.27 -17.24 21.41
CA PRO N 33 -7.41 -16.89 22.81
C PRO N 33 -6.06 -16.66 23.45
N VAL N 34 -5.93 -15.64 24.30
CA VAL N 34 -4.64 -15.38 24.93
C VAL N 34 -4.79 -15.47 26.46
N HIS N 35 -3.79 -16.13 27.05
CA HIS N 35 -3.51 -16.08 28.47
C HIS N 35 -2.51 -14.98 28.74
N LEU N 36 -2.94 -13.90 29.37
CA LEU N 36 -2.04 -12.78 29.68
C LEU N 36 -1.21 -13.13 30.90
N TRP N 37 0.13 -13.04 30.77
CA TRP N 37 1.04 -13.38 31.85
C TRP N 37 1.95 -12.20 32.17
N SER N 38 1.96 -11.79 33.44
CA SER N 38 2.74 -10.66 33.94
C SER N 38 3.66 -11.14 35.07
N GLY N 39 4.96 -10.86 34.91
CA GLY N 39 5.91 -11.18 35.98
C GLY N 39 6.06 -10.01 36.96
N ASN N 40 5.81 -10.24 38.24
CA ASN N 40 6.15 -9.30 39.31
C ASN N 40 7.49 -9.70 39.93
N SER N 41 8.49 -8.87 39.73
CA SER N 41 9.84 -9.13 40.21
C SER N 41 10.07 -8.68 41.65
N GLY N 42 9.08 -7.97 42.20
CA GLY N 42 9.16 -7.50 43.57
C GLY N 42 9.80 -6.13 43.67
N CYS N 43 10.24 -5.54 42.57
CA CYS N 43 10.86 -4.23 42.56
C CYS N 43 10.16 -3.33 41.54
N SER N 44 8.88 -3.59 41.31
CA SER N 44 8.10 -2.84 40.34
C SER N 44 7.12 -2.02 41.11
N LEU N 45 7.04 -0.71 40.81
CA LEU N 45 6.25 0.23 41.59
C LEU N 45 4.98 0.62 40.83
N HIS N 46 3.94 0.98 41.56
CA HIS N 46 2.75 1.60 40.99
C HIS N 46 2.16 0.70 39.92
N ARG N 47 1.90 -0.57 40.28
CA ARG N 47 1.35 -1.57 39.38
C ARG N 47 -0.18 -1.54 39.26
N GLY N 48 -0.86 -0.75 40.11
CA GLY N 48 -2.31 -0.80 40.17
C GLY N 48 -3.01 -0.45 38.85
N ILE N 49 -2.39 0.36 37.98
CA ILE N 49 -3.07 0.78 36.76
C ILE N 49 -3.21 -0.37 35.79
N LEU N 50 -2.42 -1.41 35.95
CA LEU N 50 -2.44 -2.51 35.02
C LEU N 50 -3.87 -3.08 34.95
N SER N 51 -4.58 -3.13 36.10
CA SER N 51 -5.94 -3.65 36.13
C SER N 51 -6.87 -2.90 35.16
N HIS N 52 -6.68 -1.59 35.02
CA HIS N 52 -7.50 -0.83 34.12
C HIS N 52 -7.32 -1.35 32.68
N ARG N 53 -6.09 -1.73 32.31
CA ARG N 53 -5.83 -2.13 30.94
C ARG N 53 -6.43 -3.51 30.67
N VAL N 54 -6.33 -4.40 31.66
CA VAL N 54 -6.92 -5.72 31.54
C VAL N 54 -8.42 -5.56 31.33
N GLU N 55 -9.03 -4.63 32.04
CA GLU N 55 -10.46 -4.42 31.95
C GLU N 55 -10.80 -3.99 30.53
N GLU N 56 -10.04 -3.05 29.98
CA GLU N 56 -10.33 -2.59 28.64
C GLU N 56 -10.30 -3.77 27.67
N MET N 57 -9.36 -4.70 27.86
CA MET N 57 -9.16 -5.81 26.96
C MET N 57 -10.30 -6.83 27.07
N LYS N 58 -10.72 -7.16 28.31
CA LYS N 58 -11.88 -8.00 28.54
C LYS N 58 -13.14 -7.40 27.91
N ASN N 59 -13.29 -6.08 28.02
CA ASN N 59 -14.43 -5.37 27.48
C ASN N 59 -14.48 -5.52 25.96
N ARG N 60 -13.31 -5.46 25.30
CA ARG N 60 -13.26 -5.42 23.85
C ARG N 60 -13.25 -6.83 23.24
N PHE N 61 -12.85 -7.88 23.98
CA PHE N 61 -12.62 -9.18 23.38
C PHE N 61 -13.31 -10.35 24.09
N GLY N 62 -13.91 -10.10 25.26
CA GLY N 62 -14.62 -11.12 26.00
C GLY N 62 -13.74 -12.31 26.39
N ASP N 63 -14.33 -13.48 26.25
CA ASP N 63 -13.78 -14.82 26.47
C ASP N 63 -12.45 -15.05 25.79
N LEU N 64 -12.09 -14.30 24.75
CA LEU N 64 -10.79 -14.47 24.13
C LEU N 64 -9.63 -14.13 25.10
N VAL N 65 -9.91 -13.36 26.15
CA VAL N 65 -8.99 -13.21 27.26
C VAL N 65 -9.29 -14.33 28.25
N VAL N 66 -8.48 -15.37 28.27
CA VAL N 66 -8.87 -16.49 29.11
C VAL N 66 -8.43 -16.26 30.56
N GLY N 67 -7.52 -15.32 30.74
CA GLY N 67 -7.15 -14.92 32.10
C GLY N 67 -5.88 -14.08 32.11
N HIS N 68 -5.59 -13.63 33.33
CA HIS N 68 -4.45 -12.78 33.62
C HIS N 68 -3.72 -13.35 34.83
N THR N 69 -2.53 -13.90 34.63
CA THR N 69 -1.71 -14.44 35.70
C THR N 69 -0.62 -13.42 36.02
N VAL N 70 -0.52 -13.08 37.29
CA VAL N 70 0.54 -12.24 37.83
C VAL N 70 1.38 -13.19 38.66
N ALA N 71 2.63 -13.46 38.22
CA ALA N 71 3.48 -14.37 38.91
C ALA N 71 4.51 -13.63 39.79
N ASP N 72 4.73 -14.14 40.99
CA ASP N 72 5.78 -13.63 41.85
C ASP N 72 7.06 -14.33 41.39
N ILE N 73 7.96 -13.57 40.75
CA ILE N 73 9.21 -14.12 40.24
C ILE N 73 10.37 -13.50 41.03
N SER N 74 10.10 -12.92 42.19
CA SER N 74 11.11 -12.23 42.97
C SER N 74 12.25 -13.19 43.37
N GLY N 75 11.93 -14.44 43.63
CA GLY N 75 12.93 -15.40 44.06
C GLY N 75 13.95 -15.69 42.97
N ALA N 76 13.43 -16.06 41.79
CA ALA N 76 14.28 -16.32 40.63
C ALA N 76 15.06 -15.06 40.23
N PHE N 77 14.41 -13.91 40.30
CA PHE N 77 15.02 -12.64 39.94
C PHE N 77 16.19 -12.37 40.86
N ARG N 78 15.98 -12.49 42.17
CA ARG N 78 17.09 -12.30 43.12
C ARG N 78 18.22 -13.26 42.80
N SER N 79 17.91 -14.54 42.63
CA SER N 79 18.98 -15.52 42.43
C SER N 79 19.81 -15.22 41.16
N ILE N 80 19.16 -14.81 40.08
CA ILE N 80 19.82 -14.60 38.80
C ILE N 80 20.56 -13.27 38.77
N ALA N 81 19.95 -12.22 39.29
CA ALA N 81 20.30 -10.86 38.91
C ALA N 81 20.79 -10.01 40.08
N ILE N 82 20.43 -10.37 41.33
CA ILE N 82 20.72 -9.52 42.47
C ILE N 82 21.80 -10.10 43.37
N GLU N 83 21.78 -11.42 43.60
CA GLU N 83 22.66 -12.06 44.57
C GLU N 83 24.13 -11.76 44.29
N ALA N 84 24.53 -11.72 43.00
CA ALA N 84 25.91 -11.46 42.62
C ALA N 84 26.06 -10.11 41.91
N LEU N 85 25.26 -9.14 42.30
CA LEU N 85 25.26 -7.83 41.69
C LEU N 85 26.64 -7.16 41.74
N GLU N 86 27.37 -7.24 42.84
CA GLU N 86 28.72 -6.69 42.88
C GLU N 86 29.59 -7.29 41.76
N GLN N 87 29.66 -8.62 41.71
CA GLN N 87 30.51 -9.32 40.75
C GLN N 87 30.04 -9.00 39.34
N ASP N 88 28.72 -9.04 39.11
CA ASP N 88 28.14 -8.81 37.81
C ASP N 88 28.56 -7.45 37.26
N ILE N 89 28.40 -6.37 38.06
CA ILE N 89 28.70 -5.04 37.59
C ILE N 89 30.21 -4.82 37.46
N LEU N 90 31.03 -5.41 38.34
CA LEU N 90 32.47 -5.23 38.24
C LEU N 90 33.00 -5.94 36.99
N LYS N 91 32.39 -7.07 36.62
CA LYS N 91 32.85 -7.82 35.47
C LYS N 91 32.38 -7.17 34.18
N TYR N 92 31.08 -6.89 34.01
CA TYR N 92 30.60 -6.44 32.72
C TYR N 92 30.70 -4.92 32.59
N ARG N 93 30.86 -4.22 33.72
CA ARG N 93 30.94 -2.72 33.74
C ARG N 93 29.57 -2.15 33.34
N LYS N 94 28.52 -2.96 33.44
CA LYS N 94 27.17 -2.56 33.09
C LYS N 94 26.14 -3.23 34.02
N ASN N 95 25.12 -2.47 34.37
CA ASN N 95 24.05 -2.92 35.23
C ASN N 95 23.05 -3.62 34.33
N LEU N 96 23.05 -4.96 34.40
CA LEU N 96 22.21 -5.75 33.50
C LEU N 96 21.07 -6.41 34.29
N VAL N 97 20.69 -5.83 35.44
CA VAL N 97 19.64 -6.39 36.24
C VAL N 97 18.37 -6.70 35.43
N LEU N 98 18.00 -5.78 34.52
CA LEU N 98 16.73 -5.94 33.79
C LEU N 98 16.84 -7.06 32.75
N LEU N 99 18.06 -7.40 32.33
CA LEU N 99 18.28 -8.55 31.47
C LEU N 99 18.09 -9.83 32.27
N GLY N 100 18.71 -9.86 33.42
CA GLY N 100 18.48 -10.89 34.43
C GLY N 100 16.98 -11.09 34.71
N GLU N 101 16.22 -10.00 34.82
CA GLU N 101 14.80 -10.16 35.09
C GLU N 101 14.13 -10.93 33.93
N LYS N 102 14.54 -10.63 32.72
CA LYS N 102 13.95 -11.26 31.55
C LYS N 102 14.31 -12.75 31.53
N LEU N 103 15.50 -13.10 31.95
CA LEU N 103 15.85 -14.50 32.05
C LEU N 103 15.01 -15.21 33.11
N ALA N 104 14.76 -14.51 34.21
CA ALA N 104 13.93 -15.04 35.28
C ALA N 104 12.50 -15.24 34.79
N ILE N 105 11.98 -14.27 34.04
CA ILE N 105 10.69 -14.41 33.41
C ILE N 105 10.65 -15.68 32.56
N HIS N 106 11.70 -15.95 31.76
CA HIS N 106 11.69 -17.07 30.83
C HIS N 106 11.73 -18.42 31.56
N ALA N 107 12.46 -18.47 32.69
CA ALA N 107 12.51 -19.65 33.51
C ALA N 107 11.13 -19.98 34.03
N HIS N 108 10.47 -18.98 34.61
CA HIS N 108 9.12 -19.13 35.13
C HIS N 108 8.13 -19.57 34.04
N LEU N 109 8.37 -19.08 32.80
CA LEU N 109 7.43 -19.37 31.72
C LEU N 109 7.51 -20.83 31.26
N VAL N 110 8.72 -21.40 31.36
CA VAL N 110 8.85 -22.82 31.07
C VAL N 110 7.93 -23.57 32.04
N ASP N 111 8.02 -23.24 33.31
CA ASP N 111 7.24 -23.96 34.28
C ASP N 111 5.74 -23.73 34.02
N PHE N 112 5.39 -22.47 33.82
CA PHE N 112 4.00 -22.13 33.64
C PHE N 112 3.46 -22.87 32.40
N CYS N 113 4.22 -22.83 31.28
CA CYS N 113 3.73 -23.44 30.06
C CYS N 113 3.55 -24.94 30.26
N ARG N 114 4.51 -25.60 30.88
CA ARG N 114 4.39 -27.05 31.05
C ARG N 114 3.20 -27.41 31.92
N ARG N 115 2.90 -26.60 32.93
CA ARG N 115 1.85 -26.98 33.88
C ARG N 115 0.48 -26.54 33.38
N ASN N 116 0.41 -25.68 32.37
CA ASN N 116 -0.89 -25.15 31.94
C ASN N 116 -1.14 -25.46 30.45
N ASP N 117 -0.36 -26.35 29.87
CA ASP N 117 -0.57 -26.84 28.51
C ASP N 117 -0.54 -25.72 27.47
N ILE N 118 0.50 -24.88 27.50
CA ILE N 118 0.72 -23.83 26.54
C ILE N 118 2.03 -24.12 25.83
N ASN N 119 2.05 -24.00 24.50
CA ASN N 119 3.29 -24.24 23.80
C ASN N 119 3.68 -23.06 22.91
N THR N 120 2.90 -21.95 22.93
CA THR N 120 3.29 -20.79 22.17
C THR N 120 3.23 -19.59 23.09
N ILE N 121 4.36 -18.87 23.20
CA ILE N 121 4.40 -17.62 23.93
C ILE N 121 4.69 -16.50 22.94
N ASN N 122 4.21 -15.30 23.31
CA ASN N 122 4.30 -14.17 22.41
C ASN N 122 4.67 -12.94 23.23
N ASP N 123 5.50 -12.08 22.54
CA ASP N 123 5.85 -10.83 23.10
C ASP N 123 5.47 -9.68 22.19
N GLY N 124 5.73 -8.47 22.74
CA GLY N 124 5.24 -7.21 22.21
C GLY N 124 6.29 -6.49 21.37
N ILE N 125 7.36 -7.15 20.90
CA ILE N 125 8.25 -6.43 20.03
C ILE N 125 7.45 -5.84 18.87
N THR N 126 7.76 -4.57 18.48
CA THR N 126 7.04 -3.85 17.44
C THR N 126 8.08 -3.19 16.54
N HIS N 127 8.30 -1.91 16.78
CA HIS N 127 9.33 -1.11 16.13
C HIS N 127 10.56 -1.14 17.02
N TYR N 128 11.67 -0.56 16.55
CA TYR N 128 12.93 -0.57 17.24
C TYR N 128 12.87 0.30 18.48
N GLN N 129 13.18 -0.32 19.62
CA GLN N 129 13.21 0.43 20.89
C GLN N 129 14.61 0.26 21.50
N MET N 130 15.44 1.31 21.46
CA MET N 130 16.86 1.25 21.90
C MET N 130 17.04 0.83 23.36
N GLU N 131 16.34 1.46 24.30
CA GLU N 131 16.61 1.20 25.73
C GLU N 131 16.48 -0.28 26.07
N PHE N 132 15.98 -1.11 25.17
CA PHE N 132 15.72 -2.50 25.57
C PHE N 132 16.68 -3.58 24.94
N PRO N 133 17.73 -4.01 25.71
CA PRO N 133 18.68 -5.00 25.26
C PRO N 133 18.04 -6.33 24.94
N GLU N 134 16.95 -6.70 25.62
CA GLU N 134 16.33 -7.99 25.40
C GLU N 134 15.61 -8.04 24.05
N GLN N 135 15.53 -6.90 23.31
CA GLN N 135 14.89 -6.93 22.02
C GLN N 135 15.86 -6.89 20.85
N ARG N 136 17.15 -6.94 21.17
CA ARG N 136 18.19 -7.14 20.16
C ARG N 136 18.23 -8.59 19.71
N LEU N 137 18.51 -8.76 18.41
CA LEU N 137 18.65 -10.05 17.78
C LEU N 137 19.42 -11.02 18.67
N VAL N 138 20.56 -10.59 19.26
CA VAL N 138 21.42 -11.56 19.93
C VAL N 138 20.70 -12.12 21.17
N ALA N 139 19.92 -11.26 21.87
CA ALA N 139 19.20 -11.69 23.04
C ALA N 139 18.01 -12.56 22.61
N LYS N 140 17.31 -12.11 21.60
CA LYS N 140 16.09 -12.76 21.16
C LYS N 140 16.41 -14.19 20.73
N THR N 141 17.54 -14.32 20.03
CA THR N 141 17.95 -15.60 19.50
C THR N 141 18.17 -16.53 20.68
N PHE N 142 18.95 -16.04 21.64
CA PHE N 142 19.23 -16.81 22.83
C PHE N 142 17.93 -17.27 23.54
N LEU N 143 16.99 -16.34 23.75
CA LEU N 143 15.81 -16.71 24.51
C LEU N 143 14.90 -17.69 23.73
N MET N 144 14.80 -17.48 22.39
CA MET N 144 14.08 -18.41 21.54
C MET N 144 14.69 -19.83 21.65
N GLU N 145 16.00 -19.93 21.77
CA GLU N 145 16.68 -21.25 21.87
C GLU N 145 16.38 -21.89 23.23
N MET N 146 16.44 -21.12 24.30
CA MET N 146 16.13 -21.66 25.64
C MET N 146 14.71 -22.21 25.65
N MET N 147 13.78 -21.53 24.99
CA MET N 147 12.37 -21.97 25.05
C MET N 147 12.18 -23.14 24.10
N ALA N 148 12.97 -23.20 23.03
CA ALA N 148 12.84 -24.34 22.13
C ALA N 148 13.39 -25.63 22.76
N GLN N 149 14.33 -25.50 23.70
CA GLN N 149 14.82 -26.66 24.42
C GLN N 149 13.67 -27.28 25.21
N TYR N 150 12.65 -26.50 25.57
CA TYR N 150 11.49 -27.06 26.26
C TYR N 150 10.27 -27.16 25.33
N ASP N 151 10.50 -27.17 23.99
CA ASP N 151 9.46 -27.34 23.00
C ASP N 151 8.42 -26.24 23.16
N ILE N 152 8.90 -25.04 23.42
CA ILE N 152 8.03 -23.88 23.48
C ILE N 152 8.41 -22.95 22.33
N ASN N 153 7.37 -22.56 21.60
CA ASN N 153 7.44 -21.76 20.40
C ASN N 153 7.31 -20.30 20.88
N TYR N 154 8.25 -19.49 20.41
CA TYR N 154 8.30 -18.07 20.78
C TYR N 154 8.01 -17.21 19.54
N GLN N 155 6.92 -16.49 19.56
CA GLN N 155 6.54 -15.62 18.44
C GLN N 155 6.57 -14.13 18.90
N SER N 156 6.60 -13.28 17.90
CA SER N 156 6.49 -11.85 18.04
C SER N 156 5.45 -11.37 17.04
N PRO N 157 4.13 -11.46 17.39
CA PRO N 157 3.00 -11.24 16.42
C PRO N 157 2.83 -9.84 15.84
N VAL N 158 3.37 -8.81 16.49
CA VAL N 158 3.22 -7.40 16.00
C VAL N 158 4.62 -6.88 15.59
N TYR N 159 5.50 -7.78 15.15
CA TYR N 159 6.88 -7.41 14.73
C TYR N 159 6.81 -6.68 13.44
N GLU N 160 7.12 -5.40 13.49
CA GLU N 160 7.11 -4.56 12.29
C GLU N 160 5.70 -4.37 11.78
N PHE N 161 4.69 -4.51 12.60
CA PHE N 161 3.31 -4.25 12.26
C PHE N 161 2.99 -2.78 12.36
N ALA N 162 3.61 -2.09 13.33
CA ALA N 162 3.65 -0.64 13.45
C ALA N 162 5.09 -0.10 13.54
N GLN N 163 5.40 0.94 12.76
CA GLN N 163 6.74 1.39 12.56
C GLN N 163 7.14 2.45 13.58
N SER N 164 6.25 2.88 14.47
CA SER N 164 6.60 3.86 15.51
C SER N 164 5.72 3.75 16.72
N ALA N 165 6.02 4.35 17.86
CA ALA N 165 5.13 4.35 18.99
C ALA N 165 3.80 4.99 18.61
N ASP N 166 3.81 5.98 17.70
CA ASP N 166 2.55 6.60 17.33
C ASP N 166 1.62 5.60 16.62
N ASP N 167 2.21 4.78 15.77
CA ASP N 167 1.40 3.78 15.05
C ASP N 167 0.79 2.80 16.06
N VAL N 168 1.56 2.38 17.08
CA VAL N 168 1.00 1.47 18.05
C VAL N 168 -0.16 2.08 18.80
N LYS N 169 0.03 3.31 19.27
CA LYS N 169 -1.05 4.00 19.98
C LYS N 169 -2.35 3.97 19.15
N TYR N 170 -2.27 4.34 17.89
CA TYR N 170 -3.46 4.65 17.12
C TYR N 170 -4.04 3.35 16.53
N ARG N 171 -3.28 2.24 16.48
CA ARG N 171 -3.89 0.96 16.25
C ARG N 171 -4.74 0.60 17.45
N LEU N 172 -4.22 0.82 18.66
CA LEU N 172 -5.00 0.54 19.83
C LEU N 172 -6.28 1.39 19.84
N LEU N 173 -6.16 2.65 19.46
CA LEU N 173 -7.28 3.56 19.55
C LEU N 173 -8.38 3.06 18.61
N GLN N 174 -7.98 2.52 17.45
CA GLN N 174 -8.92 1.97 16.49
C GLN N 174 -9.66 0.77 17.08
N LEU N 175 -9.06 0.10 18.06
CA LEU N 175 -9.69 -1.04 18.69
C LEU N 175 -10.58 -0.60 19.84
N GLY N 176 -10.71 0.69 20.09
CA GLY N 176 -11.47 1.16 21.24
C GLY N 176 -10.73 0.97 22.55
N ILE N 177 -9.40 0.86 22.50
CA ILE N 177 -8.56 0.77 23.67
C ILE N 177 -7.67 2.01 23.85
N SER N 178 -7.39 2.37 25.12
CA SER N 178 -6.56 3.54 25.42
C SER N 178 -5.14 3.38 24.86
N THR N 179 -4.52 4.50 24.53
CA THR N 179 -3.24 4.57 23.90
C THR N 179 -2.11 4.51 24.92
N LYS N 180 -2.41 4.64 26.22
CA LYS N 180 -1.35 4.82 27.22
C LYS N 180 -0.63 3.48 27.52
N SER N 181 0.60 3.55 28.05
CA SER N 181 1.26 2.33 28.55
C SER N 181 0.94 2.26 30.04
N LEU N 182 -0.03 1.41 30.38
CA LEU N 182 -0.47 1.28 31.75
C LEU N 182 0.29 0.15 32.41
N GLU N 183 1.54 0.44 32.71
CA GLU N 183 2.43 -0.56 33.29
C GLU N 183 3.08 0.05 34.53
N GLY N 184 3.55 -0.84 35.37
CA GLY N 184 4.33 -0.49 36.55
C GLY N 184 5.71 -0.05 36.09
N ILE N 185 6.47 0.49 37.03
CA ILE N 185 7.72 1.17 36.79
C ILE N 185 8.78 0.40 37.58
N SER N 186 9.79 -0.12 36.93
CA SER N 186 10.84 -0.82 37.65
C SER N 186 11.63 0.21 38.43
N ILE N 187 12.04 -0.12 39.66
CA ILE N 187 12.91 0.81 40.38
C ILE N 187 14.24 0.92 39.64
N PHE N 188 14.54 -0.05 38.76
CA PHE N 188 15.81 -0.03 38.03
C PHE N 188 15.73 0.69 36.69
N ALA N 189 14.56 1.25 36.33
CA ALA N 189 14.45 2.19 35.22
C ALA N 189 15.54 3.24 35.29
N ASP N 190 16.21 3.47 34.15
CA ASP N 190 17.18 4.54 33.99
C ASP N 190 18.28 4.43 35.04
N SER N 191 18.66 3.19 35.36
CA SER N 191 19.66 2.93 36.38
C SER N 191 20.92 2.29 35.80
N PHE N 192 21.05 2.35 34.48
CA PHE N 192 22.09 1.62 33.77
C PHE N 192 22.49 2.33 32.48
N SER N 193 23.72 2.09 31.98
CA SER N 193 24.16 2.58 30.68
C SER N 193 24.01 1.49 29.61
N THR N 194 24.23 1.84 28.32
CA THR N 194 24.02 0.91 27.22
C THR N 194 25.14 -0.14 27.13
N PRO N 195 24.82 -1.46 27.13
CA PRO N 195 25.79 -2.51 26.93
C PRO N 195 26.07 -2.88 25.49
N SER N 196 27.26 -3.44 25.24
CA SER N 196 27.55 -4.09 23.97
C SER N 196 26.78 -5.41 23.84
N ASP N 197 26.55 -5.84 22.60
CA ASP N 197 26.08 -7.17 22.27
C ASP N 197 26.97 -8.23 22.91
N ASP N 198 28.32 -8.12 22.88
CA ASP N 198 29.11 -9.18 23.49
C ASP N 198 28.74 -9.35 24.96
N VAL N 199 28.49 -8.23 25.64
CA VAL N 199 28.23 -8.28 27.07
C VAL N 199 26.86 -8.90 27.36
N VAL N 200 25.85 -8.55 26.56
CA VAL N 200 24.52 -9.10 26.67
C VAL N 200 24.54 -10.61 26.50
N LEU N 201 25.27 -11.12 25.48
CA LEU N 201 25.31 -12.55 25.22
C LEU N 201 26.07 -13.23 26.34
N ALA N 202 27.17 -12.64 26.83
CA ALA N 202 28.01 -13.26 27.84
C ALA N 202 27.25 -13.37 29.14
N TYR N 203 26.44 -12.36 29.46
CA TYR N 203 25.66 -12.35 30.70
C TYR N 203 24.57 -13.41 30.64
N LEU N 204 23.84 -13.46 29.52
CA LEU N 204 22.85 -14.48 29.30
C LEU N 204 23.46 -15.88 29.44
N ARG N 205 24.64 -16.06 28.87
CA ARG N 205 25.25 -17.41 28.88
C ARG N 205 25.86 -17.73 30.27
N GLU N 206 26.21 -16.72 31.06
CA GLU N 206 26.70 -16.98 32.40
C GLU N 206 25.54 -17.32 33.35
N LYS N 207 24.36 -16.69 33.19
CA LYS N 207 23.25 -16.93 34.09
C LYS N 207 22.36 -18.08 33.63
N ALA N 208 22.55 -18.56 32.40
CA ALA N 208 21.69 -19.59 31.83
C ALA N 208 21.66 -20.85 32.72
N PRO N 209 22.81 -21.40 33.16
CA PRO N 209 22.82 -22.52 34.06
C PRO N 209 21.88 -22.32 35.24
N LEU N 210 21.90 -21.12 35.85
CA LEU N 210 21.05 -20.87 36.99
C LEU N 210 19.58 -20.89 36.55
N ALA N 211 19.25 -20.30 35.41
CA ALA N 211 17.87 -20.28 34.96
C ALA N 211 17.34 -21.68 34.75
N HIS N 212 18.14 -22.56 34.11
CA HIS N 212 17.72 -23.92 33.83
C HIS N 212 17.54 -24.70 35.13
N ASN N 213 18.41 -24.43 36.09
CA ASN N 213 18.35 -25.05 37.41
C ASN N 213 17.05 -24.65 38.11
N ILE N 214 16.66 -23.39 38.00
CA ILE N 214 15.42 -22.90 38.59
C ILE N 214 14.24 -23.58 37.90
N VAL N 215 14.32 -23.77 36.59
CA VAL N 215 13.31 -24.53 35.86
C VAL N 215 13.17 -25.93 36.44
N ASN N 216 14.29 -26.59 36.69
CA ASN N 216 14.26 -27.94 37.24
C ASN N 216 13.67 -27.97 38.65
N PHE N 217 14.01 -26.98 39.48
CA PHE N 217 13.49 -26.87 40.82
C PHE N 217 11.98 -26.67 40.76
N LEU N 218 11.51 -25.78 39.92
CA LEU N 218 10.08 -25.51 39.81
C LEU N 218 9.28 -26.74 39.35
N ALA N 219 9.96 -27.66 38.64
CA ALA N 219 9.34 -28.91 38.20
C ALA N 219 9.46 -30.04 39.24
N GLY N 220 10.13 -29.77 40.35
CA GLY N 220 10.30 -30.73 41.41
C GLY N 220 11.28 -31.81 41.04
N GLU N 221 12.35 -31.54 40.25
CA GLU N 221 13.29 -32.56 39.79
C GLU N 221 14.63 -32.55 40.54
N THR N 222 14.97 -31.40 41.11
CA THR N 222 16.20 -31.29 41.89
C THR N 222 16.02 -30.22 42.92
N LEU N 223 16.86 -30.24 43.94
CA LEU N 223 16.85 -29.18 44.96
C LEU N 223 18.28 -28.66 45.01
N ASN N 224 19.19 -29.34 44.30
CA ASN N 224 20.63 -28.99 44.34
C ASN N 224 20.94 -27.85 43.38
N PRO N 225 21.93 -26.98 43.69
CA PRO N 225 22.34 -25.89 42.80
C PRO N 225 23.02 -26.40 41.53
N PRO N 226 23.29 -25.54 40.54
CA PRO N 226 23.66 -26.01 39.21
C PRO N 226 24.77 -27.09 39.16
PG GTP O . 41.41 9.19 2.71
O1G GTP O . 42.26 9.62 3.87
O2G GTP O . 42.17 8.30 1.75
O3G GTP O . 40.76 10.35 1.98
O3B GTP O . 40.20 8.28 3.29
PB GTP O . 39.04 8.45 4.40
O1B GTP O . 39.60 8.56 5.75
O2B GTP O . 37.98 7.47 4.11
O3A GTP O . 38.50 9.90 3.98
PA GTP O . 37.37 10.33 2.95
O1A GTP O . 37.42 11.79 2.76
O2A GTP O . 37.43 9.41 1.78
O5' GTP O . 36.12 9.96 3.87
C5' GTP O . 36.03 10.68 5.11
C4' GTP O . 34.84 10.19 5.90
O4' GTP O . 33.73 9.92 5.02
C3' GTP O . 35.04 8.88 6.67
O3' GTP O . 35.77 9.11 7.87
C2' GTP O . 33.57 8.50 6.91
O2' GTP O . 32.97 9.29 7.91
C1' GTP O . 32.96 8.84 5.55
N9 GTP O . 33.01 7.73 4.61
C8 GTP O . 34.04 7.41 3.77
N7 GTP O . 33.80 6.35 3.03
C5 GTP O . 32.53 5.95 3.41
C6 GTP O . 31.74 4.88 2.94
O6 GTP O . 32.03 4.04 2.08
N1 GTP O . 30.51 4.83 3.58
C2 GTP O . 30.09 5.72 4.55
N2 GTP O . 28.87 5.49 5.05
N3 GTP O . 30.82 6.73 5.00
C4 GTP O . 32.02 6.79 4.38
PG GTP P . -6.73 51.19 -42.57
O1G GTP P . -7.25 52.30 -41.69
O2G GTP P . -5.23 51.10 -42.55
O3G GTP P . -7.39 49.87 -42.21
O3B GTP P . -7.18 51.57 -44.08
PB GTP P . -6.97 50.85 -45.50
O1B GTP P . -5.52 50.68 -45.71
O2B GTP P . -7.86 49.68 -45.57
O3A GTP P . -7.51 51.93 -46.57
PA GTP P . -6.77 52.52 -47.86
O1A GTP P . -5.75 53.49 -47.40
O2A GTP P . -6.32 51.36 -48.66
O5' GTP P . -7.90 53.28 -48.70
C5' GTP P . -7.45 54.44 -49.43
C4' GTP P . -8.20 54.58 -50.73
O4' GTP P . -7.72 53.62 -51.68
C3' GTP P . -9.70 54.31 -50.70
O3' GTP P . -10.44 55.40 -50.17
C2' GTP P . -9.99 54.11 -52.18
O2' GTP P . -10.11 55.35 -52.85
C1' GTP P . -8.73 53.39 -52.67
N9 GTP P . -8.89 51.95 -52.83
C8 GTP P . -8.60 51.01 -51.87
N7 GTP P . -8.82 49.77 -52.27
C5 GTP P . -9.29 49.92 -53.56
C6 GTP P . -9.70 48.94 -54.49
O6 GTP P . -9.72 47.70 -54.34
N1 GTP P . -10.11 49.50 -55.68
C2 GTP P . -10.13 50.84 -55.96
N2 GTP P . -10.57 51.19 -57.18
N3 GTP P . -9.74 51.78 -55.10
C4 GTP P . -9.34 51.25 -53.92
PG GTP Q . 62.87 44.34 -86.40
O1G GTP Q . 61.96 44.66 -85.23
O2G GTP Q . 64.14 45.17 -86.42
O3G GTP Q . 63.14 42.86 -86.54
O3B GTP Q . 62.04 44.77 -87.71
PB GTP Q . 60.81 44.06 -88.45
O1B GTP Q . 60.07 43.27 -87.44
O2B GTP Q . 60.09 45.08 -89.25
O3A GTP Q . 61.61 43.06 -89.42
PA GTP Q . 62.93 43.25 -90.32
O1A GTP Q . 62.93 42.22 -91.38
O2A GTP Q . 63.08 44.68 -90.69
O5' GTP Q . 64.06 42.86 -89.25
C5' GTP Q . 65.22 43.71 -89.20
C4' GTP Q . 66.47 42.88 -89.37
O4' GTP Q . 66.35 41.67 -88.59
C3' GTP Q . 66.77 42.42 -90.79
O3' GTP Q . 67.46 43.43 -91.51
C2' GTP Q . 67.64 41.19 -90.52
O2' GTP Q . 68.95 41.54 -90.15
C1' GTP Q . 66.90 40.58 -89.33
N9 GTP Q . 65.81 39.67 -89.70
C8 GTP Q . 64.47 39.90 -89.61
N7 GTP Q . 63.73 38.89 -90.02
C5 GTP Q . 64.68 37.95 -90.43
C6 GTP Q . 64.47 36.66 -90.98
O6 GTP Q . 63.40 36.09 -91.22
N1 GTP Q . 65.68 36.03 -91.25
C2 GTP Q . 66.93 36.58 -91.04
N2 GTP Q . 67.98 35.82 -91.36
N3 GTP Q . 67.12 37.78 -90.52
C4 GTP Q . 65.96 38.41 -90.25
PG GTP R . 3.75 26.32 -4.58
O1G GTP R . 4.33 24.99 -4.22
O2G GTP R . 3.11 26.37 -5.96
O3G GTP R . 2.87 26.84 -3.47
O3B GTP R . 5.01 27.31 -4.65
PB GTP R . 6.50 27.04 -5.18
O1B GTP R . 6.40 26.28 -6.43
O2B GTP R . 7.21 28.34 -5.17
O3A GTP R . 7.08 26.12 -4.01
PA GTP R . 7.26 26.39 -2.44
O1A GTP R . 8.31 27.42 -2.29
O2A GTP R . 5.91 26.64 -1.88
O5' GTP R . 7.78 24.99 -1.88
C5' GTP R . 9.20 24.88 -1.64
C4' GTP R . 9.45 24.25 -0.29
O4' GTP R . 10.83 24.43 0.05
C3' GTP R . 8.66 24.86 0.88
O3' GTP R . 7.43 24.18 1.14
C2' GTP R . 9.61 24.68 2.05
O2' GTP R . 9.56 23.38 2.60
C1' GTP R . 10.96 24.92 1.38
N9 GTP R . 11.24 26.35 1.35
C8 GTP R . 10.94 27.28 0.39
N7 GTP R . 11.32 28.50 0.69
C5 GTP R . 11.89 28.37 1.95
C6 GTP R . 12.47 29.34 2.79
O6 GTP R . 12.59 30.55 2.59
N1 GTP R . 12.93 28.78 3.98
C2 GTP R . 12.84 27.45 4.32
N2 GTP R . 13.34 27.10 5.51
N3 GTP R . 12.30 26.53 3.53
C4 GTP R . 11.85 27.05 2.37
PG GTP S . -34.54 22.43 15.16
O1G GTP S . -35.84 23.03 14.68
O2G GTP S . -34.58 22.08 16.63
O3G GTP S . -33.36 23.28 14.76
O3B GTP S . -34.36 21.01 14.39
PB GTP S . -33.36 19.79 14.61
O1B GTP S . -33.55 18.83 13.49
O2B GTP S . -33.55 19.32 16.00
O3A GTP S . -31.90 20.44 14.44
PA GTP S . -31.09 20.91 13.14
O1A GTP S . -30.86 19.70 12.30
O2A GTP S . -31.81 22.03 12.51
O5' GTP S . -29.69 21.44 13.69
C5' GTP S . -28.60 20.50 13.69
C4' GTP S . -27.37 21.09 13.01
O4' GTP S . -26.34 20.09 13.00
C3' GTP S . -27.55 21.52 11.55
O3' GTP S . -27.70 22.92 11.42
C2' GTP S . -26.26 21.06 10.87
O2' GTP S . -25.19 21.96 11.02
C1' GTP S . -25.92 19.82 11.67
N9 GTP S . -26.58 18.61 11.18
C8 GTP S . -27.82 18.12 11.48
N7 GTP S . -28.11 17.01 10.86
C5 GTP S . -26.99 16.76 10.08
C6 GTP S . -26.72 15.70 9.18
O6 GTP S . -27.45 14.74 8.88
N1 GTP S . -25.47 15.83 8.60
C2 GTP S . -24.58 16.84 8.84
N2 GTP S . -23.41 16.80 8.17
N3 GTP S . -24.82 17.84 9.68
C4 GTP S . -26.04 17.74 10.26
PG GTP T . 18.29 -16.46 64.61
O1G GTP T . 19.78 -16.67 64.40
O2G GTP T . 17.97 -16.17 66.06
O3G GTP T . 17.69 -15.46 63.64
O3B GTP T . 17.60 -17.89 64.31
PB GTP T . 16.07 -18.30 64.12
O1B GTP T . 15.22 -17.27 64.75
O2B GTP T . 15.83 -18.69 62.71
O3A GTP T . 16.04 -19.62 65.03
PA GTP T . 15.77 -19.90 66.58
O1A GTP T . 15.34 -18.65 67.24
O2A GTP T . 14.86 -21.06 66.68
O5' GTP T . 17.22 -20.32 67.11
C5' GTP T . 17.42 -21.72 67.43
C4' GTP T . 17.32 -21.96 68.92
O4' GTP T . 15.97 -22.32 69.27
C3' GTP T . 18.22 -23.09 69.43
O3' GTP T . 19.32 -22.56 70.16
C2' GTP T . 17.30 -23.93 70.34
O2' GTP T . 17.33 -23.48 71.67
C1' GTP T . 15.92 -23.67 69.71
N9 GTP T . 15.58 -24.53 68.58
C8 GTP T . 15.15 -24.09 67.35
N7 GTP T . 14.91 -25.06 66.51
C5 GTP T . 15.15 -26.21 67.24
C6 GTP T . 15.04 -27.57 66.84
O6 GTP T . 14.69 -28.02 65.75
N1 GTP T . 15.39 -28.43 67.89
C2 GTP T . 15.78 -28.04 69.14
N2 GTP T . 16.08 -29.02 69.99
N3 GTP T . 15.90 -26.77 69.51
C4 GTP T . 15.57 -25.91 68.51
PG GTP U . 3.83 8.29 27.14
O1G GTP U . 4.49 9.05 28.26
O2G GTP U . 2.94 7.18 27.60
O3G GTP U . 4.81 7.87 26.06
O3B GTP U . 2.88 9.38 26.45
PB GTP U . 2.37 10.72 27.15
O1B GTP U . 1.55 10.29 28.31
O2B GTP U . 3.53 11.59 27.36
O3A GTP U . 1.47 11.37 26.01
PA GTP U . 1.84 11.77 24.53
O1A GTP U . 2.81 12.89 24.52
O2A GTP U . 2.23 10.49 23.86
O5' GTP U . 0.42 12.26 23.98
C5' GTP U . 0.12 11.93 22.61
C4' GTP U . 0.08 13.18 21.76
O4' GTP U . -0.89 14.10 22.30
C3' GTP U . 1.37 13.99 21.70
O3' GTP U . 2.30 13.43 20.80
C2' GTP U . 0.82 15.34 21.23
O2' GTP U . 0.54 15.32 19.84
C1' GTP U . -0.47 15.44 22.03
N9 GTP U . -0.30 16.13 23.30
C8 GTP U . 0.06 15.59 24.51
N7 GTP U . 0.14 16.48 25.47
C5 GTP U . -0.19 17.67 24.86
C6 GTP U . -0.28 18.98 25.41
O6 GTP U . -0.08 19.33 26.57
N1 GTP U . -0.65 19.91 24.45
C2 GTP U . -0.91 19.63 23.12
N2 GTP U . -1.24 20.67 22.35
N3 GTP U . -0.82 18.42 22.60
C4 GTP U . -0.46 17.49 23.52
#